data_7FS9
#
_entry.id   7FS9
#
_cell.length_a   208.830
_cell.length_b   112.994
_cell.length_c   189.086
_cell.angle_alpha   90.000
_cell.angle_beta   91.180
_cell.angle_gamma   90.000
#
_symmetry.space_group_name_H-M   'C 1 2 1'
#
loop_
_entity.id
_entity.type
_entity.pdbx_description
1 polymer 'Pyruvate kinase PKLR'
2 non-polymer 1,6-di-O-phosphono-beta-D-fructofuranose
3 non-polymer 'OXALATE ION'
4 non-polymer 'MAGNESIUM ION'
5 non-polymer 'POTASSIUM ION'
6 non-polymer 4-[4-(4-aminobenzene-1-sulfonyl)piperazine-1-sulfonyl]benzene-1,2-diol
7 water water
#
_entity_poly.entity_id   1
_entity_poly.type   'polypeptide(L)'
_entity_poly.pdbx_seq_one_letter_code
;GSMEGPAGYLRRADVAQLTQELGTAFFQQQQLPAAMADTFLEHLCLLDIDSEPVAARSTSIIATIGPASRSVERLKEMIK
AGMNIARLNFSHGSHEYHAESIANVREAVESFAGSPLSYRPVAIALDTKGPGSGPGLSEQDVRDLRFGVEHGVDIVFASF
VRKASDVAAVRAALGPEGHGIKIISKIENHEGVKRFDEILEVSDGIMVARGDLGIEIPAEKVFLAQKMMIGRCNLAGKPV
VCATQMLESMITKPRPTRAETSDVANAVLDGADCIMLSGETAKGNFPVEAVKMQHAIAREAEAAVYHRQLFEELRRAAPL
SRDPTEVTAIGAVEAAFKCCAAAIIVLTTTGRSAQLLSRYRPRAAVIAVTRSAQAARQVHLCRGVFPLLYREPPEAIWAD
DVDRRVQFGIESGKLRGFLRVGDLVIVVTGWRPGSGYTNIMRVLSIS
;
_entity_poly.pdbx_strand_id   A,B,C,D,E,F,G,H
#
# COMPACT_ATOMS: atom_id res chain seq x y z
N ALA A 25 -8.25 8.96 33.04
CA ALA A 25 -9.61 9.50 32.99
C ALA A 25 -9.60 11.01 33.21
N PHE A 26 -8.79 11.49 34.18
CA PHE A 26 -8.68 12.92 34.48
C PHE A 26 -8.26 13.71 33.24
N PHE A 27 -7.23 13.22 32.52
CA PHE A 27 -6.69 13.90 31.35
C PHE A 27 -7.54 13.77 30.08
N GLN A 28 -8.65 13.03 30.12
CA GLN A 28 -9.54 12.92 28.96
C GLN A 28 -10.74 13.91 29.07
N GLN A 29 -11.09 14.32 30.31
CA GLN A 29 -12.17 15.25 30.61
C GLN A 29 -11.75 16.71 30.40
N GLN A 30 -12.72 17.65 30.51
CA GLN A 30 -12.57 19.11 30.41
C GLN A 30 -11.65 19.56 29.26
N GLN A 31 -11.73 18.89 28.11
CA GLN A 31 -10.94 19.20 26.92
C GLN A 31 -9.43 19.25 27.20
N LEU A 32 -8.94 18.45 28.16
CA LEU A 32 -7.52 18.46 28.49
C LEU A 32 -6.62 18.05 27.30
N PRO A 33 -6.97 17.07 26.42
CA PRO A 33 -6.14 16.84 25.22
C PRO A 33 -5.99 18.11 24.36
N ALA A 34 -7.10 18.86 24.14
CA ALA A 34 -7.04 20.12 23.36
C ALA A 34 -6.25 21.21 24.12
N ALA A 35 -6.31 21.18 25.46
CA ALA A 35 -5.59 22.13 26.30
C ALA A 35 -4.07 21.95 26.21
N MET A 36 -3.60 20.71 25.97
CA MET A 36 -2.16 20.44 25.89
C MET A 36 -1.56 20.71 24.50
N ALA A 37 -2.38 21.05 23.49
CA ALA A 37 -1.88 21.28 22.15
C ALA A 37 -0.85 22.39 22.02
N ASP A 38 0.09 22.24 21.09
CA ASP A 38 1.20 23.18 20.86
C ASP A 38 0.83 24.39 20.00
N THR A 39 -0.26 24.30 19.23
CA THR A 39 -0.73 25.43 18.41
C THR A 39 -2.26 25.55 18.59
N PHE A 40 -2.82 26.72 18.28
CA PHE A 40 -4.27 26.92 18.34
C PHE A 40 -4.97 26.00 17.31
N LEU A 41 -4.36 25.82 16.13
CA LEU A 41 -4.94 24.94 15.09
C LEU A 41 -5.05 23.49 15.63
N GLU A 42 -3.99 22.98 16.27
CA GLU A 42 -4.01 21.63 16.85
C GLU A 42 -5.02 21.56 18.01
N HIS A 43 -5.15 22.65 18.78
CA HIS A 43 -6.14 22.77 19.86
C HIS A 43 -7.55 22.55 19.29
N LEU A 44 -7.89 23.24 18.17
CA LEU A 44 -9.20 23.05 17.53
C LEU A 44 -9.40 21.61 17.10
N CYS A 45 -8.39 21.02 16.44
CA CYS A 45 -8.44 19.63 15.94
C CYS A 45 -8.69 18.61 17.05
N LEU A 46 -8.30 18.93 18.29
CA LEU A 46 -8.45 18.00 19.41
C LEU A 46 -9.71 18.22 20.26
N LEU A 47 -10.54 19.23 19.94
CA LEU A 47 -11.79 19.44 20.69
C LEU A 47 -12.69 18.21 20.53
N ASP A 48 -13.26 17.73 21.65
CA ASP A 48 -14.00 16.48 21.68
C ASP A 48 -15.37 16.63 22.32
N ILE A 49 -16.43 16.35 21.57
CA ILE A 49 -17.80 16.43 22.09
C ILE A 49 -18.06 15.42 23.23
N ASP A 50 -17.25 14.36 23.33
CA ASP A 50 -17.38 13.36 24.41
C ASP A 50 -16.55 13.72 25.66
N SER A 51 -15.75 14.79 25.62
CA SER A 51 -14.94 15.21 26.76
C SER A 51 -15.83 16.10 27.64
N GLU A 52 -16.30 15.55 28.77
CA GLU A 52 -17.25 16.27 29.62
C GLU A 52 -16.63 17.32 30.51
N PRO A 53 -17.33 18.47 30.66
CA PRO A 53 -16.80 19.51 31.55
C PRO A 53 -16.84 19.06 33.01
N VAL A 54 -15.84 19.46 33.80
CA VAL A 54 -15.80 19.07 35.21
C VAL A 54 -15.82 20.29 36.12
N ALA A 55 -15.15 21.36 35.71
CA ALA A 55 -15.10 22.58 36.50
C ALA A 55 -16.46 23.27 36.62
N ALA A 56 -16.63 24.04 37.69
CA ALA A 56 -17.85 24.79 37.89
C ALA A 56 -17.92 25.90 36.83
N ARG A 57 -19.14 26.29 36.42
CA ARG A 57 -19.36 27.32 35.42
C ARG A 57 -18.87 28.67 35.93
N SER A 58 -17.88 29.28 35.22
CA SER A 58 -17.22 30.51 35.63
C SER A 58 -17.81 31.81 35.09
N THR A 59 -18.49 31.79 33.93
CA THR A 59 -19.06 33.00 33.35
C THR A 59 -20.41 33.25 34.00
N SER A 60 -20.57 34.38 34.70
CA SER A 60 -21.83 34.67 35.36
C SER A 60 -22.98 34.95 34.40
N ILE A 61 -24.20 34.60 34.84
CA ILE A 61 -25.40 34.83 34.06
C ILE A 61 -26.20 35.96 34.69
N ILE A 62 -26.53 36.97 33.89
CA ILE A 62 -27.38 38.09 34.31
C ILE A 62 -28.76 37.83 33.70
N ALA A 63 -29.81 37.77 34.52
CA ALA A 63 -31.16 37.56 34.02
C ALA A 63 -32.00 38.79 34.30
N THR A 64 -32.71 39.29 33.29
CA THR A 64 -33.57 40.46 33.46
C THR A 64 -34.88 40.03 34.12
N ILE A 65 -35.29 40.76 35.17
CA ILE A 65 -36.53 40.46 35.88
C ILE A 65 -37.71 41.17 35.23
N GLY A 66 -38.81 40.44 35.10
CA GLY A 66 -40.04 40.98 34.53
C GLY A 66 -41.22 40.10 34.87
N PRO A 67 -42.35 40.28 34.16
CA PRO A 67 -43.55 39.46 34.45
C PRO A 67 -43.33 37.95 34.42
N ALA A 68 -42.42 37.46 33.56
CA ALA A 68 -42.17 36.02 33.47
C ALA A 68 -41.26 35.47 34.57
N SER A 69 -40.59 36.35 35.33
CA SER A 69 -39.60 35.91 36.30
C SER A 69 -39.66 36.68 37.61
N ARG A 70 -40.83 37.21 37.97
CA ARG A 70 -40.96 38.04 39.17
C ARG A 70 -41.40 37.34 40.43
N SER A 71 -42.13 36.22 40.32
CA SER A 71 -42.62 35.52 41.49
C SER A 71 -41.48 34.87 42.27
N VAL A 72 -41.64 34.77 43.58
CA VAL A 72 -40.63 34.18 44.45
C VAL A 72 -40.34 32.73 44.06
N GLU A 73 -41.37 31.96 43.73
CA GLU A 73 -41.20 30.56 43.34
C GLU A 73 -40.42 30.43 42.02
N ARG A 74 -40.69 31.32 41.06
CA ARG A 74 -40.00 31.33 39.77
C ARG A 74 -38.53 31.75 39.98
N LEU A 75 -38.30 32.76 40.83
CA LEU A 75 -36.96 33.22 41.16
C LEU A 75 -36.10 32.15 41.83
N LYS A 76 -36.72 31.29 42.65
CA LYS A 76 -36.00 30.19 43.29
C LYS A 76 -35.50 29.21 42.22
N GLU A 77 -36.33 28.93 41.21
CA GLU A 77 -35.93 28.03 40.13
C GLU A 77 -34.82 28.66 39.28
N MET A 78 -34.86 29.99 39.09
CA MET A 78 -33.83 30.67 38.32
CA MET A 78 -33.83 30.67 38.32
C MET A 78 -32.49 30.69 39.05
N ILE A 79 -32.52 30.79 40.39
CA ILE A 79 -31.30 30.76 41.18
C ILE A 79 -30.68 29.36 41.07
N LYS A 80 -31.51 28.31 41.19
CA LYS A 80 -31.04 26.93 41.06
C LYS A 80 -30.50 26.65 39.64
N ALA A 81 -31.12 27.26 38.62
CA ALA A 81 -30.70 27.09 37.23
C ALA A 81 -29.35 27.78 36.93
N GLY A 82 -28.98 28.80 37.71
CA GLY A 82 -27.69 29.45 37.53
C GLY A 82 -27.65 30.96 37.50
N MET A 83 -28.78 31.65 37.70
CA MET A 83 -28.79 33.13 37.71
C MET A 83 -27.89 33.67 38.83
N ASN A 84 -26.95 34.54 38.48
CA ASN A 84 -26.02 35.13 39.46
C ASN A 84 -26.33 36.60 39.74
N ILE A 85 -26.89 37.30 38.73
CA ILE A 85 -27.19 38.72 38.83
C ILE A 85 -28.59 38.97 38.28
N ALA A 86 -29.43 39.67 39.05
CA ALA A 86 -30.78 40.02 38.63
C ALA A 86 -30.76 41.44 38.10
N ARG A 87 -31.17 41.65 36.85
CA ARG A 87 -31.19 42.97 36.24
C ARG A 87 -32.59 43.59 36.30
N LEU A 88 -32.71 44.82 36.81
CA LEU A 88 -33.99 45.52 36.81
C LEU A 88 -33.88 46.56 35.73
N ASN A 89 -34.74 46.50 34.73
CA ASN A 89 -34.71 47.45 33.63
C ASN A 89 -35.60 48.66 33.95
N PHE A 90 -34.97 49.78 34.32
CA PHE A 90 -35.73 50.98 34.68
C PHE A 90 -36.30 51.75 33.48
N SER A 91 -36.19 51.19 32.26
CA SER A 91 -36.85 51.80 31.10
C SER A 91 -38.39 51.60 31.19
N HIS A 92 -38.85 50.58 31.96
CA HIS A 92 -40.27 50.27 32.15
C HIS A 92 -40.54 50.00 33.64
N GLY A 93 -41.76 50.25 34.08
CA GLY A 93 -42.14 49.98 35.45
C GLY A 93 -41.87 51.11 36.42
N SER A 94 -42.71 51.21 37.44
CA SER A 94 -42.60 52.25 38.45
C SER A 94 -41.60 51.87 39.56
N HIS A 95 -41.28 52.80 40.46
CA HIS A 95 -40.43 52.52 41.61
C HIS A 95 -41.08 51.45 42.51
N GLU A 96 -42.42 51.47 42.64
CA GLU A 96 -43.15 50.49 43.44
C GLU A 96 -42.99 49.09 42.84
N TYR A 97 -43.06 48.99 41.50
CA TYR A 97 -42.91 47.73 40.79
C TYR A 97 -41.50 47.15 41.03
N HIS A 98 -40.47 47.99 40.85
CA HIS A 98 -39.08 47.55 41.03
C HIS A 98 -38.74 47.21 42.47
N ALA A 99 -39.34 47.92 43.46
CA ALA A 99 -39.11 47.60 44.86
C ALA A 99 -39.67 46.22 45.20
N GLU A 100 -40.81 45.85 44.59
CA GLU A 100 -41.40 44.53 44.81
C GLU A 100 -40.53 43.45 44.16
N SER A 101 -39.96 43.73 42.96
CA SER A 101 -39.05 42.79 42.30
C SER A 101 -37.82 42.53 43.19
N ILE A 102 -37.23 43.61 43.76
CA ILE A 102 -36.09 43.51 44.67
C ILE A 102 -36.43 42.66 45.90
N ALA A 103 -37.60 42.93 46.52
CA ALA A 103 -38.04 42.17 47.69
C ALA A 103 -38.21 40.70 47.36
N ASN A 104 -38.78 40.39 46.17
CA ASN A 104 -38.97 39.01 45.75
C ASN A 104 -37.67 38.30 45.49
N VAL A 105 -36.69 39.01 44.89
CA VAL A 105 -35.36 38.43 44.64
C VAL A 105 -34.70 38.10 45.99
N ARG A 106 -34.69 39.06 46.92
CA ARG A 106 -34.10 38.84 48.24
C ARG A 106 -34.78 37.72 49.01
N GLU A 107 -36.11 37.59 48.90
CA GLU A 107 -36.82 36.50 49.58
C GLU A 107 -36.40 35.15 49.01
N ALA A 108 -36.30 35.06 47.68
CA ALA A 108 -35.88 33.83 47.02
C ALA A 108 -34.43 33.47 47.38
N VAL A 109 -33.53 34.47 47.40
CA VAL A 109 -32.12 34.25 47.73
C VAL A 109 -31.96 33.77 49.17
N GLU A 110 -32.64 34.45 50.11
CA GLU A 110 -32.52 34.11 51.52
C GLU A 110 -33.21 32.81 51.90
N SER A 111 -34.07 32.25 51.03
CA SER A 111 -34.70 30.97 51.30
C SER A 111 -33.65 29.81 51.36
N PHE A 112 -32.43 30.03 50.82
CA PHE A 112 -31.35 29.04 50.81
C PHE A 112 -30.28 29.30 51.89
N ALA A 113 -30.41 30.38 52.69
CA ALA A 113 -29.41 30.74 53.72
C ALA A 113 -29.29 29.77 54.90
N GLY A 114 -30.24 28.84 55.03
CA GLY A 114 -30.18 27.83 56.09
C GLY A 114 -29.04 26.83 55.94
N SER A 115 -28.42 26.80 54.75
CA SER A 115 -27.29 25.91 54.48
C SER A 115 -26.11 26.82 54.14
N PRO A 116 -25.29 27.15 55.16
CA PRO A 116 -24.16 28.07 54.95
C PRO A 116 -23.06 27.60 53.99
N LEU A 117 -22.80 26.29 53.91
CA LEU A 117 -21.76 25.78 53.03
C LEU A 117 -22.18 25.75 51.53
N SER A 118 -23.47 26.03 51.23
CA SER A 118 -23.93 26.04 49.83
C SER A 118 -24.66 27.33 49.42
N TYR A 119 -24.81 28.30 50.35
CA TYR A 119 -25.50 29.56 50.05
C TYR A 119 -24.90 30.31 48.86
N ARG A 120 -25.78 30.72 47.92
CA ARG A 120 -25.37 31.46 46.73
C ARG A 120 -25.84 32.92 46.73
N PRO A 121 -24.89 33.86 46.89
CA PRO A 121 -25.25 35.28 46.77
C PRO A 121 -25.74 35.62 45.36
N VAL A 122 -26.69 36.56 45.21
CA VAL A 122 -27.21 37.01 43.92
C VAL A 122 -27.18 38.54 43.92
N ALA A 123 -26.48 39.15 42.96
CA ALA A 123 -26.39 40.61 42.88
C ALA A 123 -27.65 41.23 42.29
N ILE A 124 -27.91 42.49 42.62
CA ILE A 124 -29.03 43.21 42.05
C ILE A 124 -28.47 44.40 41.28
N ALA A 125 -28.77 44.46 39.98
CA ALA A 125 -28.26 45.50 39.10
C ALA A 125 -29.39 46.37 38.59
N LEU A 126 -29.19 47.69 38.60
CA LEU A 126 -30.19 48.63 38.14
C LEU A 126 -29.73 49.13 36.78
N ASP A 127 -30.53 48.90 35.74
CA ASP A 127 -30.20 49.34 34.39
C ASP A 127 -31.00 50.62 34.09
N THR A 128 -30.32 51.75 33.91
CA THR A 128 -30.98 53.04 33.72
C THR A 128 -31.70 53.21 32.39
N LYS A 129 -32.72 54.08 32.39
CA LYS A 129 -33.49 54.41 31.19
C LYS A 129 -32.59 55.10 30.17
N GLY A 130 -31.74 56.01 30.63
CA GLY A 130 -30.80 56.69 29.74
C GLY A 130 -31.09 58.16 29.53
N PRO A 131 -30.21 58.82 28.75
CA PRO A 131 -30.35 60.26 28.53
C PRO A 131 -31.43 60.68 27.54
N GLY A 132 -31.93 59.75 26.73
CA GLY A 132 -32.92 60.05 25.71
C GLY A 132 -32.37 61.02 24.68
N SER A 133 -33.09 62.12 24.43
CA SER A 133 -32.59 63.15 23.50
C SER A 133 -31.69 64.21 24.16
N GLY A 134 -31.45 64.08 25.47
CA GLY A 134 -30.62 65.01 26.21
C GLY A 134 -29.13 64.80 26.03
N GLY A 136 -26.80 64.69 28.60
CA GLY A 136 -26.21 64.05 29.76
C GLY A 136 -27.24 63.39 30.66
N LEU A 137 -26.94 63.33 31.97
CA LEU A 137 -27.81 62.68 32.95
C LEU A 137 -29.20 63.28 33.06
N SER A 138 -30.21 62.47 32.73
CA SER A 138 -31.61 62.89 32.77
C SER A 138 -32.13 63.01 34.20
N GLU A 139 -33.24 63.74 34.39
CA GLU A 139 -33.84 63.90 35.71
C GLU A 139 -34.43 62.57 36.20
N GLN A 140 -34.96 61.73 35.29
CA GLN A 140 -35.48 60.43 35.68
C GLN A 140 -34.35 59.55 36.18
N ASP A 141 -33.19 59.58 35.52
CA ASP A 141 -32.03 58.80 35.95
C ASP A 141 -31.55 59.23 37.33
N VAL A 142 -31.58 60.54 37.64
CA VAL A 142 -31.19 61.03 38.97
C VAL A 142 -32.10 60.41 40.05
N ARG A 143 -33.41 60.37 39.80
CA ARG A 143 -34.36 59.79 40.73
C ARG A 143 -34.22 58.28 40.84
N ASP A 144 -33.98 57.59 39.71
CA ASP A 144 -33.81 56.14 39.71
C ASP A 144 -32.53 55.72 40.41
N LEU A 145 -31.45 56.49 40.22
CA LEU A 145 -30.18 56.20 40.88
C LEU A 145 -30.30 56.40 42.39
N ARG A 146 -31.07 57.42 42.81
CA ARG A 146 -31.35 57.67 44.24
C ARG A 146 -32.12 56.48 44.82
N PHE A 147 -33.11 55.96 44.06
CA PHE A 147 -33.89 54.78 44.45
C PHE A 147 -32.95 53.58 44.64
N GLY A 148 -32.01 53.40 43.72
CA GLY A 148 -31.04 52.32 43.78
C GLY A 148 -30.21 52.34 45.05
N VAL A 149 -29.70 53.53 45.43
CA VAL A 149 -28.92 53.68 46.65
C VAL A 149 -29.79 53.35 47.87
N GLU A 150 -31.02 53.89 47.91
CA GLU A 150 -31.94 53.65 49.03
C GLU A 150 -32.33 52.19 49.17
N HIS A 151 -32.39 51.46 48.05
CA HIS A 151 -32.74 50.04 48.08
C HIS A 151 -31.54 49.08 48.09
N GLY A 152 -30.34 49.62 48.21
CA GLY A 152 -29.11 48.84 48.32
C GLY A 152 -28.72 48.00 47.12
N VAL A 153 -28.91 48.54 45.89
CA VAL A 153 -28.49 47.81 44.69
C VAL A 153 -26.96 47.69 44.66
N ASP A 154 -26.44 46.64 44.03
CA ASP A 154 -25.01 46.38 44.00
C ASP A 154 -24.31 47.00 42.80
N ILE A 155 -25.01 47.08 41.68
CA ILE A 155 -24.44 47.51 40.40
C ILE A 155 -25.39 48.42 39.66
N VAL A 156 -24.85 49.34 38.88
CA VAL A 156 -25.63 50.17 37.97
C VAL A 156 -25.12 49.87 36.56
N PHE A 157 -26.03 49.54 35.63
CA PHE A 157 -25.70 49.40 34.22
C PHE A 157 -26.14 50.73 33.63
N ALA A 158 -25.19 51.66 33.41
CA ALA A 158 -25.50 53.00 32.93
C ALA A 158 -25.70 53.05 31.42
N SER A 159 -26.93 53.35 30.98
CA SER A 159 -27.26 53.38 29.55
C SER A 159 -26.64 54.53 28.79
N PHE A 160 -26.33 54.27 27.51
CA PHE A 160 -25.80 55.23 26.55
C PHE A 160 -24.64 56.08 27.08
N VAL A 161 -23.59 55.43 27.62
CA VAL A 161 -22.43 56.17 28.08
C VAL A 161 -21.62 56.57 26.84
N ARG A 162 -21.41 57.88 26.68
CA ARG A 162 -20.72 58.43 25.51
C ARG A 162 -19.34 58.99 25.81
N LYS A 163 -19.04 59.31 27.07
CA LYS A 163 -17.79 59.96 27.47
C LYS A 163 -17.57 59.80 28.98
N ALA A 164 -16.35 60.11 29.45
CA ALA A 164 -15.99 60.01 30.85
C ALA A 164 -16.89 60.86 31.77
N SER A 165 -17.32 62.06 31.33
CA SER A 165 -18.17 62.91 32.17
C SER A 165 -19.56 62.31 32.43
N ASP A 166 -20.03 61.40 31.55
CA ASP A 166 -21.29 60.70 31.79
C ASP A 166 -21.14 59.78 33.01
N VAL A 167 -19.99 59.12 33.15
CA VAL A 167 -19.74 58.23 34.28
C VAL A 167 -19.63 59.05 35.57
N ALA A 168 -18.95 60.21 35.52
CA ALA A 168 -18.81 61.09 36.68
C ALA A 168 -20.18 61.57 37.16
N ALA A 169 -21.11 61.86 36.23
CA ALA A 169 -22.45 62.30 36.58
C ALA A 169 -23.24 61.18 37.28
N VAL A 170 -23.08 59.92 36.80
CA VAL A 170 -23.75 58.79 37.44
C VAL A 170 -23.22 58.60 38.86
N ARG A 171 -21.89 58.67 39.00
CA ARG A 171 -21.20 58.54 40.29
C ARG A 171 -21.67 59.63 41.27
N ALA A 172 -21.79 60.88 40.80
CA ALA A 172 -22.26 61.98 41.64
C ALA A 172 -23.71 61.76 42.08
N ALA A 173 -24.57 61.25 41.17
CA ALA A 173 -25.98 60.97 41.49
C ALA A 173 -26.15 59.84 42.51
N LEU A 174 -25.16 58.95 42.64
CA LEU A 174 -25.22 57.89 43.64
C LEU A 174 -24.91 58.43 45.07
N GLY A 175 -24.28 59.62 45.15
CA GLY A 175 -23.97 60.30 46.39
C GLY A 175 -22.96 59.63 47.29
N PRO A 176 -22.81 60.14 48.52
CA PRO A 176 -21.84 59.54 49.45
C PRO A 176 -22.25 58.15 49.95
N GLU A 177 -23.56 57.87 49.99
CA GLU A 177 -24.04 56.55 50.43
C GLU A 177 -23.89 55.46 49.34
N GLY A 178 -23.67 55.85 48.09
CA GLY A 178 -23.52 54.91 46.99
C GLY A 178 -22.11 54.74 46.47
N HIS A 179 -21.11 55.05 47.31
CA HIS A 179 -19.68 54.95 46.95
C HIS A 179 -19.24 53.53 46.58
N GLY A 180 -19.87 52.53 47.17
CA GLY A 180 -19.51 51.14 46.94
C GLY A 180 -20.21 50.45 45.77
N ILE A 181 -21.17 51.14 45.14
CA ILE A 181 -21.89 50.56 43.99
C ILE A 181 -20.99 50.54 42.74
N LYS A 182 -20.96 49.40 42.03
CA LYS A 182 -20.15 49.28 40.83
C LYS A 182 -20.87 49.92 39.63
N ILE A 183 -20.16 50.71 38.83
CA ILE A 183 -20.75 51.32 37.64
C ILE A 183 -20.22 50.60 36.40
N ILE A 184 -21.13 49.93 35.69
CA ILE A 184 -20.81 49.24 34.44
C ILE A 184 -21.37 50.10 33.33
N SER A 185 -20.49 50.70 32.51
CA SER A 185 -20.93 51.57 31.43
C SER A 185 -21.40 50.79 30.20
N LYS A 186 -22.62 51.08 29.73
CA LYS A 186 -23.14 50.45 28.54
C LYS A 186 -22.68 51.22 27.30
N ILE A 187 -21.99 50.54 26.37
CA ILE A 187 -21.52 51.14 25.11
C ILE A 187 -22.57 50.78 24.07
N GLU A 188 -23.31 51.81 23.58
CA GLU A 188 -24.45 51.58 22.71
C GLU A 188 -24.44 52.36 21.40
N ASN A 189 -23.40 53.15 21.14
CA ASN A 189 -23.36 53.95 19.92
C ASN A 189 -21.94 54.21 19.44
N HIS A 190 -21.79 54.87 18.28
CA HIS A 190 -20.48 55.15 17.70
C HIS A 190 -19.58 55.94 18.65
N GLU A 191 -20.12 56.98 19.31
CA GLU A 191 -19.32 57.80 20.22
C GLU A 191 -18.76 57.02 21.39
N GLY A 192 -19.58 56.13 21.97
CA GLY A 192 -19.13 55.27 23.07
C GLY A 192 -17.98 54.37 22.65
N VAL A 193 -18.03 53.85 21.42
CA VAL A 193 -16.95 53.01 20.90
C VAL A 193 -15.67 53.83 20.69
N LYS A 194 -15.80 55.02 20.07
CA LYS A 194 -14.64 55.87 19.80
C LYS A 194 -13.99 56.42 21.06
N ARG A 195 -14.78 56.73 22.08
CA ARG A 195 -14.26 57.23 23.35
C ARG A 195 -14.15 56.11 24.40
N PHE A 196 -14.06 54.85 23.96
CA PHE A 196 -14.00 53.69 24.85
C PHE A 196 -12.91 53.78 25.92
N ASP A 197 -11.68 54.12 25.55
CA ASP A 197 -10.58 54.15 26.50
C ASP A 197 -10.82 55.10 27.68
N GLU A 198 -11.36 56.31 27.42
CA GLU A 198 -11.63 57.25 28.50
C GLU A 198 -12.80 56.79 29.38
N ILE A 199 -13.78 56.09 28.78
CA ILE A 199 -14.93 55.56 29.52
C ILE A 199 -14.49 54.42 30.43
N LEU A 200 -13.71 53.46 29.89
CA LEU A 200 -13.24 52.31 30.67
C LEU A 200 -12.39 52.75 31.86
N GLU A 201 -11.53 53.76 31.65
CA GLU A 201 -10.64 54.29 32.68
C GLU A 201 -11.37 54.69 33.96
N VAL A 202 -12.56 55.31 33.84
CA VAL A 202 -13.33 55.75 35.00
C VAL A 202 -14.48 54.82 35.40
N SER A 203 -14.71 53.73 34.65
CA SER A 203 -15.80 52.81 34.96
C SER A 203 -15.26 51.59 35.70
N ASP A 204 -16.15 50.86 36.40
CA ASP A 204 -15.76 49.60 37.01
C ASP A 204 -15.72 48.45 35.97
N GLY A 205 -16.46 48.62 34.87
CA GLY A 205 -16.56 47.63 33.79
C GLY A 205 -17.42 48.13 32.66
N ILE A 206 -17.67 47.26 31.68
CA ILE A 206 -18.39 47.63 30.46
C ILE A 206 -19.45 46.61 30.09
N MET A 207 -20.53 47.08 29.45
CA MET A 207 -21.52 46.19 28.87
C MET A 207 -21.54 46.47 27.36
N VAL A 208 -21.39 45.44 26.53
CA VAL A 208 -21.52 45.57 25.09
C VAL A 208 -23.02 45.45 24.85
N ALA A 209 -23.72 46.59 24.76
CA ALA A 209 -25.17 46.63 24.64
C ALA A 209 -25.51 46.54 23.16
N ARG A 210 -25.55 45.31 22.64
CA ARG A 210 -25.65 45.05 21.21
C ARG A 210 -26.96 45.46 20.56
N GLY A 211 -28.05 45.57 21.31
CA GLY A 211 -29.35 45.99 20.77
C GLY A 211 -29.27 47.36 20.13
N ASP A 212 -28.99 48.39 20.92
CA ASP A 212 -28.83 49.74 20.41
C ASP A 212 -27.59 49.88 19.54
N LEU A 213 -26.48 49.20 19.90
CA LEU A 213 -25.25 49.27 19.10
C LEU A 213 -25.49 48.82 17.65
N GLY A 214 -26.30 47.77 17.48
CA GLY A 214 -26.64 47.21 16.17
C GLY A 214 -27.56 48.06 15.32
N ILE A 215 -28.13 49.13 15.90
CA ILE A 215 -28.98 50.10 15.19
C ILE A 215 -28.19 51.43 14.99
N GLU A 216 -27.26 51.75 15.91
CA GLU A 216 -26.44 52.95 15.86
C GLU A 216 -25.28 52.82 14.88
N ILE A 217 -24.72 51.62 14.74
CA ILE A 217 -23.65 51.35 13.77
C ILE A 217 -24.14 50.21 12.84
N PRO A 218 -23.51 49.99 11.66
CA PRO A 218 -23.96 48.88 10.79
C PRO A 218 -23.97 47.53 11.53
N ALA A 219 -25.05 46.75 11.37
CA ALA A 219 -25.21 45.45 12.05
C ALA A 219 -24.01 44.52 11.84
N GLU A 220 -23.42 44.58 10.65
CA GLU A 220 -22.27 43.74 10.30
C GLU A 220 -20.96 44.16 10.99
N LYS A 221 -20.95 45.28 11.75
CA LYS A 221 -19.75 45.74 12.45
C LYS A 221 -19.81 45.47 13.97
N VAL A 222 -20.96 45.08 14.51
CA VAL A 222 -21.12 44.85 15.95
C VAL A 222 -20.11 43.84 16.49
N PHE A 223 -19.86 42.74 15.77
CA PHE A 223 -18.89 41.74 16.24
C PHE A 223 -17.48 42.33 16.45
N LEU A 224 -17.08 43.32 15.62
CA LEU A 224 -15.76 43.96 15.75
C LEU A 224 -15.72 44.78 17.04
N ALA A 225 -16.80 45.53 17.32
CA ALA A 225 -16.89 46.36 18.52
C ALA A 225 -16.92 45.44 19.76
N GLN A 226 -17.67 44.33 19.69
CA GLN A 226 -17.72 43.37 20.80
C GLN A 226 -16.34 42.78 21.09
N LYS A 227 -15.65 42.26 20.05
CA LYS A 227 -14.34 41.63 20.24
C LYS A 227 -13.29 42.62 20.74
N MET A 228 -13.30 43.85 20.22
CA MET A 228 -12.36 44.89 20.65
C MET A 228 -12.59 45.25 22.12
N MET A 229 -13.86 45.50 22.51
CA MET A 229 -14.17 45.91 23.89
C MET A 229 -13.85 44.82 24.88
N ILE A 230 -14.14 43.55 24.52
CA ILE A 230 -13.80 42.43 25.39
C ILE A 230 -12.27 42.32 25.56
N GLY A 231 -11.53 42.43 24.45
CA GLY A 231 -10.08 42.39 24.51
C GLY A 231 -9.49 43.52 25.36
N ARG A 232 -10.01 44.75 25.22
CA ARG A 232 -9.51 45.88 26.01
C ARG A 232 -9.87 45.74 27.49
N CYS A 233 -11.05 45.20 27.80
CA CYS A 233 -11.44 44.98 29.20
C CYS A 233 -10.58 43.88 29.82
N ASN A 234 -10.29 42.81 29.06
CA ASN A 234 -9.42 41.73 29.53
C ASN A 234 -8.02 42.30 29.83
N LEU A 235 -7.51 43.17 28.94
CA LEU A 235 -6.20 43.81 29.13
CA LEU A 235 -6.21 43.81 29.12
C LEU A 235 -6.21 44.67 30.40
N ALA A 236 -7.28 45.42 30.64
CA ALA A 236 -7.43 46.27 31.82
C ALA A 236 -7.75 45.50 33.12
N GLY A 237 -8.15 44.24 33.02
CA GLY A 237 -8.55 43.45 34.18
C GLY A 237 -9.86 43.92 34.77
N LYS A 238 -10.77 44.45 33.93
CA LYS A 238 -12.08 44.95 34.35
C LYS A 238 -13.21 44.14 33.72
N PRO A 239 -14.30 43.90 34.47
CA PRO A 239 -15.38 43.05 33.92
C PRO A 239 -16.06 43.56 32.67
N VAL A 240 -16.41 42.63 31.77
CA VAL A 240 -17.11 42.97 30.54
C VAL A 240 -18.29 42.01 30.37
N VAL A 241 -19.46 42.57 30.04
CA VAL A 241 -20.68 41.82 29.85
C VAL A 241 -21.06 41.79 28.37
N CYS A 242 -21.43 40.61 27.84
CA CYS A 242 -21.98 40.53 26.49
C CYS A 242 -23.50 40.48 26.65
N ALA A 243 -24.22 41.34 25.93
CA ALA A 243 -25.67 41.41 26.11
C ALA A 243 -26.47 41.47 24.82
N THR A 244 -27.75 41.06 24.91
CA THR A 244 -28.87 41.24 23.97
C THR A 244 -28.94 40.27 22.81
N GLN A 245 -30.10 39.60 22.73
CA GLN A 245 -30.51 38.65 21.70
C GLN A 245 -29.64 37.40 21.64
N MET A 246 -28.97 37.04 22.76
CA MET A 246 -28.11 35.86 22.80
C MET A 246 -28.90 34.58 22.57
N LEU A 247 -30.12 34.48 23.15
CA LEU A 247 -30.99 33.32 22.97
C LEU A 247 -32.41 33.81 22.62
N GLU A 248 -32.52 34.85 21.78
CA GLU A 248 -33.75 35.53 21.42
C GLU A 248 -34.95 34.62 21.07
N SER A 249 -34.74 33.61 20.22
CA SER A 249 -35.84 32.71 19.82
C SER A 249 -36.49 31.99 21.01
N MET A 250 -35.76 31.84 22.13
CA MET A 250 -36.29 31.20 23.34
C MET A 250 -37.40 32.02 24.05
N ILE A 251 -37.69 33.24 23.59
CA ILE A 251 -38.81 34.02 24.11
C ILE A 251 -40.13 33.24 23.80
N THR A 252 -40.21 32.57 22.63
CA THR A 252 -41.39 31.77 22.27
C THR A 252 -41.11 30.26 22.06
N LYS A 253 -39.85 29.87 21.82
CA LYS A 253 -39.52 28.45 21.55
C LYS A 253 -38.76 27.79 22.69
N PRO A 254 -38.97 26.48 22.94
CA PRO A 254 -38.27 25.82 24.05
C PRO A 254 -36.76 25.58 23.83
N ARG A 255 -36.32 25.62 22.56
CA ARG A 255 -34.93 25.37 22.22
C ARG A 255 -34.42 26.54 21.38
N PRO A 256 -33.13 26.90 21.52
CA PRO A 256 -32.60 28.01 20.74
C PRO A 256 -32.15 27.60 19.32
N THR A 257 -31.80 28.59 18.49
CA THR A 257 -31.28 28.29 17.15
C THR A 257 -29.78 27.92 17.23
N ARG A 258 -29.21 27.40 16.11
CA ARG A 258 -27.80 27.05 16.06
C ARG A 258 -26.92 28.32 16.17
N ALA A 259 -27.40 29.46 15.65
CA ALA A 259 -26.66 30.73 15.75
C ALA A 259 -26.62 31.24 17.19
N GLU A 260 -27.70 31.03 17.94
CA GLU A 260 -27.79 31.47 19.32
C GLU A 260 -26.85 30.70 20.25
N THR A 261 -26.77 29.35 20.11
CA THR A 261 -25.82 28.60 20.95
C THR A 261 -24.38 28.98 20.59
N SER A 262 -24.11 29.19 19.30
CA SER A 262 -22.79 29.63 18.83
C SER A 262 -22.45 31.01 19.44
N ASP A 263 -23.40 31.94 19.47
CA ASP A 263 -23.19 33.29 20.00
C ASP A 263 -22.79 33.26 21.47
N VAL A 264 -23.48 32.44 22.27
CA VAL A 264 -23.16 32.32 23.69
C VAL A 264 -21.75 31.74 23.87
N ALA A 265 -21.45 30.66 23.16
CA ALA A 265 -20.12 30.02 23.25
C ALA A 265 -19.01 30.98 22.83
N ASN A 266 -19.24 31.74 21.73
CA ASN A 266 -18.23 32.66 21.23
C ASN A 266 -18.05 33.87 22.13
N ALA A 267 -19.09 34.29 22.88
CA ALA A 267 -18.92 35.40 23.83
C ALA A 267 -17.94 34.96 24.95
N VAL A 268 -18.09 33.70 25.42
CA VAL A 268 -17.19 33.14 26.43
C VAL A 268 -15.76 33.01 25.86
N LEU A 269 -15.62 32.46 24.65
CA LEU A 269 -14.32 32.30 24.00
C LEU A 269 -13.66 33.65 23.67
N ASP A 270 -14.46 34.70 23.45
CA ASP A 270 -13.93 36.05 23.21
C ASP A 270 -13.25 36.60 24.49
N GLY A 271 -13.76 36.21 25.66
CA GLY A 271 -13.26 36.63 26.96
C GLY A 271 -14.28 37.32 27.85
N ALA A 272 -15.58 37.24 27.54
CA ALA A 272 -16.61 37.92 28.35
C ALA A 272 -16.66 37.36 29.77
N ASP A 273 -16.76 38.25 30.76
CA ASP A 273 -16.90 37.83 32.16
C ASP A 273 -18.33 37.40 32.45
N CYS A 274 -19.32 38.09 31.85
CA CYS A 274 -20.74 37.79 32.07
C CYS A 274 -21.47 37.71 30.74
N ILE A 275 -22.56 36.95 30.72
CA ILE A 275 -23.49 36.85 29.60
C ILE A 275 -24.88 37.22 30.13
N MET A 276 -25.74 37.77 29.26
CA MET A 276 -27.01 38.31 29.71
C MET A 276 -28.22 37.79 28.95
N LEU A 277 -29.38 37.82 29.64
CA LEU A 277 -30.68 37.48 29.08
C LEU A 277 -31.60 38.67 29.35
N SER A 278 -32.34 39.12 28.34
CA SER A 278 -33.25 40.25 28.48
C SER A 278 -34.70 39.76 28.35
N GLY A 279 -35.32 39.86 27.17
CA GLY A 279 -36.69 39.39 26.96
C GLY A 279 -36.84 37.91 27.25
N GLU A 280 -35.74 37.12 27.06
CA GLU A 280 -35.75 35.69 27.31
C GLU A 280 -36.20 35.35 28.73
N THR A 281 -35.83 36.19 29.72
CA THR A 281 -36.22 35.95 31.11
C THR A 281 -37.27 36.94 31.61
N ALA A 282 -37.29 38.16 31.07
CA ALA A 282 -38.22 39.18 31.51
C ALA A 282 -39.66 38.90 31.09
N LYS A 283 -39.88 38.45 29.84
CA LYS A 283 -41.25 38.27 29.35
C LYS A 283 -41.52 36.97 28.61
N GLY A 284 -40.48 36.19 28.32
CA GLY A 284 -40.65 34.97 27.54
C GLY A 284 -41.34 33.82 28.23
N ASN A 285 -41.65 32.79 27.45
CA ASN A 285 -42.33 31.60 27.95
C ASN A 285 -41.41 30.55 28.56
N PHE A 286 -40.08 30.71 28.41
CA PHE A 286 -39.13 29.73 28.94
C PHE A 286 -37.98 30.39 29.72
N PRO A 287 -38.26 31.23 30.76
CA PRO A 287 -37.16 31.91 31.46
C PRO A 287 -36.15 30.98 32.12
N VAL A 288 -36.63 29.93 32.80
CA VAL A 288 -35.75 28.99 33.48
C VAL A 288 -34.91 28.21 32.47
N GLU A 289 -35.53 27.79 31.37
CA GLU A 289 -34.85 27.03 30.32
C GLU A 289 -33.75 27.87 29.64
N ALA A 290 -33.97 29.19 29.52
CA ALA A 290 -32.99 30.09 28.92
C ALA A 290 -31.75 30.21 29.81
N VAL A 291 -31.95 30.28 31.14
CA VAL A 291 -30.85 30.30 32.09
C VAL A 291 -30.10 28.97 32.06
N LYS A 292 -30.83 27.84 32.00
CA LYS A 292 -30.20 26.52 31.95
C LYS A 292 -29.36 26.35 30.67
N MET A 293 -29.85 26.90 29.56
CA MET A 293 -29.14 26.81 28.28
C MET A 293 -27.85 27.64 28.32
N GLN A 294 -27.87 28.87 28.87
CA GLN A 294 -26.65 29.67 29.00
C GLN A 294 -25.65 28.97 29.91
N HIS A 295 -26.14 28.34 31.01
CA HIS A 295 -25.26 27.61 31.92
C HIS A 295 -24.56 26.46 31.19
N ALA A 296 -25.33 25.65 30.45
CA ALA A 296 -24.80 24.49 29.76
C ALA A 296 -23.77 24.87 28.69
N ILE A 297 -24.06 25.90 27.88
CA ILE A 297 -23.13 26.34 26.85
C ILE A 297 -21.86 26.92 27.46
N ALA A 298 -22.01 27.82 28.46
CA ALA A 298 -20.84 28.44 29.09
C ALA A 298 -19.87 27.42 29.67
N ARG A 299 -20.37 26.37 30.33
CA ARG A 299 -19.50 25.32 30.88
C ARG A 299 -18.69 24.63 29.77
N GLU A 300 -19.35 24.31 28.65
CA GLU A 300 -18.67 23.66 27.54
C GLU A 300 -17.61 24.59 26.94
N ALA A 301 -17.95 25.87 26.75
CA ALA A 301 -17.03 26.85 26.15
C ALA A 301 -15.84 27.16 27.04
N GLU A 302 -16.06 27.22 28.36
CA GLU A 302 -14.96 27.47 29.30
C GLU A 302 -13.91 26.37 29.26
N ALA A 303 -14.32 25.11 29.10
CA ALA A 303 -13.36 24.00 29.00
C ALA A 303 -12.58 24.06 27.68
N ALA A 304 -13.19 24.63 26.62
CA ALA A 304 -12.57 24.79 25.30
C ALA A 304 -11.63 26.00 25.19
N VAL A 305 -11.46 26.78 26.27
CA VAL A 305 -10.54 27.93 26.28
C VAL A 305 -9.10 27.40 26.13
N TYR A 306 -8.30 28.03 25.26
CA TYR A 306 -6.91 27.61 25.06
C TYR A 306 -6.02 28.37 26.05
N HIS A 307 -6.02 27.91 27.32
CA HIS A 307 -5.25 28.56 28.39
C HIS A 307 -3.77 28.72 28.10
N ARG A 308 -3.16 27.78 27.38
CA ARG A 308 -1.73 27.86 27.06
C ARG A 308 -1.33 29.21 26.43
N GLN A 309 -2.09 29.64 25.40
CA GLN A 309 -1.81 30.94 24.79
C GLN A 309 -2.43 32.10 25.56
N LEU A 310 -3.67 31.91 26.05
CA LEU A 310 -4.36 32.97 26.77
C LEU A 310 -3.57 33.44 28.01
N PHE A 311 -3.12 32.51 28.86
CA PHE A 311 -2.35 32.86 30.04
C PHE A 311 -1.05 33.54 29.66
N GLU A 312 -0.34 33.01 28.65
CA GLU A 312 0.91 33.60 28.19
C GLU A 312 0.73 35.05 27.76
N GLU A 313 -0.34 35.33 27.00
CA GLU A 313 -0.59 36.69 26.53
C GLU A 313 -1.03 37.62 27.64
N LEU A 314 -1.89 37.16 28.55
CA LEU A 314 -2.36 38.00 29.65
C LEU A 314 -1.20 38.31 30.60
N ARG A 315 -0.34 37.33 30.85
CA ARG A 315 0.84 37.48 31.69
C ARG A 315 1.79 38.52 31.08
N ARG A 316 2.09 38.39 29.78
CA ARG A 316 3.00 39.28 29.09
C ARG A 316 2.47 40.71 28.98
N ALA A 317 1.15 40.85 28.76
CA ALA A 317 0.53 42.17 28.62
C ALA A 317 0.31 42.91 29.93
N ALA A 318 0.13 42.19 31.04
CA ALA A 318 -0.09 42.82 32.34
C ALA A 318 1.19 43.52 32.76
N PRO A 319 1.11 44.83 33.07
CA PRO A 319 2.34 45.57 33.34
C PRO A 319 3.10 45.11 34.56
N LEU A 320 4.41 45.43 34.61
CA LEU A 320 5.21 45.16 35.80
C LEU A 320 4.65 46.02 36.94
N SER A 321 4.67 45.50 38.17
CA SER A 321 4.03 46.19 39.28
C SER A 321 4.73 45.99 40.56
N ARG A 322 4.70 47.00 41.41
CA ARG A 322 5.25 46.87 42.76
CA ARG A 322 5.25 46.90 42.76
C ARG A 322 4.15 46.77 43.82
N ASP A 323 2.88 46.56 43.40
CA ASP A 323 1.75 46.39 44.31
C ASP A 323 1.77 44.94 44.76
N PRO A 324 1.90 44.66 46.07
CA PRO A 324 1.98 43.25 46.52
C PRO A 324 0.77 42.39 46.16
N THR A 325 -0.45 42.94 46.07
CA THR A 325 -1.62 42.14 45.70
C THR A 325 -1.47 41.68 44.23
N GLU A 326 -1.04 42.59 43.34
CA GLU A 326 -0.82 42.28 41.92
C GLU A 326 0.31 41.21 41.78
N VAL A 327 1.40 41.38 42.53
CA VAL A 327 2.52 40.45 42.50
C VAL A 327 2.11 39.07 43.02
N THR A 328 1.36 39.04 44.13
CA THR A 328 0.89 37.77 44.69
C THR A 328 -0.06 37.07 43.73
N ALA A 329 -0.94 37.83 43.07
CA ALA A 329 -1.92 37.27 42.14
C ALA A 329 -1.28 36.49 41.00
N ILE A 330 -0.24 37.07 40.35
CA ILE A 330 0.40 36.37 39.23
C ILE A 330 1.16 35.14 39.72
N GLY A 331 1.82 35.25 40.88
CA GLY A 331 2.52 34.11 41.46
C GLY A 331 1.56 32.96 41.77
N ALA A 332 0.38 33.29 42.31
CA ALA A 332 -0.66 32.30 42.66
C ALA A 332 -1.23 31.62 41.43
N VAL A 333 -1.51 32.38 40.36
CA VAL A 333 -2.07 31.78 39.14
C VAL A 333 -1.04 30.85 38.48
N GLU A 334 0.24 31.28 38.48
CA GLU A 334 1.33 30.48 37.92
C GLU A 334 1.45 29.17 38.71
N ALA A 335 1.41 29.27 40.05
CA ALA A 335 1.50 28.09 40.92
C ALA A 335 0.32 27.15 40.69
N ALA A 336 -0.90 27.70 40.52
CA ALA A 336 -2.09 26.89 40.25
C ALA A 336 -1.95 26.07 38.97
N PHE A 337 -1.44 26.70 37.89
CA PHE A 337 -1.26 25.97 36.63
C PHE A 337 -0.18 24.88 36.76
N LYS A 338 0.88 25.14 37.53
CA LYS A 338 1.96 24.19 37.73
C LYS A 338 1.51 22.87 38.35
N CYS A 339 0.55 22.91 39.28
CA CYS A 339 0.10 21.71 39.98
C CYS A 339 -1.29 21.27 39.61
N CYS A 340 -1.94 21.87 38.58
CA CYS A 340 -3.33 21.54 38.23
C CYS A 340 -4.23 21.75 39.46
N ALA A 341 -4.02 22.87 40.18
CA ALA A 341 -4.78 23.15 41.39
C ALA A 341 -6.27 23.17 41.12
N ALA A 342 -7.05 22.55 42.00
CA ALA A 342 -8.50 22.53 41.85
C ALA A 342 -9.08 23.92 42.10
N ALA A 343 -8.45 24.71 42.99
CA ALA A 343 -8.95 26.03 43.33
C ALA A 343 -7.86 26.93 43.88
N ILE A 344 -8.11 28.24 43.87
CA ILE A 344 -7.33 29.25 44.51
C ILE A 344 -8.30 29.84 45.54
N ILE A 345 -8.04 29.65 46.84
CA ILE A 345 -8.90 30.19 47.88
C ILE A 345 -8.32 31.53 48.29
N VAL A 346 -9.10 32.60 48.21
CA VAL A 346 -8.61 33.93 48.55
C VAL A 346 -9.51 34.61 49.57
N LEU A 347 -8.91 35.31 50.54
CA LEU A 347 -9.69 36.09 51.51
C LEU A 347 -9.77 37.49 50.95
N THR A 348 -10.98 38.09 50.92
CA THR A 348 -11.12 39.43 50.38
C THR A 348 -12.20 40.23 51.08
N THR A 349 -11.94 41.52 51.29
CA THR A 349 -12.88 42.42 51.94
C THR A 349 -13.74 43.13 50.90
N THR A 350 -13.10 43.67 49.84
CA THR A 350 -13.76 44.43 48.78
C THR A 350 -13.98 43.63 47.49
N GLY A 351 -13.31 42.49 47.35
CA GLY A 351 -13.33 41.68 46.15
C GLY A 351 -12.08 41.87 45.29
N ARG A 352 -11.29 42.94 45.54
CA ARG A 352 -10.11 43.29 44.74
C ARG A 352 -9.08 42.15 44.59
N SER A 353 -8.71 41.44 45.68
CA SER A 353 -7.74 40.36 45.57
C SER A 353 -8.24 39.23 44.63
N ALA A 354 -9.56 38.96 44.64
CA ALA A 354 -10.15 37.94 43.76
C ALA A 354 -10.18 38.43 42.31
N GLN A 355 -10.47 39.72 42.10
CA GLN A 355 -10.46 40.33 40.77
C GLN A 355 -9.07 40.25 40.11
N LEU A 356 -8.00 40.48 40.91
CA LEU A 356 -6.64 40.43 40.37
C LEU A 356 -6.21 39.01 40.02
N LEU A 357 -6.80 37.98 40.66
CA LEU A 357 -6.52 36.60 40.29
C LEU A 357 -7.31 36.29 38.97
N SER A 358 -8.58 36.71 38.91
CA SER A 358 -9.49 36.49 37.78
C SER A 358 -8.93 37.03 36.47
N ARG A 359 -8.23 38.18 36.52
CA ARG A 359 -7.69 38.81 35.32
C ARG A 359 -6.72 37.92 34.53
N TYR A 360 -6.10 36.92 35.18
CA TYR A 360 -5.19 36.02 34.48
C TYR A 360 -5.86 34.77 33.93
N ARG A 361 -7.18 34.65 34.12
CA ARG A 361 -7.99 33.53 33.65
C ARG A 361 -7.44 32.17 34.05
N PRO A 362 -7.23 31.93 35.36
CA PRO A 362 -6.81 30.58 35.77
C PRO A 362 -7.88 29.54 35.44
N ARG A 363 -7.48 28.29 35.20
CA ARG A 363 -8.42 27.19 35.04
C ARG A 363 -8.99 26.85 36.44
N ALA A 364 -8.18 27.02 37.50
CA ALA A 364 -8.58 26.81 38.89
C ALA A 364 -9.66 27.80 39.27
N ALA A 365 -10.72 27.34 39.95
CA ALA A 365 -11.79 28.20 40.43
C ALA A 365 -11.21 29.15 41.48
N VAL A 366 -11.64 30.42 41.49
CA VAL A 366 -11.20 31.36 42.51
C VAL A 366 -12.30 31.42 43.57
N ILE A 367 -12.09 30.75 44.70
CA ILE A 367 -13.08 30.71 45.78
C ILE A 367 -12.79 31.91 46.70
N ALA A 368 -13.66 32.91 46.66
CA ALA A 368 -13.45 34.13 47.42
C ALA A 368 -14.25 34.13 48.72
N VAL A 369 -13.55 34.10 49.86
CA VAL A 369 -14.18 34.10 51.18
C VAL A 369 -14.24 35.54 51.69
N THR A 370 -15.46 36.05 51.92
CA THR A 370 -15.63 37.43 52.38
C THR A 370 -16.72 37.52 53.43
N ARG A 371 -16.59 38.50 54.32
CA ARG A 371 -17.66 38.80 55.29
C ARG A 371 -18.64 39.82 54.69
N SER A 372 -18.23 40.59 53.66
CA SER A 372 -19.07 41.61 53.03
C SER A 372 -20.12 40.97 52.13
N ALA A 373 -21.41 41.11 52.50
CA ALA A 373 -22.51 40.60 51.68
C ALA A 373 -22.52 41.29 50.32
N GLN A 374 -22.25 42.60 50.30
CA GLN A 374 -22.21 43.34 49.04
C GLN A 374 -21.04 42.88 48.13
N ALA A 375 -19.81 42.71 48.68
CA ALA A 375 -18.68 42.25 47.88
C ALA A 375 -18.95 40.85 47.33
N ALA A 376 -19.61 39.98 48.12
CA ALA A 376 -19.95 38.64 47.69
C ALA A 376 -20.87 38.68 46.46
N ARG A 377 -21.82 39.63 46.45
CA ARG A 377 -22.72 39.78 45.31
C ARG A 377 -21.97 40.38 44.10
N GLN A 378 -21.17 41.43 44.33
CA GLN A 378 -20.47 42.13 43.25
C GLN A 378 -19.39 41.31 42.52
N VAL A 379 -18.70 40.37 43.21
CA VAL A 379 -17.62 39.62 42.55
C VAL A 379 -18.13 38.67 41.45
N HIS A 380 -19.45 38.46 41.36
CA HIS A 380 -20.04 37.71 40.25
C HIS A 380 -19.70 38.39 38.89
N LEU A 381 -19.32 39.68 38.89
CA LEU A 381 -18.92 40.39 37.68
C LEU A 381 -17.60 39.84 37.11
N CYS A 382 -16.74 39.21 37.94
CA CYS A 382 -15.42 38.72 37.54
C CYS A 382 -15.44 37.25 37.21
N ARG A 383 -15.05 36.88 35.98
CA ARG A 383 -15.09 35.47 35.60
C ARG A 383 -14.30 34.55 36.53
N GLY A 384 -14.90 33.43 36.89
CA GLY A 384 -14.25 32.40 37.68
C GLY A 384 -14.15 32.67 39.17
N VAL A 385 -14.84 33.70 39.66
CA VAL A 385 -14.85 33.99 41.09
C VAL A 385 -16.16 33.43 41.68
N PHE A 386 -16.02 32.56 42.67
CA PHE A 386 -17.11 31.89 43.36
C PHE A 386 -17.16 32.47 44.79
N PRO A 387 -18.10 33.40 45.02
CA PRO A 387 -18.16 34.04 46.35
C PRO A 387 -18.79 33.18 47.43
N LEU A 388 -18.16 33.19 48.61
CA LEU A 388 -18.65 32.47 49.78
C LEU A 388 -18.83 33.51 50.88
N LEU A 389 -20.07 33.68 51.38
CA LEU A 389 -20.32 34.66 52.44
C LEU A 389 -20.04 34.02 53.82
N TYR A 390 -19.00 34.50 54.51
CA TYR A 390 -18.58 33.94 55.79
C TYR A 390 -19.46 34.45 56.94
N ARG A 391 -20.15 33.53 57.61
CA ARG A 391 -21.02 33.87 58.74
C ARG A 391 -20.76 33.01 59.98
N GLU A 392 -19.54 32.49 60.12
CA GLU A 392 -19.19 31.66 61.27
CA GLU A 392 -19.17 31.67 61.28
C GLU A 392 -18.69 32.55 62.43
N PRO A 393 -18.82 32.10 63.70
CA PRO A 393 -18.35 32.94 64.81
C PRO A 393 -16.88 33.36 64.67
N PRO A 394 -16.55 34.57 65.13
CA PRO A 394 -15.15 35.02 65.04
C PRO A 394 -14.21 34.31 65.99
N GLU A 395 -12.91 34.34 65.66
CA GLU A 395 -11.86 33.79 66.50
C GLU A 395 -11.20 34.99 67.19
N ALA A 396 -10.73 34.80 68.42
CA ALA A 396 -10.08 35.88 69.18
C ALA A 396 -8.71 36.22 68.59
N ILE A 397 -7.99 35.21 68.10
CA ILE A 397 -6.67 35.45 67.50
C ILE A 397 -6.83 35.63 65.98
N TRP A 398 -6.40 36.80 65.43
CA TRP A 398 -6.52 37.08 63.99
C TRP A 398 -5.97 35.96 63.09
N ALA A 399 -4.79 35.40 63.40
CA ALA A 399 -4.22 34.28 62.63
C ALA A 399 -5.14 33.05 62.63
N ASP A 400 -5.80 32.77 63.77
CA ASP A 400 -6.74 31.66 63.86
C ASP A 400 -8.00 31.96 63.05
N ASP A 401 -8.43 33.22 63.02
CA ASP A 401 -9.62 33.63 62.29
C ASP A 401 -9.38 33.47 60.77
N VAL A 402 -8.15 33.80 60.30
CA VAL A 402 -7.75 33.65 58.91
C VAL A 402 -7.81 32.18 58.54
N ASP A 403 -7.19 31.29 59.36
CA ASP A 403 -7.17 29.85 59.13
CA ASP A 403 -7.17 29.85 59.13
C ASP A 403 -8.56 29.25 59.04
N ARG A 404 -9.48 29.76 59.87
CA ARG A 404 -10.85 29.27 59.89
C ARG A 404 -11.60 29.64 58.63
N ARG A 405 -11.34 30.83 58.09
CA ARG A 405 -11.97 31.25 56.83
C ARG A 405 -11.48 30.40 55.65
N VAL A 406 -10.20 29.99 55.68
CA VAL A 406 -9.58 29.13 54.67
C VAL A 406 -10.21 27.73 54.77
N GLN A 407 -10.42 27.20 56.00
CA GLN A 407 -11.09 25.91 56.20
C GLN A 407 -12.56 25.96 55.77
N PHE A 408 -13.22 27.12 55.95
CA PHE A 408 -14.59 27.28 55.48
C PHE A 408 -14.62 27.19 53.94
N GLY A 409 -13.62 27.77 53.27
CA GLY A 409 -13.52 27.71 51.81
C GLY A 409 -13.34 26.28 51.35
N ILE A 410 -12.51 25.50 52.08
CA ILE A 410 -12.27 24.09 51.77
C ILE A 410 -13.54 23.25 51.97
N GLU A 411 -14.23 23.42 53.11
CA GLU A 411 -15.45 22.68 53.40
C GLU A 411 -16.58 23.02 52.41
N SER A 412 -16.72 24.31 52.06
CA SER A 412 -17.73 24.72 51.06
C SER A 412 -17.35 24.15 49.68
N GLY A 413 -16.06 24.16 49.35
CA GLY A 413 -15.55 23.63 48.09
C GLY A 413 -15.80 22.13 47.96
N LYS A 414 -15.63 21.39 49.05
CA LYS A 414 -15.88 19.95 49.05
C LYS A 414 -17.37 19.67 48.83
N LEU A 415 -18.25 20.39 49.55
CA LEU A 415 -19.69 20.19 49.43
C LEU A 415 -20.20 20.49 48.03
N ARG A 416 -19.69 21.57 47.42
CA ARG A 416 -20.12 22.00 46.09
C ARG A 416 -19.49 21.25 44.92
N GLY A 417 -18.52 20.39 45.18
CA GLY A 417 -17.87 19.63 44.10
C GLY A 417 -16.61 20.23 43.53
N PHE A 418 -16.17 21.39 44.05
CA PHE A 418 -14.94 22.03 43.58
C PHE A 418 -13.71 21.26 44.00
N LEU A 419 -13.72 20.70 45.22
CA LEU A 419 -12.56 20.06 45.83
C LEU A 419 -12.83 18.67 46.33
N ARG A 420 -11.78 17.85 46.34
CA ARG A 420 -11.78 16.50 46.88
C ARG A 420 -10.50 16.29 47.67
N VAL A 421 -10.49 15.30 48.58
CA VAL A 421 -9.32 14.94 49.36
C VAL A 421 -8.19 14.52 48.41
N GLY A 422 -7.00 15.05 48.62
CA GLY A 422 -5.88 14.76 47.73
C GLY A 422 -5.59 15.87 46.74
N ASP A 423 -6.56 16.77 46.50
CA ASP A 423 -6.34 17.90 45.59
C ASP A 423 -5.32 18.88 46.19
N LEU A 424 -4.69 19.70 45.34
CA LEU A 424 -3.83 20.77 45.81
C LEU A 424 -4.60 22.06 45.59
N VAL A 425 -4.50 22.99 46.53
CA VAL A 425 -5.12 24.30 46.40
C VAL A 425 -4.06 25.36 46.68
N ILE A 426 -4.25 26.54 46.10
CA ILE A 426 -3.39 27.68 46.36
C ILE A 426 -4.20 28.58 47.27
N VAL A 427 -3.63 29.07 48.36
CA VAL A 427 -4.35 29.94 49.30
C VAL A 427 -3.70 31.30 49.33
N VAL A 428 -4.51 32.35 49.11
CA VAL A 428 -4.04 33.72 49.05
C VAL A 428 -4.59 34.54 50.23
N THR A 429 -3.70 35.04 51.07
CA THR A 429 -4.06 35.82 52.27
C THR A 429 -3.14 37.07 52.38
N GLY A 430 -3.30 37.86 53.45
CA GLY A 430 -2.51 39.04 53.70
C GLY A 430 -1.83 39.02 55.07
N TRP A 431 -0.97 40.00 55.34
CA TRP A 431 -0.18 40.01 56.56
C TRP A 431 -0.85 40.73 57.75
N ARG A 432 -1.92 41.49 57.51
CA ARG A 432 -2.63 42.19 58.57
C ARG A 432 -4.10 42.38 58.18
N PRO A 433 -5.00 42.64 59.16
CA PRO A 433 -6.43 42.85 58.83
C PRO A 433 -6.66 44.10 57.96
N GLY A 434 -7.81 44.17 57.33
CA GLY A 434 -8.17 45.30 56.47
C GLY A 434 -7.80 45.06 55.01
N SER A 435 -8.50 45.72 54.10
CA SER A 435 -8.25 45.61 52.66
C SER A 435 -6.90 46.20 52.25
N GLY A 436 -6.31 45.66 51.18
CA GLY A 436 -5.09 46.21 50.61
C GLY A 436 -3.78 45.59 51.03
N TYR A 437 -3.81 44.54 51.88
CA TYR A 437 -2.57 43.94 52.39
C TYR A 437 -2.33 42.51 51.95
N THR A 438 -3.00 42.03 50.88
CA THR A 438 -2.74 40.67 50.36
C THR A 438 -1.27 40.57 49.91
N ASN A 439 -0.55 39.57 50.40
CA ASN A 439 0.87 39.42 50.07
C ASN A 439 1.39 37.99 50.24
N ILE A 440 0.52 37.02 50.49
CA ILE A 440 0.96 35.64 50.75
C ILE A 440 0.26 34.62 49.89
N MET A 441 1.03 33.66 49.37
CA MET A 441 0.49 32.54 48.61
CA MET A 441 0.55 32.55 48.55
C MET A 441 1.04 31.25 49.23
N ARG A 442 0.15 30.28 49.50
CA ARG A 442 0.53 29.03 50.15
C ARG A 442 0.03 27.83 49.32
N VAL A 443 0.79 26.75 49.28
CA VAL A 443 0.38 25.54 48.58
C VAL A 443 -0.12 24.55 49.64
N LEU A 444 -1.39 24.16 49.55
CA LEU A 444 -2.00 23.28 50.56
C LEU A 444 -2.59 22.01 49.96
N SER A 445 -2.35 20.88 50.64
CA SER A 445 -2.94 19.60 50.22
C SER A 445 -4.27 19.42 50.97
N ILE A 446 -5.34 19.07 50.25
CA ILE A 446 -6.66 18.91 50.85
C ILE A 446 -6.78 17.61 51.63
N SER A 447 -7.14 17.77 52.91
CA SER A 447 -7.35 16.75 53.93
C SER A 447 -6.11 15.96 54.24
N ARG B 12 5.83 49.32 25.40
CA ARG B 12 6.11 50.36 26.39
C ARG B 12 5.10 50.34 27.53
N ALA B 13 3.82 50.07 27.21
CA ALA B 13 2.75 50.05 28.21
C ALA B 13 2.99 49.05 29.36
N ASP B 14 3.64 47.91 29.06
CA ASP B 14 3.96 46.87 30.05
C ASP B 14 5.01 47.31 31.08
N VAL B 15 5.82 48.34 30.76
CA VAL B 15 6.84 48.82 31.70
C VAL B 15 6.71 50.33 32.03
N ALA B 16 5.68 51.02 31.51
CA ALA B 16 5.51 52.47 31.68
C ALA B 16 5.37 52.96 33.13
N GLN B 17 4.53 52.30 33.94
CA GLN B 17 4.35 52.72 35.33
C GLN B 17 5.61 52.45 36.15
N LEU B 18 6.24 51.28 35.97
CA LEU B 18 7.47 50.97 36.68
C LEU B 18 8.64 51.83 36.21
N THR B 19 8.63 52.27 34.95
CA THR B 19 9.68 53.17 34.44
C THR B 19 9.53 54.52 35.15
N GLN B 20 8.29 55.01 35.34
CA GLN B 20 8.09 56.28 36.04
C GLN B 20 8.51 56.16 37.52
N GLU B 21 8.21 55.02 38.17
CA GLU B 21 8.55 54.82 39.58
C GLU B 21 10.02 54.57 39.85
N LEU B 22 10.63 53.63 39.11
CA LEU B 22 12.03 53.29 39.31
C LEU B 22 13.01 54.20 38.54
N GLY B 23 12.52 54.86 37.49
CA GLY B 23 13.33 55.77 36.70
C GLY B 23 13.90 55.17 35.44
N THR B 24 14.24 56.03 34.47
CA THR B 24 14.83 55.56 33.21
C THR B 24 16.24 55.03 33.44
N ALA B 25 17.00 55.55 34.43
CA ALA B 25 18.35 55.05 34.67
C ALA B 25 18.33 53.57 35.05
N PHE B 26 17.36 53.17 35.89
CA PHE B 26 17.21 51.77 36.30
C PHE B 26 17.03 50.85 35.08
N PHE B 27 16.15 51.23 34.15
CA PHE B 27 15.83 50.43 32.98
C PHE B 27 16.86 50.48 31.86
N GLN B 28 17.94 51.27 32.03
CA GLN B 28 19.02 51.31 31.04
C GLN B 28 20.16 50.36 31.47
N GLN B 29 20.27 50.04 32.77
CA GLN B 29 21.30 49.17 33.33
C GLN B 29 20.97 47.69 33.15
N GLN B 30 21.91 46.80 33.51
CA GLN B 30 21.83 45.34 33.48
C GLN B 30 21.15 44.76 32.24
N GLN B 31 21.42 45.37 31.06
CA GLN B 31 20.86 44.96 29.78
C GLN B 31 19.34 44.86 29.78
N LEU B 32 18.67 45.70 30.60
CA LEU B 32 17.21 45.66 30.66
C LEU B 32 16.55 45.98 29.32
N PRO B 33 17.04 46.90 28.45
CA PRO B 33 16.41 47.07 27.13
C PRO B 33 16.45 45.78 26.32
N ALA B 34 17.60 45.05 26.34
CA ALA B 34 17.71 43.77 25.62
C ALA B 34 16.82 42.69 26.27
N ALA B 35 16.63 42.76 27.59
CA ALA B 35 15.79 41.83 28.33
C ALA B 35 14.31 41.98 27.95
N MET B 36 13.87 43.20 27.61
CA MET B 36 12.46 43.43 27.26
C MET B 36 12.11 43.12 25.79
N ALA B 37 13.11 42.76 24.97
CA ALA B 37 12.87 42.52 23.56
C ALA B 37 11.90 41.38 23.29
N ASP B 38 11.13 41.48 22.20
CA ASP B 38 10.12 40.49 21.83
C ASP B 38 10.67 39.30 21.07
N THR B 39 11.89 39.41 20.49
CA THR B 39 12.52 38.30 19.79
C THR B 39 14.00 38.19 20.22
N PHE B 40 14.62 37.02 20.02
CA PHE B 40 16.04 36.86 20.35
C PHE B 40 16.89 37.76 19.44
N LEU B 41 16.51 37.90 18.16
CA LEU B 41 17.23 38.79 17.24
C LEU B 41 17.23 40.25 17.77
N GLU B 42 16.06 40.75 18.20
CA GLU B 42 15.96 42.11 18.74
C GLU B 42 16.74 42.21 20.05
N HIS B 43 16.74 41.13 20.88
CA HIS B 43 17.52 41.05 22.11
C HIS B 43 19.03 41.29 21.80
N LEU B 44 19.55 40.60 20.77
CA LEU B 44 20.96 40.80 20.36
C LEU B 44 21.21 42.23 19.92
N CYS B 45 20.32 42.79 19.07
CA CYS B 45 20.44 44.15 18.56
C CYS B 45 20.46 45.20 19.66
N LEU B 46 19.85 44.91 20.82
CA LEU B 46 19.78 45.86 21.92
C LEU B 46 20.85 45.70 22.98
N LEU B 47 21.75 44.70 22.86
CA LEU B 47 22.85 44.54 23.83
C LEU B 47 23.75 45.79 23.77
N ASP B 48 24.08 46.34 24.92
CA ASP B 48 24.76 47.62 25.02
C ASP B 48 25.98 47.55 25.91
N ILE B 49 27.17 47.86 25.37
CA ILE B 49 28.39 47.86 26.17
C ILE B 49 28.37 48.94 27.27
N ASP B 50 27.54 49.98 27.15
CA ASP B 50 27.40 51.02 28.17
C ASP B 50 26.35 50.68 29.24
N SER B 51 25.67 49.54 29.12
CA SER B 51 24.68 49.12 30.11
C SER B 51 25.40 48.29 31.16
N GLU B 52 25.66 48.90 32.31
CA GLU B 52 26.44 48.28 33.36
C GLU B 52 25.71 47.24 34.18
N PRO B 53 26.38 46.15 34.53
CA PRO B 53 25.74 45.14 35.40
C PRO B 53 25.54 45.70 36.80
N VAL B 54 24.45 45.32 37.45
CA VAL B 54 24.15 45.79 38.81
C VAL B 54 24.09 44.61 39.79
N ALA B 55 23.54 43.48 39.34
CA ALA B 55 23.37 42.32 40.20
C ALA B 55 24.68 41.68 40.63
N ALA B 56 24.65 40.98 41.79
CA ALA B 56 25.79 40.23 42.28
C ALA B 56 26.03 39.05 41.30
N ARG B 57 27.29 38.65 41.15
CA ARG B 57 27.65 37.59 40.22
C ARG B 57 27.08 36.26 40.67
N SER B 58 26.29 35.63 39.80
CA SER B 58 25.58 34.41 40.13
C SER B 58 26.28 33.09 39.74
N THR B 59 27.16 33.08 38.72
CA THR B 59 27.83 31.85 38.30
C THR B 59 29.03 31.65 39.21
N SER B 60 29.08 30.53 39.96
CA SER B 60 30.20 30.31 40.87
C SER B 60 31.51 30.03 40.17
N ILE B 61 32.59 30.45 40.79
CA ILE B 61 33.93 30.22 40.28
C ILE B 61 34.61 29.13 41.10
N ILE B 62 35.11 28.10 40.40
CA ILE B 62 35.87 27.02 41.01
C ILE B 62 37.33 27.29 40.68
N ALA B 63 38.18 27.44 41.70
CA ALA B 63 39.61 27.66 41.46
C ALA B 63 40.40 26.46 41.94
N THR B 64 41.30 25.94 41.09
CA THR B 64 42.13 24.80 41.46
C THR B 64 43.28 25.28 42.33
N ILE B 65 43.49 24.60 43.46
CA ILE B 65 44.55 24.98 44.39
C ILE B 65 45.86 24.29 44.02
N GLY B 66 46.93 25.05 44.06
CA GLY B 66 48.26 24.55 43.78
C GLY B 66 49.33 25.47 44.33
N PRO B 67 50.58 25.32 43.85
CA PRO B 67 51.66 26.19 44.36
C PRO B 67 51.43 27.69 44.23
N ALA B 68 50.69 28.13 43.19
CA ALA B 68 50.42 29.55 43.01
C ALA B 68 49.30 30.10 43.89
N SER B 69 48.51 29.23 44.53
CA SER B 69 47.35 29.66 45.28
C SER B 69 47.15 28.92 46.61
N ARG B 70 48.23 28.44 47.22
CA ARG B 70 48.14 27.63 48.43
C ARG B 70 48.33 28.38 49.73
N SER B 71 49.07 29.49 49.73
CA SER B 71 49.31 30.23 50.95
C SER B 71 48.03 30.88 51.50
N VAL B 72 47.94 31.03 52.81
CA VAL B 72 46.78 31.61 53.46
C VAL B 72 46.52 33.04 52.97
N GLU B 73 47.60 33.83 52.82
CA GLU B 73 47.48 35.21 52.37
C GLU B 73 46.96 35.28 50.92
N ARG B 74 47.42 34.36 50.05
CA ARG B 74 47.00 34.32 48.65
C ARG B 74 45.53 33.87 48.58
N LEU B 75 45.15 32.88 49.41
CA LEU B 75 43.79 32.38 49.47
C LEU B 75 42.80 33.45 49.93
N LYS B 76 43.23 34.35 50.83
CA LYS B 76 42.38 35.45 51.27
C LYS B 76 42.07 36.38 50.09
N GLU B 77 43.08 36.66 49.26
CA GLU B 77 42.89 37.51 48.09
C GLU B 77 41.97 36.82 47.05
N MET B 78 42.08 35.50 46.91
CA MET B 78 41.25 34.76 45.98
CA MET B 78 41.25 34.76 45.98
C MET B 78 39.79 34.72 46.43
N ILE B 79 39.55 34.67 47.76
CA ILE B 79 38.19 34.68 48.29
C ILE B 79 37.59 36.07 48.02
N LYS B 80 38.37 37.14 48.26
CA LYS B 80 37.92 38.51 48.00
C LYS B 80 37.65 38.74 46.52
N ALA B 81 38.44 38.10 45.64
CA ALA B 81 38.29 38.22 44.19
C ALA B 81 37.05 37.50 43.64
N GLY B 82 36.55 36.51 44.39
CA GLY B 82 35.34 35.79 44.00
C GLY B 82 35.36 34.27 43.99
N MET B 83 36.45 33.63 44.43
CA MET B 83 36.49 32.16 44.46
C MET B 83 35.40 31.61 45.43
N ASN B 84 34.55 30.71 44.93
CA ASN B 84 33.48 30.12 45.74
C ASN B 84 33.76 28.66 46.10
N ILE B 85 34.49 27.94 45.24
CA ILE B 85 34.80 26.53 45.44
C ILE B 85 36.29 26.30 45.18
N ALA B 86 36.98 25.64 46.11
CA ALA B 86 38.40 25.32 45.98
C ALA B 86 38.50 23.87 45.51
N ARG B 87 39.16 23.64 44.38
CA ARG B 87 39.31 22.30 43.82
C ARG B 87 40.68 21.73 44.16
N LEU B 88 40.71 20.50 44.72
CA LEU B 88 41.94 19.80 45.03
C LEU B 88 42.09 18.70 43.98
N ASN B 89 43.12 18.79 43.13
CA ASN B 89 43.31 17.81 42.08
C ASN B 89 44.13 16.63 42.61
N PHE B 90 43.47 15.51 42.90
CA PHE B 90 44.18 14.34 43.44
C PHE B 90 44.98 13.55 42.39
N SER B 91 45.09 14.07 41.15
CA SER B 91 45.96 13.44 40.16
C SER B 91 47.44 13.69 40.53
N HIS B 92 47.74 14.72 41.34
CA HIS B 92 49.09 15.09 41.77
C HIS B 92 49.07 15.41 43.28
N GLY B 93 50.20 15.27 43.95
CA GLY B 93 50.31 15.59 45.35
C GLY B 93 49.90 14.48 46.30
N SER B 94 50.53 14.44 47.47
CA SER B 94 50.24 13.42 48.47
C SER B 94 49.05 13.81 49.35
N HIS B 95 48.58 12.89 50.21
CA HIS B 95 47.51 13.19 51.15
C HIS B 95 47.96 14.30 52.13
N GLU B 96 49.25 14.32 52.51
CA GLU B 96 49.79 15.35 53.39
C GLU B 96 49.73 16.72 52.73
N TYR B 97 50.05 16.79 51.43
CA TYR B 97 50.01 18.03 50.65
C TYR B 97 48.57 18.56 50.61
N HIS B 98 47.60 17.69 50.26
CA HIS B 98 46.20 18.10 50.16
C HIS B 98 45.58 18.48 51.51
N ALA B 99 46.00 17.81 52.61
CA ALA B 99 45.50 18.15 53.94
C ALA B 99 45.95 19.57 54.32
N GLU B 100 47.19 19.95 53.94
CA GLU B 100 47.69 21.28 54.22
C GLU B 100 46.95 22.33 53.39
N SER B 101 46.61 21.99 52.13
CA SER B 101 45.84 22.90 51.27
C SER B 101 44.46 23.16 51.89
N ILE B 102 43.78 22.07 52.36
CA ILE B 102 42.49 22.16 53.04
C ILE B 102 42.59 23.04 54.30
N ALA B 103 43.62 22.83 55.13
CA ALA B 103 43.81 23.62 56.35
C ALA B 103 44.01 25.10 56.01
N ASN B 104 44.78 25.39 54.96
CA ASN B 104 45.04 26.77 54.53
C ASN B 104 43.78 27.44 54.01
N VAL B 105 42.94 26.69 53.25
CA VAL B 105 41.68 27.22 52.74
C VAL B 105 40.78 27.56 53.95
N ARG B 106 40.62 26.61 54.88
CA ARG B 106 39.78 26.85 56.08
C ARG B 106 40.28 28.02 56.93
N GLU B 107 41.60 28.19 57.06
CA GLU B 107 42.14 29.32 57.82
C GLU B 107 41.80 30.64 57.12
N ALA B 108 41.95 30.69 55.80
CA ALA B 108 41.61 31.90 55.03
C ALA B 108 40.11 32.20 55.11
N VAL B 109 39.26 31.18 55.00
CA VAL B 109 37.80 31.34 55.06
C VAL B 109 37.37 31.86 56.44
N GLU B 110 37.90 31.24 57.50
CA GLU B 110 37.54 31.64 58.86
C GLU B 110 38.10 32.99 59.29
N SER B 111 39.07 33.57 58.54
CA SER B 111 39.56 34.92 58.86
C SER B 111 38.49 36.01 58.66
N PHE B 112 37.40 35.70 57.93
CA PHE B 112 36.31 36.64 57.70
C PHE B 112 35.03 36.26 58.49
N ALA B 113 35.13 35.37 59.50
CA ALA B 113 33.96 34.86 60.23
C ALA B 113 33.41 35.72 61.36
N GLY B 114 33.93 36.92 61.56
CA GLY B 114 33.44 37.79 62.62
C GLY B 114 32.05 38.36 62.39
N SER B 115 31.52 38.27 61.15
CA SER B 115 30.23 38.84 60.83
C SER B 115 29.65 38.27 59.53
N PRO B 116 28.31 38.14 59.42
CA PRO B 116 27.73 37.71 58.13
C PRO B 116 27.95 38.71 56.99
N LEU B 117 28.40 39.93 57.30
CA LEU B 117 28.71 40.92 56.28
C LEU B 117 30.03 40.57 55.56
N SER B 118 30.97 39.96 56.29
CA SER B 118 32.28 39.60 55.77
C SER B 118 32.43 38.11 55.44
N TYR B 119 31.66 37.23 56.11
CA TYR B 119 31.78 35.78 55.90
C TYR B 119 31.31 35.32 54.53
N ARG B 120 32.13 34.49 53.91
CA ARG B 120 31.79 33.90 52.64
C ARG B 120 32.12 32.44 52.73
N PRO B 121 31.13 31.54 52.77
CA PRO B 121 31.44 30.11 52.76
C PRO B 121 32.17 29.71 51.46
N VAL B 122 33.13 28.80 51.56
CA VAL B 122 33.87 28.33 50.40
C VAL B 122 33.84 26.83 50.44
N ALA B 123 33.33 26.18 49.38
CA ALA B 123 33.26 24.73 49.34
C ALA B 123 34.61 24.12 49.00
N ILE B 124 34.84 22.88 49.43
CA ILE B 124 36.08 22.16 49.12
C ILE B 124 35.70 20.96 48.31
N ALA B 125 36.24 20.86 47.10
CA ALA B 125 35.93 19.78 46.16
C ALA B 125 37.15 18.92 45.90
N LEU B 126 36.95 17.61 45.93
CA LEU B 126 38.03 16.66 45.69
C LEU B 126 37.86 16.11 44.29
N ASP B 127 38.83 16.33 43.41
CA ASP B 127 38.78 15.83 42.04
C ASP B 127 39.64 14.57 41.96
N THR B 128 39.02 13.42 41.68
CA THR B 128 39.73 12.15 41.69
C THR B 128 40.69 11.94 40.52
N LYS B 129 41.71 11.08 40.74
CA LYS B 129 42.68 10.73 39.73
C LYS B 129 42.01 9.98 38.58
N GLY B 130 41.10 9.07 38.90
CA GLY B 130 40.37 8.34 37.89
C GLY B 130 40.70 6.88 37.78
N PRO B 131 40.01 6.18 36.88
CA PRO B 131 40.22 4.73 36.75
C PRO B 131 41.46 4.29 35.98
N GLY B 132 42.09 5.19 35.25
CA GLY B 132 43.25 4.87 34.43
C GLY B 132 42.89 3.87 33.34
N SER B 133 43.65 2.77 33.25
CA SER B 133 43.34 1.72 32.28
C SER B 133 42.33 0.66 32.83
N GLY B 134 41.87 0.83 34.08
CA GLY B 134 40.94 -0.09 34.71
C GLY B 134 39.49 0.09 34.28
N PRO B 135 38.65 -0.91 34.58
CA PRO B 135 37.24 -0.84 34.18
C PRO B 135 36.33 -0.04 35.10
N GLY B 136 36.77 0.23 36.33
CA GLY B 136 35.96 0.96 37.29
C GLY B 136 36.79 1.64 38.38
N LEU B 137 36.25 1.71 39.60
CA LEU B 137 36.91 2.40 40.71
C LEU B 137 38.28 1.82 41.08
N SER B 138 39.32 2.65 40.92
CA SER B 138 40.69 2.26 41.23
C SER B 138 40.95 2.22 42.75
N GLU B 139 42.01 1.51 43.17
CA GLU B 139 42.37 1.42 44.58
C GLU B 139 42.82 2.77 45.12
N GLN B 140 43.50 3.59 44.30
CA GLN B 140 43.92 4.92 44.74
C GLN B 140 42.69 5.80 44.98
N ASP B 141 41.68 5.71 44.11
CA ASP B 141 40.44 6.48 44.29
C ASP B 141 39.72 6.07 45.57
N VAL B 142 39.72 4.78 45.93
CA VAL B 142 39.11 4.33 47.18
C VAL B 142 39.78 5.00 48.39
N ARG B 143 41.12 5.08 48.39
CA ARG B 143 41.86 5.71 49.47
C ARG B 143 41.68 7.23 49.49
N ASP B 144 41.65 7.86 48.31
CA ASP B 144 41.46 9.31 48.22
C ASP B 144 40.05 9.71 48.64
N LEU B 145 39.05 8.92 48.29
CA LEU B 145 37.67 9.18 48.69
C LEU B 145 37.51 9.04 50.21
N ARG B 146 38.20 8.06 50.81
CA ARG B 146 38.17 7.90 52.26
C ARG B 146 38.85 9.10 52.94
N PHE B 147 39.93 9.63 52.34
CA PHE B 147 40.61 10.84 52.82
C PHE B 147 39.61 12.01 52.79
N GLY B 148 38.86 12.14 51.69
CA GLY B 148 37.86 13.18 51.53
C GLY B 148 36.81 13.18 52.63
N VAL B 149 36.27 12.00 52.95
CA VAL B 149 35.29 11.87 54.01
C VAL B 149 35.90 12.25 55.37
N GLU B 150 37.11 11.75 55.65
CA GLU B 150 37.80 12.05 56.91
C GLU B 150 38.14 13.53 57.06
N HIS B 151 38.39 14.22 55.94
CA HIS B 151 38.70 15.65 55.99
C HIS B 151 37.49 16.57 55.72
N GLY B 152 36.29 16.01 55.67
CA GLY B 152 35.06 16.76 55.50
C GLY B 152 34.88 17.54 54.22
N VAL B 153 35.31 16.98 53.08
CA VAL B 153 35.10 17.66 51.79
C VAL B 153 33.61 17.76 51.48
N ASP B 154 33.21 18.79 50.72
CA ASP B 154 31.81 19.00 50.40
C ASP B 154 31.36 18.33 49.12
N ILE B 155 32.27 18.23 48.15
CA ILE B 155 31.96 17.74 46.81
C ILE B 155 33.04 16.82 46.29
N VAL B 156 32.67 15.87 45.45
CA VAL B 156 33.62 15.03 44.74
C VAL B 156 33.38 15.28 43.24
N PHE B 157 34.44 15.59 42.49
CA PHE B 157 34.39 15.68 41.03
C PHE B 157 34.95 14.32 40.60
N ALA B 158 34.08 13.38 40.23
CA ALA B 158 34.50 12.02 39.88
C ALA B 158 34.98 11.92 38.44
N SER B 159 36.27 11.64 38.24
CA SER B 159 36.86 11.55 36.91
C SER B 159 36.40 10.35 36.10
N PHE B 160 36.33 10.54 34.78
CA PHE B 160 36.00 9.54 33.77
C PHE B 160 34.77 8.69 34.12
N VAL B 161 33.64 9.34 34.43
CA VAL B 161 32.41 8.59 34.68
C VAL B 161 31.85 8.13 33.34
N ARG B 162 31.68 6.81 33.19
CA ARG B 162 31.21 6.22 31.92
C ARG B 162 29.83 5.57 31.97
N LYS B 163 29.31 5.33 33.17
CA LYS B 163 28.02 4.66 33.35
C LYS B 163 27.52 4.86 34.78
N ALA B 164 26.24 4.55 35.03
CA ALA B 164 25.63 4.71 36.34
C ALA B 164 26.35 3.93 37.46
N SER B 165 26.86 2.73 37.16
CA SER B 165 27.56 1.93 38.18
C SER B 165 28.86 2.58 38.66
N ASP B 166 29.46 3.46 37.86
CA ASP B 166 30.67 4.16 38.27
C ASP B 166 30.34 5.12 39.42
N VAL B 167 29.19 5.81 39.33
CA VAL B 167 28.82 6.76 40.38
C VAL B 167 28.41 5.96 41.64
N ALA B 168 27.73 4.79 41.48
CA ALA B 168 27.36 3.95 42.63
C ALA B 168 28.61 3.49 43.38
N ALA B 169 29.70 3.17 42.65
CA ALA B 169 30.97 2.77 43.26
C ALA B 169 31.59 3.92 44.05
N VAL B 170 31.52 5.16 43.52
CA VAL B 170 32.03 6.34 44.23
C VAL B 170 31.24 6.55 45.51
N ARG B 171 29.91 6.44 45.42
CA ARG B 171 29.01 6.61 46.54
CA ARG B 171 29.00 6.60 46.55
C ARG B 171 29.31 5.57 47.64
N ALA B 172 29.53 4.30 47.25
CA ALA B 172 29.86 3.23 48.19
C ALA B 172 31.20 3.50 48.88
N ALA B 173 32.20 4.00 48.13
CA ALA B 173 33.51 4.32 48.67
C ALA B 173 33.49 5.48 49.67
N LEU B 174 32.47 6.36 49.58
CA LEU B 174 32.33 7.45 50.55
C LEU B 174 31.81 6.94 51.93
N GLY B 175 31.29 5.71 51.96
CA GLY B 175 30.80 5.07 53.18
C GLY B 175 29.54 5.68 53.75
N PRO B 176 29.13 5.20 54.94
CA PRO B 176 27.92 5.73 55.57
C PRO B 176 28.09 7.16 56.10
N GLU B 177 29.33 7.58 56.42
CA GLU B 177 29.57 8.95 56.91
C GLU B 177 29.68 10.02 55.81
N GLY B 178 29.71 9.61 54.55
CA GLY B 178 29.83 10.55 53.43
C GLY B 178 28.58 10.66 52.58
N HIS B 179 27.41 10.37 53.16
CA HIS B 179 26.14 10.42 52.45
C HIS B 179 25.76 11.84 51.98
N GLY B 180 26.22 12.87 52.71
CA GLY B 180 25.91 14.25 52.40
C GLY B 180 26.79 14.91 51.37
N ILE B 181 27.89 14.23 50.97
CA ILE B 181 28.81 14.75 49.96
C ILE B 181 28.18 14.72 48.57
N LYS B 182 28.26 15.83 47.82
CA LYS B 182 27.69 15.89 46.47
C LYS B 182 28.63 15.22 45.47
N ILE B 183 28.09 14.39 44.58
CA ILE B 183 28.90 13.76 43.54
C ILE B 183 28.62 14.43 42.19
N ILE B 184 29.63 15.09 41.64
CA ILE B 184 29.55 15.73 40.32
C ILE B 184 30.32 14.83 39.36
N SER B 185 29.61 14.18 38.44
CA SER B 185 30.26 13.26 37.50
C SER B 185 30.94 14.02 36.35
N LYS B 186 32.24 13.74 36.13
CA LYS B 186 32.98 14.34 35.02
C LYS B 186 32.76 13.50 33.76
N ILE B 187 32.24 14.12 32.68
CA ILE B 187 32.03 13.45 31.40
C ILE B 187 33.24 13.79 30.55
N GLU B 188 34.06 12.79 30.24
CA GLU B 188 35.35 13.00 29.59
C GLU B 188 35.58 12.16 28.33
N ASN B 189 34.62 11.34 27.92
CA ASN B 189 34.82 10.49 26.75
C ASN B 189 33.50 10.18 26.02
N HIS B 190 33.58 9.49 24.87
CA HIS B 190 32.40 9.16 24.08
C HIS B 190 31.36 8.37 24.86
N GLU B 191 31.81 7.36 25.64
CA GLU B 191 30.86 6.56 26.42
C GLU B 191 30.07 7.37 27.44
N GLY B 192 30.75 8.28 28.13
CA GLY B 192 30.09 9.17 29.09
C GLY B 192 29.03 10.03 28.44
N VAL B 193 29.30 10.52 27.21
CA VAL B 193 28.33 11.33 26.47
C VAL B 193 27.12 10.47 26.05
N LYS B 194 27.38 9.26 25.51
CA LYS B 194 26.30 8.38 25.07
C LYS B 194 25.44 7.86 26.21
N ARG B 195 26.04 7.62 27.37
CA ARG B 195 25.29 7.15 28.55
C ARG B 195 24.97 8.29 29.51
N PHE B 196 24.95 9.54 29.01
CA PHE B 196 24.71 10.72 29.81
C PHE B 196 23.44 10.65 30.67
N ASP B 197 22.30 10.27 30.08
CA ASP B 197 21.04 10.25 30.82
C ASP B 197 21.07 9.36 32.05
N GLU B 198 21.65 8.16 31.94
CA GLU B 198 21.73 7.26 33.10
C GLU B 198 22.70 7.78 34.15
N ILE B 199 23.77 8.48 33.73
CA ILE B 199 24.75 9.05 34.65
C ILE B 199 24.13 10.23 35.41
N LEU B 200 23.46 11.14 34.69
CA LEU B 200 22.84 12.32 35.32
C LEU B 200 21.79 11.91 36.35
N GLU B 201 21.00 10.89 36.02
CA GLU B 201 19.94 10.38 36.90
C GLU B 201 20.43 10.06 38.31
N VAL B 202 21.62 9.46 38.43
CA VAL B 202 22.17 9.08 39.73
C VAL B 202 23.23 10.04 40.29
N SER B 203 23.57 11.10 39.56
CA SER B 203 24.58 12.06 40.04
C SER B 203 23.89 13.30 40.61
N ASP B 204 24.62 14.07 41.43
CA ASP B 204 24.10 15.35 41.92
C ASP B 204 24.25 16.46 40.83
N GLY B 205 25.18 16.27 39.91
CA GLY B 205 25.46 17.20 38.83
C GLY B 205 26.53 16.68 37.89
N ILE B 206 26.94 17.51 36.93
CA ILE B 206 27.89 17.10 35.91
C ILE B 206 28.98 18.13 35.69
N MET B 207 30.17 17.67 35.29
CA MET B 207 31.24 18.56 34.85
C MET B 207 31.54 18.21 33.40
N VAL B 208 31.56 19.21 32.52
CA VAL B 208 31.94 19.03 31.12
C VAL B 208 33.47 19.19 31.15
N ALA B 209 34.18 18.05 31.24
CA ALA B 209 35.64 18.03 31.39
C ALA B 209 36.23 18.08 30.00
N ARG B 210 36.35 19.30 29.45
CA ARG B 210 36.71 19.50 28.06
C ARG B 210 38.13 19.08 27.66
N GLY B 211 39.06 19.05 28.61
CA GLY B 211 40.44 18.62 28.33
C GLY B 211 40.51 17.23 27.74
N ASP B 212 40.09 16.22 28.52
CA ASP B 212 40.05 14.84 28.05
C ASP B 212 39.00 14.65 26.99
N LEU B 213 37.84 15.32 27.10
CA LEU B 213 36.78 15.17 26.10
C LEU B 213 37.27 15.56 24.69
N GLY B 214 38.08 16.62 24.61
CA GLY B 214 38.66 17.12 23.36
C GLY B 214 39.72 16.24 22.73
N ILE B 215 40.18 15.23 23.47
CA ILE B 215 41.15 14.24 22.98
C ILE B 215 40.43 12.90 22.70
N GLU B 216 39.35 12.61 23.45
CA GLU B 216 38.57 11.37 23.29
C GLU B 216 37.61 11.44 22.10
N ILE B 217 37.07 12.64 21.81
CA ILE B 217 36.20 12.82 20.64
C ILE B 217 36.84 13.93 19.75
N PRO B 218 36.43 14.08 18.48
CA PRO B 218 37.00 15.16 17.64
C PRO B 218 36.87 16.53 18.31
N ALA B 219 37.95 17.32 18.30
CA ALA B 219 37.98 18.64 18.94
C ALA B 219 36.83 19.55 18.48
N GLU B 220 36.45 19.43 17.21
CA GLU B 220 35.39 20.23 16.62
C GLU B 220 33.98 19.82 17.08
N LYS B 221 33.84 18.75 17.86
CA LYS B 221 32.54 18.30 18.36
C LYS B 221 32.32 18.63 19.84
N VAL B 222 33.36 19.07 20.58
CA VAL B 222 33.25 19.35 22.02
C VAL B 222 32.14 20.35 22.32
N PHE B 223 32.00 21.42 21.51
CA PHE B 223 30.96 22.42 21.77
C PHE B 223 29.54 21.80 21.74
N LEU B 224 29.32 20.78 20.89
CA LEU B 224 28.01 20.12 20.80
C LEU B 224 27.74 19.36 22.09
N ALA B 225 28.75 18.64 22.60
CA ALA B 225 28.64 17.89 23.86
C ALA B 225 28.43 18.84 25.02
N GLN B 226 29.16 19.96 25.04
CA GLN B 226 29.01 20.96 26.11
C GLN B 226 27.58 21.53 26.11
N LYS B 227 27.10 22.01 24.96
CA LYS B 227 25.76 22.61 24.87
C LYS B 227 24.64 21.63 25.19
N MET B 228 24.77 20.37 24.73
CA MET B 228 23.79 19.32 25.03
C MET B 228 23.74 19.01 26.53
N MET B 229 24.91 18.82 27.16
CA MET B 229 24.96 18.47 28.59
C MET B 229 24.46 19.60 29.47
N ILE B 230 24.79 20.84 29.11
CA ILE B 230 24.29 21.98 29.88
C ILE B 230 22.76 22.07 29.75
N GLY B 231 22.24 21.90 28.53
CA GLY B 231 20.79 21.93 28.29
C GLY B 231 20.07 20.84 29.07
N ARG B 232 20.61 19.61 29.05
CA ARG B 232 19.99 18.50 29.80
C ARG B 232 20.04 18.71 31.31
N CYS B 233 21.14 19.27 31.83
CA CYS B 233 21.25 19.56 33.27
C CYS B 233 20.29 20.67 33.65
N ASN B 234 20.16 21.70 32.82
CA ASN B 234 19.20 22.79 33.07
C ASN B 234 17.76 22.22 33.08
N LEU B 235 17.45 21.32 32.15
CA LEU B 235 16.14 20.69 32.10
C LEU B 235 15.89 19.87 33.38
N ALA B 236 16.90 19.13 33.87
CA ALA B 236 16.81 18.33 35.10
C ALA B 236 16.88 19.15 36.39
N GLY B 237 17.31 20.41 36.31
CA GLY B 237 17.48 21.24 37.49
C GLY B 237 18.66 20.81 38.36
N LYS B 238 19.71 20.26 37.73
CA LYS B 238 20.92 19.82 38.43
C LYS B 238 22.14 20.63 38.00
N PRO B 239 23.06 20.95 38.92
CA PRO B 239 24.22 21.77 38.56
C PRO B 239 25.13 21.21 37.47
N VAL B 240 25.64 22.12 36.63
CA VAL B 240 26.56 21.74 35.58
C VAL B 240 27.75 22.71 35.59
N VAL B 241 28.95 22.16 35.50
CA VAL B 241 30.20 22.94 35.52
C VAL B 241 30.84 22.92 34.13
N CYS B 242 31.31 24.07 33.66
CA CYS B 242 32.09 24.11 32.42
C CYS B 242 33.55 24.22 32.85
N ALA B 243 34.41 23.36 32.32
CA ALA B 243 35.79 23.32 32.76
C ALA B 243 36.81 23.22 31.64
N THR B 244 38.06 23.67 31.95
CA THR B 244 39.32 23.47 31.24
C THR B 244 39.60 24.43 30.09
N GLN B 245 40.74 25.13 30.22
CA GLN B 245 41.32 26.07 29.26
C GLN B 245 40.45 27.28 28.99
N MET B 246 39.58 27.64 29.93
CA MET B 246 38.71 28.80 29.76
C MET B 246 39.51 30.10 29.64
N LEU B 247 40.57 30.27 30.46
CA LEU B 247 41.42 31.45 30.40
C LEU B 247 42.90 31.01 30.35
N GLU B 248 43.20 29.92 29.62
CA GLU B 248 44.50 29.28 29.54
C GLU B 248 45.71 30.22 29.40
N SER B 249 45.67 31.20 28.47
CA SER B 249 46.79 32.11 28.27
C SER B 249 47.12 32.96 29.52
N MET B 250 46.17 33.08 30.46
CA MET B 250 46.37 33.83 31.70
C MET B 250 47.33 33.12 32.69
N ILE B 251 47.81 31.91 32.34
CA ILE B 251 48.83 31.21 33.12
C ILE B 251 50.13 32.06 33.07
N THR B 252 50.42 32.71 31.92
CA THR B 252 51.62 33.54 31.77
C THR B 252 51.33 35.01 31.45
N LYS B 253 50.13 35.34 30.94
CA LYS B 253 49.82 36.70 30.57
C LYS B 253 48.82 37.38 31.51
N PRO B 254 48.94 38.71 31.74
CA PRO B 254 47.99 39.37 32.65
C PRO B 254 46.59 39.54 32.08
N ARG B 255 46.44 39.44 30.72
CA ARG B 255 45.16 39.58 30.03
C ARG B 255 44.90 38.35 29.13
N PRO B 256 43.64 37.90 29.05
CA PRO B 256 43.34 36.71 28.23
C PRO B 256 43.18 37.02 26.73
N THR B 257 43.04 35.97 25.91
CA THR B 257 42.79 36.19 24.48
C THR B 257 41.30 36.52 24.22
N ARG B 258 40.97 36.95 22.99
CA ARG B 258 39.57 37.25 22.64
C ARG B 258 38.71 35.99 22.64
N ALA B 259 39.31 34.83 22.30
CA ALA B 259 38.58 33.56 22.30
C ALA B 259 38.26 33.11 23.73
N GLU B 260 39.18 33.38 24.67
CA GLU B 260 39.00 33.00 26.08
C GLU B 260 37.90 33.79 26.76
N THR B 261 37.83 35.11 26.55
CA THR B 261 36.72 35.89 27.16
C THR B 261 35.39 35.45 26.56
N SER B 262 35.38 35.17 25.24
CA SER B 262 34.19 34.69 24.55
C SER B 262 33.74 33.34 25.15
N ASP B 263 34.68 32.42 25.39
CA ASP B 263 34.40 31.09 25.93
C ASP B 263 33.73 31.18 27.31
N VAL B 264 34.23 32.05 28.18
CA VAL B 264 33.65 32.23 29.51
C VAL B 264 32.23 32.80 29.39
N ALA B 265 32.05 33.85 28.57
CA ALA B 265 30.73 34.45 28.39
C ALA B 265 29.73 33.42 27.82
N ASN B 266 30.16 32.65 26.83
CA ASN B 266 29.29 31.67 26.19
C ASN B 266 28.97 30.49 27.09
N ALA B 267 29.86 30.13 28.04
CA ALA B 267 29.53 29.04 28.99
C ALA B 267 28.35 29.52 29.89
N VAL B 268 28.40 30.78 30.33
CA VAL B 268 27.31 31.35 31.14
C VAL B 268 26.03 31.42 30.31
N LEU B 269 26.12 31.93 29.06
CA LEU B 269 24.93 32.03 28.20
C LEU B 269 24.36 30.66 27.82
N ASP B 270 25.20 29.63 27.76
CA ASP B 270 24.75 28.25 27.49
C ASP B 270 23.86 27.75 28.65
N GLY B 271 24.16 28.19 29.87
CA GLY B 271 23.43 27.82 31.07
C GLY B 271 24.25 27.18 32.18
N ALA B 272 25.59 27.28 32.11
CA ALA B 272 26.45 26.67 33.14
C ALA B 272 26.21 27.28 34.52
N ASP B 273 26.12 26.43 35.55
CA ASP B 273 25.99 26.93 36.93
C ASP B 273 27.33 27.40 37.46
N CYS B 274 28.43 26.71 37.10
CA CYS B 274 29.79 27.03 37.55
C CYS B 274 30.74 27.08 36.39
N ILE B 275 31.81 27.87 36.55
CA ILE B 275 32.93 27.96 35.60
C ILE B 275 34.19 27.65 36.40
N MET B 276 35.21 27.08 35.74
CA MET B 276 36.38 26.61 36.45
C MET B 276 37.70 27.15 35.91
N LEU B 277 38.70 27.21 36.81
CA LEU B 277 40.08 27.58 36.51
C LEU B 277 40.95 26.41 36.99
N SER B 278 41.89 25.96 36.15
CA SER B 278 42.78 24.86 36.49
C SER B 278 44.23 25.41 36.66
N GLY B 279 45.07 25.32 35.63
CA GLY B 279 46.42 25.86 35.67
C GLY B 279 46.46 27.35 35.94
N GLU B 280 45.40 28.07 35.51
CA GLU B 280 45.30 29.52 35.71
C GLU B 280 45.45 29.92 37.18
N THR B 281 44.93 29.09 38.10
CA THR B 281 45.04 29.39 39.53
C THR B 281 46.01 28.44 40.25
N ALA B 282 46.16 27.21 39.77
CA ALA B 282 47.02 26.23 40.41
C ALA B 282 48.51 26.56 40.27
N LYS B 283 48.96 26.98 39.08
CA LYS B 283 50.38 27.21 38.85
C LYS B 283 50.75 28.51 38.15
N GLY B 284 49.77 29.25 37.65
CA GLY B 284 50.03 30.46 36.88
C GLY B 284 50.56 31.66 37.65
N ASN B 285 50.97 32.67 36.92
CA ASN B 285 51.51 33.90 37.51
C ASN B 285 50.48 34.93 37.89
N PHE B 286 49.20 34.72 37.50
CA PHE B 286 48.16 35.68 37.80
C PHE B 286 46.91 34.98 38.36
N PRO B 287 47.01 34.17 39.45
CA PRO B 287 45.81 33.46 39.94
C PRO B 287 44.67 34.39 40.37
N VAL B 288 44.99 35.47 41.07
CA VAL B 288 43.97 36.40 41.54
C VAL B 288 43.33 37.12 40.35
N GLU B 289 44.14 37.53 39.37
CA GLU B 289 43.66 38.22 38.18
C GLU B 289 42.77 37.32 37.31
N ALA B 290 43.03 36.01 37.28
CA ALA B 290 42.23 35.04 36.54
C ALA B 290 40.83 34.92 37.17
N VAL B 291 40.77 34.91 38.52
CA VAL B 291 39.51 34.87 39.24
C VAL B 291 38.75 36.18 38.99
N LYS B 292 39.45 37.33 39.04
CA LYS B 292 38.81 38.63 38.79
C LYS B 292 38.25 38.70 37.37
N MET B 293 38.94 38.12 36.39
CA MET B 293 38.51 38.12 34.99
C MET B 293 37.26 37.26 34.82
N GLN B 294 37.21 36.05 35.40
CA GLN B 294 36.00 35.22 35.33
C GLN B 294 34.84 35.92 36.01
N HIS B 295 35.08 36.61 37.14
CA HIS B 295 34.03 37.35 37.85
C HIS B 295 33.46 38.46 36.94
N ALA B 296 34.35 39.26 36.33
CA ALA B 296 33.93 40.37 35.47
C ALA B 296 33.14 39.90 34.25
N ILE B 297 33.60 38.84 33.58
CA ILE B 297 32.90 38.33 32.39
C ILE B 297 31.56 37.71 32.78
N ALA B 298 31.54 36.88 33.84
CA ALA B 298 30.29 36.25 34.28
C ALA B 298 29.21 37.26 34.61
N ARG B 299 29.54 38.37 35.31
CA ARG B 299 28.54 39.43 35.60
C ARG B 299 27.97 40.06 34.32
N GLU B 300 28.82 40.28 33.32
CA GLU B 300 28.34 40.85 32.07
C GLU B 300 27.45 39.85 31.33
N ALA B 301 27.84 38.58 31.30
CA ALA B 301 27.09 37.56 30.57
C ALA B 301 25.76 37.22 31.24
N GLU B 302 25.71 37.25 32.58
CA GLU B 302 24.48 37.00 33.31
C GLU B 302 23.42 38.05 33.00
N ALA B 303 23.83 39.32 32.88
CA ALA B 303 22.90 40.38 32.54
C ALA B 303 22.38 40.23 31.09
N ALA B 304 23.19 39.64 30.19
CA ALA B 304 22.85 39.43 28.78
C ALA B 304 21.98 38.20 28.52
N VAL B 305 21.64 37.42 29.56
CA VAL B 305 20.77 36.25 29.43
C VAL B 305 19.37 36.73 28.98
N TYR B 306 18.74 36.04 28.02
CA TYR B 306 17.42 36.43 27.53
C TYR B 306 16.38 35.70 28.37
N HIS B 307 16.14 36.21 29.59
CA HIS B 307 15.20 35.59 30.55
C HIS B 307 13.80 35.39 30.00
N ARG B 308 13.31 36.29 29.14
CA ARG B 308 11.96 36.17 28.57
C ARG B 308 11.72 34.81 27.92
N GLN B 309 12.64 34.35 27.05
CA GLN B 309 12.47 33.05 26.42
C GLN B 309 12.95 31.93 27.31
N LEU B 310 14.05 32.13 28.03
CA LEU B 310 14.58 31.11 28.92
C LEU B 310 13.54 30.68 29.98
N PHE B 311 12.93 31.63 30.69
CA PHE B 311 11.93 31.32 31.70
C PHE B 311 10.72 30.62 31.08
N GLU B 312 10.25 31.10 29.92
CA GLU B 312 9.12 30.51 29.20
C GLU B 312 9.41 29.05 28.83
N GLU B 313 10.63 28.77 28.33
CA GLU B 313 10.99 27.41 27.96
C GLU B 313 11.21 26.50 29.15
N LEU B 314 11.82 26.99 30.23
CA LEU B 314 12.03 26.18 31.45
C LEU B 314 10.67 25.82 32.04
N ARG B 315 9.77 26.79 32.10
CA ARG B 315 8.42 26.63 32.60
C ARG B 315 7.63 25.61 31.75
N ARG B 316 7.68 25.72 30.42
CA ARG B 316 6.97 24.83 29.52
C ARG B 316 7.56 23.40 29.48
N ALA B 317 8.89 23.27 29.62
CA ALA B 317 9.53 21.96 29.57
C ALA B 317 9.43 21.20 30.88
N ALA B 318 9.39 21.92 32.02
CA ALA B 318 9.32 21.28 33.33
C ALA B 318 7.95 20.63 33.45
N PRO B 319 7.90 19.33 33.79
CA PRO B 319 6.59 18.67 33.89
C PRO B 319 5.74 19.26 35.00
N LEU B 320 4.41 19.03 34.96
CA LEU B 320 3.52 19.46 36.03
C LEU B 320 3.96 18.77 37.33
N SER B 321 3.86 19.49 38.46
CA SER B 321 4.34 18.93 39.71
C SER B 321 3.37 19.09 40.81
N ARG B 322 3.27 18.07 41.65
CA ARG B 322 2.45 18.15 42.84
C ARG B 322 3.34 18.31 44.10
N ASP B 323 4.65 18.58 43.94
CA ASP B 323 5.54 18.80 45.06
C ASP B 323 5.42 20.26 45.46
N PRO B 324 4.99 20.55 46.70
CA PRO B 324 4.80 21.96 47.09
C PRO B 324 6.06 22.83 47.02
N THR B 325 7.27 22.26 47.20
CA THR B 325 8.50 23.06 47.09
C THR B 325 8.68 23.54 45.65
N GLU B 326 8.45 22.64 44.69
CA GLU B 326 8.54 22.93 43.26
C GLU B 326 7.47 23.96 42.87
N VAL B 327 6.23 23.80 43.35
CA VAL B 327 5.14 24.71 43.05
C VAL B 327 5.40 26.10 43.63
N THR B 328 5.90 26.17 44.87
CA THR B 328 6.22 27.44 45.50
C THR B 328 7.37 28.13 44.76
N ALA B 329 8.38 27.35 44.33
CA ALA B 329 9.53 27.91 43.62
C ALA B 329 9.13 28.64 42.34
N ILE B 330 8.26 28.04 41.50
CA ILE B 330 7.86 28.70 40.25
C ILE B 330 7.00 29.93 40.52
N GLY B 331 6.14 29.87 41.54
CA GLY B 331 5.34 31.03 41.92
C GLY B 331 6.22 32.19 42.40
N ALA B 332 7.27 31.87 43.18
CA ALA B 332 8.20 32.87 43.71
C ALA B 332 9.03 33.53 42.60
N VAL B 333 9.49 32.73 41.63
CA VAL B 333 10.28 33.29 40.51
C VAL B 333 9.39 34.16 39.62
N GLU B 334 8.14 33.75 39.40
CA GLU B 334 7.18 34.53 38.62
C GLU B 334 6.91 35.86 39.33
N ALA B 335 6.73 35.82 40.65
CA ALA B 335 6.48 37.02 41.44
C ALA B 335 7.70 37.97 41.38
N ALA B 336 8.91 37.40 41.47
CA ALA B 336 10.13 38.20 41.43
C ALA B 336 10.25 38.96 40.08
N PHE B 337 9.94 38.28 38.95
CA PHE B 337 10.00 38.92 37.64
C PHE B 337 8.95 40.03 37.52
N LYS B 338 7.75 39.82 38.11
CA LYS B 338 6.66 40.78 38.04
C LYS B 338 7.00 42.14 38.65
N CYS B 339 7.76 42.14 39.74
CA CYS B 339 8.09 43.39 40.44
C CYS B 339 9.52 43.81 40.35
N CYS B 340 10.36 43.13 39.53
CA CYS B 340 11.80 43.40 39.45
C CYS B 340 12.41 43.26 40.84
N ALA B 341 12.01 42.21 41.58
CA ALA B 341 12.49 42.00 42.94
C ALA B 341 14.00 41.96 42.99
N ALA B 342 14.53 42.56 44.03
CA ALA B 342 15.97 42.61 44.23
C ALA B 342 16.53 41.23 44.60
N ALA B 343 15.77 40.47 45.41
CA ALA B 343 16.21 39.18 45.89
C ALA B 343 15.02 38.28 46.27
N ILE B 344 15.25 36.97 46.36
CA ILE B 344 14.31 35.98 46.85
C ILE B 344 15.02 35.38 48.09
N ILE B 345 14.47 35.59 49.29
CA ILE B 345 15.09 35.05 50.51
C ILE B 345 14.43 33.72 50.81
N VAL B 346 15.21 32.67 50.93
CA VAL B 346 14.67 31.33 51.18
C VAL B 346 15.33 30.67 52.39
N LEU B 347 14.52 30.00 53.23
CA LEU B 347 15.06 29.25 54.37
C LEU B 347 15.26 27.82 53.87
N THR B 348 16.44 27.23 54.15
CA THR B 348 16.72 25.88 53.66
C THR B 348 17.63 25.12 54.59
N THR B 349 17.37 23.81 54.76
CA THR B 349 18.17 22.96 55.63
C THR B 349 19.24 22.26 54.80
N THR B 350 18.84 21.68 53.65
CA THR B 350 19.73 20.93 52.77
C THR B 350 20.21 21.71 51.53
N GLY B 351 19.57 22.83 51.24
CA GLY B 351 19.82 23.62 50.04
C GLY B 351 18.79 23.38 48.95
N ARG B 352 17.96 22.31 49.06
CA ARG B 352 16.99 21.91 48.04
C ARG B 352 15.99 23.02 47.64
N SER B 353 15.41 23.76 48.60
CA SER B 353 14.45 24.82 48.24
C SER B 353 15.15 25.92 47.41
N ALA B 354 16.43 26.21 47.70
CA ALA B 354 17.20 27.21 46.93
C ALA B 354 17.53 26.67 45.54
N GLN B 355 17.85 25.36 45.43
CA GLN B 355 18.14 24.72 44.15
C GLN B 355 16.90 24.77 43.22
N LEU B 356 15.69 24.57 43.79
CA LEU B 356 14.48 24.60 42.98
C LEU B 356 14.12 26.01 42.49
N LEU B 357 14.56 27.05 43.22
CA LEU B 357 14.38 28.42 42.76
C LEU B 357 15.40 28.68 41.63
N SER B 358 16.66 28.28 41.86
CA SER B 358 17.76 28.44 40.90
C SER B 358 17.48 27.80 39.52
N ARG B 359 16.77 26.66 39.47
CA ARG B 359 16.46 25.97 38.21
C ARG B 359 15.62 26.81 37.24
N TYR B 360 14.85 27.79 37.75
CA TYR B 360 14.05 28.68 36.89
C TYR B 360 14.78 29.94 36.44
N ARG B 361 16.06 30.08 36.83
CA ARG B 361 16.95 31.15 36.45
C ARG B 361 16.37 32.54 36.70
N PRO B 362 15.99 32.86 37.95
CA PRO B 362 15.50 34.22 38.22
C PRO B 362 16.63 35.22 38.05
N ARG B 363 16.27 36.45 37.69
CA ARG B 363 17.25 37.52 37.66
C ARG B 363 17.58 37.94 39.15
N ALA B 364 16.60 37.84 40.04
CA ALA B 364 16.75 38.14 41.47
C ALA B 364 17.72 37.16 42.11
N ALA B 365 18.60 37.68 42.99
CA ALA B 365 19.55 36.86 43.75
C ALA B 365 18.75 35.96 44.70
N VAL B 366 19.14 34.70 44.86
CA VAL B 366 18.48 33.80 45.81
C VAL B 366 19.35 33.78 47.08
N ILE B 367 18.90 34.47 48.12
CA ILE B 367 19.63 34.54 49.38
C ILE B 367 19.15 33.37 50.25
N ALA B 368 20.01 32.36 50.42
CA ALA B 368 19.62 31.16 51.16
C ALA B 368 20.11 31.20 52.60
N VAL B 369 19.17 31.25 53.57
CA VAL B 369 19.50 31.29 54.99
C VAL B 369 19.46 29.86 55.54
N THR B 370 20.60 29.37 56.02
CA THR B 370 20.70 28.00 56.52
C THR B 370 21.53 27.92 57.79
N ARG B 371 21.24 26.94 58.65
CA ARG B 371 22.06 26.66 59.83
C ARG B 371 23.17 25.63 59.47
N SER B 372 23.01 24.90 58.33
CA SER B 372 24.00 23.90 57.92
C SER B 372 25.21 24.54 57.24
N ALA B 373 26.39 24.45 57.87
CA ALA B 373 27.63 24.97 57.28
C ALA B 373 27.96 24.24 55.97
N GLN B 374 27.70 22.93 55.92
CA GLN B 374 27.94 22.16 54.71
C GLN B 374 26.99 22.55 53.58
N ALA B 375 25.68 22.72 53.87
CA ALA B 375 24.73 23.14 52.83
C ALA B 375 25.09 24.53 52.31
N ALA B 376 25.57 25.43 53.20
CA ALA B 376 25.98 26.78 52.80
C ALA B 376 27.14 26.71 51.80
N ARG B 377 28.07 25.77 51.98
CA ARG B 377 29.18 25.59 51.05
C ARG B 377 28.69 24.94 49.74
N GLN B 378 27.88 23.88 49.84
CA GLN B 378 27.42 23.14 48.66
C GLN B 378 26.49 23.92 47.72
N VAL B 379 25.67 24.88 48.24
CA VAL B 379 24.75 25.59 47.35
C VAL B 379 25.45 26.49 46.34
N HIS B 380 26.77 26.72 46.49
CA HIS B 380 27.55 27.43 45.47
C HIS B 380 27.49 26.69 44.11
N LEU B 381 27.13 25.39 44.10
CA LEU B 381 26.98 24.65 42.85
C LEU B 381 25.79 25.15 42.00
N CYS B 382 24.80 25.80 42.62
CA CYS B 382 23.58 26.26 41.97
C CYS B 382 23.64 27.72 41.61
N ARG B 383 23.47 28.04 40.31
CA ARG B 383 23.56 29.43 39.90
C ARG B 383 22.64 30.39 40.64
N GLY B 384 23.20 31.50 41.10
CA GLY B 384 22.40 32.55 41.72
C GLY B 384 22.04 32.36 43.17
N VAL B 385 22.63 31.35 43.82
CA VAL B 385 22.35 31.12 45.24
C VAL B 385 23.49 31.70 46.08
N PHE B 386 23.14 32.61 47.00
CA PHE B 386 24.07 33.30 47.91
C PHE B 386 23.83 32.81 49.34
N PRO B 387 24.71 31.94 49.86
CA PRO B 387 24.50 31.39 51.20
C PRO B 387 24.77 32.34 52.37
N LEU B 388 23.88 32.33 53.36
CA LEU B 388 24.02 33.08 54.60
C LEU B 388 23.96 32.06 55.72
N LEU B 389 25.07 31.89 56.45
CA LEU B 389 25.10 30.93 57.54
C LEU B 389 24.55 31.59 58.81
N TYR B 390 23.44 31.05 59.34
CA TYR B 390 22.76 31.55 60.54
C TYR B 390 23.32 30.77 61.74
N ARG B 391 23.84 31.48 62.74
CA ARG B 391 24.48 30.82 63.89
C ARG B 391 23.70 30.89 65.20
N GLU B 392 22.63 31.68 65.28
CA GLU B 392 21.87 31.82 66.52
C GLU B 392 21.13 30.55 66.93
N PRO B 393 21.08 30.28 68.25
CA PRO B 393 20.34 29.09 68.72
C PRO B 393 18.84 29.26 68.52
N PRO B 394 18.11 28.14 68.36
CA PRO B 394 16.66 28.24 68.12
C PRO B 394 15.83 28.95 69.19
N GLU B 395 14.90 29.80 68.73
CA GLU B 395 13.94 30.49 69.58
C GLU B 395 12.96 29.45 70.14
N ALA B 396 12.33 29.75 71.30
CA ALA B 396 11.38 28.84 71.91
C ALA B 396 10.17 28.59 71.01
N ILE B 397 9.65 29.64 70.38
CA ILE B 397 8.52 29.50 69.47
C ILE B 397 9.04 29.40 68.04
N TRP B 398 8.77 28.28 67.36
CA TRP B 398 9.24 28.05 66.00
C TRP B 398 8.91 29.20 65.01
N ALA B 399 7.68 29.75 65.05
CA ALA B 399 7.30 30.85 64.18
C ALA B 399 8.20 32.09 64.36
N ASP B 400 8.63 32.35 65.61
CA ASP B 400 9.54 33.46 65.90
C ASP B 400 10.93 33.16 65.35
N ASP B 401 11.37 31.91 65.43
CA ASP B 401 12.68 31.50 64.91
C ASP B 401 12.74 31.69 63.39
N VAL B 402 11.63 31.36 62.68
CA VAL B 402 11.51 31.52 61.24
C VAL B 402 11.60 33.01 60.92
N ASP B 403 10.81 33.85 61.64
CA ASP B 403 10.83 35.28 61.43
C ASP B 403 12.19 35.90 61.66
N ARG B 404 12.93 35.43 62.68
CA ARG B 404 14.28 35.95 62.95
C ARG B 404 15.23 35.64 61.80
N ARG B 405 15.10 34.46 61.21
CA ARG B 405 15.95 34.08 60.09
C ARG B 405 15.64 34.89 58.83
N VAL B 406 14.36 35.19 58.59
CA VAL B 406 13.97 36.01 57.43
C VAL B 406 14.52 37.43 57.63
N GLN B 407 14.39 37.99 58.86
CA GLN B 407 14.90 39.32 59.18
C GLN B 407 16.42 39.37 59.08
N PHE B 408 17.12 38.27 59.43
CA PHE B 408 18.57 38.16 59.29
C PHE B 408 18.96 38.29 57.81
N GLY B 409 18.18 37.64 56.93
CA GLY B 409 18.41 37.71 55.49
C GLY B 409 18.21 39.11 54.97
N ILE B 410 17.15 39.80 55.46
CA ILE B 410 16.82 41.16 55.06
C ILE B 410 17.89 42.15 55.51
N GLU B 411 18.26 42.09 56.79
CA GLU B 411 19.28 42.98 57.35
C GLU B 411 20.63 42.76 56.72
N SER B 412 21.02 41.49 56.57
CA SER B 412 22.30 41.18 55.93
C SER B 412 22.28 41.65 54.45
N GLY B 413 21.14 41.46 53.79
CA GLY B 413 20.95 41.89 52.40
C GLY B 413 21.05 43.39 52.21
N LYS B 414 20.46 44.17 53.13
CA LYS B 414 20.48 45.63 53.08
C LYS B 414 21.90 46.13 53.31
N LEU B 415 22.56 45.59 54.34
CA LEU B 415 23.92 45.94 54.74
C LEU B 415 24.96 45.55 53.65
N ARG B 416 24.60 44.62 52.74
CA ARG B 416 25.47 44.15 51.66
C ARG B 416 25.13 44.75 50.28
N GLY B 417 24.18 45.68 50.20
CA GLY B 417 23.80 46.29 48.93
C GLY B 417 22.87 45.46 48.06
N PHE B 418 22.55 44.22 48.46
CA PHE B 418 21.61 43.39 47.71
C PHE B 418 20.21 44.00 47.77
N LEU B 419 19.85 44.57 48.93
CA LEU B 419 18.55 45.16 49.15
C LEU B 419 18.68 46.61 49.55
N ARG B 420 17.67 47.39 49.17
CA ARG B 420 17.61 48.80 49.50
C ARG B 420 16.22 49.13 50.00
N VAL B 421 16.07 50.20 50.82
CA VAL B 421 14.75 50.63 51.28
C VAL B 421 13.88 50.96 50.06
N GLY B 422 12.65 50.43 50.03
CA GLY B 422 11.75 50.62 48.91
C GLY B 422 11.69 49.41 47.98
N ASP B 423 12.70 48.52 48.05
CA ASP B 423 12.73 47.31 47.21
C ASP B 423 11.66 46.33 47.64
N LEU B 424 11.28 45.44 46.73
CA LEU B 424 10.40 44.35 47.06
C LEU B 424 11.26 43.11 47.10
N VAL B 425 11.00 42.27 48.07
CA VAL B 425 11.68 41.00 48.23
C VAL B 425 10.64 39.88 48.27
N ILE B 426 10.97 38.71 47.73
CA ILE B 426 10.07 37.56 47.78
C ILE B 426 10.65 36.65 48.85
N VAL B 427 9.83 36.19 49.82
CA VAL B 427 10.32 35.34 50.91
C VAL B 427 9.69 33.95 50.83
N VAL B 428 10.52 32.91 50.82
CA VAL B 428 10.09 31.53 50.69
C VAL B 428 10.38 30.72 51.97
N THR B 429 9.32 30.22 52.61
CA THR B 429 9.40 29.48 53.88
C THR B 429 8.49 28.22 53.83
N GLY B 430 8.43 27.45 54.93
CA GLY B 430 7.59 26.25 55.01
C GLY B 430 6.63 26.27 56.19
N TRP B 431 5.74 25.29 56.26
CA TRP B 431 4.69 25.27 57.29
C TRP B 431 5.08 24.52 58.58
N ARG B 432 6.19 23.78 58.57
CA ARG B 432 6.65 23.06 59.77
C ARG B 432 8.16 22.88 59.73
N PRO B 433 8.82 22.59 60.88
CA PRO B 433 10.27 22.39 60.85
C PRO B 433 10.68 21.15 60.07
N GLY B 434 11.95 21.09 59.71
CA GLY B 434 12.49 19.97 58.96
C GLY B 434 12.49 20.23 57.47
N SER B 435 13.39 19.57 56.75
CA SER B 435 13.50 19.67 55.30
C SER B 435 12.27 19.07 54.58
N GLY B 436 11.93 19.61 53.40
CA GLY B 436 10.85 19.08 52.58
C GLY B 436 9.48 19.70 52.70
N TYR B 437 9.31 20.74 53.53
CA TYR B 437 7.98 21.32 53.74
C TYR B 437 7.81 22.76 53.29
N THR B 438 8.69 23.25 52.38
CA THR B 438 8.54 24.60 51.83
C THR B 438 7.21 24.68 51.07
N ASN B 439 6.39 25.68 51.37
CA ASN B 439 5.09 25.83 50.71
C ASN B 439 4.55 27.26 50.74
N ILE B 440 5.34 28.24 51.18
CA ILE B 440 4.85 29.61 51.31
C ILE B 440 5.72 30.61 50.57
N MET B 441 5.08 31.57 49.89
CA MET B 441 5.77 32.65 49.24
CA MET B 441 5.72 32.67 49.18
C MET B 441 5.10 33.97 49.70
N ARG B 442 5.90 34.94 50.15
CA ARG B 442 5.39 36.21 50.62
C ARG B 442 6.06 37.38 49.90
N VAL B 443 5.31 38.44 49.65
CA VAL B 443 5.84 39.65 49.02
C VAL B 443 6.03 40.67 50.13
N LEU B 444 7.29 41.10 50.38
CA LEU B 444 7.57 42.06 51.45
CA LEU B 444 7.59 42.04 51.46
C LEU B 444 8.26 43.33 50.93
N SER B 445 7.83 44.50 51.45
CA SER B 445 8.43 45.77 51.07
C SER B 445 9.53 46.11 52.08
N ILE B 446 10.72 46.45 51.61
CA ILE B 446 11.85 46.75 52.49
C ILE B 446 11.72 48.15 53.11
N SER B 447 11.69 48.22 54.44
CA SER B 447 11.60 49.52 55.13
C SER B 447 12.90 49.89 55.84
N GLU C 21 4.94 55.49 -0.93
CA GLU C 21 4.67 54.44 -1.91
C GLU C 21 3.22 53.94 -1.83
N LEU C 22 2.75 53.61 -0.61
CA LEU C 22 1.37 53.16 -0.44
C LEU C 22 0.53 54.17 0.34
N GLY C 23 1.13 54.86 1.30
CA GLY C 23 0.46 55.88 2.09
C GLY C 23 -0.11 55.39 3.41
N THR C 24 -0.37 56.34 4.33
CA THR C 24 -0.94 56.02 5.63
C THR C 24 -2.40 55.56 5.53
N ALA C 25 -3.15 56.06 4.51
CA ALA C 25 -4.54 55.67 4.30
C ALA C 25 -4.65 54.17 4.03
N PHE C 26 -3.72 53.62 3.23
CA PHE C 26 -3.69 52.20 2.91
C PHE C 26 -3.57 51.35 4.18
N PHE C 27 -2.66 51.73 5.08
CA PHE C 27 -2.41 50.98 6.30
C PHE C 27 -3.45 51.19 7.42
N GLN C 28 -4.46 52.03 7.19
CA GLN C 28 -5.53 52.22 8.17
C GLN C 28 -6.78 51.36 7.81
N GLN C 29 -6.94 50.99 6.52
CA GLN C 29 -8.04 50.18 6.00
C GLN C 29 -7.81 48.69 6.26
N GLN C 30 -8.84 47.87 5.94
CA GLN C 30 -8.86 46.41 6.04
C GLN C 30 -8.22 45.84 7.33
N GLN C 31 -8.44 46.53 8.45
CA GLN C 31 -7.93 46.15 9.77
C GLN C 31 -6.41 45.92 9.78
N LEU C 32 -5.67 46.67 8.93
CA LEU C 32 -4.22 46.50 8.88
C LEU C 32 -3.53 46.81 10.22
N PRO C 33 -3.94 47.82 11.04
CA PRO C 33 -3.32 47.96 12.38
C PRO C 33 -3.48 46.68 13.22
N ALA C 34 -4.68 46.06 13.23
CA ALA C 34 -4.90 44.81 13.98
C ALA C 34 -4.11 43.65 13.37
N ALA C 35 -3.91 43.66 12.04
CA ALA C 35 -3.14 42.64 11.35
C ALA C 35 -1.66 42.67 11.72
N MET C 36 -1.12 43.84 12.03
CA MET C 36 0.31 43.97 12.38
C MET C 36 0.61 43.67 13.85
N ALA C 37 -0.41 43.42 14.69
CA ALA C 37 -0.20 43.18 16.10
C ALA C 37 0.67 41.96 16.40
N ASP C 38 1.46 42.04 17.48
CA ASP C 38 2.37 40.97 17.89
C ASP C 38 1.72 39.85 18.68
N THR C 39 0.52 40.08 19.25
CA THR C 39 -0.20 39.03 19.97
C THR C 39 -1.69 39.04 19.52
N PHE C 40 -2.40 37.93 19.75
CA PHE C 40 -3.82 37.89 19.42
C PHE C 40 -4.60 38.88 20.31
N LEU C 41 -4.21 39.02 21.58
CA LEU C 41 -4.86 39.98 22.48
C LEU C 41 -4.72 41.41 21.93
N GLU C 42 -3.52 41.81 21.48
CA GLU C 42 -3.32 43.14 20.92
C GLU C 42 -4.09 43.28 19.60
N HIS C 43 -4.17 42.20 18.80
CA HIS C 43 -4.97 42.15 17.56
C HIS C 43 -6.43 42.51 17.86
N LEU C 44 -7.04 41.88 18.91
CA LEU C 44 -8.40 42.20 19.30
C LEU C 44 -8.54 43.66 19.69
N CYS C 45 -7.61 44.16 20.54
CA CYS C 45 -7.64 45.55 21.03
C CYS C 45 -7.57 46.58 19.91
N LEU C 46 -6.97 46.23 18.76
CA LEU C 46 -6.81 47.14 17.63
C LEU C 46 -7.90 47.03 16.56
N LEU C 47 -8.89 46.12 16.72
CA LEU C 47 -9.98 46.01 15.74
C LEU C 47 -10.77 47.33 15.74
N ASP C 48 -11.06 47.85 14.55
CA ASP C 48 -11.66 49.17 14.41
C ASP C 48 -12.90 49.16 13.51
N ILE C 49 -14.05 49.58 14.05
CA ILE C 49 -15.29 49.65 13.27
C ILE C 49 -15.21 50.66 12.12
N ASP C 50 -14.28 51.64 12.19
CA ASP C 50 -14.09 52.63 11.13
C ASP C 50 -13.09 52.18 10.06
N SER C 51 -12.41 51.03 10.25
CA SER C 51 -11.46 50.52 9.27
C SER C 51 -12.25 49.71 8.22
N GLU C 52 -12.44 50.31 7.03
CA GLU C 52 -13.28 49.70 6.01
C GLU C 52 -12.62 48.57 5.24
N PRO C 53 -13.40 47.51 4.93
CA PRO C 53 -12.84 46.42 4.12
C PRO C 53 -12.59 46.89 2.69
N VAL C 54 -11.50 46.40 2.08
CA VAL C 54 -11.17 46.79 0.72
C VAL C 54 -11.17 45.57 -0.21
N ALA C 55 -10.71 44.42 0.28
CA ALA C 55 -10.64 43.21 -0.52
C ALA C 55 -12.02 42.67 -0.91
N ALA C 56 -12.06 41.94 -2.03
CA ALA C 56 -13.28 41.28 -2.49
C ALA C 56 -13.63 40.18 -1.44
N ARG C 57 -14.93 39.89 -1.29
CA ARG C 57 -15.40 38.89 -0.35
C ARG C 57 -14.91 37.48 -0.75
N SER C 58 -14.16 36.83 0.13
CA SER C 58 -13.54 35.53 -0.16
C SER C 58 -14.33 34.28 0.28
N THR C 59 -15.21 34.39 1.27
CA THR C 59 -15.99 33.23 1.74
C THR C 59 -17.21 33.09 0.83
N SER C 60 -17.34 31.97 0.11
CA SER C 60 -18.49 31.80 -0.79
C SER C 60 -19.81 31.64 -0.06
N ILE C 61 -20.87 32.11 -0.71
CA ILE C 61 -22.22 32.01 -0.17
C ILE C 61 -23.00 30.96 -0.95
N ILE C 62 -23.56 29.98 -0.21
CA ILE C 62 -24.41 28.96 -0.79
C ILE C 62 -25.85 29.34 -0.45
N ALA C 63 -26.71 29.50 -1.47
CA ALA C 63 -28.11 29.82 -1.21
C ALA C 63 -28.99 28.66 -1.66
N THR C 64 -29.93 28.25 -0.82
CA THR C 64 -30.83 27.16 -1.15
C THR C 64 -31.96 27.68 -2.03
N ILE C 65 -32.22 26.99 -3.14
CA ILE C 65 -33.28 27.37 -4.07
C ILE C 65 -34.62 26.78 -3.65
N GLY C 66 -35.66 27.59 -3.71
CA GLY C 66 -37.01 27.16 -3.38
C GLY C 66 -38.03 28.13 -3.93
N PRO C 67 -39.28 28.05 -3.46
CA PRO C 67 -40.33 28.98 -3.96
C PRO C 67 -39.99 30.46 -3.87
N ALA C 68 -39.24 30.88 -2.84
CA ALA C 68 -38.88 32.29 -2.68
C ALA C 68 -37.74 32.74 -3.58
N SER C 69 -37.03 31.82 -4.23
CA SER C 69 -35.82 32.17 -4.99
C SER C 69 -35.67 31.40 -6.30
N ARG C 70 -36.77 30.96 -6.89
CA ARG C 70 -36.72 30.13 -8.10
C ARG C 70 -36.85 30.86 -9.41
N SER C 71 -37.55 31.99 -9.42
CA SER C 71 -37.76 32.74 -10.66
C SER C 71 -36.44 33.30 -11.19
N VAL C 72 -36.33 33.42 -12.51
CA VAL C 72 -35.14 33.94 -13.17
C VAL C 72 -34.82 35.35 -12.69
N GLU C 73 -35.85 36.19 -12.54
CA GLU C 73 -35.63 37.57 -12.08
C GLU C 73 -35.12 37.64 -10.63
N ARG C 74 -35.63 36.77 -9.77
CA ARG C 74 -35.20 36.71 -8.38
C ARG C 74 -33.75 36.16 -8.32
N LEU C 75 -33.43 35.16 -9.13
CA LEU C 75 -32.09 34.58 -9.20
C LEU C 75 -31.05 35.59 -9.69
N LYS C 76 -31.44 36.50 -10.60
CA LYS C 76 -30.53 37.56 -11.04
C LYS C 76 -30.17 38.49 -9.89
N GLU C 77 -31.16 38.82 -9.04
CA GLU C 77 -30.92 39.66 -7.88
C GLU C 77 -30.04 38.94 -6.85
N MET C 78 -30.21 37.61 -6.72
CA MET C 78 -29.39 36.84 -5.78
CA MET C 78 -29.39 36.84 -5.78
C MET C 78 -27.95 36.72 -6.24
N ILE C 79 -27.72 36.65 -7.56
CA ILE C 79 -26.38 36.59 -8.10
C ILE C 79 -25.70 37.96 -7.83
N LYS C 80 -26.43 39.07 -8.04
CA LYS C 80 -25.91 40.41 -7.80
C LYS C 80 -25.61 40.63 -6.32
N ALA C 81 -26.43 40.05 -5.43
CA ALA C 81 -26.22 40.17 -3.99
C ALA C 81 -25.00 39.36 -3.49
N GLY C 82 -24.56 38.35 -4.25
CA GLY C 82 -23.38 37.56 -3.90
C GLY C 82 -23.46 36.04 -3.90
N MET C 83 -24.60 35.46 -4.31
CA MET C 83 -24.71 33.99 -4.35
C MET C 83 -23.68 33.37 -5.29
N ASN C 84 -22.88 32.42 -4.79
CA ASN C 84 -21.84 31.73 -5.60
C ASN C 84 -22.21 30.29 -5.93
N ILE C 85 -23.00 29.66 -5.05
CA ILE C 85 -23.40 28.26 -5.21
C ILE C 85 -24.90 28.15 -4.93
N ALA C 86 -25.64 27.51 -5.86
CA ALA C 86 -27.07 27.29 -5.69
C ALA C 86 -27.26 25.88 -5.17
N ARG C 87 -27.92 25.73 -4.03
CA ARG C 87 -28.17 24.42 -3.43
C ARG C 87 -29.58 23.93 -3.76
N LEU C 88 -29.69 22.70 -4.29
CA LEU C 88 -30.99 22.08 -4.58
C LEU C 88 -31.22 21.04 -3.52
N ASN C 89 -32.25 21.23 -2.68
CA ASN C 89 -32.52 20.29 -1.60
C ASN C 89 -33.43 19.17 -2.09
N PHE C 90 -32.86 17.99 -2.36
CA PHE C 90 -33.64 16.87 -2.87
C PHE C 90 -34.50 16.16 -1.80
N SER C 91 -34.56 16.71 -0.57
CA SER C 91 -35.48 16.18 0.43
C SER C 91 -36.94 16.51 0.04
N HIS C 92 -37.16 17.53 -0.82
CA HIS C 92 -38.48 17.96 -1.28
C HIS C 92 -38.43 18.22 -2.80
N GLY C 93 -39.55 18.09 -3.47
CA GLY C 93 -39.64 18.40 -4.89
C GLY C 93 -39.28 17.26 -5.80
N SER C 94 -39.89 17.23 -6.98
CA SER C 94 -39.66 16.18 -7.97
C SER C 94 -38.43 16.47 -8.83
N HIS C 95 -38.03 15.50 -9.68
CA HIS C 95 -36.93 15.73 -10.61
C HIS C 95 -37.28 16.84 -11.60
N GLU C 96 -38.57 16.93 -12.01
CA GLU C 96 -39.03 17.97 -12.92
C GLU C 96 -38.90 19.35 -12.29
N TYR C 97 -39.24 19.46 -11.01
CA TYR C 97 -39.15 20.71 -10.25
C TYR C 97 -37.67 21.17 -10.18
N HIS C 98 -36.77 20.25 -9.80
CA HIS C 98 -35.33 20.58 -9.70
C HIS C 98 -34.68 20.87 -11.04
N ALA C 99 -35.12 20.20 -12.13
CA ALA C 99 -34.57 20.48 -13.46
C ALA C 99 -34.93 21.91 -13.88
N GLU C 100 -36.13 22.38 -13.52
CA GLU C 100 -36.56 23.73 -13.83
C GLU C 100 -35.75 24.73 -12.99
N SER C 101 -35.48 24.42 -11.72
CA SER C 101 -34.65 25.28 -10.88
C SER C 101 -33.24 25.42 -11.49
N ILE C 102 -32.63 24.31 -11.97
CA ILE C 102 -31.32 24.30 -12.63
C ILE C 102 -31.34 25.16 -13.90
N ALA C 103 -32.37 24.99 -14.75
CA ALA C 103 -32.52 25.77 -15.97
C ALA C 103 -32.64 27.28 -15.64
N ASN C 104 -33.40 27.62 -14.59
CA ASN C 104 -33.57 29.02 -14.18
C ASN C 104 -32.28 29.62 -13.67
N VAL C 105 -31.49 28.83 -12.90
CA VAL C 105 -30.18 29.30 -12.41
C VAL C 105 -29.26 29.57 -13.61
N ARG C 106 -29.15 28.60 -14.54
CA ARG C 106 -28.30 28.77 -15.72
C ARG C 106 -28.74 29.96 -16.61
N GLU C 107 -30.06 30.19 -16.72
CA GLU C 107 -30.56 31.33 -17.50
C GLU C 107 -30.16 32.65 -16.82
N ALA C 108 -30.30 32.72 -15.49
CA ALA C 108 -29.94 33.92 -14.75
C ALA C 108 -28.44 34.17 -14.83
N VAL C 109 -27.60 33.12 -14.72
CA VAL C 109 -26.13 33.25 -14.79
C VAL C 109 -25.71 33.75 -16.17
N GLU C 110 -26.27 33.14 -17.23
CA GLU C 110 -25.90 33.51 -18.60
C GLU C 110 -26.44 34.87 -19.04
N SER C 111 -27.40 35.45 -18.31
CA SER C 111 -27.90 36.79 -18.62
C SER C 111 -26.82 37.89 -18.45
N PHE C 112 -25.74 37.58 -17.71
CA PHE C 112 -24.62 38.51 -17.48
C PHE C 112 -23.42 38.22 -18.39
N ALA C 113 -23.52 37.30 -19.35
CA ALA C 113 -22.39 36.98 -20.22
C ALA C 113 -21.96 38.14 -21.16
N GLY C 114 -22.82 39.14 -21.34
CA GLY C 114 -22.49 40.30 -22.16
C GLY C 114 -21.61 41.35 -21.50
N SER C 115 -21.40 41.22 -20.18
CA SER C 115 -20.59 42.17 -19.43
C SER C 115 -19.49 41.49 -18.59
N PRO C 116 -18.22 41.67 -18.99
CA PRO C 116 -17.12 41.05 -18.24
C PRO C 116 -17.02 41.45 -16.77
N LEU C 117 -17.50 42.66 -16.43
CA LEU C 117 -17.49 43.18 -15.06
C LEU C 117 -18.50 42.43 -14.17
N SER C 118 -19.63 41.97 -14.76
CA SER C 118 -20.68 41.31 -13.98
C SER C 118 -20.77 39.78 -14.12
N TYR C 119 -20.35 39.18 -15.26
CA TYR C 119 -20.44 37.73 -15.41
C TYR C 119 -19.64 36.97 -14.33
N ARG C 120 -20.28 35.97 -13.71
CA ARG C 120 -19.62 35.15 -12.69
C ARG C 120 -20.16 33.73 -12.75
N PRO C 121 -19.28 32.71 -12.74
CA PRO C 121 -19.77 31.33 -12.66
C PRO C 121 -20.54 31.10 -11.35
N VAL C 122 -21.54 30.22 -11.40
CA VAL C 122 -22.33 29.88 -10.21
C VAL C 122 -22.39 28.35 -10.20
N ALA C 123 -21.91 27.71 -9.13
CA ALA C 123 -21.94 26.25 -9.05
C ALA C 123 -23.34 25.75 -8.68
N ILE C 124 -23.65 24.51 -9.07
CA ILE C 124 -24.93 23.91 -8.71
C ILE C 124 -24.63 22.69 -7.86
N ALA C 125 -25.19 22.67 -6.65
CA ALA C 125 -24.96 21.61 -5.68
C ALA C 125 -26.25 20.84 -5.40
N LEU C 126 -26.17 19.52 -5.40
CA LEU C 126 -27.32 18.67 -5.15
C LEU C 126 -27.20 18.13 -3.72
N ASP C 127 -28.17 18.44 -2.86
CA ASP C 127 -28.15 17.99 -1.47
C ASP C 127 -29.11 16.79 -1.36
N THR C 128 -28.57 15.61 -1.05
CA THR C 128 -29.37 14.39 -1.01
C THR C 128 -30.37 14.28 0.16
N LYS C 129 -31.43 13.50 -0.05
CA LYS C 129 -32.44 13.25 0.97
C LYS C 129 -31.83 12.48 2.15
N GLY C 130 -31.00 11.50 1.85
CA GLY C 130 -30.31 10.74 2.89
C GLY C 130 -30.77 9.32 3.05
N PRO C 131 -30.11 8.58 3.95
CA PRO C 131 -30.45 7.15 4.13
C PRO C 131 -31.72 6.90 4.92
N GLY C 134 -32.56 3.57 6.86
CA GLY C 134 -31.83 2.53 6.14
C GLY C 134 -30.37 2.46 6.53
N PRO C 135 -29.72 1.35 6.17
CA PRO C 135 -28.31 1.14 6.56
C PRO C 135 -27.24 1.88 5.74
N GLY C 136 -27.60 2.27 4.51
CA GLY C 136 -26.67 2.94 3.62
C GLY C 136 -27.39 3.68 2.51
N LEU C 137 -26.84 3.66 1.28
CA LEU C 137 -27.41 4.44 0.17
C LEU C 137 -28.85 4.04 -0.23
N SER C 138 -29.81 4.96 -0.06
CA SER C 138 -31.20 4.71 -0.40
C SER C 138 -31.44 4.66 -1.89
N GLU C 139 -32.54 3.99 -2.31
CA GLU C 139 -32.92 3.90 -3.72
C GLU C 139 -33.15 5.31 -4.28
N GLN C 140 -33.80 6.17 -3.49
CA GLN C 140 -34.05 7.53 -3.94
C GLN C 140 -32.74 8.28 -4.17
N ASP C 141 -31.77 8.12 -3.28
CA ASP C 141 -30.46 8.77 -3.45
C ASP C 141 -29.74 8.29 -4.70
N VAL C 142 -29.82 6.98 -5.03
CA VAL C 142 -29.22 6.46 -6.26
C VAL C 142 -29.81 7.17 -7.49
N ARG C 143 -31.14 7.33 -7.50
CA ARG C 143 -31.80 7.98 -8.62
C ARG C 143 -31.53 9.47 -8.68
N ASP C 144 -31.46 10.14 -7.52
CA ASP C 144 -31.19 11.57 -7.48
C ASP C 144 -29.73 11.87 -7.87
N LEU C 145 -28.80 11.01 -7.47
CA LEU C 145 -27.39 11.18 -7.85
C LEU C 145 -27.24 10.97 -9.37
N ARG C 146 -28.00 10.03 -9.95
CA ARG C 146 -28.01 9.80 -11.40
C ARG C 146 -28.56 11.05 -12.11
N PHE C 147 -29.62 11.66 -11.56
CA PHE C 147 -30.19 12.89 -12.09
C PHE C 147 -29.11 14.00 -12.09
N GLY C 148 -28.35 14.09 -11.00
CA GLY C 148 -27.28 15.06 -10.88
C GLY C 148 -26.23 14.93 -11.97
N VAL C 149 -25.80 13.71 -12.26
CA VAL C 149 -24.83 13.45 -13.33
C VAL C 149 -25.41 13.85 -14.68
N GLU C 150 -26.67 13.43 -14.94
CA GLU C 150 -27.32 13.74 -16.21
C GLU C 150 -27.53 15.24 -16.41
N HIS C 151 -27.72 15.99 -15.32
CA HIS C 151 -27.93 17.44 -15.42
C HIS C 151 -26.65 18.28 -15.20
N GLY C 152 -25.51 17.62 -15.10
CA GLY C 152 -24.21 18.27 -14.97
C GLY C 152 -23.97 19.07 -13.71
N VAL C 153 -24.46 18.58 -12.54
CA VAL C 153 -24.24 19.29 -11.28
C VAL C 153 -22.75 19.27 -10.95
N ASP C 154 -22.29 20.25 -10.18
CA ASP C 154 -20.88 20.38 -9.85
C ASP C 154 -20.48 19.72 -8.55
N ILE C 155 -21.42 19.70 -7.58
CA ILE C 155 -21.16 19.25 -6.22
C ILE C 155 -22.33 18.44 -5.69
N VAL C 156 -22.03 17.49 -4.81
CA VAL C 156 -23.05 16.75 -4.08
C VAL C 156 -22.80 17.03 -2.60
N PHE C 157 -23.85 17.43 -1.87
CA PHE C 157 -23.80 17.56 -0.42
C PHE C 157 -24.48 16.27 0.07
N ALA C 158 -23.68 15.26 0.47
CA ALA C 158 -24.21 13.94 0.85
C ALA C 158 -24.70 13.92 2.29
N SER C 159 -26.01 13.73 2.48
CA SER C 159 -26.61 13.75 3.79
C SER C 159 -26.27 12.56 4.67
N PHE C 160 -26.19 12.80 5.97
CA PHE C 160 -25.96 11.80 7.01
C PHE C 160 -24.80 10.86 6.72
N VAL C 161 -23.61 11.40 6.40
CA VAL C 161 -22.45 10.54 6.18
C VAL C 161 -21.94 10.10 7.55
N ARG C 162 -21.88 8.77 7.77
CA ARG C 162 -21.50 8.21 9.06
C ARG C 162 -20.17 7.49 9.07
N LYS C 163 -19.66 7.11 7.90
CA LYS C 163 -18.43 6.33 7.77
C LYS C 163 -17.89 6.43 6.34
N ALA C 164 -16.63 6.01 6.13
CA ALA C 164 -15.98 6.05 4.82
C ALA C 164 -16.76 5.27 3.75
N SER C 165 -17.38 4.13 4.10
CA SER C 165 -18.13 3.36 3.09
C SER C 165 -19.37 4.09 2.56
N ASP C 166 -19.92 5.04 3.34
CA ASP C 166 -21.05 5.84 2.85
C ASP C 166 -20.55 6.73 1.69
N VAL C 167 -19.33 7.29 1.80
CA VAL C 167 -18.77 8.13 0.75
C VAL C 167 -18.46 7.29 -0.48
N ALA C 168 -17.92 6.07 -0.29
CA ALA C 168 -17.64 5.17 -1.41
C ALA C 168 -18.91 4.83 -2.18
N ALA C 169 -20.03 4.64 -1.47
CA ALA C 169 -21.31 4.35 -2.12
C ALA C 169 -21.80 5.55 -2.95
N VAL C 170 -21.63 6.77 -2.44
CA VAL C 170 -22.02 7.97 -3.18
C VAL C 170 -21.15 8.10 -4.44
N ARG C 171 -19.84 7.89 -4.29
CA ARG C 171 -18.85 7.94 -5.37
C ARG C 171 -19.21 6.91 -6.47
N ALA C 172 -19.56 5.68 -6.07
CA ALA C 172 -19.97 4.64 -7.02
C ALA C 172 -21.26 5.05 -7.75
N ALA C 173 -22.23 5.66 -7.04
CA ALA C 173 -23.50 6.09 -7.64
C ALA C 173 -23.32 7.28 -8.64
N LEU C 174 -22.15 7.97 -8.58
CA LEU C 174 -21.82 9.03 -9.53
C LEU C 174 -21.34 8.47 -10.91
N GLY C 175 -21.14 7.16 -10.94
CA GLY C 175 -21.00 6.35 -12.13
C GLY C 175 -19.92 6.66 -13.08
N PRO C 176 -20.10 6.21 -14.33
CA PRO C 176 -19.04 6.38 -15.30
C PRO C 176 -18.82 7.81 -15.75
N GLU C 177 -19.85 8.67 -15.71
CA GLU C 177 -19.72 10.04 -16.22
C GLU C 177 -19.48 11.15 -15.16
N GLY C 178 -19.67 10.84 -13.87
CA GLY C 178 -19.62 11.87 -12.83
C GLY C 178 -18.49 11.82 -11.84
N HIS C 179 -17.34 11.23 -12.20
CA HIS C 179 -16.20 11.17 -11.29
C HIS C 179 -15.59 12.52 -10.93
N GLY C 180 -15.83 13.55 -11.76
CA GLY C 180 -15.34 14.89 -11.49
C GLY C 180 -16.19 15.73 -10.55
N ILE C 181 -17.37 15.21 -10.15
CA ILE C 181 -18.26 15.90 -9.22
C ILE C 181 -17.65 15.86 -7.80
N LYS C 182 -17.64 16.99 -7.11
CA LYS C 182 -17.08 17.06 -5.77
C LYS C 182 -18.07 16.51 -4.75
N ILE C 183 -17.60 15.66 -3.83
CA ILE C 183 -18.48 15.13 -2.78
C ILE C 183 -18.15 15.82 -1.47
N ILE C 184 -19.10 16.58 -0.94
CA ILE C 184 -18.98 17.26 0.33
C ILE C 184 -19.84 16.44 1.31
N SER C 185 -19.19 15.77 2.28
CA SER C 185 -19.91 14.94 3.24
C SER C 185 -20.54 15.77 4.35
N LYS C 186 -21.84 15.60 4.57
CA LYS C 186 -22.53 16.31 5.64
C LYS C 186 -22.41 15.51 6.93
N ILE C 187 -21.85 16.12 7.98
CA ILE C 187 -21.71 15.49 9.29
C ILE C 187 -22.90 15.96 10.11
N GLU C 188 -23.80 15.01 10.43
CA GLU C 188 -25.07 15.36 11.06
C GLU C 188 -25.39 14.58 12.34
N ASN C 189 -24.50 13.70 12.79
CA ASN C 189 -24.78 12.92 13.99
C ASN C 189 -23.51 12.53 14.75
N HIS C 190 -23.67 11.87 15.91
CA HIS C 190 -22.53 11.48 16.73
C HIS C 190 -21.55 10.58 15.99
N GLU C 191 -22.04 9.60 15.22
CA GLU C 191 -21.16 8.68 14.50
C GLU C 191 -20.30 9.40 13.46
N GLY C 192 -20.89 10.34 12.73
CA GLY C 192 -20.15 11.15 11.76
C GLY C 192 -19.03 11.94 12.39
N VAL C 193 -19.28 12.50 13.59
CA VAL C 193 -18.25 13.26 14.31
C VAL C 193 -17.13 12.32 14.78
N LYS C 194 -17.48 11.15 15.36
CA LYS C 194 -16.48 10.19 15.85
C LYS C 194 -15.66 9.56 14.74
N ARG C 195 -16.28 9.32 13.58
CA ARG C 195 -15.54 8.76 12.43
C ARG C 195 -15.12 9.84 11.43
N PHE C 196 -15.01 11.11 11.88
CA PHE C 196 -14.66 12.24 11.03
C PHE C 196 -13.39 12.03 10.21
N ASP C 197 -12.28 11.58 10.82
CA ASP C 197 -11.03 11.44 10.09
C ASP C 197 -11.12 10.51 8.89
N GLU C 198 -11.78 9.36 9.05
CA GLU C 198 -11.92 8.42 7.94
C GLU C 198 -12.85 8.97 6.85
N ILE C 199 -13.85 9.78 7.23
CA ILE C 199 -14.78 10.40 6.29
C ILE C 199 -14.05 11.48 5.48
N LEU C 200 -13.32 12.37 6.16
CA LEU C 200 -12.60 13.46 5.49
C LEU C 200 -11.57 12.92 4.50
N GLU C 201 -10.87 11.84 4.87
CA GLU C 201 -9.85 11.23 4.02
C GLU C 201 -10.37 10.88 2.63
N VAL C 202 -11.61 10.39 2.51
CA VAL C 202 -12.17 9.98 1.23
C VAL C 202 -13.13 11.03 0.61
N SER C 203 -13.40 12.14 1.30
CA SER C 203 -14.32 13.16 0.79
C SER C 203 -13.54 14.32 0.17
N ASP C 204 -14.20 15.12 -0.68
CA ASP C 204 -13.57 16.34 -1.19
C ASP C 204 -13.65 17.48 -0.16
N GLY C 205 -14.61 17.41 0.77
CA GLY C 205 -14.80 18.41 1.79
C GLY C 205 -15.92 18.02 2.74
N ILE C 206 -16.27 18.93 3.64
CA ILE C 206 -17.26 18.64 4.69
C ILE C 206 -18.27 19.76 4.85
N MET C 207 -19.50 19.41 5.25
CA MET C 207 -20.49 20.39 5.64
C MET C 207 -20.82 20.12 7.12
N VAL C 208 -20.76 21.17 7.96
CA VAL C 208 -21.17 21.07 9.36
C VAL C 208 -22.66 21.31 9.31
N ALA C 209 -23.46 20.24 9.24
CA ALA C 209 -24.91 20.32 9.09
C ALA C 209 -25.53 20.47 10.47
N ARG C 210 -25.54 21.71 10.98
CA ARG C 210 -25.91 22.00 12.36
C ARG C 210 -27.35 21.71 12.74
N GLY C 211 -28.26 21.68 11.78
CA GLY C 211 -29.68 21.40 12.05
C GLY C 211 -29.86 20.03 12.70
N ASP C 212 -29.52 18.98 11.97
CA ASP C 212 -29.61 17.62 12.48
C ASP C 212 -28.59 17.36 13.57
N LEU C 213 -27.37 17.94 13.44
CA LEU C 213 -26.34 17.76 14.45
C LEU C 213 -26.83 18.23 15.84
N GLY C 214 -27.54 19.36 15.88
CA GLY C 214 -28.08 19.95 17.09
C GLY C 214 -29.24 19.20 17.74
N ILE C 215 -29.76 18.19 17.05
CA ILE C 215 -30.83 17.31 17.54
C ILE C 215 -30.23 15.92 17.89
N GLU C 216 -29.17 15.51 17.16
CA GLU C 216 -28.49 14.22 17.37
C GLU C 216 -27.54 14.25 18.56
N ILE C 217 -26.91 15.39 18.81
CA ILE C 217 -26.02 15.57 19.96
C ILE C 217 -26.56 16.75 20.81
N PRO C 218 -26.15 16.92 22.09
CA PRO C 218 -26.64 18.07 22.86
C PRO C 218 -26.39 19.40 22.15
N ALA C 219 -27.40 20.27 22.11
CA ALA C 219 -27.32 21.57 21.42
C ALA C 219 -26.11 22.39 21.86
N GLU C 220 -25.75 22.30 23.14
CA GLU C 220 -24.63 23.03 23.70
C GLU C 220 -23.26 22.50 23.26
N LYS C 221 -23.20 21.38 22.53
CA LYS C 221 -21.93 20.81 22.07
C LYS C 221 -21.67 21.07 20.58
N VAL C 222 -22.66 21.57 19.82
CA VAL C 222 -22.52 21.80 18.38
C VAL C 222 -21.34 22.70 18.05
N PHE C 223 -21.12 23.78 18.83
CA PHE C 223 -19.98 24.68 18.55
C PHE C 223 -18.62 23.95 18.62
N LEU C 224 -18.49 22.93 19.49
CA LEU C 224 -17.24 22.17 19.60
C LEU C 224 -17.04 21.33 18.36
N ALA C 225 -18.12 20.68 17.87
CA ALA C 225 -18.04 19.88 16.66
C ALA C 225 -17.72 20.78 15.45
N GLN C 226 -18.35 21.96 15.39
CA GLN C 226 -18.10 22.91 14.30
C GLN C 226 -16.63 23.36 14.29
N LYS C 227 -16.12 23.83 15.42
CA LYS C 227 -14.75 24.32 15.50
C LYS C 227 -13.72 23.23 15.22
N MET C 228 -13.98 21.99 15.70
CA MET C 228 -13.07 20.88 15.46
C MET C 228 -13.03 20.52 13.98
N MET C 229 -14.21 20.39 13.35
CA MET C 229 -14.26 20.00 11.93
C MET C 229 -13.66 21.05 11.03
N ILE C 230 -13.90 22.33 11.33
CA ILE C 230 -13.29 23.41 10.53
C ILE C 230 -11.75 23.38 10.68
N GLY C 231 -11.26 23.21 11.90
CA GLY C 231 -9.82 23.11 12.14
C GLY C 231 -9.19 21.95 11.41
N ARG C 232 -9.84 20.76 11.46
CA ARG C 232 -9.31 19.59 10.76
C ARG C 232 -9.35 19.73 9.24
N CYS C 233 -10.40 20.35 8.71
CA CYS C 233 -10.48 20.60 7.25
C CYS C 233 -9.41 21.62 6.83
N ASN C 234 -9.19 22.65 7.63
CA ASN C 234 -8.14 23.66 7.35
C ASN C 234 -6.77 22.98 7.33
N LEU C 235 -6.54 22.06 8.28
CA LEU C 235 -5.28 21.32 8.35
C LEU C 235 -5.10 20.45 7.12
N ALA C 236 -6.17 19.78 6.67
CA ALA C 236 -6.14 18.93 5.49
C ALA C 236 -6.14 19.70 4.15
N GLY C 237 -6.47 20.97 4.17
CA GLY C 237 -6.55 21.77 2.96
C GLY C 237 -7.77 21.42 2.11
N LYS C 238 -8.87 21.01 2.77
CA LYS C 238 -10.10 20.65 2.09
C LYS C 238 -11.23 21.59 2.49
N PRO C 239 -12.14 21.93 1.54
CA PRO C 239 -13.21 22.88 1.86
C PRO C 239 -14.17 22.45 2.97
N VAL C 240 -14.60 23.43 3.77
CA VAL C 240 -15.55 23.16 4.84
C VAL C 240 -16.65 24.23 4.80
N VAL C 241 -17.91 23.79 4.93
CA VAL C 241 -19.07 24.66 4.86
C VAL C 241 -19.72 24.74 6.24
N CYS C 242 -20.08 25.96 6.69
CA CYS C 242 -20.85 26.09 7.91
C CYS C 242 -22.30 26.28 7.46
N ALA C 243 -23.23 25.49 8.03
CA ALA C 243 -24.62 25.56 7.57
C ALA C 243 -25.65 25.60 8.69
N THR C 244 -26.86 26.11 8.35
CA THR C 244 -28.13 26.05 9.05
C THR C 244 -28.34 27.03 10.19
N GLN C 245 -29.43 27.79 10.05
CA GLN C 245 -29.93 28.79 11.01
C GLN C 245 -28.99 29.96 11.23
N MET C 246 -28.07 30.23 10.28
CA MET C 246 -27.13 31.34 10.42
C MET C 246 -27.82 32.69 10.50
N LEU C 247 -28.87 32.90 9.70
CA LEU C 247 -29.66 34.14 9.73
C LEU C 247 -31.16 33.77 9.79
N GLU C 248 -31.51 32.75 10.58
CA GLU C 248 -32.85 32.19 10.70
C GLU C 248 -34.00 33.20 10.84
N SER C 249 -33.86 34.19 11.74
CA SER C 249 -34.93 35.18 11.94
C SER C 249 -35.27 35.95 10.65
N MET C 250 -34.34 36.00 9.68
CA MET C 250 -34.60 36.68 8.42
C MET C 250 -35.58 35.95 7.49
N ILE C 251 -36.09 34.77 7.90
CA ILE C 251 -37.15 34.09 7.15
C ILE C 251 -38.43 34.99 7.22
N THR C 252 -38.66 35.67 8.37
CA THR C 252 -39.81 36.57 8.52
C THR C 252 -39.45 38.04 8.80
N LYS C 253 -38.22 38.34 9.25
CA LYS C 253 -37.83 39.71 9.59
C LYS C 253 -36.81 40.31 8.61
N PRO C 254 -36.87 41.63 8.33
CA PRO C 254 -35.93 42.22 7.36
C PRO C 254 -34.49 42.36 7.87
N ARG C 255 -34.28 42.29 9.19
CA ARG C 255 -32.96 42.42 9.80
C ARG C 255 -32.72 41.23 10.73
N PRO C 256 -31.46 40.75 10.81
CA PRO C 256 -31.17 39.60 11.68
C PRO C 256 -30.95 39.99 13.15
N THR C 257 -30.87 38.98 14.03
CA THR C 257 -30.60 39.23 15.44
C THR C 257 -29.07 39.47 15.65
N ARG C 258 -28.68 39.93 16.85
CA ARG C 258 -27.27 40.13 17.17
C ARG C 258 -26.52 38.80 17.23
N ALA C 259 -27.20 37.71 17.61
CA ALA C 259 -26.57 36.38 17.66
C ALA C 259 -26.30 35.86 16.24
N GLU C 260 -27.19 36.16 15.30
CA GLU C 260 -27.06 35.71 13.93
C GLU C 260 -25.90 36.38 13.19
N THR C 261 -25.72 37.71 13.36
CA THR C 261 -24.57 38.38 12.72
C THR C 261 -23.26 37.86 13.32
N SER C 262 -23.27 37.63 14.65
CA SER C 262 -22.12 37.08 15.35
C SER C 262 -21.78 35.69 14.80
N ASP C 263 -22.80 34.83 14.60
CA ASP C 263 -22.60 33.47 14.11
C ASP C 263 -21.93 33.46 12.72
N VAL C 264 -22.38 34.34 11.82
CA VAL C 264 -21.78 34.42 10.49
C VAL C 264 -20.31 34.87 10.58
N ALA C 265 -20.04 35.92 11.35
CA ALA C 265 -18.67 36.43 11.51
C ALA C 265 -17.76 35.37 12.13
N ASN C 266 -18.26 34.66 13.15
CA ASN C 266 -17.46 33.63 13.82
C ASN C 266 -17.24 32.41 12.99
N ALA C 267 -18.15 32.08 12.05
CA ALA C 267 -17.90 30.93 11.15
C ALA C 267 -16.69 31.27 10.24
N VAL C 268 -16.62 32.51 9.75
CA VAL C 268 -15.51 32.96 8.92
C VAL C 268 -14.21 32.96 9.76
N LEU C 269 -14.26 33.54 10.96
CA LEU C 269 -13.08 33.56 11.85
C LEU C 269 -12.63 32.16 12.29
N ASP C 270 -13.56 31.20 12.38
CA ASP C 270 -13.22 29.80 12.70
C ASP C 270 -12.38 29.17 11.58
N GLY C 271 -12.63 29.59 10.33
CA GLY C 271 -11.92 29.10 9.15
C GLY C 271 -12.80 28.50 8.07
N ALA C 272 -14.11 28.73 8.11
CA ALA C 272 -15.02 28.15 7.11
C ALA C 272 -14.74 28.69 5.71
N ASP C 273 -14.72 27.82 4.72
CA ASP C 273 -14.54 28.23 3.32
C ASP C 273 -15.84 28.80 2.76
N CYS C 274 -16.99 28.22 3.14
CA CYS C 274 -18.31 28.64 2.67
C CYS C 274 -19.27 28.81 3.84
N ILE C 275 -20.25 29.67 3.66
CA ILE C 275 -21.37 29.85 4.60
C ILE C 275 -22.66 29.60 3.80
N MET C 276 -23.72 29.16 4.48
CA MET C 276 -24.93 28.74 3.77
C MET C 276 -26.21 29.38 4.31
N LEU C 277 -27.23 29.44 3.43
CA LEU C 277 -28.57 29.90 3.74
C LEU C 277 -29.53 28.78 3.28
N SER C 278 -30.49 28.41 4.14
CA SER C 278 -31.44 27.35 3.81
C SER C 278 -32.85 27.96 3.67
N GLY C 279 -33.68 27.92 4.72
CA GLY C 279 -35.02 28.50 4.70
C GLY C 279 -34.99 29.99 4.40
N GLU C 280 -33.87 30.68 4.79
CA GLU C 280 -33.70 32.12 4.55
C GLU C 280 -33.85 32.48 3.09
N THR C 281 -33.40 31.61 2.18
CA THR C 281 -33.49 31.89 0.75
C THR C 281 -34.52 30.97 0.05
N ALA C 282 -34.74 29.76 0.57
CA ALA C 282 -35.66 28.82 -0.06
C ALA C 282 -37.12 29.23 0.10
N LYS C 283 -37.53 29.69 1.28
CA LYS C 283 -38.94 29.99 1.53
C LYS C 283 -39.23 31.31 2.23
N GLY C 284 -38.20 32.00 2.71
CA GLY C 284 -38.41 33.24 3.46
C GLY C 284 -38.86 34.44 2.66
N ASN C 285 -39.22 35.51 3.38
CA ASN C 285 -39.69 36.74 2.74
C ASN C 285 -38.59 37.70 2.33
N PHE C 286 -37.33 37.43 2.73
CA PHE C 286 -36.23 38.34 2.40
C PHE C 286 -34.99 37.57 1.85
N PRO C 287 -35.14 36.77 0.78
CA PRO C 287 -33.99 35.99 0.30
C PRO C 287 -32.80 36.82 -0.16
N VAL C 288 -33.06 37.91 -0.90
CA VAL C 288 -32.00 38.76 -1.41
C VAL C 288 -31.29 39.47 -0.24
N GLU C 289 -32.05 39.96 0.74
CA GLU C 289 -31.51 40.66 1.90
C GLU C 289 -30.63 39.73 2.75
N ALA C 290 -31.00 38.45 2.83
CA ALA C 290 -30.22 37.45 3.59
C ALA C 290 -28.85 37.25 2.92
N VAL C 291 -28.82 37.17 1.58
CA VAL C 291 -27.57 37.04 0.84
C VAL C 291 -26.71 38.30 1.04
N LYS C 292 -27.34 39.49 0.96
CA LYS C 292 -26.63 40.75 1.15
C LYS C 292 -26.01 40.85 2.54
N MET C 293 -26.74 40.35 3.56
CA MET C 293 -26.26 40.38 4.93
C MET C 293 -25.05 39.45 5.12
N GLN C 294 -25.10 38.22 4.55
CA GLN C 294 -23.94 37.32 4.64
C GLN C 294 -22.73 37.92 3.93
N HIS C 295 -22.95 38.55 2.76
CA HIS C 295 -21.85 39.20 2.02
C HIS C 295 -21.19 40.28 2.89
N ALA C 296 -22.00 41.17 3.48
CA ALA C 296 -21.50 42.29 4.28
C ALA C 296 -20.71 41.82 5.51
N ILE C 297 -21.26 40.83 6.24
CA ILE C 297 -20.57 40.31 7.42
C ILE C 297 -19.27 39.60 7.05
N ALA C 298 -19.31 38.71 6.03
CA ALA C 298 -18.12 37.97 5.61
C ALA C 298 -16.96 38.90 5.25
N ARG C 299 -17.23 40.00 4.52
CA ARG C 299 -16.18 40.94 4.15
C ARG C 299 -15.53 41.57 5.40
N GLU C 300 -16.34 41.95 6.39
CA GLU C 300 -15.82 42.52 7.64
C GLU C 300 -15.00 41.49 8.41
N ALA C 301 -15.49 40.24 8.49
CA ALA C 301 -14.80 39.18 9.24
C ALA C 301 -13.51 38.76 8.59
N GLU C 302 -13.46 38.72 7.26
CA GLU C 302 -12.24 38.34 6.55
C GLU C 302 -11.10 39.32 6.81
N ALA C 303 -11.41 40.61 6.90
CA ALA C 303 -10.39 41.61 7.20
C ALA C 303 -9.88 41.49 8.64
N ALA C 304 -10.74 40.99 9.56
CA ALA C 304 -10.39 40.79 10.97
C ALA C 304 -9.61 39.48 11.24
N VAL C 305 -9.34 38.67 10.21
CA VAL C 305 -8.57 37.43 10.38
C VAL C 305 -7.13 37.79 10.81
N TYR C 306 -6.57 37.08 11.80
CA TYR C 306 -5.22 37.33 12.28
C TYR C 306 -4.23 36.47 11.48
N HIS C 307 -3.95 36.88 10.24
CA HIS C 307 -3.08 36.15 9.33
C HIS C 307 -1.70 35.85 9.90
N ARG C 308 -1.14 36.74 10.72
CA ARG C 308 0.19 36.53 11.30
C ARG C 308 0.32 35.18 12.02
N GLN C 309 -0.65 34.83 12.88
CA GLN C 309 -0.60 33.54 13.58
C GLN C 309 -1.16 32.44 12.70
N LEU C 310 -2.25 32.70 11.95
CA LEU C 310 -2.87 31.70 11.10
C LEU C 310 -1.88 31.12 10.08
N PHE C 311 -1.17 31.99 9.34
CA PHE C 311 -0.20 31.54 8.35
C PHE C 311 0.93 30.76 9.01
N GLU C 312 1.44 31.24 10.15
CA GLU C 312 2.51 30.57 10.89
C GLU C 312 2.10 29.16 11.32
N GLU C 313 0.87 29.00 11.83
CA GLU C 313 0.38 27.70 12.24
C GLU C 313 0.08 26.76 11.09
N LEU C 314 -0.50 27.26 9.99
CA LEU C 314 -0.78 26.42 8.82
C LEU C 314 0.54 25.93 8.22
N ARG C 315 1.53 26.81 8.15
CA ARG C 315 2.86 26.52 7.64
C ARG C 315 3.54 25.45 8.51
N ARG C 316 3.52 25.62 9.83
CA ARG C 316 4.14 24.69 10.77
C ARG C 316 3.43 23.32 10.82
N ALA C 317 2.10 23.30 10.68
CA ALA C 317 1.35 22.05 10.74
C ALA C 317 1.40 21.25 9.45
N ALA C 318 1.51 21.94 8.30
CA ALA C 318 1.53 21.26 7.02
C ALA C 318 2.85 20.49 6.91
N PRO C 319 2.78 19.19 6.59
CA PRO C 319 4.02 18.42 6.49
C PRO C 319 4.92 18.90 5.36
N LEU C 320 6.21 18.53 5.43
CA LEU C 320 7.16 18.81 4.36
C LEU C 320 6.69 18.07 3.11
N SER C 321 6.90 18.66 1.93
CA SER C 321 6.39 18.06 0.71
C SER C 321 7.38 18.14 -0.41
N ARG C 322 7.42 17.10 -1.24
CA ARG C 322 8.23 17.11 -2.45
C ARG C 322 7.35 17.34 -3.72
N ASP C 323 6.06 17.67 -3.54
CA ASP C 323 5.17 17.95 -4.65
C ASP C 323 5.40 19.39 -5.08
N PRO C 324 5.83 19.61 -6.32
CA PRO C 324 6.10 21.00 -6.75
C PRO C 324 4.92 21.95 -6.64
N THR C 325 3.65 21.48 -6.79
CA THR C 325 2.50 22.38 -6.66
C THR C 325 2.37 22.90 -5.22
N GLU C 326 2.58 22.01 -4.25
CA GLU C 326 2.51 22.38 -2.85
CA GLU C 326 2.52 22.36 -2.84
C GLU C 326 3.68 23.31 -2.48
N VAL C 327 4.89 23.01 -2.98
CA VAL C 327 6.06 23.83 -2.71
C VAL C 327 5.90 25.22 -3.32
N THR C 328 5.42 25.30 -4.57
CA THR C 328 5.20 26.58 -5.24
C THR C 328 4.14 27.38 -4.51
N ALA C 329 3.06 26.71 -4.06
CA ALA C 329 1.98 27.41 -3.37
C ALA C 329 2.43 28.14 -2.12
N ILE C 330 3.24 27.49 -1.26
CA ILE C 330 3.68 28.15 -0.02
C ILE C 330 4.67 29.29 -0.33
N GLY C 331 5.54 29.12 -1.33
CA GLY C 331 6.44 30.18 -1.77
C GLY C 331 5.67 31.39 -2.28
N ALA C 332 4.59 31.14 -3.07
CA ALA C 332 3.75 32.20 -3.63
C ALA C 332 3.00 32.97 -2.54
N VAL C 333 2.44 32.26 -1.56
CA VAL C 333 1.69 32.92 -0.47
C VAL C 333 2.67 33.75 0.39
N GLU C 334 3.87 33.22 0.64
CA GLU C 334 4.89 33.95 1.40
CA GLU C 334 4.91 33.95 1.40
C GLU C 334 5.28 35.22 0.65
N ALA C 335 5.49 35.11 -0.68
CA ALA C 335 5.83 36.25 -1.53
C ALA C 335 4.70 37.29 -1.51
N ALA C 336 3.43 36.84 -1.59
CA ALA C 336 2.29 37.76 -1.57
C ALA C 336 2.23 38.57 -0.27
N PHE C 337 2.47 37.92 0.88
CA PHE C 337 2.47 38.62 2.17
C PHE C 337 3.63 39.65 2.23
N LYS C 338 4.79 39.30 1.69
CA LYS C 338 5.98 40.16 1.70
C LYS C 338 5.76 41.51 1.01
N CYS C 339 5.00 41.53 -0.10
CA CYS C 339 4.79 42.74 -0.87
C CYS C 339 3.38 43.31 -0.81
N CYS C 340 2.49 42.74 0.05
CA CYS C 340 1.07 43.15 0.13
C CYS C 340 0.44 43.03 -1.26
N ALA C 341 0.74 41.93 -1.99
CA ALA C 341 0.27 41.72 -3.37
C ALA C 341 -1.23 41.83 -3.43
N ALA C 342 -1.71 42.49 -4.46
CA ALA C 342 -3.13 42.66 -4.67
C ALA C 342 -3.80 41.32 -5.01
N ALA C 343 -3.08 40.43 -5.69
CA ALA C 343 -3.62 39.13 -6.10
C ALA C 343 -2.50 38.14 -6.40
N ILE C 344 -2.87 36.84 -6.41
CA ILE C 344 -2.06 35.77 -6.88
C ILE C 344 -2.84 35.21 -8.08
N ILE C 345 -2.29 35.34 -9.30
CA ILE C 345 -2.95 34.82 -10.48
C ILE C 345 -2.42 33.43 -10.74
N VAL C 346 -3.30 32.43 -10.81
CA VAL C 346 -2.87 31.05 -11.02
C VAL C 346 -3.58 30.42 -12.22
N LEU C 347 -2.84 29.66 -13.03
CA LEU C 347 -3.44 28.94 -14.15
C LEU C 347 -3.74 27.53 -13.66
N THR C 348 -4.96 27.05 -13.86
CA THR C 348 -5.35 25.74 -13.35
C THR C 348 -6.36 25.08 -14.26
N THR C 349 -6.24 23.76 -14.48
CA THR C 349 -7.22 23.06 -15.31
C THR C 349 -8.24 22.35 -14.41
N THR C 350 -7.78 21.76 -13.31
CA THR C 350 -8.67 21.05 -12.37
C THR C 350 -9.11 21.88 -11.16
N GLY C 351 -8.40 22.97 -10.89
CA GLY C 351 -8.62 23.82 -9.71
C GLY C 351 -7.61 23.54 -8.61
N ARG C 352 -6.87 22.40 -8.69
CA ARG C 352 -5.94 21.96 -7.64
C ARG C 352 -4.86 23.00 -7.25
N SER C 353 -4.22 23.66 -8.23
CA SER C 353 -3.21 24.67 -7.90
C SER C 353 -3.81 25.84 -7.12
N ALA C 354 -5.08 26.22 -7.41
CA ALA C 354 -5.74 27.31 -6.68
C ALA C 354 -6.12 26.85 -5.27
N GLN C 355 -6.56 25.59 -5.14
CA GLN C 355 -6.89 25.02 -3.84
C GLN C 355 -5.67 24.98 -2.91
N LEU C 356 -4.47 24.64 -3.46
CA LEU C 356 -3.26 24.58 -2.64
C LEU C 356 -2.77 25.97 -2.20
N LEU C 357 -3.12 27.03 -2.96
CA LEU C 357 -2.81 28.39 -2.54
C LEU C 357 -3.80 28.78 -1.42
N SER C 358 -5.10 28.48 -1.63
CA SER C 358 -6.18 28.79 -0.69
C SER C 358 -5.93 28.19 0.71
N ARG C 359 -5.35 27.00 0.79
CA ARG C 359 -5.12 26.32 2.08
C ARG C 359 -4.21 27.12 3.02
N TYR C 360 -3.35 28.01 2.47
CA TYR C 360 -2.48 28.83 3.31
C TYR C 360 -3.10 30.18 3.70
N ARG C 361 -4.37 30.41 3.32
CA ARG C 361 -5.14 31.59 3.64
C ARG C 361 -4.43 32.92 3.37
N PRO C 362 -4.02 33.15 2.10
CA PRO C 362 -3.40 34.46 1.78
C PRO C 362 -4.44 35.57 1.90
N ARG C 363 -3.99 36.77 2.24
CA ARG C 363 -4.86 37.95 2.22
C ARG C 363 -5.09 38.34 0.72
N ALA C 364 -4.10 38.12 -0.15
CA ALA C 364 -4.23 38.39 -1.59
C ALA C 364 -5.32 37.48 -2.20
N ALA C 365 -6.15 38.02 -3.08
CA ALA C 365 -7.15 37.25 -3.80
C ALA C 365 -6.45 36.24 -4.70
N VAL C 366 -6.98 35.01 -4.81
CA VAL C 366 -6.41 34.02 -5.70
C VAL C 366 -7.28 34.03 -6.98
N ILE C 367 -6.78 34.63 -8.05
CA ILE C 367 -7.51 34.73 -9.31
C ILE C 367 -7.15 33.49 -10.13
N ALA C 368 -8.09 32.59 -10.31
CA ALA C 368 -7.82 31.32 -10.98
C ALA C 368 -8.33 31.35 -12.42
N VAL C 369 -7.41 31.30 -13.38
CA VAL C 369 -7.76 31.33 -14.80
C VAL C 369 -7.81 29.89 -15.29
N THR C 370 -8.96 29.49 -15.82
CA THR C 370 -9.14 28.11 -16.28
C THR C 370 -9.97 28.03 -17.55
N ARG C 371 -9.73 26.99 -18.37
CA ARG C 371 -10.58 26.72 -19.54
C ARG C 371 -11.76 25.78 -19.17
N SER C 372 -11.71 25.13 -17.98
CA SER C 372 -12.76 24.22 -17.54
C SER C 372 -13.90 24.97 -16.87
N ALA C 373 -15.08 24.97 -17.49
CA ALA C 373 -16.27 25.62 -16.91
C ALA C 373 -16.64 24.94 -15.57
N GLN C 374 -16.45 23.60 -15.47
CA GLN C 374 -16.74 22.89 -14.23
C GLN C 374 -15.77 23.29 -13.13
N ALA C 375 -14.46 23.35 -13.43
CA ALA C 375 -13.47 23.74 -12.39
C ALA C 375 -13.74 25.16 -11.93
N ALA C 376 -14.13 26.06 -12.85
CA ALA C 376 -14.45 27.45 -12.51
C ALA C 376 -15.62 27.52 -11.49
N ARG C 377 -16.65 26.68 -11.68
CA ARG C 377 -17.76 26.67 -10.74
C ARG C 377 -17.33 26.01 -9.41
N GLN C 378 -16.60 24.87 -9.47
CA GLN C 378 -16.21 24.13 -8.27
C GLN C 378 -15.25 24.86 -7.34
N VAL C 379 -14.35 25.73 -7.89
CA VAL C 379 -13.37 26.38 -7.01
C VAL C 379 -14.00 27.40 -6.06
N HIS C 380 -15.31 27.73 -6.23
CA HIS C 380 -16.03 28.56 -5.25
C HIS C 380 -16.04 27.86 -3.86
N LEU C 381 -15.80 26.54 -3.79
CA LEU C 381 -15.72 25.83 -2.51
C LEU C 381 -14.49 26.27 -1.68
N CYS C 382 -13.43 26.80 -2.34
CA CYS C 382 -12.19 27.17 -1.68
C CYS C 382 -12.13 28.65 -1.37
N ARG C 383 -11.94 28.99 -0.08
CA ARG C 383 -11.91 30.40 0.31
C ARG C 383 -10.88 31.24 -0.46
N GLY C 384 -11.31 32.39 -0.94
CA GLY C 384 -10.45 33.35 -1.61
C GLY C 384 -10.10 33.06 -3.04
N VAL C 385 -10.77 32.08 -3.66
CA VAL C 385 -10.51 31.76 -5.07
C VAL C 385 -11.60 32.41 -5.92
N PHE C 386 -11.17 33.26 -6.87
CA PHE C 386 -12.03 34.00 -7.77
C PHE C 386 -11.84 33.41 -9.17
N PRO C 387 -12.80 32.59 -9.62
CA PRO C 387 -12.62 31.92 -10.92
C PRO C 387 -12.87 32.82 -12.14
N LEU C 388 -12.05 32.65 -13.17
CA LEU C 388 -12.19 33.34 -14.45
C LEU C 388 -12.18 32.29 -15.54
N LEU C 389 -13.30 32.11 -16.24
CA LEU C 389 -13.38 31.12 -17.32
C LEU C 389 -12.82 31.73 -18.59
N TYR C 390 -11.82 31.08 -19.18
CA TYR C 390 -11.12 31.55 -20.37
C TYR C 390 -11.59 30.72 -21.58
N ARG C 391 -12.05 31.39 -22.62
CA ARG C 391 -12.63 30.70 -23.79
C ARG C 391 -11.93 31.03 -25.11
N GLU C 392 -10.75 31.70 -25.08
CA GLU C 392 -10.07 32.03 -26.33
C GLU C 392 -9.53 30.77 -26.96
N PRO C 393 -9.45 30.71 -28.31
CA PRO C 393 -8.89 29.51 -28.94
C PRO C 393 -7.40 29.36 -28.58
N PRO C 394 -6.93 28.12 -28.42
CA PRO C 394 -5.52 27.92 -28.02
C PRO C 394 -4.49 28.41 -29.01
N GLU C 395 -3.45 29.10 -28.52
CA GLU C 395 -2.35 29.58 -29.35
C GLU C 395 -1.47 28.40 -29.75
N ALA C 396 -0.86 28.46 -30.93
CA ALA C 396 0.05 27.40 -31.43
C ALA C 396 1.30 27.33 -30.57
N ILE C 397 1.83 28.47 -30.10
CA ILE C 397 3.00 28.45 -29.24
C ILE C 397 2.52 28.45 -27.79
N TRP C 398 2.82 27.38 -27.03
CA TRP C 398 2.33 27.25 -25.67
C TRP C 398 2.70 28.41 -24.77
N ALA C 399 3.95 28.89 -24.79
CA ALA C 399 4.35 30.01 -23.96
C ALA C 399 3.50 31.25 -24.23
N ASP C 400 3.05 31.47 -25.49
CA ASP C 400 2.17 32.59 -25.84
C ASP C 400 0.77 32.39 -25.26
N ASP C 401 0.27 31.15 -25.24
CA ASP C 401 -1.05 30.84 -24.69
C ASP C 401 -1.05 31.07 -23.16
N VAL C 402 0.08 30.75 -22.49
CA VAL C 402 0.22 30.99 -21.06
C VAL C 402 0.22 32.50 -20.81
N ASP C 403 1.03 33.25 -21.58
CA ASP C 403 1.08 34.70 -21.45
C ASP C 403 -0.27 35.37 -21.68
N ARG C 404 -1.03 34.90 -22.69
CA ARG C 404 -2.35 35.48 -22.94
C ARG C 404 -3.29 35.25 -21.74
N ARG C 405 -3.19 34.08 -21.11
CA ARG C 405 -4.02 33.78 -19.93
C ARG C 405 -3.63 34.58 -18.70
N VAL C 406 -2.33 34.80 -18.48
CA VAL C 406 -1.88 35.65 -17.36
C VAL C 406 -2.37 37.10 -17.57
N GLN C 407 -2.23 37.61 -18.80
CA GLN C 407 -2.72 38.96 -19.11
C GLN C 407 -4.23 39.06 -19.01
N PHE C 408 -4.96 37.97 -19.32
CA PHE C 408 -6.41 37.93 -19.14
C PHE C 408 -6.78 38.07 -17.65
N GLY C 409 -6.02 37.42 -16.78
CA GLY C 409 -6.23 37.54 -15.33
C GLY C 409 -5.92 38.96 -14.85
N ILE C 410 -4.87 39.57 -15.39
CA ILE C 410 -4.51 40.95 -15.02
C ILE C 410 -5.59 41.95 -15.50
N GLU C 411 -6.01 41.85 -16.77
CA GLU C 411 -7.02 42.79 -17.31
C GLU C 411 -8.37 42.60 -16.63
N SER C 412 -8.72 41.35 -16.28
CA SER C 412 -9.96 41.11 -15.53
C SER C 412 -9.86 41.74 -14.14
N GLY C 413 -8.69 41.60 -13.51
CA GLY C 413 -8.42 42.17 -12.19
C GLY C 413 -8.45 43.68 -12.19
N LYS C 414 -8.00 44.31 -13.29
CA LYS C 414 -8.05 45.78 -13.39
C LYS C 414 -9.50 46.22 -13.54
N LEU C 415 -10.28 45.53 -14.40
CA LEU C 415 -11.67 45.85 -14.67
C LEU C 415 -12.53 45.71 -13.39
N ARG C 416 -12.29 44.66 -12.60
CA ARG C 416 -13.04 44.38 -11.39
C ARG C 416 -12.59 45.15 -10.14
N GLY C 417 -11.50 45.88 -10.22
CA GLY C 417 -11.04 46.66 -9.08
C GLY C 417 -10.00 45.99 -8.18
N PHE C 418 -9.60 44.75 -8.47
CA PHE C 418 -8.57 44.06 -7.68
C PHE C 418 -7.16 44.72 -7.92
N LEU C 419 -6.87 45.16 -9.16
CA LEU C 419 -5.56 45.63 -9.58
C LEU C 419 -5.51 47.00 -10.24
N ARG C 420 -4.37 47.67 -10.09
CA ARG C 420 -4.08 48.96 -10.71
C ARG C 420 -2.65 48.93 -11.23
N VAL C 421 -2.33 49.79 -12.19
CA VAL C 421 -0.97 49.92 -12.71
C VAL C 421 -0.02 50.31 -11.56
N GLY C 422 1.11 49.62 -11.46
CA GLY C 422 2.04 49.85 -10.36
C GLY C 422 1.92 48.81 -9.24
N ASP C 423 0.81 48.08 -9.17
CA ASP C 423 0.64 47.02 -8.16
C ASP C 423 1.57 45.84 -8.44
N LEU C 424 1.82 45.03 -7.42
CA LEU C 424 2.57 43.79 -7.58
C LEU C 424 1.58 42.65 -7.51
N VAL C 425 1.78 41.66 -8.40
CA VAL C 425 0.99 40.44 -8.36
C VAL C 425 1.93 39.25 -8.41
N ILE C 426 1.52 38.15 -7.81
CA ILE C 426 2.30 36.92 -7.86
C ILE C 426 1.63 36.03 -8.91
N VAL C 427 2.41 35.40 -9.78
CA VAL C 427 1.81 34.59 -10.84
C VAL C 427 2.33 33.19 -10.72
N VAL C 428 1.41 32.24 -10.72
CA VAL C 428 1.74 30.84 -10.55
C VAL C 428 1.36 30.06 -11.80
N THR C 429 2.36 29.36 -12.39
CA THR C 429 2.18 28.54 -13.60
C THR C 429 3.05 27.26 -13.47
N GLY C 430 3.06 26.41 -14.50
CA GLY C 430 3.92 25.23 -14.56
C GLY C 430 4.84 25.26 -15.77
N TRP C 431 5.75 24.29 -15.85
CA TRP C 431 6.76 24.26 -16.89
C TRP C 431 6.33 23.63 -18.22
N ARG C 432 5.18 22.93 -18.22
CA ARG C 432 4.67 22.27 -19.43
C ARG C 432 3.12 22.22 -19.38
N PRO C 433 2.45 22.01 -20.53
CA PRO C 433 0.98 21.91 -20.49
C PRO C 433 0.49 20.66 -19.77
N GLY C 434 -0.77 20.71 -19.40
CA GLY C 434 -1.45 19.64 -18.70
C GLY C 434 -1.44 19.88 -17.19
N SER C 435 -2.45 19.34 -16.53
CA SER C 435 -2.58 19.40 -15.08
C SER C 435 -1.43 18.64 -14.36
N GLY C 436 -1.06 19.11 -13.17
CA GLY C 436 -0.08 18.42 -12.33
C GLY C 436 1.36 18.87 -12.39
N TYR C 437 1.66 19.89 -13.20
CA TYR C 437 3.02 20.35 -13.35
C TYR C 437 3.32 21.74 -12.80
N THR C 438 2.45 22.33 -11.95
CA THR C 438 2.72 23.66 -11.37
C THR C 438 4.05 23.67 -10.62
N ASN C 439 4.97 24.57 -10.99
CA ASN C 439 6.28 24.62 -10.34
C ASN C 439 6.94 26.00 -10.41
N ILE C 440 6.21 27.04 -10.86
CA ILE C 440 6.82 28.36 -11.07
C ILE C 440 6.04 29.44 -10.37
N MET C 441 6.77 30.35 -9.71
CA MET C 441 6.16 31.53 -9.10
C MET C 441 6.95 32.74 -9.61
N ARG C 442 6.26 33.76 -10.12
CA ARG C 442 6.90 34.97 -10.63
C ARG C 442 6.30 36.18 -9.95
N VAL C 443 7.08 37.24 -9.83
CA VAL C 443 6.61 38.49 -9.23
C VAL C 443 6.51 39.48 -10.38
N LEU C 444 5.30 39.94 -10.69
CA LEU C 444 5.12 40.88 -11.81
C LEU C 444 4.65 42.22 -11.33
N SER C 445 5.12 43.26 -11.98
CA SER C 445 4.66 44.61 -11.72
CA SER C 445 4.66 44.61 -11.72
C SER C 445 3.60 44.89 -12.79
N ILE C 446 2.42 45.33 -12.38
CA ILE C 446 1.31 45.57 -13.31
C ILE C 446 1.56 46.80 -14.19
N SER C 447 1.54 46.63 -15.52
CA SER C 447 1.72 47.73 -16.46
C SER C 447 0.42 47.98 -17.26
N GLY D 23 14.13 8.54 3.86
CA GLY D 23 14.71 7.52 4.72
C GLY D 23 15.04 8.01 6.12
N THR D 24 15.14 7.07 7.08
CA THR D 24 15.45 7.42 8.46
C THR D 24 16.90 7.90 8.62
N ALA D 25 17.82 7.40 7.77
CA ALA D 25 19.22 7.81 7.83
C ALA D 25 19.36 9.30 7.55
N PHE D 26 18.59 9.82 6.58
CA PHE D 26 18.60 11.24 6.22
C PHE D 26 18.24 12.10 7.43
N PHE D 27 17.17 11.73 8.15
CA PHE D 27 16.69 12.50 9.30
C PHE D 27 17.52 12.33 10.59
N GLN D 28 18.56 11.50 10.58
CA GLN D 28 19.44 11.35 11.74
C GLN D 28 20.72 12.23 11.60
N GLN D 29 21.11 12.56 10.35
CA GLN D 29 22.27 13.38 10.02
C GLN D 29 21.98 14.88 10.19
N GLN D 30 23.02 15.72 10.06
CA GLN D 30 22.99 17.18 10.11
C GLN D 30 22.11 17.75 11.22
N GLN D 31 22.14 17.11 12.40
CA GLN D 31 21.39 17.51 13.59
C GLN D 31 19.89 17.70 13.31
N LEU D 32 19.33 16.92 12.37
CA LEU D 32 17.91 17.06 12.04
C LEU D 32 16.98 16.76 13.26
N PRO D 33 17.27 15.79 14.17
CA PRO D 33 16.41 15.67 15.37
C PRO D 33 16.38 16.97 16.20
N ALA D 34 17.55 17.63 16.40
CA ALA D 34 17.61 18.90 17.13
C ALA D 34 16.93 20.03 16.34
N ALA D 35 16.96 19.96 15.00
CA ALA D 35 16.33 20.95 14.14
C ALA D 35 14.80 20.91 14.23
N MET D 36 14.24 19.73 14.51
CA MET D 36 12.78 19.58 14.61
C MET D 36 12.21 19.94 15.99
N ALA D 37 13.06 20.24 16.97
CA ALA D 37 12.59 20.55 18.32
C ALA D 37 11.67 21.77 18.40
N ASP D 38 10.71 21.72 19.34
CA ASP D 38 9.71 22.76 19.54
C ASP D 38 10.19 23.95 20.36
N THR D 39 11.28 23.79 21.13
CA THR D 39 11.86 24.89 21.91
C THR D 39 13.39 24.86 21.72
N PHE D 40 14.07 25.98 21.97
CA PHE D 40 15.52 26.04 21.91
C PHE D 40 16.14 25.11 22.98
N LEU D 41 15.52 25.02 24.18
CA LEU D 41 16.03 24.12 25.22
C LEU D 41 16.01 22.67 24.75
N GLU D 42 14.90 22.22 24.15
CA GLU D 42 14.81 20.86 23.62
C GLU D 42 15.78 20.65 22.44
N HIS D 43 16.01 21.70 21.63
CA HIS D 43 17.00 21.71 20.53
C HIS D 43 18.39 21.38 21.11
N LEU D 44 18.79 22.06 22.20
CA LEU D 44 20.07 21.80 22.85
C LEU D 44 20.17 20.37 23.33
N CYS D 45 19.11 19.87 24.02
CA CYS D 45 19.05 18.53 24.57
C CYS D 45 19.19 17.44 23.50
N LEU D 46 18.82 17.74 22.25
CA LEU D 46 18.88 16.77 21.16
C LEU D 46 20.15 16.85 20.29
N LEU D 47 21.08 17.77 20.61
CA LEU D 47 22.33 17.87 19.83
C LEU D 47 23.13 16.57 20.01
N ASP D 48 23.62 16.01 18.91
CA ASP D 48 24.25 14.70 18.91
C ASP D 48 25.63 14.72 18.25
N ILE D 49 26.67 14.38 19.02
CA ILE D 49 28.03 14.33 18.49
C ILE D 49 28.19 13.26 17.38
N ASP D 50 27.30 12.27 17.30
CA ASP D 50 27.33 11.24 16.26
C ASP D 50 26.53 11.62 15.01
N SER D 51 25.83 12.78 15.00
CA SER D 51 25.06 13.22 13.85
C SER D 51 26.01 14.01 12.96
N GLU D 52 26.43 13.40 11.84
CA GLU D 52 27.43 13.98 10.96
C GLU D 52 26.89 15.07 10.04
N PRO D 53 27.69 16.13 9.84
CA PRO D 53 27.24 17.19 8.92
C PRO D 53 27.23 16.69 7.48
N VAL D 54 26.27 17.16 6.67
CA VAL D 54 26.16 16.72 5.27
C VAL D 54 26.30 17.90 4.32
N ALA D 55 25.75 19.06 4.70
CA ALA D 55 25.79 20.25 3.87
C ALA D 55 27.21 20.79 3.70
N ALA D 56 27.45 21.51 2.61
CA ALA D 56 28.73 22.15 2.38
C ALA D 56 28.88 23.30 3.43
N ARG D 57 30.12 23.58 3.83
CA ARG D 57 30.42 24.61 4.82
C ARG D 57 30.06 26.00 4.27
N SER D 58 29.17 26.72 4.96
CA SER D 58 28.62 27.99 4.50
C SER D 58 29.32 29.26 5.01
N THR D 59 29.98 29.20 6.17
CA THR D 59 30.67 30.38 6.72
C THR D 59 32.03 30.50 6.05
N SER D 60 32.28 31.59 5.32
CA SER D 60 33.53 31.78 4.63
CA SER D 60 33.54 31.81 4.63
C SER D 60 34.72 31.97 5.57
N ILE D 61 35.89 31.52 5.12
CA ILE D 61 37.13 31.65 5.87
C ILE D 61 38.03 32.69 5.21
N ILE D 62 38.43 33.69 5.98
CA ILE D 62 39.37 34.70 5.54
C ILE D 62 40.75 34.33 6.14
N ALA D 63 41.77 34.15 5.30
CA ALA D 63 43.12 33.85 5.78
C ALA D 63 44.04 35.01 5.47
N THR D 64 44.76 35.51 6.47
CA THR D 64 45.71 36.59 6.26
C THR D 64 47.00 36.04 5.63
N ILE D 65 47.48 36.70 4.56
CA ILE D 65 48.68 36.28 3.83
C ILE D 65 49.91 36.88 4.48
N GLY D 66 50.94 36.08 4.58
CA GLY D 66 52.19 36.49 5.16
C GLY D 66 53.28 35.50 4.79
N PRO D 67 54.43 35.58 5.48
CA PRO D 67 55.53 34.65 5.18
C PRO D 67 55.19 33.16 5.27
N ALA D 68 54.24 32.79 6.13
CA ALA D 68 53.84 31.38 6.25
C ALA D 68 52.88 30.90 5.14
N SER D 69 52.31 31.85 4.38
CA SER D 69 51.29 31.49 3.39
C SER D 69 51.48 32.19 2.04
N ARG D 70 52.71 32.58 1.70
CA ARG D 70 52.95 33.29 0.43
C ARG D 70 53.35 32.41 -0.71
N SER D 71 53.93 31.24 -0.44
CA SER D 71 54.34 30.32 -1.49
C SER D 71 53.15 29.91 -2.35
N VAL D 72 53.29 29.95 -3.70
CA VAL D 72 52.21 29.51 -4.60
C VAL D 72 51.75 28.06 -4.27
N GLU D 73 52.70 27.16 -3.97
CA GLU D 73 52.35 25.79 -3.60
C GLU D 73 51.60 25.71 -2.27
N ARG D 74 51.98 26.54 -1.28
CA ARG D 74 51.29 26.59 0.01
C ARG D 74 49.86 27.19 -0.20
N LEU D 75 49.74 28.22 -1.05
CA LEU D 75 48.43 28.83 -1.35
C LEU D 75 47.48 27.84 -2.01
N LYS D 76 48.00 26.91 -2.84
CA LYS D 76 47.16 25.89 -3.47
C LYS D 76 46.57 24.96 -2.39
N GLU D 77 47.38 24.61 -1.38
CA GLU D 77 46.91 23.78 -0.29
C GLU D 77 45.86 24.51 0.56
N MET D 78 46.03 25.81 0.75
CA MET D 78 45.08 26.61 1.53
CA MET D 78 45.08 26.61 1.53
C MET D 78 43.73 26.74 0.81
N ILE D 79 43.76 26.82 -0.53
CA ILE D 79 42.53 26.90 -1.30
C ILE D 79 41.78 25.56 -1.17
N LYS D 80 42.51 24.44 -1.29
CA LYS D 80 41.93 23.11 -1.11
C LYS D 80 41.38 22.90 0.30
N ALA D 81 42.05 23.48 1.32
CA ALA D 81 41.62 23.36 2.72
C ALA D 81 40.34 24.17 3.04
N GLY D 82 40.05 25.19 2.23
CA GLY D 82 38.84 25.98 2.42
C GLY D 82 38.96 27.49 2.46
N MET D 83 40.16 28.07 2.22
CA MET D 83 40.31 29.52 2.21
C MET D 83 39.48 30.15 1.09
N ASN D 84 38.63 31.13 1.43
CA ASN D 84 37.77 31.79 0.45
C ASN D 84 38.18 33.21 0.15
N ILE D 85 38.79 33.89 1.13
CA ILE D 85 39.23 35.27 1.00
C ILE D 85 40.65 35.38 1.54
N ALA D 86 41.53 36.01 0.77
CA ALA D 86 42.91 36.24 1.16
C ALA D 86 43.01 37.69 1.64
N ARG D 87 43.40 37.89 2.88
CA ARG D 87 43.52 39.23 3.46
C ARG D 87 44.98 39.71 3.39
N LEU D 88 45.20 40.92 2.85
CA LEU D 88 46.52 41.56 2.78
C LEU D 88 46.54 42.62 3.84
N ASN D 89 47.36 42.45 4.88
CA ASN D 89 47.40 43.42 5.97
C ASN D 89 48.39 44.52 5.63
N PHE D 90 47.90 45.71 5.24
CA PHE D 90 48.78 46.82 4.86
C PHE D 90 49.42 47.53 6.06
N SER D 91 49.26 47.00 7.30
CA SER D 91 49.99 47.54 8.45
C SER D 91 51.48 47.12 8.39
N HIS D 92 51.81 46.05 7.61
CA HIS D 92 53.17 45.53 7.45
C HIS D 92 53.46 45.29 5.96
N GLY D 93 54.72 45.45 5.56
CA GLY D 93 55.13 45.23 4.18
C GLY D 93 54.94 46.42 3.26
N SER D 94 55.74 46.50 2.22
CA SER D 94 55.67 47.57 1.22
C SER D 94 54.64 47.24 0.12
N HIS D 95 54.41 48.18 -0.83
CA HIS D 95 53.55 47.92 -1.97
C HIS D 95 54.12 46.78 -2.83
N GLU D 96 55.46 46.70 -2.95
CA GLU D 96 56.10 45.65 -3.73
C GLU D 96 55.81 44.28 -3.11
N TYR D 97 55.83 44.19 -1.79
CA TYR D 97 55.52 42.96 -1.06
C TYR D 97 54.06 42.56 -1.36
N HIS D 98 53.13 43.50 -1.23
CA HIS D 98 51.72 43.18 -1.44
C HIS D 98 51.39 42.85 -2.88
N ALA D 99 52.10 43.45 -3.86
CA ALA D 99 51.88 43.12 -5.27
C ALA D 99 52.31 41.67 -5.54
N GLU D 100 53.40 41.22 -4.89
CA GLU D 100 53.86 39.83 -5.05
C GLU D 100 52.86 38.88 -4.38
N SER D 101 52.30 39.27 -3.21
CA SER D 101 51.28 38.45 -2.52
C SER D 101 50.08 38.24 -3.45
N ILE D 102 49.61 39.34 -4.08
CA ILE D 102 48.49 39.29 -5.01
C ILE D 102 48.79 38.39 -6.18
N ALA D 103 49.97 38.55 -6.79
CA ALA D 103 50.35 37.72 -7.93
C ALA D 103 50.40 36.24 -7.57
N ASN D 104 50.92 35.91 -6.37
CA ASN D 104 51.00 34.52 -5.92
C ASN D 104 49.63 33.92 -5.66
N VAL D 105 48.74 34.71 -5.06
CA VAL D 105 47.36 34.24 -4.81
C VAL D 105 46.69 33.96 -6.14
N ARG D 106 46.75 34.92 -7.09
CA ARG D 106 46.14 34.73 -8.40
C ARG D 106 46.70 33.54 -9.16
N GLU D 107 48.03 33.31 -9.08
CA GLU D 107 48.63 32.16 -9.74
C GLU D 107 48.08 30.86 -9.15
N ALA D 108 47.99 30.77 -7.82
CA ALA D 108 47.45 29.58 -7.17
C ALA D 108 45.97 29.37 -7.52
N VAL D 109 45.18 30.44 -7.51
CA VAL D 109 43.74 30.34 -7.82
C VAL D 109 43.52 29.90 -9.27
N GLU D 110 44.25 30.53 -10.20
CA GLU D 110 44.09 30.23 -11.62
C GLU D 110 44.67 28.88 -12.03
N SER D 111 45.48 28.24 -11.16
CA SER D 111 46.00 26.89 -11.46
C SER D 111 44.89 25.85 -11.55
N PHE D 112 43.72 26.13 -10.94
CA PHE D 112 42.55 25.25 -10.99
C PHE D 112 41.52 25.64 -12.07
N ALA D 113 41.77 26.69 -12.84
CA ALA D 113 40.82 27.16 -13.86
C ALA D 113 40.58 26.21 -15.03
N GLY D 114 41.49 25.26 -15.24
CA GLY D 114 41.39 24.25 -16.29
C GLY D 114 40.26 23.26 -16.11
N SER D 115 39.69 23.20 -14.88
CA SER D 115 38.52 22.36 -14.59
C SER D 115 37.42 23.31 -14.12
N PRO D 116 36.64 23.85 -15.06
CA PRO D 116 35.63 24.86 -14.68
C PRO D 116 34.53 24.40 -13.72
N LEU D 117 34.20 23.10 -13.69
CA LEU D 117 33.17 22.59 -12.79
C LEU D 117 33.60 22.53 -11.32
N SER D 118 34.91 22.64 -11.04
CA SER D 118 35.40 22.58 -9.66
C SER D 118 36.22 23.84 -9.25
N TYR D 119 36.44 24.79 -10.16
CA TYR D 119 37.18 26.02 -9.89
C TYR D 119 36.55 26.82 -8.74
N ARG D 120 37.39 27.23 -7.78
CA ARG D 120 36.93 28.02 -6.65
C ARG D 120 37.45 29.42 -6.73
N PRO D 121 36.55 30.41 -6.88
CA PRO D 121 37.01 31.81 -6.83
C PRO D 121 37.55 32.13 -5.42
N VAL D 122 38.53 33.05 -5.33
CA VAL D 122 39.11 33.48 -4.05
C VAL D 122 39.22 34.99 -4.08
N ALA D 123 38.58 35.69 -3.13
CA ALA D 123 38.63 37.14 -3.10
C ALA D 123 39.93 37.66 -2.51
N ILE D 124 40.31 38.87 -2.88
CA ILE D 124 41.48 39.53 -2.32
C ILE D 124 40.99 40.77 -1.58
N ALA D 125 41.29 40.86 -0.29
CA ALA D 125 40.86 41.95 0.57
C ALA D 125 42.06 42.74 1.05
N LEU D 126 41.97 44.08 1.01
CA LEU D 126 43.04 44.95 1.45
C LEU D 126 42.63 45.51 2.80
N ASP D 127 43.41 45.23 3.83
CA ASP D 127 43.12 45.71 5.17
C ASP D 127 44.03 46.91 5.44
N THR D 128 43.45 48.10 5.61
CA THR D 128 44.24 49.32 5.76
C THR D 128 44.99 49.46 7.10
N LYS D 129 46.07 50.24 7.08
CA LYS D 129 46.87 50.52 8.27
C LYS D 129 46.03 51.32 9.27
N GLY D 130 45.26 52.29 8.79
CA GLY D 130 44.40 53.07 9.65
C GLY D 130 44.81 54.52 9.85
N PRO D 131 44.00 55.26 10.61
CA PRO D 131 44.25 56.69 10.79
C PRO D 131 45.35 57.06 11.79
N GLY D 132 45.76 56.11 12.63
CA GLY D 132 46.75 56.38 13.67
C GLY D 132 46.26 57.42 14.65
N SER D 133 47.08 58.47 14.88
CA SER D 133 46.67 59.59 15.76
C SER D 133 45.84 60.67 15.04
N GLY D 134 45.60 60.51 13.74
CA GLY D 134 44.85 61.47 12.94
C GLY D 134 43.35 61.37 13.11
N PRO D 135 42.63 62.42 12.69
CA PRO D 135 41.17 62.43 12.85
C PRO D 135 40.38 61.70 11.76
N GLY D 136 41.03 61.39 10.63
CA GLY D 136 40.36 60.73 9.52
C GLY D 136 41.31 59.98 8.61
N LEU D 137 41.01 59.94 7.30
CA LEU D 137 41.82 59.21 6.31
C LEU D 137 43.26 59.70 6.22
N SER D 138 44.21 58.83 6.56
CA SER D 138 45.63 59.15 6.52
C SER D 138 46.17 59.19 5.09
N GLU D 139 47.33 59.83 4.89
CA GLU D 139 47.95 59.90 3.59
C GLU D 139 48.43 58.54 3.11
N GLN D 140 48.90 57.68 4.02
CA GLN D 140 49.33 56.33 3.65
C GLN D 140 48.12 55.52 3.18
N ASP D 141 46.96 55.66 3.85
CA ASP D 141 45.75 54.96 3.42
C ASP D 141 45.31 55.41 2.04
N VAL D 142 45.44 56.72 1.71
CA VAL D 142 45.10 57.20 0.36
C VAL D 142 45.95 56.49 -0.70
N ARG D 143 47.26 56.36 -0.44
CA ARG D 143 48.16 55.68 -1.37
C ARG D 143 47.89 54.18 -1.46
N ASP D 144 47.60 53.55 -0.33
CA ASP D 144 47.29 52.10 -0.29
C ASP D 144 45.99 51.79 -0.98
N LEU D 145 44.98 52.65 -0.81
CA LEU D 145 43.69 52.46 -1.48
C LEU D 145 43.85 52.62 -2.99
N ARG D 146 44.70 53.57 -3.43
CA ARG D 146 44.98 53.74 -4.86
CA ARG D 146 44.96 53.73 -4.86
C ARG D 146 45.64 52.48 -5.41
N PHE D 147 46.59 51.91 -4.64
CA PHE D 147 47.28 50.66 -5.00
C PHE D 147 46.24 49.54 -5.18
N GLY D 148 45.29 49.47 -4.24
CA GLY D 148 44.23 48.46 -4.29
C GLY D 148 43.41 48.52 -5.55
N VAL D 149 43.00 49.73 -5.94
CA VAL D 149 42.22 49.91 -7.19
C VAL D 149 43.06 49.50 -8.41
N GLU D 150 44.32 49.94 -8.46
CA GLU D 150 45.22 49.61 -9.57
C GLU D 150 45.50 48.13 -9.68
N HIS D 151 45.50 47.40 -8.53
CA HIS D 151 45.74 45.97 -8.55
C HIS D 151 44.46 45.11 -8.52
N GLY D 152 43.30 45.74 -8.66
CA GLY D 152 42.02 45.05 -8.73
C GLY D 152 41.57 44.27 -7.50
N VAL D 153 41.82 44.82 -6.29
CA VAL D 153 41.35 44.13 -5.07
C VAL D 153 39.80 44.14 -5.04
N ASP D 154 39.20 43.15 -4.38
CA ASP D 154 37.75 43.01 -4.36
C ASP D 154 37.09 43.71 -3.19
N ILE D 155 37.79 43.75 -2.06
CA ILE D 155 37.24 44.26 -0.81
C ILE D 155 38.27 45.11 -0.09
N VAL D 156 37.80 46.09 0.68
CA VAL D 156 38.63 46.86 1.57
C VAL D 156 38.11 46.62 2.99
N PHE D 157 38.99 46.24 3.93
CA PHE D 157 38.64 46.16 5.34
C PHE D 157 39.21 47.46 5.89
N ALA D 158 38.36 48.48 6.10
CA ALA D 158 38.79 49.80 6.53
C ALA D 158 38.99 49.86 8.04
N SER D 159 40.25 50.07 8.49
CA SER D 159 40.56 50.10 9.89
C SER D 159 40.04 51.34 10.62
N PHE D 160 39.70 51.14 11.90
CA PHE D 160 39.24 52.16 12.83
C PHE D 160 38.16 53.09 12.29
N VAL D 161 37.08 52.52 11.73
CA VAL D 161 35.98 53.35 11.25
C VAL D 161 35.20 53.85 12.48
N ARG D 162 35.07 55.17 12.62
CA ARG D 162 34.42 55.78 13.78
C ARG D 162 33.12 56.51 13.45
N LYS D 163 32.85 56.79 12.18
CA LYS D 163 31.66 57.53 11.77
C LYS D 163 31.43 57.36 10.26
N ALA D 164 30.23 57.73 9.78
CA ALA D 164 29.87 57.61 8.38
C ALA D 164 30.84 58.35 7.44
N SER D 165 31.35 59.53 7.84
CA SER D 165 32.26 60.29 6.98
C SER D 165 33.61 59.58 6.74
N ASP D 166 34.01 58.65 7.64
CA ASP D 166 35.21 57.84 7.43
C ASP D 166 34.99 56.92 6.23
N VAL D 167 33.79 56.34 6.10
CA VAL D 167 33.45 55.45 4.99
C VAL D 167 33.41 56.23 3.69
N ALA D 168 32.82 57.46 3.72
CA ALA D 168 32.76 58.29 2.53
C ALA D 168 34.16 58.64 2.03
N ALA D 169 35.11 58.90 2.96
CA ALA D 169 36.49 59.23 2.60
C ALA D 169 37.19 58.03 1.96
N VAL D 170 36.91 56.81 2.44
CA VAL D 170 37.51 55.60 1.85
C VAL D 170 36.98 55.44 0.42
N ARG D 171 35.66 55.60 0.26
CA ARG D 171 34.99 55.49 -1.01
C ARG D 171 35.56 56.52 -2.02
N ALA D 172 35.76 57.78 -1.58
CA ALA D 172 36.32 58.83 -2.44
C ALA D 172 37.75 58.48 -2.86
N ALA D 173 38.55 57.93 -1.94
CA ALA D 173 39.93 57.53 -2.21
C ALA D 173 40.04 56.37 -3.22
N LEU D 174 38.98 55.55 -3.34
CA LEU D 174 38.96 54.49 -4.33
C LEU D 174 38.72 55.03 -5.77
N GLY D 175 38.28 56.29 -5.90
CA GLY D 175 38.05 56.96 -7.17
C GLY D 175 36.92 56.41 -8.00
N PRO D 176 36.82 56.89 -9.25
CA PRO D 176 35.75 56.41 -10.14
C PRO D 176 35.93 54.97 -10.61
N GLU D 177 37.17 54.47 -10.67
CA GLU D 177 37.43 53.09 -11.12
C GLU D 177 37.24 52.04 -10.00
N GLY D 178 37.06 52.46 -8.76
CA GLY D 178 36.88 51.53 -7.66
C GLY D 178 35.48 51.50 -7.08
N HIS D 179 34.45 51.85 -7.89
CA HIS D 179 33.04 51.87 -7.45
CA HIS D 179 33.06 51.87 -7.42
C HIS D 179 32.50 50.49 -7.06
N GLY D 180 33.03 49.44 -7.70
CA GLY D 180 32.57 48.09 -7.44
C GLY D 180 33.22 47.38 -6.25
N ILE D 181 34.25 48.00 -5.64
CA ILE D 181 34.94 47.41 -4.49
C ILE D 181 34.05 47.49 -3.24
N LYS D 182 33.93 46.38 -2.50
CA LYS D 182 33.11 46.36 -1.28
C LYS D 182 33.88 46.96 -0.11
N ILE D 183 33.25 47.83 0.67
CA ILE D 183 33.89 48.41 1.84
C ILE D 183 33.31 47.77 3.11
N ILE D 184 34.16 47.05 3.85
CA ILE D 184 33.78 46.43 5.11
C ILE D 184 34.41 47.27 6.20
N SER D 185 33.58 47.95 6.99
CA SER D 185 34.10 48.81 8.05
C SER D 185 34.51 48.02 9.30
N LYS D 186 35.74 48.22 9.77
CA LYS D 186 36.22 47.57 10.98
C LYS D 186 35.84 48.42 12.18
N ILE D 187 35.09 47.83 13.14
CA ILE D 187 34.69 48.50 14.36
C ILE D 187 35.70 48.07 15.42
N GLU D 188 36.50 49.03 15.89
CA GLU D 188 37.62 48.73 16.77
C GLU D 188 37.68 49.56 18.05
N ASN D 189 36.73 50.44 18.29
CA ASN D 189 36.76 51.28 19.48
C ASN D 189 35.35 51.68 19.95
N HIS D 190 35.25 52.36 21.10
CA HIS D 190 33.96 52.76 21.66
C HIS D 190 33.15 53.63 20.70
N GLU D 191 33.77 54.60 20.02
CA GLU D 191 33.04 55.46 19.10
C GLU D 191 32.42 54.69 17.93
N GLY D 192 33.16 53.74 17.37
CA GLY D 192 32.64 52.91 16.29
C GLY D 192 31.43 52.11 16.73
N VAL D 193 31.44 51.58 17.98
CA VAL D 193 30.29 50.85 18.51
C VAL D 193 29.09 51.79 18.70
N LYS D 194 29.31 52.98 19.27
CA LYS D 194 28.23 53.93 19.51
C LYS D 194 27.63 54.51 18.24
N ARG D 195 28.45 54.73 17.22
CA ARG D 195 27.96 55.21 15.93
C ARG D 195 27.74 54.08 14.92
N PHE D 196 27.57 52.83 15.40
CA PHE D 196 27.40 51.66 14.55
C PHE D 196 26.32 51.81 13.48
N ASP D 197 25.11 52.28 13.86
CA ASP D 197 24.01 52.36 12.89
C ASP D 197 24.33 53.24 11.69
N GLU D 198 24.94 54.40 11.93
CA GLU D 198 25.29 55.30 10.81
C GLU D 198 26.42 54.71 9.95
N ILE D 199 27.32 53.96 10.55
CA ILE D 199 28.44 53.33 9.84
C ILE D 199 27.90 52.19 8.95
N LEU D 200 27.06 51.31 9.52
CA LEU D 200 26.49 50.19 8.77
C LEU D 200 25.68 50.67 7.57
N GLU D 201 24.90 51.75 7.75
CA GLU D 201 24.05 52.31 6.70
C GLU D 201 24.81 52.60 5.43
N VAL D 202 26.05 53.13 5.53
CA VAL D 202 26.85 53.49 4.35
C VAL D 202 27.93 52.45 3.97
N SER D 203 28.09 51.39 4.77
CA SER D 203 29.09 50.36 4.49
C SER D 203 28.46 49.16 3.79
N ASP D 204 29.28 48.34 3.12
CA ASP D 204 28.79 47.09 2.55
C ASP D 204 28.66 45.99 3.64
N GLY D 205 29.40 46.13 4.72
CA GLY D 205 29.42 45.17 5.81
C GLY D 205 30.34 45.62 6.93
N ILE D 206 30.51 44.74 7.94
CA ILE D 206 31.26 45.09 9.13
C ILE D 206 32.25 44.00 9.52
N MET D 207 33.35 44.40 10.15
CA MET D 207 34.26 43.45 10.77
C MET D 207 34.30 43.78 12.27
N VAL D 208 34.09 42.77 13.12
CA VAL D 208 34.23 42.93 14.56
C VAL D 208 35.73 42.68 14.81
N ALA D 209 36.50 43.77 14.88
CA ALA D 209 37.97 43.70 14.99
C ALA D 209 38.31 43.61 16.45
N ARG D 210 38.25 42.38 16.99
CA ARG D 210 38.34 42.15 18.44
C ARG D 210 39.67 42.50 19.08
N GLY D 211 40.75 42.50 18.32
CA GLY D 211 42.09 42.84 18.85
C GLY D 211 42.11 44.23 19.46
N ASP D 212 41.90 45.26 18.64
CA ASP D 212 41.87 46.62 19.12
C ASP D 212 40.64 46.88 19.98
N LEU D 213 39.48 46.30 19.62
CA LEU D 213 38.26 46.48 20.42
C LEU D 213 38.46 46.05 21.89
N GLY D 214 39.18 44.95 22.10
CA GLY D 214 39.49 44.40 23.42
C GLY D 214 40.49 45.20 24.25
N ILE D 215 41.13 46.21 23.63
CA ILE D 215 42.04 47.14 24.31
C ILE D 215 41.38 48.52 24.45
N GLU D 216 40.46 48.89 23.55
CA GLU D 216 39.74 50.15 23.56
C GLU D 216 38.57 50.16 24.55
N ILE D 217 37.92 49.01 24.71
CA ILE D 217 36.84 48.85 25.70
C ILE D 217 37.24 47.70 26.66
N PRO D 218 36.61 47.56 27.84
CA PRO D 218 36.99 46.44 28.74
C PRO D 218 36.89 45.08 28.04
N ALA D 219 37.90 44.23 28.21
CA ALA D 219 37.95 42.91 27.57
C ALA D 219 36.68 42.09 27.81
N GLU D 220 36.09 42.21 29.00
CA GLU D 220 34.88 41.49 29.38
C GLU D 220 33.61 41.99 28.69
N LYS D 221 33.67 43.09 27.93
CA LYS D 221 32.52 43.62 27.22
C LYS D 221 32.55 43.29 25.70
N VAL D 222 33.68 42.79 25.16
CA VAL D 222 33.80 42.51 23.73
C VAL D 222 32.71 41.59 23.20
N PHE D 223 32.38 40.53 23.97
CA PHE D 223 31.34 39.59 23.49
C PHE D 223 29.98 40.29 23.27
N LEU D 224 29.65 41.33 24.07
CA LEU D 224 28.39 42.07 23.92
C LEU D 224 28.43 42.86 22.61
N ALA D 225 29.56 43.51 22.32
CA ALA D 225 29.71 44.28 21.08
C ALA D 225 29.66 43.31 19.88
N GLN D 226 30.32 42.15 19.97
CA GLN D 226 30.31 41.16 18.89
C GLN D 226 28.86 40.69 18.61
N LYS D 227 28.15 40.25 19.66
CA LYS D 227 26.78 39.74 19.50
C LYS D 227 25.81 40.79 18.98
N MET D 228 25.95 42.05 19.45
CA MET D 228 25.10 43.15 19.00
C MET D 228 25.35 43.44 17.52
N MET D 229 26.62 43.57 17.11
CA MET D 229 26.94 43.90 15.74
C MET D 229 26.54 42.81 14.77
N ILE D 230 26.71 41.53 15.17
CA ILE D 230 26.29 40.42 14.32
C ILE D 230 24.75 40.45 14.16
N GLY D 231 24.03 40.64 15.26
CA GLY D 231 22.56 40.73 15.21
C GLY D 231 22.09 41.86 14.31
N ARG D 232 22.69 43.05 14.45
CA ARG D 232 22.30 44.20 13.61
C ARG D 232 22.65 44.00 12.14
N CYS D 233 23.80 43.35 11.82
CA CYS D 233 24.14 43.05 10.44
C CYS D 233 23.21 42.01 9.85
N ASN D 234 22.83 41.01 10.64
CA ASN D 234 21.89 39.99 10.18
C ASN D 234 20.52 40.65 9.88
N LEU D 235 20.10 41.58 10.76
CA LEU D 235 18.84 42.31 10.55
C LEU D 235 18.90 43.13 9.25
N ALA D 236 20.03 43.80 9.01
CA ALA D 236 20.23 44.61 7.80
C ALA D 236 20.50 43.80 6.52
N GLY D 237 20.79 42.51 6.66
CA GLY D 237 21.12 41.67 5.51
C GLY D 237 22.47 42.01 4.89
N LYS D 238 23.41 42.48 5.72
CA LYS D 238 24.76 42.85 5.28
C LYS D 238 25.81 41.96 5.95
N PRO D 239 26.88 41.60 5.21
CA PRO D 239 27.89 40.69 5.79
C PRO D 239 28.61 41.17 7.04
N VAL D 240 28.88 40.25 7.96
CA VAL D 240 29.60 40.54 9.18
C VAL D 240 30.70 39.51 9.37
N VAL D 241 31.90 39.98 9.72
CA VAL D 241 33.08 39.14 9.90
C VAL D 241 33.47 39.10 11.37
N CYS D 242 33.74 37.92 11.94
CA CYS D 242 34.28 37.85 13.30
C CYS D 242 35.79 37.66 13.13
N ALA D 243 36.59 38.47 13.84
CA ALA D 243 38.03 38.41 13.64
C ALA D 243 38.83 38.42 14.93
N THR D 244 40.08 37.89 14.86
CA THR D 244 41.20 38.01 15.80
C THR D 244 41.19 37.06 16.98
N GLN D 245 42.31 36.30 17.07
CA GLN D 245 42.64 35.33 18.11
C GLN D 245 41.68 34.17 18.19
N MET D 246 40.97 33.85 17.06
CA MET D 246 40.00 32.75 17.09
C MET D 246 40.68 31.40 17.33
N LEU D 247 41.87 31.18 16.73
CA LEU D 247 42.63 29.93 16.95
C LEU D 247 44.09 30.31 17.27
N GLU D 248 44.29 31.37 18.08
CA GLU D 248 45.61 31.94 18.37
C GLU D 248 46.71 30.93 18.74
N SER D 249 46.42 29.96 19.61
CA SER D 249 47.42 28.98 20.02
C SER D 249 47.95 28.14 18.84
N MET D 250 47.21 28.08 17.70
CA MET D 250 47.67 27.32 16.53
C MET D 250 48.78 28.01 15.73
N ILE D 251 49.19 29.21 16.17
CA ILE D 251 50.37 29.86 15.59
C ILE D 251 51.61 28.98 15.90
N THR D 252 51.65 28.34 17.10
CA THR D 252 52.77 27.50 17.52
C THR D 252 52.40 26.05 17.80
N LYS D 253 51.12 25.75 18.09
CA LYS D 253 50.69 24.37 18.43
C LYS D 253 49.83 23.72 17.35
N PRO D 254 49.92 22.38 17.19
CA PRO D 254 49.15 21.73 16.12
C PRO D 254 47.65 21.66 16.37
N ARG D 255 47.21 21.81 17.63
CA ARG D 255 45.80 21.71 17.99
C ARG D 255 45.42 22.92 18.82
N PRO D 256 44.16 23.41 18.65
CA PRO D 256 43.75 24.60 19.40
C PRO D 256 43.25 24.29 20.82
N THR D 257 43.05 25.34 21.63
CA THR D 257 42.54 25.15 22.98
C THR D 257 41.00 24.90 22.95
N ARG D 258 40.42 24.48 24.08
CA ARG D 258 38.97 24.27 24.15
C ARG D 258 38.22 25.59 24.01
N ALA D 259 38.80 26.71 24.45
CA ALA D 259 38.18 28.03 24.33
C ALA D 259 38.15 28.50 22.88
N GLU D 260 39.22 28.17 22.12
CA GLU D 260 39.32 28.53 20.71
C GLU D 260 38.31 27.81 19.82
N THR D 261 38.12 26.49 20.00
CA THR D 261 37.12 25.78 19.20
C THR D 261 35.72 26.31 19.54
N SER D 262 35.47 26.57 20.83
CA SER D 262 34.21 27.12 21.30
C SER D 262 33.96 28.51 20.64
N ASP D 263 34.98 29.37 20.61
CA ASP D 263 34.88 30.71 20.03
C ASP D 263 34.47 30.65 18.54
N VAL D 264 35.09 29.76 17.76
CA VAL D 264 34.75 29.60 16.35
C VAL D 264 33.30 29.12 16.20
N ALA D 265 32.91 28.08 16.97
CA ALA D 265 31.53 27.57 16.89
C ALA D 265 30.52 28.64 17.28
N ASN D 266 30.81 29.41 18.33
CA ASN D 266 29.89 30.44 18.80
C ASN D 266 29.81 31.64 17.87
N ALA D 267 30.86 31.95 17.13
CA ALA D 267 30.79 33.04 16.13
C ALA D 267 29.79 32.63 15.02
N VAL D 268 29.82 31.35 14.60
CA VAL D 268 28.88 30.85 13.59
C VAL D 268 27.46 30.85 14.16
N LEU D 269 27.27 30.33 15.39
CA LEU D 269 25.95 30.31 16.03
C LEU D 269 25.42 31.72 16.29
N ASP D 270 26.31 32.71 16.51
CA ASP D 270 25.89 34.11 16.70
C ASP D 270 25.26 34.68 15.40
N GLY D 271 25.74 34.21 14.26
CA GLY D 271 25.27 34.63 12.93
C GLY D 271 26.33 35.23 12.02
N ALA D 272 27.64 35.05 12.36
CA ALA D 272 28.70 35.62 11.51
C ALA D 272 28.68 35.03 10.11
N ASP D 273 28.84 35.87 9.10
CA ASP D 273 28.94 35.41 7.71
C ASP D 273 30.33 34.84 7.44
N CYS D 274 31.38 35.47 8.01
CA CYS D 274 32.77 35.06 7.81
C CYS D 274 33.49 34.94 9.14
N ILE D 275 34.51 34.10 9.17
CA ILE D 275 35.43 33.97 10.30
C ILE D 275 36.84 34.19 9.76
N MET D 276 37.76 34.69 10.60
CA MET D 276 39.06 35.08 10.12
C MET D 276 40.23 34.47 10.89
N LEU D 277 41.37 34.38 10.21
CA LEU D 277 42.66 33.92 10.74
C LEU D 277 43.65 35.04 10.42
N SER D 278 44.46 35.43 11.40
CA SER D 278 45.45 36.48 11.24
C SER D 278 46.85 35.86 11.35
N GLY D 279 47.49 35.90 12.51
CA GLY D 279 48.80 35.27 12.70
C GLY D 279 48.79 33.78 12.40
N GLU D 280 47.64 33.09 12.65
CA GLU D 280 47.47 31.66 12.40
C GLU D 280 47.81 31.28 10.97
N THR D 281 47.55 32.18 10.01
CA THR D 281 47.92 31.90 8.61
C THR D 281 49.05 32.80 8.10
N ALA D 282 49.23 34.01 8.68
CA ALA D 282 50.26 34.93 8.16
C ALA D 282 51.66 34.54 8.59
N LYS D 283 51.83 34.07 9.82
CA LYS D 283 53.19 33.80 10.31
C LYS D 283 53.41 32.52 11.06
N GLY D 284 52.35 31.79 11.36
CA GLY D 284 52.46 30.59 12.17
C GLY D 284 52.98 29.35 11.47
N ASN D 285 53.16 28.29 12.23
CA ASN D 285 53.66 27.03 11.67
C ASN D 285 52.58 26.09 11.18
N PHE D 286 51.29 26.44 11.35
CA PHE D 286 50.20 25.55 10.93
C PHE D 286 49.11 26.29 10.10
N PRO D 287 49.50 27.06 9.08
CA PRO D 287 48.49 27.80 8.31
C PRO D 287 47.42 26.92 7.68
N VAL D 288 47.82 25.81 7.03
CA VAL D 288 46.85 24.92 6.39
C VAL D 288 45.95 24.24 7.44
N GLU D 289 46.55 23.80 8.55
CA GLU D 289 45.79 23.14 9.59
C GLU D 289 44.80 24.10 10.26
N ALA D 290 45.15 25.37 10.37
CA ALA D 290 44.27 26.37 10.98
C ALA D 290 43.02 26.57 10.10
N VAL D 291 43.22 26.60 8.77
CA VAL D 291 42.11 26.71 7.82
C VAL D 291 41.24 25.43 7.93
N LYS D 292 41.88 24.25 7.99
CA LYS D 292 41.14 22.99 8.11
C LYS D 292 40.33 22.93 9.40
N MET D 293 40.87 23.48 10.51
CA MET D 293 40.18 23.49 11.80
C MET D 293 38.96 24.41 11.76
N GLN D 294 39.08 25.63 11.18
CA GLN D 294 37.92 26.52 11.05
C GLN D 294 36.87 25.88 10.15
N HIS D 295 37.28 25.22 9.08
CA HIS D 295 36.33 24.50 8.19
C HIS D 295 35.55 23.43 8.97
N ALA D 296 36.27 22.58 9.72
CA ALA D 296 35.64 21.50 10.48
C ALA D 296 34.66 22.00 11.53
N ILE D 297 35.05 23.03 12.32
CA ILE D 297 34.18 23.58 13.34
C ILE D 297 32.95 24.25 12.73
N ALA D 298 33.15 25.10 11.71
CA ALA D 298 32.05 25.81 11.05
C ALA D 298 30.99 24.86 10.53
N ARG D 299 31.39 23.75 9.90
CA ARG D 299 30.42 22.75 9.39
C ARG D 299 29.58 22.15 10.52
N GLU D 300 30.22 21.83 11.65
CA GLU D 300 29.49 21.28 12.79
C GLU D 300 28.51 22.31 13.37
N ALA D 301 28.97 23.58 13.50
CA ALA D 301 28.13 24.64 14.08
C ALA D 301 26.97 25.01 13.18
N GLU D 302 27.17 24.99 11.86
CA GLU D 302 26.10 25.32 10.92
C GLU D 302 24.95 24.30 10.99
N ALA D 303 25.27 23.03 11.19
CA ALA D 303 24.21 22.01 11.34
C ALA D 303 23.45 22.19 12.65
N ALA D 304 24.10 22.73 13.70
CA ALA D 304 23.50 22.99 15.00
C ALA D 304 22.67 24.29 15.06
N VAL D 305 22.56 25.03 13.96
CA VAL D 305 21.75 26.26 13.91
C VAL D 305 20.27 25.89 14.04
N TYR D 306 19.52 26.60 14.89
CA TYR D 306 18.10 26.31 15.11
C TYR D 306 17.27 27.12 14.09
N HIS D 307 17.25 26.65 12.83
CA HIS D 307 16.55 27.34 11.74
C HIS D 307 15.09 27.62 12.03
N ARG D 308 14.40 26.75 12.79
CA ARG D 308 12.98 26.97 13.12
C ARG D 308 12.72 28.38 13.68
N GLN D 309 13.50 28.78 14.69
CA GLN D 309 13.33 30.11 15.26
C GLN D 309 14.04 31.18 14.43
N LEU D 310 15.26 30.87 13.96
CA LEU D 310 16.04 31.85 13.19
C LEU D 310 15.29 32.36 11.94
N PHE D 311 14.75 31.43 11.12
CA PHE D 311 14.00 31.84 9.92
C PHE D 311 12.78 32.64 10.27
N GLU D 312 12.05 32.20 11.32
CA GLU D 312 10.84 32.90 11.76
C GLU D 312 11.15 34.34 12.17
N GLU D 313 12.25 34.53 12.93
CA GLU D 313 12.61 35.87 13.36
C GLU D 313 13.14 36.76 12.24
N LEU D 314 13.94 36.20 11.32
CA LEU D 314 14.47 36.98 10.19
C LEU D 314 13.32 37.42 9.29
N ARG D 315 12.38 36.52 9.04
CA ARG D 315 11.20 36.77 8.24
C ARG D 315 10.33 37.87 8.85
N ARG D 316 10.07 37.78 10.16
CA ARG D 316 9.24 38.75 10.86
C ARG D 316 9.90 40.12 10.96
N ALA D 317 11.23 40.16 11.13
CA ALA D 317 11.94 41.43 11.29
C ALA D 317 12.19 42.15 9.97
N ALA D 318 12.32 41.41 8.87
CA ALA D 318 12.58 42.02 7.58
C ALA D 318 11.36 42.79 7.13
N PRO D 319 11.55 44.07 6.75
CA PRO D 319 10.39 44.88 6.37
C PRO D 319 9.69 44.40 5.11
N LEU D 320 8.43 44.84 4.92
CA LEU D 320 7.69 44.57 3.70
C LEU D 320 8.42 45.23 2.54
N SER D 321 8.37 44.63 1.35
CA SER D 321 9.11 45.17 0.22
C SER D 321 8.34 45.10 -1.07
N ARG D 322 8.51 46.08 -1.92
CA ARG D 322 7.95 46.06 -3.27
C ARG D 322 9.04 45.76 -4.33
N ASP D 323 10.26 45.37 -3.91
CA ASP D 323 11.34 45.04 -4.81
C ASP D 323 11.18 43.59 -5.23
N PRO D 324 11.01 43.29 -6.53
CA PRO D 324 10.81 41.89 -6.94
C PRO D 324 11.93 40.93 -6.57
N THR D 325 13.20 41.39 -6.50
CA THR D 325 14.30 40.50 -6.10
C THR D 325 14.11 40.06 -4.65
N GLU D 326 13.76 41.01 -3.77
CA GLU D 326 13.54 40.74 -2.35
C GLU D 326 12.32 39.82 -2.15
N VAL D 327 11.26 40.07 -2.93
CA VAL D 327 10.04 39.26 -2.82
C VAL D 327 10.30 37.84 -3.30
N THR D 328 11.01 37.69 -4.44
CA THR D 328 11.35 36.37 -4.97
C THR D 328 12.26 35.63 -3.98
N ALA D 329 13.22 36.33 -3.35
CA ALA D 329 14.14 35.69 -2.42
C ALA D 329 13.44 35.02 -1.24
N ILE D 330 12.49 35.73 -0.59
CA ILE D 330 11.79 35.12 0.56
C ILE D 330 10.91 33.96 0.12
N GLY D 331 10.27 34.08 -1.05
CA GLY D 331 9.45 32.99 -1.58
C GLY D 331 10.30 31.76 -1.86
N ALA D 332 11.51 31.95 -2.43
CA ALA D 332 12.46 30.87 -2.75
C ALA D 332 12.96 30.18 -1.49
N VAL D 333 13.28 30.95 -0.43
CA VAL D 333 13.79 30.35 0.83
C VAL D 333 12.67 29.55 1.50
N GLU D 334 11.45 30.07 1.48
CA GLU D 334 10.30 29.38 2.05
CA GLU D 334 10.29 29.38 2.05
C GLU D 334 10.06 28.06 1.29
N ALA D 335 10.12 28.11 -0.06
CA ALA D 335 9.96 26.92 -0.90
C ALA D 335 11.07 25.90 -0.59
N ALA D 336 12.32 26.35 -0.43
CA ALA D 336 13.46 25.46 -0.14
C ALA D 336 13.24 24.71 1.19
N PHE D 337 12.79 25.41 2.23
CA PHE D 337 12.51 24.76 3.51
C PHE D 337 11.36 23.75 3.40
N LYS D 338 10.34 24.05 2.60
CA LYS D 338 9.18 23.18 2.44
C LYS D 338 9.52 21.80 1.89
N CYS D 339 10.48 21.73 0.95
CA CYS D 339 10.84 20.48 0.30
C CYS D 339 12.20 19.95 0.70
N CYS D 340 12.89 20.56 1.69
CA CYS D 340 14.25 20.13 2.06
C CYS D 340 15.17 20.21 0.84
N ALA D 341 15.04 21.31 0.06
CA ALA D 341 15.83 21.47 -1.15
C ALA D 341 17.33 21.37 -0.86
N ALA D 342 18.08 20.67 -1.70
CA ALA D 342 19.53 20.54 -1.53
C ALA D 342 20.23 21.86 -1.84
N ALA D 343 19.64 22.68 -2.75
CA ALA D 343 20.26 23.94 -3.12
C ALA D 343 19.23 24.90 -3.73
N ILE D 344 19.59 26.20 -3.73
CA ILE D 344 18.89 27.24 -4.44
C ILE D 344 19.92 27.70 -5.48
N ILE D 345 19.67 27.48 -6.77
CA ILE D 345 20.60 27.91 -7.81
C ILE D 345 20.13 29.28 -8.30
N VAL D 346 20.99 30.30 -8.20
CA VAL D 346 20.62 31.64 -8.59
C VAL D 346 21.58 32.22 -9.62
N LEU D 347 21.05 32.89 -10.63
CA LEU D 347 21.88 33.58 -11.61
C LEU D 347 22.04 35.01 -11.10
N THR D 348 23.27 35.53 -11.10
CA THR D 348 23.51 36.89 -10.60
C THR D 348 24.64 37.60 -11.33
N THR D 349 24.48 38.89 -11.60
CA THR D 349 25.49 39.69 -12.28
C THR D 349 26.39 40.38 -11.25
N THR D 350 25.79 40.99 -10.20
CA THR D 350 26.48 41.74 -9.17
C THR D 350 26.65 40.97 -7.84
N GLY D 351 25.93 39.87 -7.68
CA GLY D 351 25.86 39.10 -6.45
C GLY D 351 24.63 39.43 -5.60
N ARG D 352 23.94 40.54 -5.90
CA ARG D 352 22.80 41.00 -5.10
C ARG D 352 21.66 39.97 -4.92
N SER D 353 21.27 39.23 -5.99
CA SER D 353 20.19 38.24 -5.84
C SER D 353 20.61 37.12 -4.86
N ALA D 354 21.91 36.75 -4.85
CA ALA D 354 22.40 35.72 -3.93
C ALA D 354 22.47 36.26 -2.50
N GLN D 355 22.84 37.54 -2.33
CA GLN D 355 22.89 38.18 -1.02
C GLN D 355 21.48 38.22 -0.38
N LEU D 356 20.44 38.51 -1.19
CA LEU D 356 19.08 38.59 -0.68
C LEU D 356 18.51 37.22 -0.28
N LEU D 357 19.02 36.13 -0.88
CA LEU D 357 18.63 34.78 -0.47
C LEU D 357 19.37 34.46 0.86
N SER D 358 20.68 34.75 0.91
CA SER D 358 21.55 34.51 2.07
C SER D 358 21.02 35.17 3.37
N ARG D 359 20.41 36.37 3.26
CA ARG D 359 19.94 37.09 4.44
C ARG D 359 18.88 36.32 5.24
N TYR D 360 18.15 35.40 4.59
CA TYR D 360 17.13 34.57 5.25
C TYR D 360 17.68 33.27 5.83
N ARG D 361 18.99 33.04 5.73
CA ARG D 361 19.70 31.88 6.25
C ARG D 361 19.04 30.54 5.90
N PRO D 362 18.87 30.26 4.60
CA PRO D 362 18.34 28.94 4.23
C PRO D 362 19.33 27.83 4.62
N ARG D 363 18.82 26.63 4.91
CA ARG D 363 19.67 25.47 5.13
C ARG D 363 20.24 25.05 3.74
N ALA D 364 19.43 25.21 2.66
CA ALA D 364 19.86 24.90 1.30
C ALA D 364 21.02 25.79 0.90
N ALA D 365 22.04 25.21 0.26
CA ALA D 365 23.19 25.97 -0.25
C ALA D 365 22.71 26.93 -1.34
N VAL D 366 23.22 28.15 -1.39
CA VAL D 366 22.87 29.09 -2.47
C VAL D 366 24.00 29.01 -3.50
N ILE D 367 23.77 28.32 -4.62
CA ILE D 367 24.77 28.18 -5.66
C ILE D 367 24.59 29.34 -6.62
N ALA D 368 25.54 30.28 -6.62
CA ALA D 368 25.42 31.49 -7.43
C ALA D 368 26.24 31.42 -8.70
N VAL D 369 25.58 31.39 -9.84
CA VAL D 369 26.25 31.33 -11.14
C VAL D 369 26.39 32.72 -11.72
N THR D 370 27.61 33.14 -12.00
CA THR D 370 27.86 34.48 -12.54
C THR D 370 28.96 34.48 -13.59
N ARG D 371 28.92 35.46 -14.51
CA ARG D 371 30.01 35.70 -15.46
C ARG D 371 31.02 36.70 -14.89
N SER D 372 30.65 37.48 -13.86
CA SER D 372 31.52 38.47 -13.28
C SER D 372 32.52 37.80 -12.34
N ALA D 373 33.82 37.83 -12.70
CA ALA D 373 34.84 37.24 -11.86
C ALA D 373 34.90 37.97 -10.52
N GLN D 374 34.72 39.30 -10.53
CA GLN D 374 34.71 40.07 -9.30
C GLN D 374 33.51 39.74 -8.39
N ALA D 375 32.29 39.63 -8.96
CA ALA D 375 31.12 39.28 -8.14
C ALA D 375 31.28 37.87 -7.55
N ALA D 376 31.84 36.94 -8.32
CA ALA D 376 32.10 35.58 -7.83
C ALA D 376 33.03 35.60 -6.60
N ARG D 377 34.03 36.47 -6.61
CA ARG D 377 34.92 36.59 -5.47
C ARG D 377 34.21 37.28 -4.29
N GLN D 378 33.52 38.39 -4.55
CA GLN D 378 32.87 39.16 -3.49
C GLN D 378 31.73 38.45 -2.75
N VAL D 379 30.96 37.57 -3.42
CA VAL D 379 29.84 36.90 -2.74
C VAL D 379 30.26 35.94 -1.61
N HIS D 380 31.56 35.62 -1.52
CA HIS D 380 32.06 34.84 -0.38
C HIS D 380 31.80 35.59 0.95
N LEU D 381 31.54 36.92 0.91
CA LEU D 381 31.20 37.66 2.12
C LEU D 381 29.85 37.23 2.70
N CYS D 382 28.94 36.65 1.89
CA CYS D 382 27.58 36.28 2.31
C CYS D 382 27.47 34.83 2.68
N ARG D 383 27.03 34.52 3.90
CA ARG D 383 26.95 33.11 4.33
C ARG D 383 26.12 32.23 3.43
N GLY D 384 26.65 31.06 3.13
CA GLY D 384 25.91 30.07 2.36
C GLY D 384 25.87 30.28 0.87
N VAL D 385 26.67 31.23 0.35
CA VAL D 385 26.73 31.48 -1.08
C VAL D 385 27.97 30.79 -1.64
N PHE D 386 27.77 29.90 -2.60
CA PHE D 386 28.82 29.14 -3.26
C PHE D 386 28.95 29.66 -4.70
N PRO D 387 29.93 30.53 -4.95
CA PRO D 387 30.05 31.11 -6.30
C PRO D 387 30.67 30.20 -7.34
N LEU D 388 30.07 30.22 -8.53
CA LEU D 388 30.55 29.46 -9.67
C LEU D 388 30.78 30.46 -10.81
N LEU D 389 32.01 30.51 -11.33
CA LEU D 389 32.33 31.43 -12.40
C LEU D 389 32.05 30.76 -13.74
N TYR D 390 31.12 31.32 -14.51
CA TYR D 390 30.76 30.80 -15.82
C TYR D 390 31.59 31.53 -16.89
N ARG D 391 32.30 30.77 -17.72
CA ARG D 391 33.23 31.37 -18.70
C ARG D 391 32.76 31.37 -20.13
N GLU D 392 31.72 30.60 -20.46
CA GLU D 392 31.25 30.52 -21.84
C GLU D 392 30.65 31.81 -22.36
N PRO D 393 30.92 32.14 -23.64
CA PRO D 393 30.30 33.35 -24.21
C PRO D 393 28.79 33.18 -24.37
N PRO D 394 28.03 34.29 -24.34
CA PRO D 394 26.56 34.18 -24.44
C PRO D 394 26.00 33.48 -25.65
N GLU D 395 25.00 32.60 -25.43
CA GLU D 395 24.24 31.92 -26.48
C GLU D 395 23.40 32.98 -27.22
N ALA D 396 23.07 32.74 -28.49
CA ALA D 396 22.27 33.67 -29.28
C ALA D 396 20.86 33.81 -28.70
N ILE D 397 20.25 32.72 -28.22
CA ILE D 397 18.93 32.77 -27.62
C ILE D 397 19.10 32.92 -26.09
N TRP D 398 18.63 34.03 -25.53
CA TRP D 398 18.81 34.34 -24.11
C TRP D 398 18.26 33.24 -23.19
N ALA D 399 17.10 32.65 -23.49
CA ALA D 399 16.53 31.56 -22.71
C ALA D 399 17.46 30.34 -22.67
N ASP D 400 18.16 30.04 -23.78
CA ASP D 400 19.12 28.95 -23.81
C ASP D 400 20.34 29.29 -22.97
N ASP D 401 20.79 30.54 -22.99
CA ASP D 401 21.95 30.96 -22.21
C ASP D 401 21.66 30.83 -20.70
N VAL D 402 20.44 31.17 -20.29
CA VAL D 402 19.97 31.05 -18.92
C VAL D 402 19.97 29.57 -18.54
N ASP D 403 19.36 28.72 -19.38
CA ASP D 403 19.32 27.27 -19.15
C ASP D 403 20.70 26.64 -19.05
N ARG D 404 21.65 27.06 -19.90
CA ARG D 404 23.02 26.52 -19.87
C ARG D 404 23.70 26.87 -18.55
N ARG D 405 23.44 28.08 -18.02
CA ARG D 405 24.01 28.48 -16.75
C ARG D 405 23.42 27.69 -15.58
N VAL D 406 22.11 27.40 -15.61
CA VAL D 406 21.46 26.60 -14.57
C VAL D 406 22.04 25.16 -14.62
N GLN D 407 22.23 24.61 -15.83
CA GLN D 407 22.82 23.27 -15.98
C GLN D 407 24.27 23.24 -15.50
N PHE D 408 25.01 24.33 -15.70
CA PHE D 408 26.37 24.45 -15.20
C PHE D 408 26.37 24.41 -13.65
N GLY D 409 25.39 25.06 -13.01
CA GLY D 409 25.21 25.03 -11.57
C GLY D 409 24.92 23.62 -11.08
N ILE D 410 24.05 22.89 -11.79
CA ILE D 410 23.70 21.51 -11.46
C ILE D 410 24.91 20.56 -11.62
N GLU D 411 25.62 20.64 -12.75
CA GLU D 411 26.80 19.80 -13.00
C GLU D 411 27.92 20.08 -12.00
N SER D 412 28.14 21.35 -11.63
CA SER D 412 29.15 21.69 -10.62
C SER D 412 28.71 21.13 -9.27
N GLY D 413 27.43 21.32 -8.92
CA GLY D 413 26.86 20.83 -7.68
C GLY D 413 26.98 19.32 -7.53
N LYS D 414 26.75 18.58 -8.62
CA LYS D 414 26.87 17.12 -8.60
C LYS D 414 28.34 16.72 -8.38
N LEU D 415 29.28 17.34 -9.11
CA LEU D 415 30.70 17.02 -8.99
C LEU D 415 31.23 17.32 -7.59
N ARG D 416 30.78 18.44 -7.00
CA ARG D 416 31.24 18.86 -5.68
C ARG D 416 30.54 18.18 -4.49
N GLY D 417 29.48 17.41 -4.75
CA GLY D 417 28.77 16.73 -3.68
C GLY D 417 27.55 17.44 -3.11
N PHE D 418 27.20 18.62 -3.65
CA PHE D 418 26.03 19.38 -3.20
C PHE D 418 24.73 18.70 -3.63
N LEU D 419 24.72 18.10 -4.82
CA LEU D 419 23.51 17.57 -5.43
C LEU D 419 23.67 16.16 -5.89
N ARG D 420 22.55 15.44 -5.89
CA ARG D 420 22.45 14.09 -6.41
C ARG D 420 21.15 13.97 -7.19
N VAL D 421 21.07 12.96 -8.08
CA VAL D 421 19.85 12.66 -8.85
C VAL D 421 18.70 12.37 -7.88
N GLY D 422 17.56 13.00 -8.10
CA GLY D 422 16.41 12.84 -7.20
C GLY D 422 16.23 13.99 -6.23
N ASP D 423 17.27 14.82 -6.03
CA ASP D 423 17.16 15.98 -5.15
C ASP D 423 16.23 17.04 -5.78
N LEU D 424 15.64 17.89 -4.96
CA LEU D 424 14.86 19.03 -5.46
C LEU D 424 15.72 20.26 -5.30
N VAL D 425 15.67 21.16 -6.25
CA VAL D 425 16.39 22.41 -6.21
C VAL D 425 15.40 23.54 -6.52
N ILE D 426 15.64 24.73 -5.97
CA ILE D 426 14.86 25.93 -6.28
C ILE D 426 15.77 26.74 -7.24
N VAL D 427 15.26 27.16 -8.41
CA VAL D 427 16.05 27.90 -9.39
C VAL D 427 15.52 29.35 -9.47
N VAL D 428 16.39 30.35 -9.21
CA VAL D 428 16.03 31.76 -9.18
C VAL D 428 16.67 32.50 -10.35
N THR D 429 15.83 33.05 -11.23
CA THR D 429 16.26 33.75 -12.43
C THR D 429 15.43 35.07 -12.59
N GLY D 430 15.65 35.81 -13.68
CA GLY D 430 14.92 37.04 -13.95
C GLY D 430 14.26 37.04 -15.32
N TRP D 431 13.49 38.08 -15.62
CA TRP D 431 12.69 38.11 -16.85
C TRP D 431 13.40 38.73 -18.07
N ARG D 432 14.55 39.38 -17.84
CA ARG D 432 15.32 39.98 -18.93
C ARG D 432 16.82 40.02 -18.57
N PRO D 433 17.71 40.18 -19.56
CA PRO D 433 19.15 40.30 -19.24
C PRO D 433 19.47 41.57 -18.44
N GLY D 434 20.62 41.56 -17.78
CA GLY D 434 21.06 42.68 -16.98
C GLY D 434 20.69 42.54 -15.52
N SER D 435 21.45 43.19 -14.64
CA SER D 435 21.24 43.17 -13.18
CA SER D 435 21.19 43.11 -13.20
C SER D 435 19.92 43.86 -12.80
N GLY D 436 19.30 43.43 -11.69
CA GLY D 436 18.13 44.07 -11.12
C GLY D 436 16.77 43.54 -11.51
N TYR D 437 16.70 42.49 -12.33
CA TYR D 437 15.42 41.96 -12.81
C TYR D 437 15.07 40.55 -12.34
N THR D 438 15.68 40.07 -11.25
CA THR D 438 15.30 38.76 -10.70
C THR D 438 13.81 38.82 -10.26
N ASN D 439 13.02 37.83 -10.71
CA ASN D 439 11.59 37.81 -10.35
C ASN D 439 10.97 36.43 -10.48
N ILE D 440 11.76 35.36 -10.70
CA ILE D 440 11.21 34.04 -10.94
C ILE D 440 11.83 33.00 -10.03
N MET D 441 11.00 32.13 -9.44
CA MET D 441 11.44 31.02 -8.62
C MET D 441 10.80 29.73 -9.26
N ARG D 442 11.58 28.67 -9.43
CA ARG D 442 11.12 27.45 -10.07
C ARG D 442 11.55 26.18 -9.29
N VAL D 443 10.65 25.20 -9.11
CA VAL D 443 10.97 23.95 -8.38
C VAL D 443 11.41 22.90 -9.40
N LEU D 444 12.65 22.42 -9.28
CA LEU D 444 13.21 21.51 -10.27
C LEU D 444 13.72 20.20 -9.66
N SER D 445 13.43 19.08 -10.30
CA SER D 445 13.92 17.79 -9.85
C SER D 445 15.24 17.51 -10.57
N ILE D 446 16.28 17.11 -9.84
CA ILE D 446 17.58 16.81 -10.45
C ILE D 446 17.56 15.47 -11.19
N SER D 447 17.87 15.48 -12.48
CA SER D 447 17.93 14.25 -13.27
C SER D 447 19.39 13.93 -13.67
N ALA E 25 21.36 -17.47 -22.80
CA ALA E 25 21.24 -18.84 -22.30
C ALA E 25 20.45 -19.74 -23.25
N PHE E 26 20.74 -21.05 -23.19
CA PHE E 26 20.07 -22.05 -24.02
C PHE E 26 18.56 -22.02 -23.82
N PHE E 27 18.11 -21.98 -22.56
CA PHE E 27 16.69 -22.01 -22.22
C PHE E 27 15.95 -20.69 -22.44
N GLN E 28 16.66 -19.62 -22.86
CA GLN E 28 16.00 -18.35 -23.16
C GLN E 28 15.71 -18.19 -24.67
N GLN E 29 16.47 -18.91 -25.52
CA GLN E 29 16.35 -18.92 -26.98
C GLN E 29 15.19 -19.82 -27.46
N GLN E 30 14.89 -19.77 -28.77
CA GLN E 30 13.88 -20.56 -29.48
C GLN E 30 12.55 -20.71 -28.73
N GLN E 31 12.10 -19.62 -28.06
CA GLN E 31 10.86 -19.56 -27.30
C GLN E 31 10.74 -20.71 -26.29
N LEU E 32 11.87 -21.15 -25.71
CA LEU E 32 11.83 -22.24 -24.73
C LEU E 32 11.00 -21.89 -23.47
N PRO E 33 11.00 -20.66 -22.92
CA PRO E 33 10.07 -20.36 -21.81
C PRO E 33 8.61 -20.59 -22.21
N ALA E 34 8.18 -20.15 -23.41
CA ALA E 34 6.80 -20.38 -23.89
C ALA E 34 6.54 -21.87 -24.15
N ALA E 35 7.58 -22.61 -24.58
CA ALA E 35 7.48 -24.05 -24.83
C ALA E 35 7.23 -24.84 -23.55
N MET E 36 7.74 -24.37 -22.40
CA MET E 36 7.56 -25.08 -21.14
C MET E 36 6.24 -24.77 -20.41
N ALA E 37 5.43 -23.84 -20.94
CA ALA E 37 4.17 -23.46 -20.30
C ALA E 37 3.18 -24.61 -20.14
N ASP E 38 2.39 -24.57 -19.06
CA ASP E 38 1.41 -25.60 -18.74
C ASP E 38 0.07 -25.48 -19.47
N THR E 39 -0.24 -24.29 -20.01
CA THR E 39 -1.47 -24.08 -20.79
C THR E 39 -1.13 -23.29 -22.06
N PHE E 40 -2.01 -23.35 -23.07
CA PHE E 40 -1.79 -22.58 -24.30
C PHE E 40 -1.86 -21.08 -23.99
N LEU E 41 -2.76 -20.66 -23.09
CA LEU E 41 -2.86 -19.25 -22.69
C LEU E 41 -1.52 -18.76 -22.09
N GLU E 42 -0.92 -19.54 -21.17
CA GLU E 42 0.37 -19.19 -20.58
CA GLU E 42 0.37 -19.18 -20.59
C GLU E 42 1.46 -19.18 -21.66
N HIS E 43 1.40 -20.13 -22.61
CA HIS E 43 2.33 -20.22 -23.74
C HIS E 43 2.32 -18.89 -24.52
N LEU E 44 1.11 -18.37 -24.85
CA LEU E 44 0.98 -17.07 -25.55
C LEU E 44 1.61 -15.95 -24.73
N CYS E 45 1.28 -15.88 -23.42
CA CYS E 45 1.78 -14.84 -22.53
C CYS E 45 3.31 -14.82 -22.45
N LEU E 46 3.97 -15.96 -22.67
CA LEU E 46 5.41 -16.06 -22.56
C LEU E 46 6.17 -15.88 -23.88
N LEU E 47 5.47 -15.69 -25.02
CA LEU E 47 6.14 -15.47 -26.31
C LEU E 47 6.98 -14.19 -26.23
N ASP E 48 8.24 -14.27 -26.67
CA ASP E 48 9.19 -13.19 -26.50
C ASP E 48 9.84 -12.78 -27.82
N ILE E 49 9.67 -11.51 -28.22
CA ILE E 49 10.30 -11.01 -29.45
C ILE E 49 11.84 -11.00 -29.38
N ASP E 50 12.41 -11.02 -28.16
CA ASP E 50 13.88 -11.06 -28.00
C ASP E 50 14.42 -12.51 -27.95
N SER E 51 13.56 -13.53 -27.99
CA SER E 51 14.00 -14.92 -27.96
C SER E 51 14.28 -15.35 -29.40
N GLU E 52 15.57 -15.43 -29.75
CA GLU E 52 15.98 -15.71 -31.12
C GLU E 52 15.87 -17.17 -31.53
N PRO E 53 15.41 -17.41 -32.77
CA PRO E 53 15.33 -18.81 -33.24
C PRO E 53 16.74 -19.39 -33.43
N VAL E 54 16.91 -20.68 -33.13
CA VAL E 54 18.21 -21.33 -33.27
C VAL E 54 18.13 -22.48 -34.26
N ALA E 55 17.02 -23.21 -34.28
CA ALA E 55 16.84 -24.34 -35.17
C ALA E 55 16.79 -23.92 -36.64
N ALA E 56 17.16 -24.86 -37.52
CA ALA E 56 17.08 -24.61 -38.96
C ALA E 56 15.60 -24.52 -39.36
N ARG E 57 15.30 -23.73 -40.40
CA ARG E 57 13.93 -23.54 -40.86
C ARG E 57 13.36 -24.85 -41.42
N SER E 58 12.25 -25.32 -40.84
CA SER E 58 11.67 -26.61 -41.18
C SER E 58 10.54 -26.61 -42.22
N THR E 59 9.81 -25.49 -42.38
CA THR E 59 8.72 -25.44 -43.36
C THR E 59 9.33 -25.12 -44.73
N SER E 60 9.17 -26.03 -45.70
CA SER E 60 9.76 -25.79 -47.04
C SER E 60 9.09 -24.66 -47.79
N ILE E 61 9.89 -23.99 -48.63
CA ILE E 61 9.39 -22.89 -49.47
C ILE E 61 9.33 -23.34 -50.91
N ILE E 62 8.15 -23.19 -51.53
CA ILE E 62 7.95 -23.48 -52.94
C ILE E 62 7.91 -22.15 -53.68
N ALA E 63 8.79 -21.95 -54.66
CA ALA E 63 8.81 -20.71 -55.42
C ALA E 63 8.42 -21.00 -56.87
N THR E 64 7.48 -20.22 -57.41
CA THR E 64 7.05 -20.41 -58.79
C THR E 64 8.05 -19.75 -59.73
N ILE E 65 8.49 -20.50 -60.76
CA ILE E 65 9.46 -19.99 -61.72
C ILE E 65 8.76 -19.25 -62.87
N GLY E 66 9.30 -18.11 -63.24
CA GLY E 66 8.78 -17.31 -64.32
C GLY E 66 9.81 -16.31 -64.81
N PRO E 67 9.39 -15.28 -65.56
CA PRO E 67 10.35 -14.28 -66.08
C PRO E 67 11.22 -13.60 -65.03
N ALA E 68 10.70 -13.41 -63.81
CA ALA E 68 11.47 -12.76 -62.74
C ALA E 68 12.46 -13.69 -62.04
N SER E 69 12.36 -15.00 -62.25
CA SER E 69 13.20 -15.95 -61.51
C SER E 69 13.74 -17.09 -62.38
N ARG E 70 13.91 -16.86 -63.67
CA ARG E 70 14.33 -17.91 -64.60
C ARG E 70 15.82 -18.00 -64.87
N SER E 71 16.55 -16.90 -64.73
CA SER E 71 17.98 -16.92 -65.02
C SER E 71 18.76 -17.74 -64.01
N VAL E 72 19.85 -18.38 -64.44
CA VAL E 72 20.67 -19.21 -63.59
C VAL E 72 21.23 -18.43 -62.40
N GLU E 73 21.68 -17.19 -62.63
CA GLU E 73 22.22 -16.35 -61.56
C GLU E 73 21.15 -15.99 -60.53
N ARG E 74 19.91 -15.71 -60.98
CA ARG E 74 18.78 -15.37 -60.09
C ARG E 74 18.39 -16.63 -59.29
N LEU E 75 18.36 -17.79 -59.95
CA LEU E 75 18.04 -19.05 -59.30
C LEU E 75 19.04 -19.43 -58.22
N LYS E 76 20.34 -19.10 -58.41
CA LYS E 76 21.35 -19.35 -57.39
C LYS E 76 21.05 -18.53 -56.13
N GLU E 77 20.64 -17.26 -56.31
CA GLU E 77 20.29 -16.40 -55.17
C GLU E 77 19.03 -16.92 -54.47
N MET E 78 18.07 -17.47 -55.22
CA MET E 78 16.86 -18.01 -54.64
CA MET E 78 16.85 -18.01 -54.63
C MET E 78 17.12 -19.28 -53.84
N ILE E 79 18.09 -20.11 -54.29
CA ILE E 79 18.46 -21.32 -53.57
C ILE E 79 19.13 -20.91 -52.26
N LYS E 80 20.03 -19.92 -52.29
CA LYS E 80 20.69 -19.44 -51.09
C LYS E 80 19.70 -18.78 -50.12
N ALA E 81 18.67 -18.10 -50.65
CA ALA E 81 17.65 -17.46 -49.84
C ALA E 81 16.72 -18.47 -49.13
N GLY E 82 16.60 -19.68 -49.67
CA GLY E 82 15.81 -20.73 -49.03
C GLY E 82 14.85 -21.52 -49.88
N MET E 83 14.81 -21.30 -51.20
CA MET E 83 13.89 -22.06 -52.06
C MET E 83 14.22 -23.57 -52.01
N ASN E 84 13.21 -24.41 -51.71
CA ASN E 84 13.42 -25.86 -51.65
C ASN E 84 12.76 -26.59 -52.81
N ILE E 85 11.67 -26.03 -53.35
CA ILE E 85 10.91 -26.63 -54.44
C ILE E 85 10.64 -25.55 -55.49
N ALA E 86 10.94 -25.85 -56.76
CA ALA E 86 10.67 -24.95 -57.87
C ALA E 86 9.39 -25.39 -58.54
N ARG E 87 8.40 -24.49 -58.63
CA ARG E 87 7.11 -24.81 -59.24
C ARG E 87 7.04 -24.29 -60.68
N LEU E 88 6.65 -25.16 -61.61
CA LEU E 88 6.46 -24.78 -63.02
C LEU E 88 4.97 -24.73 -63.27
N ASN E 89 4.44 -23.54 -63.57
CA ASN E 89 3.01 -23.39 -63.79
C ASN E 89 2.67 -23.65 -65.26
N PHE E 90 2.12 -24.84 -65.56
CA PHE E 90 1.78 -25.19 -66.94
C PHE E 90 0.51 -24.53 -67.46
N SER E 91 -0.09 -23.60 -66.70
CA SER E 91 -1.22 -22.82 -67.21
C SER E 91 -0.72 -21.81 -68.29
N HIS E 92 0.58 -21.46 -68.27
CA HIS E 92 1.18 -20.53 -69.23
C HIS E 92 2.53 -21.09 -69.70
N GLY E 93 2.95 -20.70 -70.90
CA GLY E 93 4.23 -21.13 -71.44
C GLY E 93 4.21 -22.45 -72.17
N SER E 94 5.07 -22.58 -73.15
CA SER E 94 5.18 -23.78 -73.98
C SER E 94 6.06 -24.84 -73.31
N HIS E 95 6.09 -26.07 -73.87
CA HIS E 95 6.97 -27.12 -73.37
C HIS E 95 8.43 -26.70 -73.50
N GLU E 96 8.78 -25.95 -74.57
CA GLU E 96 10.14 -25.47 -74.78
C GLU E 96 10.54 -24.48 -73.67
N TYR E 97 9.62 -23.60 -73.29
CA TYR E 97 9.84 -22.62 -72.24
C TYR E 97 10.10 -23.33 -70.90
N HIS E 98 9.23 -24.30 -70.55
CA HIS E 98 9.37 -25.03 -69.28
C HIS E 98 10.60 -25.93 -69.24
N ALA E 99 11.01 -26.51 -70.38
CA ALA E 99 12.23 -27.32 -70.43
C ALA E 99 13.46 -26.45 -70.13
N GLU E 100 13.46 -25.20 -70.62
CA GLU E 100 14.56 -24.28 -70.37
C GLU E 100 14.59 -23.87 -68.89
N SER E 101 13.40 -23.67 -68.29
CA SER E 101 13.30 -23.34 -66.85
C SER E 101 13.89 -24.48 -66.03
N ILE E 102 13.53 -25.75 -66.36
CA ILE E 102 14.05 -26.95 -65.69
C ILE E 102 15.57 -27.02 -65.81
N ALA E 103 16.10 -26.80 -67.03
CA ALA E 103 17.55 -26.83 -67.26
C ALA E 103 18.25 -25.77 -66.43
N ASN E 104 17.69 -24.56 -66.35
CA ASN E 104 18.27 -23.48 -65.58
C ASN E 104 18.26 -23.77 -64.08
N VAL E 105 17.16 -24.38 -63.59
CA VAL E 105 17.07 -24.77 -62.17
C VAL E 105 18.15 -25.80 -61.87
N ARG E 106 18.23 -26.86 -62.69
CA ARG E 106 19.25 -27.89 -62.50
C ARG E 106 20.67 -27.35 -62.58
N GLU E 107 20.95 -26.38 -63.47
CA GLU E 107 22.29 -25.80 -63.56
C GLU E 107 22.61 -25.03 -62.28
N ALA E 108 21.65 -24.26 -61.76
CA ALA E 108 21.85 -23.51 -60.52
C ALA E 108 22.04 -24.45 -59.33
N VAL E 109 21.24 -25.52 -59.24
CA VAL E 109 21.33 -26.50 -58.15
C VAL E 109 22.67 -27.22 -58.17
N GLU E 110 23.09 -27.70 -59.36
CA GLU E 110 24.33 -28.44 -59.49
C GLU E 110 25.58 -27.57 -59.36
N SER E 111 25.45 -26.24 -59.41
CA SER E 111 26.59 -25.35 -59.20
C SER E 111 27.15 -25.47 -57.77
N PHE E 112 26.35 -25.99 -56.81
CA PHE E 112 26.77 -26.20 -55.42
C PHE E 112 27.14 -27.68 -55.12
N ALA E 113 26.97 -28.60 -56.11
CA ALA E 113 27.25 -30.03 -55.97
C ALA E 113 28.71 -30.40 -55.71
N GLY E 114 29.62 -29.46 -55.94
CA GLY E 114 31.04 -29.68 -55.69
C GLY E 114 31.38 -29.91 -54.23
N SER E 115 30.49 -29.45 -53.32
CA SER E 115 30.66 -29.65 -51.89
C SER E 115 29.48 -30.50 -51.40
N PRO E 116 29.64 -31.84 -51.40
CA PRO E 116 28.54 -32.72 -50.98
C PRO E 116 28.01 -32.53 -49.56
N LEU E 117 28.84 -32.01 -48.65
CA LEU E 117 28.48 -31.75 -47.26
C LEU E 117 27.48 -30.59 -47.10
N SER E 118 27.41 -29.70 -48.10
CA SER E 118 26.50 -28.55 -48.05
C SER E 118 25.49 -28.52 -49.21
N TYR E 119 25.55 -29.49 -50.15
CA TYR E 119 24.66 -29.57 -51.31
C TYR E 119 23.20 -29.59 -50.90
N ARG E 120 22.40 -28.71 -51.49
CA ARG E 120 20.98 -28.66 -51.18
C ARG E 120 20.18 -29.15 -52.36
N PRO E 121 19.54 -30.32 -52.22
CA PRO E 121 18.63 -30.78 -53.27
C PRO E 121 17.45 -29.81 -53.43
N VAL E 122 16.96 -29.62 -54.67
CA VAL E 122 15.81 -28.76 -54.94
C VAL E 122 14.86 -29.57 -55.79
N ALA E 123 13.61 -29.75 -55.34
CA ALA E 123 12.63 -30.51 -56.10
C ALA E 123 12.04 -29.69 -57.24
N ILE E 124 11.56 -30.36 -58.28
CA ILE E 124 10.90 -29.70 -59.39
C ILE E 124 9.46 -30.21 -59.43
N ALA E 125 8.51 -29.29 -59.34
CA ALA E 125 7.10 -29.62 -59.32
C ALA E 125 6.38 -29.07 -60.55
N LEU E 126 5.53 -29.89 -61.16
CA LEU E 126 4.77 -29.49 -62.34
C LEU E 126 3.35 -29.22 -61.90
N ASP E 127 2.87 -27.99 -62.07
CA ASP E 127 1.52 -27.63 -61.70
C ASP E 127 0.66 -27.62 -62.98
N THR E 128 -0.32 -28.52 -63.06
CA THR E 128 -1.14 -28.66 -64.26
C THR E 128 -2.12 -27.51 -64.53
N LYS E 129 -2.47 -27.34 -65.81
CA LYS E 129 -3.43 -26.31 -66.24
C LYS E 129 -4.82 -26.62 -65.66
N GLY E 130 -5.20 -27.90 -65.68
CA GLY E 130 -6.48 -28.30 -65.12
C GLY E 130 -7.51 -28.76 -66.13
N PRO E 131 -8.68 -29.19 -65.64
CA PRO E 131 -9.71 -29.70 -66.53
C PRO E 131 -10.50 -28.64 -67.32
N GLY E 136 -13.16 -34.18 -66.44
CA GLY E 136 -11.99 -34.92 -65.95
C GLY E 136 -10.69 -34.49 -66.59
N LEU E 137 -9.73 -35.42 -66.71
CA LEU E 137 -8.40 -35.12 -67.29
C LEU E 137 -8.43 -34.62 -68.72
N SER E 138 -7.98 -33.38 -68.93
CA SER E 138 -7.94 -32.75 -70.24
C SER E 138 -6.82 -33.32 -71.12
N GLU E 139 -6.92 -33.12 -72.44
CA GLU E 139 -5.91 -33.59 -73.39
C GLU E 139 -4.59 -32.85 -73.19
N GLN E 140 -4.64 -31.56 -72.85
CA GLN E 140 -3.42 -30.79 -72.60
C GLN E 140 -2.71 -31.34 -71.36
N ASP E 141 -3.48 -31.69 -70.30
CA ASP E 141 -2.88 -32.25 -69.09
C ASP E 141 -2.22 -33.58 -69.38
N VAL E 142 -2.80 -34.42 -70.26
CA VAL E 142 -2.17 -35.70 -70.63
C VAL E 142 -0.79 -35.46 -71.25
N ARG E 143 -0.70 -34.48 -72.16
CA ARG E 143 0.57 -34.13 -72.80
C ARG E 143 1.58 -33.51 -71.84
N ASP E 144 1.10 -32.64 -70.94
CA ASP E 144 1.97 -31.98 -69.96
C ASP E 144 2.50 -32.98 -68.94
N LEU E 145 1.66 -33.93 -68.50
CA LEU E 145 2.09 -34.96 -67.56
C LEU E 145 3.13 -35.86 -68.21
N ARG E 146 2.97 -36.16 -69.51
CA ARG E 146 3.94 -36.95 -70.25
C ARG E 146 5.28 -36.21 -70.32
N PHE E 147 5.23 -34.88 -70.55
CA PHE E 147 6.41 -34.02 -70.57
C PHE E 147 7.12 -34.10 -69.20
N GLY E 148 6.35 -34.05 -68.12
CA GLY E 148 6.89 -34.14 -66.76
C GLY E 148 7.67 -35.41 -66.52
N VAL E 149 7.11 -36.55 -66.94
CA VAL E 149 7.78 -37.84 -66.80
C VAL E 149 9.07 -37.86 -67.61
N GLU E 150 9.01 -37.39 -68.87
CA GLU E 150 10.18 -37.35 -69.74
C GLU E 150 11.29 -36.44 -69.22
N HIS E 151 10.91 -35.37 -68.51
CA HIS E 151 11.90 -34.44 -67.96
C HIS E 151 12.26 -34.70 -66.47
N GLY E 152 11.79 -35.82 -65.92
CA GLY E 152 12.11 -36.24 -64.56
C GLY E 152 11.65 -35.35 -63.43
N VAL E 153 10.43 -34.79 -63.54
CA VAL E 153 9.90 -33.96 -62.43
C VAL E 153 9.66 -34.84 -61.20
N ASP E 154 9.74 -34.24 -60.00
CA ASP E 154 9.60 -34.98 -58.76
C ASP E 154 8.17 -35.03 -58.25
N ILE E 155 7.39 -33.96 -58.51
CA ILE E 155 6.07 -33.79 -57.96
C ILE E 155 5.12 -33.23 -59.00
N VAL E 156 3.84 -33.58 -58.90
CA VAL E 156 2.80 -33.00 -59.71
C VAL E 156 1.82 -32.32 -58.76
N PHE E 157 1.51 -31.04 -59.00
CA PHE E 157 0.47 -30.34 -58.25
C PHE E 157 -0.72 -30.40 -59.21
N ALA E 158 -1.65 -31.33 -58.97
CA ALA E 158 -2.79 -31.55 -59.86
C ALA E 158 -3.93 -30.56 -59.62
N SER E 159 -4.19 -29.69 -60.59
CA SER E 159 -5.22 -28.67 -60.44
C SER E 159 -6.65 -29.18 -60.45
N PHE E 160 -7.51 -28.48 -59.69
CA PHE E 160 -8.94 -28.72 -59.58
C PHE E 160 -9.31 -30.18 -59.33
N VAL E 161 -8.69 -30.83 -58.34
CA VAL E 161 -9.04 -32.21 -58.00
C VAL E 161 -10.39 -32.19 -57.29
N ARG E 162 -11.38 -32.89 -57.83
CA ARG E 162 -12.72 -32.90 -57.27
C ARG E 162 -13.16 -34.24 -56.70
N LYS E 163 -12.45 -35.32 -57.00
CA LYS E 163 -12.82 -36.66 -56.56
C LYS E 163 -11.62 -37.62 -56.73
N ALA E 164 -11.70 -38.80 -56.11
CA ALA E 164 -10.64 -39.79 -56.18
C ALA E 164 -10.28 -40.22 -57.62
N SER E 165 -11.28 -40.31 -58.52
CA SER E 165 -11.00 -40.73 -59.91
C SER E 165 -10.16 -39.71 -60.67
N ASP E 166 -10.16 -38.43 -60.26
CA ASP E 166 -9.30 -37.42 -60.87
C ASP E 166 -7.83 -37.77 -60.57
N VAL E 167 -7.53 -38.23 -59.35
CA VAL E 167 -6.18 -38.60 -58.95
C VAL E 167 -5.74 -39.85 -59.71
N ALA E 168 -6.63 -40.83 -59.86
CA ALA E 168 -6.33 -42.06 -60.59
C ALA E 168 -5.99 -41.75 -62.05
N ALA E 169 -6.71 -40.79 -62.66
CA ALA E 169 -6.46 -40.39 -64.05
C ALA E 169 -5.09 -39.73 -64.19
N VAL E 170 -4.68 -38.90 -63.21
CA VAL E 170 -3.34 -38.26 -63.24
C VAL E 170 -2.28 -39.34 -63.14
N ARG E 171 -2.46 -40.29 -62.21
CA ARG E 171 -1.54 -41.40 -61.99
C ARG E 171 -1.39 -42.24 -63.27
N ALA E 172 -2.51 -42.54 -63.95
CA ALA E 172 -2.47 -43.31 -65.19
C ALA E 172 -1.73 -42.56 -66.30
N ALA E 173 -1.93 -41.23 -66.39
CA ALA E 173 -1.26 -40.39 -67.38
C ALA E 173 0.25 -40.29 -67.16
N LEU E 174 0.72 -40.53 -65.93
CA LEU E 174 2.16 -40.54 -65.65
C LEU E 174 2.84 -41.83 -66.19
N GLY E 175 2.06 -42.84 -66.54
CA GLY E 175 2.54 -44.08 -67.11
C GLY E 175 3.37 -44.95 -66.19
N PRO E 176 3.95 -46.03 -66.73
CA PRO E 176 4.75 -46.93 -65.89
C PRO E 176 6.09 -46.34 -65.43
N GLU E 177 6.64 -45.38 -66.18
CA GLU E 177 7.90 -44.74 -65.80
C GLU E 177 7.75 -43.62 -64.76
N GLY E 178 6.52 -43.20 -64.45
CA GLY E 178 6.30 -42.12 -63.50
C GLY E 178 5.67 -42.55 -62.19
N HIS E 179 5.88 -43.81 -61.81
CA HIS E 179 5.32 -44.38 -60.58
C HIS E 179 5.86 -43.72 -59.30
N GLY E 180 7.08 -43.21 -59.36
CA GLY E 180 7.72 -42.58 -58.20
C GLY E 180 7.41 -41.12 -57.99
N ILE E 181 6.71 -40.48 -58.94
CA ILE E 181 6.36 -39.07 -58.83
C ILE E 181 5.26 -38.87 -57.78
N LYS E 182 5.41 -37.89 -56.89
CA LYS E 182 4.42 -37.61 -55.86
C LYS E 182 3.26 -36.80 -56.44
N ILE E 183 2.02 -37.17 -56.14
CA ILE E 183 0.86 -36.42 -56.59
C ILE E 183 0.26 -35.63 -55.42
N ILE E 184 0.33 -34.30 -55.52
CA ILE E 184 -0.23 -33.40 -54.51
C ILE E 184 -1.51 -32.84 -55.14
N SER E 185 -2.67 -33.21 -54.59
CA SER E 185 -3.94 -32.75 -55.13
C SER E 185 -4.28 -31.32 -54.68
N LYS E 186 -4.58 -30.44 -55.64
CA LYS E 186 -4.97 -29.08 -55.34
C LYS E 186 -6.48 -29.03 -55.10
N ILE E 187 -6.89 -28.54 -53.90
CA ILE E 187 -8.31 -28.40 -53.56
C ILE E 187 -8.68 -26.95 -53.86
N GLU E 188 -9.53 -26.74 -54.87
CA GLU E 188 -9.83 -25.40 -55.35
C GLU E 188 -11.30 -25.03 -55.43
N ASN E 189 -12.19 -25.93 -55.04
CA ASN E 189 -13.62 -25.65 -55.12
C ASN E 189 -14.44 -26.39 -54.06
N HIS E 190 -15.76 -26.12 -53.99
CA HIS E 190 -16.62 -26.74 -53.00
C HIS E 190 -16.59 -28.26 -53.06
N GLU E 191 -16.63 -28.85 -54.26
CA GLU E 191 -16.63 -30.31 -54.40
C GLU E 191 -15.36 -30.95 -53.85
N GLY E 192 -14.21 -30.34 -54.13
CA GLY E 192 -12.94 -30.82 -53.60
C GLY E 192 -12.91 -30.82 -52.08
N VAL E 193 -13.50 -29.79 -51.44
CA VAL E 193 -13.57 -29.71 -49.99
C VAL E 193 -14.50 -30.81 -49.44
N LYS E 194 -15.69 -30.97 -50.06
CA LYS E 194 -16.65 -31.97 -49.60
C LYS E 194 -16.18 -33.42 -49.79
N ARG E 195 -15.44 -33.67 -50.88
CA ARG E 195 -14.89 -35.00 -51.12
C ARG E 195 -13.44 -35.12 -50.68
N PHE E 196 -12.98 -34.24 -49.76
CA PHE E 196 -11.61 -34.22 -49.27
C PHE E 196 -11.08 -35.57 -48.80
N ASP E 197 -11.82 -36.29 -47.95
CA ASP E 197 -11.33 -37.55 -47.41
C ASP E 197 -11.00 -38.58 -48.48
N GLU E 198 -11.85 -38.73 -49.51
CA GLU E 198 -11.57 -39.69 -50.57
C GLU E 198 -10.39 -39.25 -51.44
N ILE E 199 -10.20 -37.92 -51.60
CA ILE E 199 -9.08 -37.39 -52.37
C ILE E 199 -7.77 -37.60 -51.63
N LEU E 200 -7.72 -37.28 -50.33
CA LEU E 200 -6.51 -37.43 -49.53
C LEU E 200 -6.07 -38.89 -49.46
N GLU E 201 -7.03 -39.82 -49.34
CA GLU E 201 -6.75 -41.25 -49.26
C GLU E 201 -5.87 -41.76 -50.41
N VAL E 202 -6.12 -41.28 -51.63
CA VAL E 202 -5.37 -41.72 -52.81
C VAL E 202 -4.25 -40.77 -53.25
N SER E 203 -4.10 -39.61 -52.59
CA SER E 203 -3.06 -38.64 -52.95
C SER E 203 -1.85 -38.77 -52.03
N ASP E 204 -0.70 -38.26 -52.47
CA ASP E 204 0.48 -38.21 -51.60
C ASP E 204 0.41 -37.01 -50.60
N GLY E 205 -0.38 -36.00 -50.96
CA GLY E 205 -0.55 -34.80 -50.15
C GLY E 205 -1.55 -33.85 -50.79
N ILE E 206 -1.71 -32.66 -50.19
CA ILE E 206 -2.70 -31.69 -50.62
C ILE E 206 -2.14 -30.29 -50.73
N MET E 207 -2.70 -29.49 -51.63
CA MET E 207 -2.40 -28.07 -51.69
C MET E 207 -3.71 -27.32 -51.46
N VAL E 208 -3.71 -26.37 -50.50
CA VAL E 208 -4.87 -25.52 -50.26
C VAL E 208 -4.68 -24.36 -51.27
N ALA E 209 -5.32 -24.48 -52.44
CA ALA E 209 -5.15 -23.53 -53.54
C ALA E 209 -6.12 -22.39 -53.32
N ARG E 210 -5.74 -21.44 -52.46
CA ARG E 210 -6.64 -20.38 -52.00
C ARG E 210 -7.13 -19.40 -53.05
N GLY E 211 -6.40 -19.23 -54.15
CA GLY E 211 -6.80 -18.33 -55.23
C GLY E 211 -8.15 -18.69 -55.80
N ASP E 212 -8.26 -19.88 -56.41
CA ASP E 212 -9.52 -20.36 -56.95
C ASP E 212 -10.50 -20.69 -55.84
N LEU E 213 -10.03 -21.24 -54.71
CA LEU E 213 -10.92 -21.57 -53.59
C LEU E 213 -11.70 -20.34 -53.11
N GLY E 214 -11.02 -19.19 -53.04
CA GLY E 214 -11.60 -17.92 -52.61
C GLY E 214 -12.58 -17.27 -53.57
N ILE E 215 -12.69 -17.81 -54.80
CA ILE E 215 -13.65 -17.39 -55.81
C ILE E 215 -14.79 -18.44 -55.93
N GLU E 216 -14.49 -19.72 -55.68
CA GLU E 216 -15.44 -20.81 -55.75
C GLU E 216 -16.35 -20.88 -54.52
N ILE E 217 -15.81 -20.53 -53.34
CA ILE E 217 -16.58 -20.48 -52.10
C ILE E 217 -16.48 -19.04 -51.53
N PRO E 218 -17.37 -18.61 -50.61
CA PRO E 218 -17.24 -17.25 -50.04
C PRO E 218 -15.84 -16.98 -49.48
N ALA E 219 -15.27 -15.81 -49.78
CA ALA E 219 -13.92 -15.45 -49.36
C ALA E 219 -13.73 -15.59 -47.83
N GLU E 220 -14.77 -15.28 -47.06
CA GLU E 220 -14.75 -15.37 -45.61
C GLU E 220 -14.74 -16.80 -45.07
N LYS E 221 -14.88 -17.83 -45.94
CA LYS E 221 -14.86 -19.23 -45.49
C LYS E 221 -13.54 -19.95 -45.80
N VAL E 222 -12.66 -19.35 -46.60
CA VAL E 222 -11.40 -19.99 -46.99
C VAL E 222 -10.56 -20.41 -45.79
N PHE E 223 -10.47 -19.57 -44.73
CA PHE E 223 -9.68 -19.93 -43.55
C PHE E 223 -10.18 -21.23 -42.88
N LEU E 224 -11.50 -21.50 -42.94
CA LEU E 224 -12.07 -22.73 -42.35
C LEU E 224 -11.61 -23.94 -43.16
N ALA E 225 -11.64 -23.82 -44.49
CA ALA E 225 -11.21 -24.90 -45.38
C ALA E 225 -9.71 -25.13 -45.20
N GLN E 226 -8.92 -24.06 -45.10
CA GLN E 226 -7.47 -24.18 -44.88
C GLN E 226 -7.18 -24.91 -43.57
N LYS E 227 -7.76 -24.45 -42.46
CA LYS E 227 -7.51 -25.04 -41.15
C LYS E 227 -7.96 -26.51 -41.06
N MET E 228 -9.12 -26.83 -41.66
CA MET E 228 -9.63 -28.21 -41.68
C MET E 228 -8.69 -29.12 -42.49
N MET E 229 -8.29 -28.70 -43.69
CA MET E 229 -7.44 -29.53 -44.55
C MET E 229 -6.08 -29.74 -43.96
N ILE E 230 -5.51 -28.70 -43.32
CA ILE E 230 -4.22 -28.85 -42.67
C ILE E 230 -4.33 -29.85 -41.49
N GLY E 231 -5.37 -29.72 -40.68
CA GLY E 231 -5.61 -30.62 -39.57
C GLY E 231 -5.78 -32.07 -40.02
N ARG E 232 -6.57 -32.30 -41.08
CA ARG E 232 -6.76 -33.66 -41.60
C ARG E 232 -5.49 -34.24 -42.20
N CYS E 233 -4.66 -33.42 -42.89
CA CYS E 233 -3.39 -33.89 -43.44
C CYS E 233 -2.41 -34.21 -42.31
N ASN E 234 -2.39 -33.39 -41.25
CA ASN E 234 -1.52 -33.64 -40.10
C ASN E 234 -1.95 -34.97 -39.42
N LEU E 235 -3.25 -35.21 -39.31
CA LEU E 235 -3.77 -36.45 -38.73
C LEU E 235 -3.34 -37.66 -39.58
N ALA E 236 -3.41 -37.53 -40.91
CA ALA E 236 -3.01 -38.59 -41.84
C ALA E 236 -1.47 -38.76 -41.99
N GLY E 237 -0.70 -37.79 -41.54
CA GLY E 237 0.75 -37.82 -41.69
C GLY E 237 1.17 -37.60 -43.14
N LYS E 238 0.37 -36.83 -43.91
CA LYS E 238 0.67 -36.54 -45.32
C LYS E 238 0.92 -35.05 -45.52
N PRO E 239 1.86 -34.69 -46.40
CA PRO E 239 2.17 -33.25 -46.60
C PRO E 239 1.04 -32.36 -47.06
N VAL E 240 1.00 -31.12 -46.53
CA VAL E 240 0.01 -30.15 -46.93
C VAL E 240 0.71 -28.80 -47.22
N VAL E 241 0.33 -28.18 -48.34
CA VAL E 241 0.90 -26.92 -48.78
C VAL E 241 -0.11 -25.80 -48.63
N CYS E 242 0.30 -24.64 -48.06
CA CYS E 242 -0.57 -23.47 -48.06
C CYS E 242 -0.12 -22.60 -49.22
N ALA E 243 -1.05 -22.16 -50.08
CA ALA E 243 -0.68 -21.41 -51.27
C ALA E 243 -1.52 -20.19 -51.54
N THR E 244 -0.95 -19.22 -52.29
CA THR E 244 -1.54 -18.08 -52.98
C THR E 244 -1.79 -16.84 -52.13
N GLN E 245 -1.23 -15.71 -52.61
CA GLN E 245 -1.34 -14.38 -52.06
C GLN E 245 -0.75 -14.23 -50.66
N MET E 246 0.16 -15.13 -50.26
CA MET E 246 0.79 -15.07 -48.93
C MET E 246 1.57 -13.79 -48.72
N LEU E 247 2.32 -13.33 -49.74
CA LEU E 247 3.08 -12.08 -49.68
C LEU E 247 2.78 -11.24 -50.94
N GLU E 248 1.51 -11.23 -51.38
CA GLU E 248 1.06 -10.58 -52.61
C GLU E 248 1.59 -9.18 -52.87
N SER E 249 1.53 -8.27 -51.89
CA SER E 249 2.00 -6.90 -52.09
C SER E 249 3.48 -6.82 -52.48
N MET E 250 4.27 -7.87 -52.19
CA MET E 250 5.68 -7.90 -52.56
C MET E 250 5.92 -8.07 -54.07
N ILE E 251 4.86 -8.24 -54.87
CA ILE E 251 4.98 -8.26 -56.34
C ILE E 251 5.49 -6.85 -56.79
N THR E 252 5.05 -5.77 -56.11
CA THR E 252 5.49 -4.41 -56.42
C THR E 252 6.23 -3.69 -55.28
N LYS E 253 6.08 -4.14 -54.01
CA LYS E 253 6.71 -3.46 -52.87
C LYS E 253 7.84 -4.26 -52.22
N PRO E 254 8.89 -3.60 -51.71
CA PRO E 254 10.02 -4.34 -51.13
C PRO E 254 9.72 -5.00 -49.77
N ARG E 255 8.67 -4.53 -49.07
CA ARG E 255 8.27 -5.07 -47.78
C ARG E 255 6.80 -5.49 -47.81
N PRO E 256 6.43 -6.56 -47.10
CA PRO E 256 5.04 -7.01 -47.12
C PRO E 256 4.15 -6.25 -46.13
N THR E 257 2.82 -6.46 -46.21
CA THR E 257 1.90 -5.83 -45.27
C THR E 257 1.89 -6.62 -43.93
N ARG E 258 1.26 -6.04 -42.88
CA ARG E 258 1.13 -6.71 -41.60
C ARG E 258 0.24 -7.95 -41.71
N ALA E 259 -0.75 -7.94 -42.62
CA ALA E 259 -1.62 -9.12 -42.82
C ALA E 259 -0.86 -10.27 -43.50
N GLU E 260 0.06 -9.92 -44.39
CA GLU E 260 0.84 -10.94 -45.11
C GLU E 260 1.84 -11.66 -44.22
N THR E 261 2.55 -10.95 -43.35
CA THR E 261 3.48 -11.62 -42.42
C THR E 261 2.68 -12.51 -41.45
N SER E 262 1.52 -12.03 -41.00
CA SER E 262 0.62 -12.77 -40.12
C SER E 262 0.16 -14.06 -40.82
N ASP E 263 -0.23 -13.97 -42.10
CA ASP E 263 -0.70 -15.12 -42.88
C ASP E 263 0.35 -16.22 -42.98
N VAL E 264 1.61 -15.84 -43.25
CA VAL E 264 2.69 -16.83 -43.34
C VAL E 264 2.92 -17.50 -41.96
N ALA E 265 2.99 -16.70 -40.89
CA ALA E 265 3.19 -17.24 -39.55
C ALA E 265 2.05 -18.18 -39.15
N ASN E 266 0.81 -17.78 -39.44
CA ASN E 266 -0.35 -18.59 -39.09
C ASN E 266 -0.47 -19.86 -39.92
N ALA E 267 0.04 -19.88 -41.17
CA ALA E 267 0.04 -21.12 -41.96
C ALA E 267 0.95 -22.15 -41.29
N VAL E 268 2.12 -21.70 -40.78
CA VAL E 268 3.04 -22.57 -40.07
C VAL E 268 2.40 -23.04 -38.76
N LEU E 269 1.81 -22.12 -37.98
CA LEU E 269 1.16 -22.47 -36.71
C LEU E 269 -0.05 -23.38 -36.91
N ASP E 270 -0.74 -23.29 -38.07
CA ASP E 270 -1.87 -24.18 -38.40
C ASP E 270 -1.37 -25.63 -38.57
N GLY E 271 -0.14 -25.79 -39.08
CA GLY E 271 0.47 -27.10 -39.29
C GLY E 271 0.91 -27.37 -40.72
N ALA E 272 0.99 -26.33 -41.58
CA ALA E 272 1.39 -26.53 -42.98
C ALA E 272 2.82 -27.05 -43.09
N ASP E 273 3.02 -28.05 -43.96
CA ASP E 273 4.37 -28.57 -44.20
C ASP E 273 5.16 -27.63 -45.12
N CYS E 274 4.48 -27.02 -46.10
CA CYS E 274 5.10 -26.12 -47.08
C CYS E 274 4.30 -24.84 -47.22
N ILE E 275 4.98 -23.77 -47.59
CA ILE E 275 4.37 -22.49 -47.91
C ILE E 275 4.83 -22.12 -49.34
N MET E 276 4.00 -21.39 -50.08
CA MET E 276 4.26 -21.13 -51.49
C MET E 276 4.25 -19.67 -51.89
N LEU E 277 4.96 -19.35 -52.98
CA LEU E 277 5.02 -18.05 -53.62
C LEU E 277 4.66 -18.27 -55.09
N SER E 278 3.76 -17.45 -55.62
CA SER E 278 3.33 -17.57 -57.01
C SER E 278 3.82 -16.34 -57.81
N GLY E 279 2.97 -15.31 -57.99
CA GLY E 279 3.36 -14.09 -58.70
C GLY E 279 4.53 -13.39 -58.03
N GLU E 280 4.66 -13.55 -56.69
CA GLU E 280 5.75 -12.94 -55.92
C GLU E 280 7.12 -13.32 -56.46
N THR E 281 7.28 -14.56 -56.97
CA THR E 281 8.56 -15.01 -57.51
C THR E 281 8.52 -15.19 -59.03
N ALA E 282 7.35 -15.49 -59.60
CA ALA E 282 7.24 -15.71 -61.03
C ALA E 282 7.36 -14.43 -61.85
N LYS E 283 6.74 -13.34 -61.41
CA LYS E 283 6.75 -12.10 -62.18
C LYS E 283 7.06 -10.83 -61.39
N GLY E 284 7.18 -10.94 -60.07
CA GLY E 284 7.40 -9.79 -59.21
C GLY E 284 8.74 -9.11 -59.30
N ASN E 285 8.83 -7.91 -58.73
CA ASN E 285 10.06 -7.16 -58.71
C ASN E 285 10.99 -7.52 -57.59
N PHE E 286 10.54 -8.33 -56.60
CA PHE E 286 11.39 -8.70 -55.47
C PHE E 286 11.32 -10.22 -55.18
N PRO E 287 11.62 -11.10 -56.17
CA PRO E 287 11.51 -12.55 -55.94
C PRO E 287 12.41 -13.08 -54.82
N VAL E 288 13.68 -12.63 -54.77
CA VAL E 288 14.60 -13.11 -53.74
C VAL E 288 14.16 -12.63 -52.37
N GLU E 289 13.73 -11.36 -52.27
CA GLU E 289 13.28 -10.78 -51.01
C GLU E 289 12.02 -11.50 -50.47
N ALA E 290 11.14 -11.96 -51.36
CA ALA E 290 9.93 -12.68 -50.99
C ALA E 290 10.32 -14.05 -50.36
N VAL E 291 11.31 -14.74 -50.94
CA VAL E 291 11.79 -16.00 -50.40
C VAL E 291 12.45 -15.75 -49.03
N LYS E 292 13.27 -14.69 -48.92
CA LYS E 292 13.92 -14.34 -47.65
C LYS E 292 12.91 -14.04 -46.56
N MET E 293 11.82 -13.36 -46.91
CA MET E 293 10.77 -13.01 -45.96
C MET E 293 10.04 -14.26 -45.47
N GLN E 294 9.68 -15.21 -46.37
CA GLN E 294 9.05 -16.46 -45.95
C GLN E 294 9.99 -17.25 -45.03
N HIS E 295 11.29 -17.28 -45.35
CA HIS E 295 12.27 -17.97 -44.51
C HIS E 295 12.30 -17.37 -43.10
N ALA E 296 12.40 -16.04 -43.01
CA ALA E 296 12.49 -15.34 -41.72
C ALA E 296 11.25 -15.55 -40.86
N ILE E 297 10.04 -15.44 -41.46
CA ILE E 297 8.81 -15.64 -40.71
C ILE E 297 8.66 -17.10 -40.27
N ALA E 298 8.90 -18.06 -41.18
CA ALA E 298 8.75 -19.48 -40.85
C ALA E 298 9.62 -19.89 -39.67
N ARG E 299 10.88 -19.43 -39.61
CA ARG E 299 11.76 -19.73 -38.49
C ARG E 299 11.20 -19.22 -37.16
N GLU E 300 10.66 -17.98 -37.16
CA GLU E 300 10.09 -17.41 -35.96
C GLU E 300 8.83 -18.21 -35.52
N ALA E 301 7.97 -18.55 -36.49
CA ALA E 301 6.72 -19.27 -36.19
C ALA E 301 6.96 -20.69 -35.73
N GLU E 302 7.98 -21.36 -36.28
CA GLU E 302 8.31 -22.72 -35.87
C GLU E 302 8.75 -22.79 -34.41
N ALA E 303 9.50 -21.79 -33.95
CA ALA E 303 9.91 -21.74 -32.53
C ALA E 303 8.71 -21.47 -31.60
N ALA E 304 7.68 -20.77 -32.10
CA ALA E 304 6.46 -20.46 -31.35
C ALA E 304 5.43 -21.59 -31.32
N VAL E 305 5.71 -22.74 -31.97
CA VAL E 305 4.81 -23.89 -31.95
C VAL E 305 4.73 -24.43 -30.51
N TYR E 306 3.53 -24.75 -30.03
CA TYR E 306 3.35 -25.27 -28.67
C TYR E 306 3.45 -26.79 -28.71
N HIS E 307 4.69 -27.31 -28.81
CA HIS E 307 4.95 -28.75 -28.91
C HIS E 307 4.34 -29.58 -27.79
N ARG E 308 4.28 -29.06 -26.58
CA ARG E 308 3.70 -29.81 -25.45
C ARG E 308 2.29 -30.37 -25.76
N GLN E 309 1.40 -29.52 -26.28
CA GLN E 309 0.06 -30.00 -26.64
C GLN E 309 0.04 -30.66 -28.01
N LEU E 310 0.77 -30.09 -28.98
CA LEU E 310 0.81 -30.64 -30.33
C LEU E 310 1.28 -32.11 -30.35
N PHE E 311 2.40 -32.41 -29.69
CA PHE E 311 2.92 -33.78 -29.63
C PHE E 311 1.94 -34.69 -28.94
N GLU E 312 1.36 -34.24 -27.83
CA GLU E 312 0.37 -35.03 -27.09
C GLU E 312 -0.82 -35.41 -27.96
N GLU E 313 -1.35 -34.44 -28.72
CA GLU E 313 -2.50 -34.72 -29.58
C GLU E 313 -2.14 -35.59 -30.79
N LEU E 314 -1.00 -35.36 -31.42
CA LEU E 314 -0.57 -36.17 -32.57
C LEU E 314 -0.29 -37.60 -32.14
N ARG E 315 0.36 -37.76 -31.00
CA ARG E 315 0.70 -39.05 -30.41
C ARG E 315 -0.58 -39.83 -30.06
N ARG E 316 -1.58 -39.17 -29.48
CA ARG E 316 -2.84 -39.80 -29.09
C ARG E 316 -3.70 -40.15 -30.32
N ALA E 317 -3.68 -39.30 -31.36
CA ALA E 317 -4.50 -39.54 -32.55
C ALA E 317 -3.90 -40.56 -33.53
N ALA E 318 -2.56 -40.73 -33.55
CA ALA E 318 -1.93 -41.68 -34.46
C ALA E 318 -2.29 -43.09 -33.99
N PRO E 319 -2.84 -43.95 -34.86
CA PRO E 319 -3.29 -45.26 -34.40
C PRO E 319 -2.22 -46.16 -33.87
N LEU E 320 -2.61 -47.15 -33.05
CA LEU E 320 -1.67 -48.17 -32.58
C LEU E 320 -1.21 -48.97 -33.81
N SER E 321 0.05 -49.40 -33.81
CA SER E 321 0.61 -50.05 -34.97
C SER E 321 1.57 -51.15 -34.60
N ARG E 322 1.61 -52.18 -35.42
CA ARG E 322 2.60 -53.23 -35.28
C ARG E 322 3.72 -53.11 -36.37
N ASP E 323 3.76 -51.99 -37.12
CA ASP E 323 4.79 -51.72 -38.11
C ASP E 323 6.02 -51.21 -37.37
N PRO E 324 7.17 -51.90 -37.47
CA PRO E 324 8.36 -51.46 -36.71
C PRO E 324 8.84 -50.05 -37.06
N THR E 325 8.66 -49.56 -38.30
CA THR E 325 9.09 -48.20 -38.66
C THR E 325 8.24 -47.19 -37.87
N GLU E 326 6.92 -47.41 -37.81
CA GLU E 326 6.00 -46.54 -37.09
C GLU E 326 6.34 -46.55 -35.57
N VAL E 327 6.60 -47.76 -35.03
CA VAL E 327 6.92 -47.92 -33.62
C VAL E 327 8.23 -47.24 -33.26
N THR E 328 9.26 -47.41 -34.11
CA THR E 328 10.57 -46.80 -33.91
C THR E 328 10.45 -45.27 -34.01
N ALA E 329 9.65 -44.76 -34.95
CA ALA E 329 9.49 -43.32 -35.13
C ALA E 329 8.97 -42.61 -33.88
N ILE E 330 7.91 -43.16 -33.25
CA ILE E 330 7.36 -42.50 -32.06
C ILE E 330 8.34 -42.60 -30.87
N GLY E 331 9.03 -43.73 -30.75
CA GLY E 331 10.06 -43.90 -29.73
C GLY E 331 11.19 -42.90 -29.88
N ALA E 332 11.63 -42.67 -31.14
CA ALA E 332 12.70 -41.73 -31.47
C ALA E 332 12.30 -40.28 -31.18
N VAL E 333 11.06 -39.90 -31.53
CA VAL E 333 10.60 -38.51 -31.28
C VAL E 333 10.45 -38.27 -29.77
N GLU E 334 9.98 -39.28 -29.03
CA GLU E 334 9.85 -39.18 -27.58
C GLU E 334 11.23 -39.02 -26.95
N ALA E 335 12.20 -39.84 -27.40
CA ALA E 335 13.58 -39.75 -26.93
C ALA E 335 14.18 -38.37 -27.23
N ALA E 336 13.95 -37.83 -28.43
CA ALA E 336 14.47 -36.53 -28.83
C ALA E 336 13.95 -35.41 -27.90
N PHE E 337 12.65 -35.43 -27.57
CA PHE E 337 12.08 -34.43 -26.67
C PHE E 337 12.67 -34.55 -25.25
N LYS E 338 12.94 -35.78 -24.80
CA LYS E 338 13.46 -36.04 -23.46
C LYS E 338 14.84 -35.43 -23.22
N CYS E 339 15.70 -35.41 -24.24
CA CYS E 339 17.05 -34.90 -24.10
C CYS E 339 17.31 -33.60 -24.84
N CYS E 340 16.27 -32.95 -25.42
CA CYS E 340 16.45 -31.73 -26.23
C CYS E 340 17.44 -32.01 -27.37
N ALA E 341 17.29 -33.19 -28.02
CA ALA E 341 18.22 -33.60 -29.09
C ALA E 341 18.30 -32.54 -30.18
N ALA E 342 19.52 -32.27 -30.66
CA ALA E 342 19.70 -31.30 -31.73
C ALA E 342 19.13 -31.83 -33.05
N ALA E 343 19.20 -33.17 -33.25
CA ALA E 343 18.70 -33.76 -34.50
C ALA E 343 18.35 -35.25 -34.33
N ILE E 344 17.56 -35.77 -35.26
CA ILE E 344 17.28 -37.18 -35.40
C ILE E 344 17.87 -37.52 -36.77
N ILE E 345 18.93 -38.34 -36.83
CA ILE E 345 19.54 -38.72 -38.10
C ILE E 345 18.91 -40.02 -38.54
N VAL E 346 18.29 -40.04 -39.72
CA VAL E 346 17.63 -41.25 -40.20
C VAL E 346 18.12 -41.67 -41.59
N LEU E 347 18.34 -42.96 -41.79
CA LEU E 347 18.71 -43.48 -43.10
C LEU E 347 17.42 -43.87 -43.80
N THR E 348 17.23 -43.46 -45.06
CA THR E 348 15.99 -43.76 -45.78
C THR E 348 16.21 -43.94 -47.27
N THR E 349 15.51 -44.90 -47.87
CA THR E 349 15.60 -45.17 -49.30
C THR E 349 14.54 -44.40 -50.08
N THR E 350 13.29 -44.44 -49.59
CA THR E 350 12.14 -43.80 -50.23
C THR E 350 11.71 -42.48 -49.58
N GLY E 351 12.22 -42.20 -48.38
CA GLY E 351 11.82 -41.06 -47.57
C GLY E 351 10.82 -41.43 -46.47
N ARG E 352 10.20 -42.63 -46.56
CA ARG E 352 9.15 -43.06 -45.62
C ARG E 352 9.56 -43.00 -44.13
N SER E 353 10.76 -43.48 -43.74
CA SER E 353 11.18 -43.42 -42.35
C SER E 353 11.27 -41.98 -41.85
N ALA E 354 11.67 -41.04 -42.71
CA ALA E 354 11.77 -39.61 -42.35
C ALA E 354 10.37 -39.00 -42.24
N GLN E 355 9.45 -39.39 -43.13
CA GLN E 355 8.07 -38.92 -43.12
C GLN E 355 7.36 -39.36 -41.83
N LEU E 356 7.61 -40.59 -41.35
CA LEU E 356 6.99 -41.09 -40.11
C LEU E 356 7.53 -40.39 -38.87
N LEU E 357 8.75 -39.87 -38.90
CA LEU E 357 9.29 -39.08 -37.80
C LEU E 357 8.66 -37.68 -37.86
N SER E 358 8.61 -37.08 -39.07
CA SER E 358 8.07 -35.75 -39.32
CA SER E 358 8.07 -35.74 -39.27
C SER E 358 6.60 -35.59 -38.87
N ARG E 359 5.79 -36.66 -39.00
CA ARG E 359 4.37 -36.60 -38.65
C ARG E 359 4.14 -36.29 -37.17
N TYR E 360 5.12 -36.57 -36.29
CA TYR E 360 5.02 -36.29 -34.86
C TYR E 360 5.53 -34.89 -34.48
N ARG E 361 5.94 -34.09 -35.48
CA ARG E 361 6.43 -32.73 -35.31
C ARG E 361 7.48 -32.56 -34.23
N PRO E 362 8.61 -33.30 -34.31
CA PRO E 362 9.67 -33.10 -33.33
C PRO E 362 10.28 -31.70 -33.48
N ARG E 363 10.78 -31.15 -32.38
CA ARG E 363 11.52 -29.89 -32.42
C ARG E 363 12.91 -30.19 -33.06
N ALA E 364 13.47 -31.39 -32.82
CA ALA E 364 14.74 -31.80 -33.39
C ALA E 364 14.62 -31.91 -34.91
N ALA E 365 15.62 -31.42 -35.63
CA ALA E 365 15.67 -31.50 -37.10
C ALA E 365 15.76 -32.97 -37.49
N VAL E 366 15.06 -33.40 -38.54
CA VAL E 366 15.17 -34.78 -39.03
C VAL E 366 16.15 -34.74 -40.20
N ILE E 367 17.38 -35.20 -39.97
CA ILE E 367 18.40 -35.21 -41.03
C ILE E 367 18.29 -36.55 -41.74
N ALA E 368 17.79 -36.54 -42.98
CA ALA E 368 17.55 -37.77 -43.73
C ALA E 368 18.66 -38.05 -44.74
N VAL E 369 19.41 -39.13 -44.52
CA VAL E 369 20.51 -39.51 -45.40
C VAL E 369 20.02 -40.55 -46.38
N THR E 370 20.10 -40.24 -47.68
CA THR E 370 19.64 -41.16 -48.71
C THR E 370 20.57 -41.20 -49.94
N ARG E 371 20.61 -42.33 -50.65
CA ARG E 371 21.33 -42.44 -51.93
C ARG E 371 20.40 -42.04 -53.09
N SER E 372 19.06 -42.04 -52.88
CA SER E 372 18.11 -41.67 -53.92
C SER E 372 18.04 -40.17 -54.12
N ALA E 373 18.50 -39.68 -55.27
CA ALA E 373 18.44 -38.25 -55.59
C ALA E 373 16.99 -37.76 -55.62
N GLN E 374 16.09 -38.58 -56.16
CA GLN E 374 14.69 -38.22 -56.21
C GLN E 374 14.06 -38.16 -54.81
N ALA E 375 14.34 -39.15 -53.93
CA ALA E 375 13.78 -39.13 -52.56
C ALA E 375 14.30 -37.91 -51.81
N ALA E 376 15.58 -37.53 -52.02
CA ALA E 376 16.17 -36.37 -51.37
C ALA E 376 15.42 -35.08 -51.78
N ARG E 377 15.00 -34.98 -53.04
CA ARG E 377 14.24 -33.82 -53.49
C ARG E 377 12.80 -33.87 -52.93
N GLN E 378 12.15 -35.04 -53.01
CA GLN E 378 10.77 -35.19 -52.57
C GLN E 378 10.51 -35.00 -51.06
N VAL E 379 11.48 -35.35 -50.19
CA VAL E 379 11.26 -35.22 -48.73
C VAL E 379 11.13 -33.77 -48.27
N HIS E 380 11.42 -32.79 -49.14
CA HIS E 380 11.18 -31.38 -48.83
C HIS E 380 9.68 -31.14 -48.58
N LEU E 381 8.79 -32.04 -49.05
CA LEU E 381 7.37 -31.93 -48.81
C LEU E 381 7.01 -32.12 -47.31
N CYS E 382 7.86 -32.81 -46.53
CA CYS E 382 7.62 -33.14 -45.12
C CYS E 382 8.30 -32.16 -44.20
N ARG E 383 7.53 -31.48 -43.32
CA ARG E 383 8.12 -30.49 -42.42
C ARG E 383 9.24 -31.04 -41.55
N GLY E 384 10.33 -30.30 -41.47
CA GLY E 384 11.44 -30.63 -40.61
C GLY E 384 12.40 -31.69 -41.12
N VAL E 385 12.25 -32.10 -42.39
CA VAL E 385 13.15 -33.09 -42.97
C VAL E 385 14.20 -32.35 -43.81
N PHE E 386 15.47 -32.54 -43.47
CA PHE E 386 16.63 -31.95 -44.12
C PHE E 386 17.36 -33.05 -44.89
N PRO E 387 17.14 -33.11 -46.21
CA PRO E 387 17.73 -34.21 -47.00
C PRO E 387 19.20 -34.03 -47.30
N LEU E 388 19.96 -35.13 -47.16
CA LEU E 388 21.37 -35.17 -47.49
C LEU E 388 21.56 -36.27 -48.52
N LEU E 389 22.07 -35.91 -49.71
CA LEU E 389 22.30 -36.90 -50.76
C LEU E 389 23.68 -37.52 -50.60
N TYR E 390 23.72 -38.83 -50.35
CA TYR E 390 24.97 -39.59 -50.17
C TYR E 390 25.39 -40.17 -51.52
N ARG E 391 26.62 -39.85 -51.97
CA ARG E 391 27.09 -40.26 -53.29
C ARG E 391 28.12 -41.38 -53.31
N GLU E 392 28.67 -41.75 -52.15
CA GLU E 392 29.72 -42.77 -52.11
C GLU E 392 29.22 -44.16 -52.46
N PRO E 393 30.05 -44.95 -53.17
CA PRO E 393 29.65 -46.32 -53.49
C PRO E 393 29.60 -47.20 -52.23
N PRO E 394 28.78 -48.25 -52.23
CA PRO E 394 28.65 -49.08 -51.03
C PRO E 394 29.92 -49.77 -50.53
N GLU E 395 30.11 -49.75 -49.21
CA GLU E 395 31.18 -50.44 -48.51
C GLU E 395 30.94 -51.96 -48.62
N ALA E 396 32.02 -52.76 -48.53
CA ALA E 396 31.92 -54.22 -48.62
C ALA E 396 31.05 -54.80 -47.49
N ILE E 397 31.23 -54.28 -46.27
CA ILE E 397 30.44 -54.74 -45.13
C ILE E 397 29.27 -53.76 -44.93
N TRP E 398 28.03 -54.26 -45.02
CA TRP E 398 26.84 -53.42 -44.91
C TRP E 398 26.80 -52.58 -43.61
N ALA E 399 27.16 -53.16 -42.45
CA ALA E 399 27.19 -52.41 -41.20
C ALA E 399 28.13 -51.19 -41.25
N ASP E 400 29.26 -51.33 -41.97
CA ASP E 400 30.21 -50.22 -42.15
C ASP E 400 29.60 -49.16 -43.06
N ASP E 401 28.86 -49.57 -44.09
CA ASP E 401 28.22 -48.64 -45.01
C ASP E 401 27.15 -47.81 -44.26
N VAL E 402 26.42 -48.44 -43.33
CA VAL E 402 25.40 -47.78 -42.51
C VAL E 402 26.11 -46.75 -41.61
N ASP E 403 27.19 -47.16 -40.94
CA ASP E 403 27.98 -46.27 -40.09
C ASP E 403 28.54 -45.07 -40.85
N ARG E 404 29.02 -45.28 -42.09
CA ARG E 404 29.56 -44.18 -42.89
C ARG E 404 28.48 -43.17 -43.24
N ARG E 405 27.25 -43.64 -43.49
CA ARG E 405 26.14 -42.75 -43.79
C ARG E 405 25.70 -41.95 -42.55
N VAL E 406 25.74 -42.55 -41.36
CA VAL E 406 25.41 -41.86 -40.11
C VAL E 406 26.48 -40.77 -39.86
N GLN E 407 27.77 -41.11 -40.08
CA GLN E 407 28.87 -40.16 -39.92
C GLN E 407 28.77 -39.01 -40.93
N PHE E 408 28.29 -39.30 -42.14
CA PHE E 408 28.08 -38.28 -43.16
C PHE E 408 26.99 -37.29 -42.68
N GLY E 409 25.95 -37.81 -42.02
CA GLY E 409 24.89 -36.98 -41.46
C GLY E 409 25.43 -36.09 -40.35
N ILE E 410 26.29 -36.63 -39.48
CA ILE E 410 26.91 -35.88 -38.39
C ILE E 410 27.83 -34.77 -38.92
N GLU E 411 28.73 -35.13 -39.85
CA GLU E 411 29.64 -34.16 -40.46
C GLU E 411 28.90 -33.08 -41.23
N SER E 412 27.83 -33.45 -41.97
CA SER E 412 27.03 -32.44 -42.70
C SER E 412 26.28 -31.52 -41.74
N GLY E 413 25.80 -32.09 -40.63
CA GLY E 413 25.09 -31.32 -39.61
C GLY E 413 26.01 -30.32 -38.97
N LYS E 414 27.24 -30.75 -38.61
CA LYS E 414 28.24 -29.87 -38.00
C LYS E 414 28.58 -28.71 -38.95
N LEU E 415 28.79 -29.01 -40.24
CA LEU E 415 29.14 -27.99 -41.23
C LEU E 415 28.04 -26.97 -41.39
N ARG E 416 26.78 -27.43 -41.42
CA ARG E 416 25.64 -26.54 -41.63
C ARG E 416 25.15 -25.82 -40.37
N GLY E 417 25.67 -26.16 -39.20
CA GLY E 417 25.27 -25.50 -37.96
C GLY E 417 24.18 -26.20 -37.16
N PHE E 418 23.72 -27.37 -37.62
CA PHE E 418 22.68 -28.13 -36.91
C PHE E 418 23.23 -28.75 -35.63
N LEU E 419 24.49 -29.21 -35.67
CA LEU E 419 25.10 -29.95 -34.58
C LEU E 419 26.42 -29.36 -34.14
N ARG E 420 26.75 -29.58 -32.88
CA ARG E 420 28.03 -29.19 -32.31
C ARG E 420 28.49 -30.31 -31.37
N VAL E 421 29.77 -30.34 -31.02
CA VAL E 421 30.33 -31.33 -30.10
C VAL E 421 29.64 -31.21 -28.75
N GLY E 422 29.22 -32.33 -28.18
CA GLY E 422 28.52 -32.32 -26.90
C GLY E 422 27.01 -32.49 -27.04
N ASP E 423 26.46 -32.23 -28.24
CA ASP E 423 25.02 -32.41 -28.49
C ASP E 423 24.64 -33.89 -28.44
N LEU E 424 23.36 -34.16 -28.18
CA LEU E 424 22.85 -35.53 -28.24
C LEU E 424 22.04 -35.63 -29.52
N VAL E 425 22.18 -36.74 -30.21
CA VAL E 425 21.37 -37.00 -31.41
C VAL E 425 20.72 -38.36 -31.27
N ILE E 426 19.59 -38.52 -31.93
CA ILE E 426 18.90 -39.81 -31.98
C ILE E 426 19.19 -40.35 -33.38
N VAL E 427 19.64 -41.60 -33.50
CA VAL E 427 19.96 -42.19 -34.81
C VAL E 427 19.00 -43.32 -35.11
N VAL E 428 18.33 -43.25 -36.26
CA VAL E 428 17.32 -44.22 -36.68
C VAL E 428 17.80 -45.01 -37.90
N THR E 429 17.97 -46.33 -37.73
CA THR E 429 18.45 -47.22 -38.79
C THR E 429 17.58 -48.53 -38.82
N GLY E 430 17.93 -49.47 -39.71
CA GLY E 430 17.21 -50.73 -39.84
C GLY E 430 18.12 -51.94 -39.70
N TRP E 431 17.53 -53.14 -39.67
CA TRP E 431 18.29 -54.36 -39.42
C TRP E 431 18.85 -55.04 -40.69
N ARG E 432 18.37 -54.64 -41.87
CA ARG E 432 18.83 -55.21 -43.13
C ARG E 432 18.70 -54.19 -44.27
N PRO E 433 19.42 -54.37 -45.39
CA PRO E 433 19.27 -53.42 -46.52
C PRO E 433 17.88 -53.43 -47.15
N GLY E 434 17.56 -52.39 -47.90
CA GLY E 434 16.28 -52.26 -48.56
C GLY E 434 15.29 -51.49 -47.72
N SER E 435 14.30 -50.89 -48.38
CA SER E 435 13.25 -50.10 -47.73
C SER E 435 12.33 -50.99 -46.88
N GLY E 436 11.79 -50.42 -45.80
CA GLY E 436 10.79 -51.10 -44.98
C GLY E 436 11.26 -51.82 -43.72
N TYR E 437 12.56 -51.75 -43.41
CA TYR E 437 13.10 -52.49 -42.27
C TYR E 437 13.67 -51.63 -41.15
N THR E 438 13.29 -50.34 -41.08
CA THR E 438 13.72 -49.48 -39.97
C THR E 438 13.18 -50.06 -38.65
N ASN E 439 14.04 -50.25 -37.65
CA ASN E 439 13.60 -50.82 -36.37
C ASN E 439 14.52 -50.47 -35.21
N ILE E 440 15.50 -49.58 -35.40
CA ILE E 440 16.48 -49.28 -34.36
C ILE E 440 16.59 -47.79 -34.08
N MET E 441 16.64 -47.46 -32.79
CA MET E 441 16.86 -46.08 -32.36
CA MET E 441 16.80 -46.09 -32.30
C MET E 441 18.01 -46.09 -31.36
N ARG E 442 19.00 -45.20 -31.57
CA ARG E 442 20.17 -45.11 -30.72
C ARG E 442 20.37 -43.69 -30.21
N VAL E 443 20.82 -43.53 -28.96
CA VAL E 443 21.13 -42.20 -28.40
C VAL E 443 22.65 -42.01 -28.48
N LEU E 444 23.10 -41.02 -29.24
CA LEU E 444 24.53 -40.81 -29.48
C LEU E 444 25.00 -39.43 -29.10
N SER E 445 26.17 -39.35 -28.44
CA SER E 445 26.77 -38.06 -28.08
CA SER E 445 26.77 -38.07 -28.07
C SER E 445 27.71 -37.65 -29.20
N ILE E 446 27.59 -36.41 -29.67
CA ILE E 446 28.42 -35.90 -30.75
C ILE E 446 29.85 -35.62 -30.28
N SER E 447 30.84 -36.26 -30.89
CA SER E 447 32.24 -36.05 -30.52
C SER E 447 33.01 -35.29 -31.61
N ALA F 13 -10.90 -45.13 -34.52
CA ALA F 13 -9.90 -45.14 -35.59
C ALA F 13 -8.49 -45.43 -35.05
N ASP F 14 -8.20 -45.00 -33.81
CA ASP F 14 -6.89 -45.19 -33.20
C ASP F 14 -6.57 -46.66 -32.90
N VAL F 15 -7.58 -47.54 -32.82
CA VAL F 15 -7.36 -48.95 -32.55
C VAL F 15 -7.98 -49.88 -33.62
N ALA F 16 -8.54 -49.32 -34.71
CA ALA F 16 -9.24 -50.12 -35.71
C ALA F 16 -8.38 -51.15 -36.46
N GLN F 17 -7.19 -50.75 -36.93
CA GLN F 17 -6.29 -51.67 -37.64
C GLN F 17 -5.75 -52.75 -36.72
N LEU F 18 -5.34 -52.39 -35.48
CA LEU F 18 -4.87 -53.40 -34.54
C LEU F 18 -5.97 -54.32 -34.07
N THR F 19 -7.23 -53.82 -34.01
CA THR F 19 -8.37 -54.65 -33.63
C THR F 19 -8.59 -55.68 -34.73
N GLN F 20 -8.44 -55.32 -36.02
CA GLN F 20 -8.60 -56.27 -37.11
C GLN F 20 -7.51 -57.36 -37.04
N GLU F 21 -6.25 -56.94 -36.79
CA GLU F 21 -5.10 -57.84 -36.73
C GLU F 21 -5.08 -58.76 -35.51
N LEU F 22 -5.25 -58.17 -34.31
CA LEU F 22 -5.20 -58.93 -33.05
C LEU F 22 -6.54 -59.55 -32.64
N GLY F 23 -7.63 -59.01 -33.16
CA GLY F 23 -8.96 -59.52 -32.89
C GLY F 23 -9.68 -58.80 -31.77
N THR F 24 -11.03 -58.91 -31.76
CA THR F 24 -11.83 -58.27 -30.72
C THR F 24 -11.60 -58.93 -29.37
N ALA F 25 -11.30 -60.25 -29.33
CA ALA F 25 -11.09 -60.91 -28.03
C ALA F 25 -9.89 -60.33 -27.31
N PHE F 26 -8.81 -60.00 -28.03
CA PHE F 26 -7.61 -59.40 -27.43
C PHE F 26 -7.98 -58.06 -26.73
N PHE F 27 -8.75 -57.21 -27.41
CA PHE F 27 -9.11 -55.89 -26.90
C PHE F 27 -10.22 -55.90 -25.84
N GLN F 28 -10.78 -57.07 -25.52
CA GLN F 28 -11.77 -57.18 -24.45
C GLN F 28 -11.11 -57.60 -23.13
N GLN F 29 -9.92 -58.26 -23.18
CA GLN F 29 -9.15 -58.71 -22.03
C GLN F 29 -8.34 -57.58 -21.39
N GLN F 30 -7.74 -57.88 -20.20
CA GLN F 30 -6.85 -57.00 -19.42
C GLN F 30 -7.35 -55.57 -19.30
N GLN F 31 -8.68 -55.39 -19.15
CA GLN F 31 -9.31 -54.08 -19.02
C GLN F 31 -8.93 -53.11 -20.13
N LEU F 32 -8.66 -53.62 -21.35
CA LEU F 32 -8.30 -52.75 -22.48
C LEU F 32 -9.42 -51.74 -22.82
N PRO F 33 -10.74 -52.06 -22.76
CA PRO F 33 -11.73 -51.00 -23.02
C PRO F 33 -11.58 -49.85 -22.01
N ALA F 34 -11.37 -50.16 -20.71
CA ALA F 34 -11.18 -49.11 -19.70
C ALA F 34 -9.85 -48.35 -19.91
N ALA F 35 -8.83 -49.05 -20.43
CA ALA F 35 -7.54 -48.44 -20.73
C ALA F 35 -7.64 -47.41 -21.85
N MET F 36 -8.54 -47.59 -22.81
CA MET F 36 -8.68 -46.67 -23.94
C MET F 36 -9.56 -45.44 -23.63
N ALA F 37 -10.18 -45.38 -22.44
CA ALA F 37 -11.07 -44.28 -22.12
C ALA F 37 -10.40 -42.91 -22.12
N ASP F 38 -11.17 -41.88 -22.47
CA ASP F 38 -10.68 -40.50 -22.58
C ASP F 38 -10.63 -39.75 -21.27
N THR F 39 -11.37 -40.20 -20.25
CA THR F 39 -11.38 -39.58 -18.92
C THR F 39 -11.28 -40.68 -17.85
N PHE F 40 -10.85 -40.32 -16.64
CA PHE F 40 -10.78 -41.31 -15.54
C PHE F 40 -12.20 -41.79 -15.19
N LEU F 41 -13.20 -40.89 -15.24
CA LEU F 41 -14.58 -41.29 -14.94
C LEU F 41 -15.06 -42.35 -15.95
N GLU F 42 -14.79 -42.15 -17.26
CA GLU F 42 -15.18 -43.14 -18.27
C GLU F 42 -14.38 -44.43 -18.08
N HIS F 43 -13.11 -44.34 -17.66
CA HIS F 43 -12.25 -45.48 -17.33
C HIS F 43 -12.94 -46.35 -16.26
N LEU F 44 -13.41 -45.71 -15.18
CA LEU F 44 -14.13 -46.43 -14.10
C LEU F 44 -15.38 -47.12 -14.64
N CYS F 45 -16.19 -46.40 -15.44
CA CYS F 45 -17.44 -46.92 -16.02
C CYS F 45 -17.21 -48.13 -16.93
N LEU F 46 -16.00 -48.26 -17.50
CA LEU F 46 -15.70 -49.37 -18.40
C LEU F 46 -15.01 -50.55 -17.75
N LEU F 47 -14.68 -50.49 -16.44
CA LEU F 47 -14.06 -51.63 -15.74
C LEU F 47 -15.03 -52.82 -15.78
N ASP F 48 -14.51 -54.00 -16.15
CA ASP F 48 -15.35 -55.16 -16.40
C ASP F 48 -14.88 -56.40 -15.63
N ILE F 49 -15.73 -56.97 -14.78
CA ILE F 49 -15.36 -58.18 -14.04
C ILE F 49 -15.14 -59.39 -14.95
N ASP F 50 -15.67 -59.37 -16.19
CA ASP F 50 -15.48 -60.45 -17.17
C ASP F 50 -14.22 -60.24 -18.04
N SER F 51 -13.50 -59.12 -17.85
CA SER F 51 -12.29 -58.87 -18.60
C SER F 51 -11.13 -59.47 -17.82
N GLU F 52 -10.64 -60.62 -18.28
CA GLU F 52 -9.61 -61.37 -17.56
C GLU F 52 -8.20 -60.81 -17.72
N PRO F 53 -7.42 -60.82 -16.63
CA PRO F 53 -6.03 -60.36 -16.74
C PRO F 53 -5.19 -61.34 -17.57
N VAL F 54 -4.24 -60.83 -18.35
CA VAL F 54 -3.41 -61.69 -19.20
C VAL F 54 -1.94 -61.55 -18.79
N ALA F 55 -1.51 -60.34 -18.45
CA ALA F 55 -0.11 -60.10 -18.11
C ALA F 55 0.35 -60.82 -16.83
N ALA F 56 1.65 -61.11 -16.74
CA ALA F 56 2.23 -61.69 -15.54
C ALA F 56 2.13 -60.63 -14.41
N ARG F 57 1.98 -61.08 -13.16
CA ARG F 57 1.82 -60.19 -12.01
C ARG F 57 3.07 -59.38 -11.78
N SER F 58 2.95 -58.06 -11.81
CA SER F 58 4.08 -57.17 -11.73
C SER F 58 4.43 -56.65 -10.31
N THR F 59 3.47 -56.56 -9.39
CA THR F 59 3.74 -56.08 -8.03
C THR F 59 4.32 -57.22 -7.21
N SER F 60 5.56 -57.08 -6.73
CA SER F 60 6.18 -58.16 -5.95
C SER F 60 5.53 -58.38 -4.60
N ILE F 61 5.57 -59.63 -4.15
CA ILE F 61 5.03 -60.02 -2.85
C ILE F 61 6.17 -60.31 -1.88
N ILE F 62 6.14 -59.65 -0.73
CA ILE F 62 7.10 -59.87 0.35
C ILE F 62 6.39 -60.71 1.40
N ALA F 63 6.93 -61.89 1.73
CA ALA F 63 6.32 -62.73 2.75
C ALA F 63 7.24 -62.83 3.96
N THR F 64 6.69 -62.61 5.15
CA THR F 64 7.48 -62.70 6.37
C THR F 64 7.64 -64.16 6.77
N ILE F 65 8.88 -64.57 7.05
CA ILE F 65 9.16 -65.94 7.43
C ILE F 65 9.02 -66.15 8.93
N GLY F 66 8.38 -67.23 9.31
CA GLY F 66 8.17 -67.60 10.71
C GLY F 66 7.83 -69.07 10.84
N PRO F 67 7.33 -69.47 12.01
CA PRO F 67 6.97 -70.89 12.21
C PRO F 67 6.03 -71.50 11.18
N ALA F 68 5.11 -70.69 10.61
CA ALA F 68 4.18 -71.22 9.59
C ALA F 68 4.78 -71.34 8.20
N SER F 69 5.95 -70.76 7.96
CA SER F 69 6.52 -70.73 6.62
C SER F 69 8.04 -70.96 6.60
N ARG F 70 8.57 -71.70 7.56
CA ARG F 70 10.00 -71.91 7.68
C ARG F 70 10.55 -73.19 7.05
N SER F 71 9.73 -74.26 6.99
CA SER F 71 10.22 -75.52 6.41
C SER F 71 10.49 -75.39 4.91
N VAL F 72 11.44 -76.19 4.40
CA VAL F 72 11.84 -76.17 3.01
C VAL F 72 10.66 -76.51 2.10
N GLU F 73 9.85 -77.51 2.48
CA GLU F 73 8.70 -77.89 1.67
C GLU F 73 7.64 -76.79 1.62
N ARG F 74 7.42 -76.09 2.74
CA ARG F 74 6.45 -74.98 2.79
C ARG F 74 6.97 -73.80 1.95
N LEU F 75 8.26 -73.52 2.04
CA LEU F 75 8.89 -72.45 1.27
C LEU F 75 8.81 -72.71 -0.24
N LYS F 76 8.91 -73.99 -0.67
CA LYS F 76 8.77 -74.32 -2.09
C LYS F 76 7.37 -73.97 -2.57
N GLU F 77 6.34 -74.27 -1.76
CA GLU F 77 4.95 -73.95 -2.10
CA GLU F 77 4.96 -73.95 -2.14
C GLU F 77 4.75 -72.42 -2.16
N MET F 78 5.41 -71.67 -1.27
CA MET F 78 5.29 -70.22 -1.26
CA MET F 78 5.29 -70.22 -1.26
C MET F 78 5.96 -69.59 -2.47
N ILE F 79 7.08 -70.17 -2.95
CA ILE F 79 7.77 -69.67 -4.13
C ILE F 79 6.86 -69.92 -5.34
N LYS F 80 6.26 -71.11 -5.44
CA LYS F 80 5.34 -71.45 -6.52
C LYS F 80 4.08 -70.56 -6.50
N ALA F 81 3.62 -70.19 -5.30
CA ALA F 81 2.45 -69.31 -5.14
C ALA F 81 2.71 -67.85 -5.55
N GLY F 82 3.98 -67.43 -5.52
CA GLY F 82 4.33 -66.08 -5.94
C GLY F 82 5.23 -65.25 -5.05
N MET F 83 5.73 -65.81 -3.92
CA MET F 83 6.63 -65.04 -3.05
C MET F 83 7.90 -64.63 -3.80
N ASN F 84 8.24 -63.33 -3.80
CA ASN F 84 9.43 -62.84 -4.49
C ASN F 84 10.53 -62.41 -3.51
N ILE F 85 10.13 -61.97 -2.30
CA ILE F 85 11.07 -61.49 -1.29
C ILE F 85 10.70 -62.13 0.05
N ALA F 86 11.67 -62.73 0.74
CA ALA F 86 11.46 -63.33 2.06
C ALA F 86 11.94 -62.31 3.11
N ARG F 87 11.05 -61.95 4.04
CA ARG F 87 11.39 -60.98 5.09
C ARG F 87 11.70 -61.69 6.41
N LEU F 88 12.85 -61.36 7.00
CA LEU F 88 13.27 -61.91 8.30
C LEU F 88 13.07 -60.80 9.31
N ASN F 89 12.15 -60.99 10.27
CA ASN F 89 11.87 -59.96 11.25
C ASN F 89 12.81 -60.12 12.46
N PHE F 90 13.84 -59.27 12.55
CA PHE F 90 14.80 -59.36 13.64
C PHE F 90 14.29 -58.79 14.98
N SER F 91 12.99 -58.43 15.07
CA SER F 91 12.41 -58.05 16.35
C SER F 91 12.25 -59.30 17.26
N HIS F 92 12.22 -60.51 16.68
CA HIS F 92 12.09 -61.77 17.39
C HIS F 92 13.08 -62.80 16.82
N GLY F 93 13.46 -63.78 17.62
CA GLY F 93 14.34 -64.85 17.17
C GLY F 93 15.81 -64.52 17.26
N SER F 94 16.62 -65.56 17.50
CA SER F 94 18.07 -65.41 17.62
C SER F 94 18.76 -65.41 16.24
N HIS F 95 20.07 -65.11 16.21
CA HIS F 95 20.84 -65.19 14.99
C HIS F 95 20.84 -66.63 14.43
N GLU F 96 20.86 -67.63 15.32
CA GLU F 96 20.84 -69.03 14.92
C GLU F 96 19.52 -69.37 14.22
N TYR F 97 18.40 -68.86 14.77
CA TYR F 97 17.07 -69.07 14.19
C TYR F 97 17.00 -68.46 12.78
N HIS F 98 17.46 -67.21 12.63
CA HIS F 98 17.42 -66.52 11.33
C HIS F 98 18.37 -67.13 10.30
N ALA F 99 19.53 -67.63 10.74
CA ALA F 99 20.46 -68.29 9.81
C ALA F 99 19.83 -69.56 9.25
N GLU F 100 19.06 -70.28 10.06
CA GLU F 100 18.39 -71.49 9.60
C GLU F 100 17.26 -71.14 8.62
N SER F 101 16.54 -70.02 8.87
CA SER F 101 15.49 -69.55 7.96
C SER F 101 16.11 -69.21 6.60
N ILE F 102 17.25 -68.49 6.58
CA ILE F 102 17.99 -68.14 5.37
C ILE F 102 18.42 -69.39 4.60
N ALA F 103 18.98 -70.38 5.32
CA ALA F 103 19.43 -71.63 4.70
C ALA F 103 18.25 -72.36 4.07
N ASN F 104 17.10 -72.39 4.75
CA ASN F 104 15.90 -73.06 4.24
C ASN F 104 15.34 -72.35 3.01
N VAL F 105 15.37 -71.01 3.00
CA VAL F 105 14.93 -70.23 1.84
C VAL F 105 15.83 -70.55 0.65
N ARG F 106 17.16 -70.47 0.84
CA ARG F 106 18.11 -70.79 -0.22
C ARG F 106 17.99 -72.22 -0.74
N GLU F 107 17.73 -73.20 0.15
CA GLU F 107 17.54 -74.58 -0.30
C GLU F 107 16.29 -74.70 -1.17
N ALA F 108 15.19 -74.06 -0.76
CA ALA F 108 13.95 -74.08 -1.53
C ALA F 108 14.14 -73.37 -2.88
N VAL F 109 14.84 -72.23 -2.91
CA VAL F 109 15.07 -71.47 -4.14
C VAL F 109 15.93 -72.29 -5.12
N GLU F 110 17.02 -72.87 -4.62
CA GLU F 110 17.92 -73.64 -5.47
C GLU F 110 17.34 -74.99 -5.93
N SER F 111 16.25 -75.46 -5.33
CA SER F 111 15.59 -76.68 -5.78
C SER F 111 14.98 -76.51 -7.21
N PHE F 112 14.76 -75.25 -7.65
CA PHE F 112 14.23 -74.96 -9.00
C PHE F 112 15.32 -74.49 -9.98
N ALA F 113 16.62 -74.51 -9.58
CA ALA F 113 17.74 -74.02 -10.40
C ALA F 113 18.15 -74.88 -11.60
N GLY F 114 17.48 -75.99 -11.85
CA GLY F 114 17.83 -76.82 -13.00
C GLY F 114 17.52 -76.21 -14.35
N SER F 115 16.70 -75.13 -14.38
CA SER F 115 16.27 -74.55 -15.66
C SER F 115 15.82 -73.08 -15.53
N PRO F 116 15.92 -72.27 -16.61
CA PRO F 116 15.40 -70.90 -16.55
C PRO F 116 13.85 -70.85 -16.58
N LEU F 117 13.19 -71.98 -16.85
CA LEU F 117 11.73 -72.08 -16.89
C LEU F 117 11.15 -72.22 -15.47
N SER F 118 11.90 -72.82 -14.56
CA SER F 118 11.45 -73.05 -13.19
C SER F 118 12.12 -72.10 -12.18
N TYR F 119 13.38 -71.67 -12.45
CA TYR F 119 14.12 -70.84 -11.51
C TYR F 119 13.48 -69.51 -11.17
N ARG F 120 13.37 -69.23 -9.88
CA ARG F 120 12.82 -67.96 -9.44
C ARG F 120 13.74 -67.35 -8.40
N PRO F 121 14.48 -66.29 -8.77
CA PRO F 121 15.32 -65.60 -7.77
C PRO F 121 14.43 -65.04 -6.66
N VAL F 122 14.82 -65.25 -5.41
CA VAL F 122 14.04 -64.77 -4.29
C VAL F 122 14.98 -63.95 -3.43
N ALA F 123 14.64 -62.67 -3.20
CA ALA F 123 15.49 -61.82 -2.38
C ALA F 123 15.31 -62.10 -0.89
N ILE F 124 16.33 -61.83 -0.09
CA ILE F 124 16.25 -62.00 1.35
C ILE F 124 16.41 -60.64 1.98
N ALA F 125 15.41 -60.22 2.76
CA ALA F 125 15.40 -58.91 3.39
C ALA F 125 15.45 -59.03 4.90
N LEU F 126 16.30 -58.21 5.53
CA LEU F 126 16.45 -58.22 6.99
C LEU F 126 15.73 -57.00 7.52
N ASP F 127 14.71 -57.21 8.36
CA ASP F 127 13.94 -56.11 8.94
C ASP F 127 14.44 -55.89 10.37
N THR F 128 15.05 -54.74 10.63
CA THR F 128 15.66 -54.46 11.93
C THR F 128 14.66 -54.26 13.09
N LYS F 129 15.14 -54.53 14.31
CA LYS F 129 14.35 -54.35 15.53
C LYS F 129 14.04 -52.85 15.72
N GLY F 130 15.03 -52.00 15.47
CA GLY F 130 14.83 -50.56 15.57
C GLY F 130 15.53 -49.91 16.74
N PRO F 131 15.39 -48.58 16.84
CA PRO F 131 16.09 -47.84 17.90
C PRO F 131 15.45 -47.97 19.28
N PRO F 135 17.84 -42.64 20.51
CA PRO F 135 17.91 -41.53 19.55
C PRO F 135 18.38 -41.91 18.14
N GLY F 136 19.08 -43.04 18.01
CA GLY F 136 19.59 -43.49 16.73
C GLY F 136 19.86 -44.98 16.67
N LEU F 137 20.87 -45.41 15.89
CA LEU F 137 21.20 -46.82 15.72
C LEU F 137 21.56 -47.55 17.02
N SER F 138 20.75 -48.54 17.38
CA SER F 138 20.93 -49.33 18.59
C SER F 138 22.10 -50.32 18.44
N GLU F 139 22.62 -50.82 19.58
CA GLU F 139 23.70 -51.80 19.57
C GLU F 139 23.24 -53.13 18.99
N GLN F 140 21.97 -53.53 19.23
CA GLN F 140 21.45 -54.77 18.67
C GLN F 140 21.37 -54.65 17.14
N ASP F 141 20.94 -53.48 16.62
CA ASP F 141 20.88 -53.27 15.18
C ASP F 141 22.27 -53.34 14.55
N VAL F 142 23.31 -52.83 15.22
CA VAL F 142 24.69 -52.93 14.71
C VAL F 142 25.09 -54.41 14.53
N ARG F 143 24.78 -55.25 15.52
CA ARG F 143 25.09 -56.66 15.45
C ARG F 143 24.25 -57.41 14.40
N ASP F 144 22.96 -57.06 14.29
CA ASP F 144 22.06 -57.69 13.32
C ASP F 144 22.44 -57.31 11.90
N LEU F 145 22.84 -56.06 11.68
CA LEU F 145 23.28 -55.60 10.36
C LEU F 145 24.57 -56.31 9.95
N ARG F 146 25.48 -56.53 10.92
CA ARG F 146 26.72 -57.28 10.67
C ARG F 146 26.39 -58.71 10.28
N PHE F 147 25.40 -59.33 10.96
CA PHE F 147 24.92 -60.67 10.64
C PHE F 147 24.40 -60.71 9.18
N GLY F 148 23.63 -59.69 8.80
CA GLY F 148 23.08 -59.56 7.45
C GLY F 148 24.15 -59.56 6.38
N VAL F 149 25.20 -58.76 6.58
CA VAL F 149 26.30 -58.70 5.63
C VAL F 149 27.01 -60.06 5.54
N GLU F 150 27.28 -60.68 6.69
CA GLU F 150 27.95 -61.98 6.74
C GLU F 150 27.13 -63.09 6.07
N HIS F 151 25.80 -62.98 6.13
CA HIS F 151 24.94 -63.98 5.52
C HIS F 151 24.43 -63.60 4.11
N GLY F 152 24.96 -62.53 3.53
CA GLY F 152 24.65 -62.11 2.18
C GLY F 152 23.21 -61.69 1.89
N VAL F 153 22.57 -60.97 2.84
CA VAL F 153 21.20 -60.50 2.60
C VAL F 153 21.21 -59.46 1.46
N ASP F 154 20.09 -59.35 0.74
CA ASP F 154 20.00 -58.43 -0.40
C ASP F 154 19.48 -57.06 -0.02
N ILE F 155 18.61 -56.99 1.00
CA ILE F 155 17.91 -55.78 1.37
C ILE F 155 17.83 -55.63 2.88
N VAL F 156 17.81 -54.40 3.36
CA VAL F 156 17.57 -54.10 4.75
C VAL F 156 16.29 -53.24 4.80
N PHE F 157 15.31 -53.62 5.63
CA PHE F 157 14.13 -52.80 5.89
C PHE F 157 14.50 -52.15 7.24
N ALA F 158 14.95 -50.89 7.20
CA ALA F 158 15.41 -50.20 8.42
C ALA F 158 14.23 -49.60 9.20
N SER F 159 13.98 -50.13 10.40
CA SER F 159 12.88 -49.66 11.23
C SER F 159 13.03 -48.26 11.80
N PHE F 160 11.91 -47.57 11.94
CA PHE F 160 11.78 -46.24 12.53
C PHE F 160 12.80 -45.22 12.01
N VAL F 161 12.90 -45.07 10.68
CA VAL F 161 13.80 -44.07 10.11
C VAL F 161 13.14 -42.70 10.29
N ARG F 162 13.84 -41.78 10.97
CA ARG F 162 13.29 -40.45 11.26
C ARG F 162 13.99 -39.30 10.56
N LYS F 163 15.18 -39.54 10.03
CA LYS F 163 15.99 -38.49 9.40
C LYS F 163 17.09 -39.13 8.54
N ALA F 164 17.72 -38.33 7.67
CA ALA F 164 18.77 -38.80 6.78
C ALA F 164 19.96 -39.44 7.52
N SER F 165 20.33 -38.91 8.71
CA SER F 165 21.46 -39.49 9.46
C SER F 165 21.19 -40.91 9.95
N ASP F 166 19.91 -41.30 10.10
CA ASP F 166 19.56 -42.67 10.49
C ASP F 166 19.96 -43.62 9.34
N VAL F 167 19.74 -43.21 8.08
CA VAL F 167 20.10 -44.01 6.92
C VAL F 167 21.63 -44.12 6.80
N ALA F 168 22.34 -43.01 7.05
CA ALA F 168 23.80 -43.01 7.00
C ALA F 168 24.38 -43.97 8.04
N ALA F 169 23.77 -44.02 9.24
CA ALA F 169 24.22 -44.93 10.30
C ALA F 169 24.01 -46.40 9.90
N VAL F 170 22.88 -46.72 9.23
CA VAL F 170 22.63 -48.08 8.78
C VAL F 170 23.68 -48.46 7.72
N ARG F 171 23.93 -47.54 6.77
CA ARG F 171 24.90 -47.74 5.71
CA ARG F 171 24.91 -47.74 5.70
C ARG F 171 26.30 -47.99 6.29
N ALA F 172 26.71 -47.20 7.30
CA ALA F 172 28.01 -47.35 7.95
C ALA F 172 28.11 -48.71 8.65
N ALA F 173 27.03 -49.15 9.32
CA ALA F 173 27.00 -50.44 10.02
C ALA F 173 27.09 -51.65 9.06
N LEU F 174 26.71 -51.46 7.79
CA LEU F 174 26.84 -52.53 6.80
C LEU F 174 28.33 -52.72 6.34
N GLY F 175 29.19 -51.75 6.65
CA GLY F 175 30.61 -51.80 6.34
C GLY F 175 30.96 -51.75 4.87
N PRO F 176 32.25 -51.95 4.54
CA PRO F 176 32.68 -51.91 3.14
C PRO F 176 32.20 -53.09 2.31
N GLU F 177 31.91 -54.25 2.94
CA GLU F 177 31.42 -55.41 2.19
C GLU F 177 29.90 -55.40 1.93
N GLY F 178 29.17 -54.45 2.51
CA GLY F 178 27.73 -54.37 2.32
C GLY F 178 27.26 -53.17 1.51
N HIS F 179 28.14 -52.67 0.63
CA HIS F 179 27.82 -51.50 -0.22
C HIS F 179 26.71 -51.77 -1.23
N GLY F 180 26.56 -53.01 -1.65
CA GLY F 180 25.57 -53.41 -2.64
C GLY F 180 24.19 -53.70 -2.08
N ILE F 181 24.05 -53.77 -0.75
CA ILE F 181 22.77 -54.05 -0.10
C ILE F 181 21.83 -52.84 -0.23
N LYS F 182 20.57 -53.07 -0.63
CA LYS F 182 19.60 -51.99 -0.76
C LYS F 182 19.02 -51.62 0.60
N ILE F 183 18.94 -50.33 0.91
CA ILE F 183 18.34 -49.87 2.15
C ILE F 183 16.96 -49.29 1.88
N ILE F 184 15.92 -49.95 2.41
CA ILE F 184 14.54 -49.49 2.29
C ILE F 184 14.18 -48.92 3.66
N SER F 185 13.99 -47.59 3.73
CA SER F 185 13.66 -46.96 4.99
C SER F 185 12.19 -47.12 5.37
N LYS F 186 11.92 -47.62 6.58
CA LYS F 186 10.55 -47.76 7.06
C LYS F 186 10.10 -46.43 7.71
N ILE F 187 8.99 -45.86 7.22
CA ILE F 187 8.42 -44.62 7.77
C ILE F 187 7.32 -45.04 8.70
N GLU F 188 7.51 -44.82 10.01
CA GLU F 188 6.62 -45.33 11.05
C GLU F 188 6.09 -44.30 12.03
N ASN F 189 6.46 -43.03 11.89
CA ASN F 189 6.01 -42.01 12.83
C ASN F 189 5.90 -40.63 12.17
N HIS F 190 5.39 -39.63 12.93
CA HIS F 190 5.22 -38.28 12.41
C HIS F 190 6.50 -37.67 11.88
N GLU F 191 7.62 -37.83 12.61
CA GLU F 191 8.90 -37.26 12.16
C GLU F 191 9.36 -37.84 10.81
N GLY F 192 9.21 -39.14 10.63
CA GLY F 192 9.58 -39.78 9.37
C GLY F 192 8.78 -39.23 8.21
N VAL F 193 7.47 -38.97 8.43
CA VAL F 193 6.61 -38.38 7.38
C VAL F 193 7.05 -36.94 7.07
N LYS F 194 7.29 -36.13 8.11
CA LYS F 194 7.71 -34.74 7.92
C LYS F 194 9.08 -34.59 7.28
N ARG F 195 10.01 -35.49 7.60
CA ARG F 195 11.35 -35.44 7.01
C ARG F 195 11.49 -36.43 5.83
N PHE F 196 10.35 -36.81 5.22
CA PHE F 196 10.34 -37.79 4.13
C PHE F 196 11.30 -37.47 2.98
N ASP F 197 11.30 -36.23 2.48
CA ASP F 197 12.13 -35.88 1.34
C ASP F 197 13.62 -36.12 1.58
N GLU F 198 14.13 -35.76 2.76
CA GLU F 198 15.54 -35.98 3.07
C GLU F 198 15.85 -37.48 3.26
N ILE F 199 14.89 -38.26 3.76
CA ILE F 199 15.06 -39.69 3.96
C ILE F 199 15.09 -40.39 2.59
N LEU F 200 14.13 -40.07 1.71
CA LEU F 200 14.04 -40.70 0.39
C LEU F 200 15.30 -40.41 -0.45
N GLU F 201 15.82 -39.20 -0.36
CA GLU F 201 17.02 -38.78 -1.09
C GLU F 201 18.21 -39.71 -0.87
N VAL F 202 18.41 -40.18 0.36
CA VAL F 202 19.55 -41.05 0.68
C VAL F 202 19.20 -42.54 0.75
N SER F 203 17.92 -42.92 0.61
CA SER F 203 17.51 -44.31 0.70
C SER F 203 17.36 -44.91 -0.71
N ASP F 204 17.39 -46.24 -0.80
CA ASP F 204 17.11 -46.91 -2.08
C ASP F 204 15.57 -46.98 -2.34
N GLY F 205 14.79 -46.91 -1.29
CA GLY F 205 13.33 -46.97 -1.36
C GLY F 205 12.70 -46.81 0.01
N ILE F 206 11.37 -46.94 0.07
CA ILE F 206 10.62 -46.71 1.31
C ILE F 206 9.64 -47.83 1.59
N MET F 207 9.34 -48.06 2.87
CA MET F 207 8.27 -48.93 3.29
C MET F 207 7.28 -48.07 4.09
N VAL F 208 5.99 -48.13 3.72
CA VAL F 208 4.93 -47.46 4.48
C VAL F 208 4.55 -48.49 5.57
N ALA F 209 5.16 -48.35 6.75
CA ALA F 209 4.99 -49.32 7.84
C ALA F 209 3.76 -48.92 8.62
N ARG F 210 2.59 -49.35 8.13
CA ARG F 210 1.30 -48.88 8.64
C ARG F 210 0.96 -49.27 10.06
N GLY F 211 1.53 -50.36 10.57
CA GLY F 211 1.27 -50.82 11.94
C GLY F 211 1.65 -49.75 12.96
N ASP F 212 2.93 -49.41 13.03
CA ASP F 212 3.38 -48.35 13.95
C ASP F 212 2.89 -46.99 13.52
N LEU F 213 2.83 -46.71 12.20
CA LEU F 213 2.34 -45.42 11.73
C LEU F 213 0.91 -45.13 12.24
N GLY F 214 0.05 -46.15 12.24
CA GLY F 214 -1.33 -46.06 12.71
C GLY F 214 -1.51 -45.89 14.21
N ILE F 215 -0.43 -46.03 14.98
CA ILE F 215 -0.41 -45.82 16.44
C ILE F 215 0.31 -44.49 16.76
N GLU F 216 1.27 -44.08 15.92
CA GLU F 216 2.04 -42.84 16.08
C GLU F 216 1.27 -41.60 15.61
N ILE F 217 0.44 -41.77 14.57
CA ILE F 217 -0.40 -40.67 14.07
C ILE F 217 -1.87 -41.17 14.11
N PRO F 218 -2.88 -40.27 14.02
CA PRO F 218 -4.27 -40.75 14.03
C PRO F 218 -4.54 -41.81 12.96
N ALA F 219 -5.24 -42.89 13.31
CA ALA F 219 -5.50 -44.00 12.39
C ALA F 219 -6.18 -43.53 11.09
N GLU F 220 -7.03 -42.51 11.19
CA GLU F 220 -7.75 -41.97 10.04
C GLU F 220 -6.86 -41.14 9.09
N LYS F 221 -5.59 -40.90 9.43
CA LYS F 221 -4.68 -40.14 8.58
C LYS F 221 -3.67 -41.04 7.83
N VAL F 222 -3.57 -42.33 8.18
CA VAL F 222 -2.59 -43.23 7.56
C VAL F 222 -2.72 -43.29 6.04
N PHE F 223 -3.95 -43.31 5.51
CA PHE F 223 -4.14 -43.36 4.05
C PHE F 223 -3.51 -42.15 3.34
N LEU F 224 -3.52 -40.95 3.99
CA LEU F 224 -2.93 -39.75 3.40
C LEU F 224 -1.42 -39.91 3.33
N ALA F 225 -0.80 -40.43 4.41
CA ALA F 225 0.64 -40.66 4.44
C ALA F 225 1.01 -41.72 3.41
N GLN F 226 0.23 -42.80 3.31
CA GLN F 226 0.49 -43.86 2.32
C GLN F 226 0.43 -43.31 0.88
N LYS F 227 -0.64 -42.59 0.53
CA LYS F 227 -0.82 -42.07 -0.82
C LYS F 227 0.25 -41.04 -1.19
N MET F 228 0.63 -40.17 -0.23
CA MET F 228 1.67 -39.18 -0.44
C MET F 228 3.03 -39.85 -0.69
N MET F 229 3.41 -40.81 0.17
CA MET F 229 4.72 -41.47 0.06
C MET F 229 4.83 -42.28 -1.21
N ILE F 230 3.74 -42.96 -1.61
CA ILE F 230 3.75 -43.71 -2.86
C ILE F 230 3.92 -42.75 -4.05
N GLY F 231 3.17 -41.64 -4.06
CA GLY F 231 3.29 -40.65 -5.11
C GLY F 231 4.68 -40.06 -5.21
N ARG F 232 5.30 -39.71 -4.05
CA ARG F 232 6.66 -39.16 -4.07
C ARG F 232 7.70 -40.18 -4.52
N CYS F 233 7.55 -41.46 -4.13
CA CYS F 233 8.46 -42.52 -4.58
C CYS F 233 8.31 -42.75 -6.08
N ASN F 234 7.07 -42.74 -6.58
CA ASN F 234 6.82 -42.90 -8.02
C ASN F 234 7.47 -41.74 -8.79
N LEU F 235 7.34 -40.51 -8.27
CA LEU F 235 7.95 -39.34 -8.91
C LEU F 235 9.50 -39.49 -8.94
N ALA F 236 10.08 -39.98 -7.84
CA ALA F 236 11.54 -40.20 -7.73
C ALA F 236 12.05 -41.45 -8.49
N GLY F 237 11.16 -42.34 -8.89
CA GLY F 237 11.54 -43.58 -9.56
C GLY F 237 12.21 -44.56 -8.62
N LYS F 238 11.85 -44.53 -7.32
CA LYS F 238 12.40 -45.43 -6.31
C LYS F 238 11.33 -46.35 -5.75
N PRO F 239 11.69 -47.62 -5.45
CA PRO F 239 10.67 -48.56 -4.95
C PRO F 239 9.97 -48.19 -3.65
N VAL F 240 8.68 -48.52 -3.57
CA VAL F 240 7.89 -48.25 -2.37
C VAL F 240 7.08 -49.50 -2.03
N VAL F 241 7.08 -49.87 -0.75
CA VAL F 241 6.39 -51.06 -0.25
C VAL F 241 5.19 -50.64 0.59
N CYS F 242 4.04 -51.27 0.38
CA CYS F 242 2.89 -51.04 1.27
C CYS F 242 2.88 -52.24 2.23
N ALA F 243 2.80 -51.99 3.53
CA ALA F 243 2.87 -53.07 4.50
C ALA F 243 1.84 -53.01 5.62
N THR F 244 1.55 -54.20 6.23
CA THR F 244 0.86 -54.47 7.49
C THR F 244 -0.66 -54.49 7.44
N GLN F 245 -1.22 -55.64 7.88
CA GLN F 245 -2.63 -55.96 8.00
C GLN F 245 -3.37 -55.95 6.68
N MET F 246 -2.66 -56.15 5.55
CA MET F 246 -3.31 -56.16 4.24
C MET F 246 -4.34 -57.28 4.10
N LEU F 247 -4.03 -58.48 4.62
CA LEU F 247 -4.96 -59.61 4.58
C LEU F 247 -5.03 -60.24 5.99
N GLU F 248 -5.03 -59.41 7.04
CA GLU F 248 -4.97 -59.83 8.44
C GLU F 248 -5.88 -60.99 8.83
N SER F 249 -7.18 -60.96 8.45
CA SER F 249 -8.10 -62.03 8.81
C SER F 249 -7.70 -63.41 8.30
N MET F 250 -6.85 -63.46 7.25
CA MET F 250 -6.38 -64.73 6.70
C MET F 250 -5.40 -65.47 7.65
N ILE F 251 -5.02 -64.84 8.79
CA ILE F 251 -4.22 -65.53 9.81
C ILE F 251 -5.03 -66.76 10.32
N THR F 252 -6.37 -66.64 10.42
CA THR F 252 -7.21 -67.76 10.87
C THR F 252 -8.28 -68.19 9.87
N LYS F 253 -8.62 -67.34 8.88
CA LYS F 253 -9.68 -67.68 7.92
C LYS F 253 -9.13 -67.98 6.52
N PRO F 254 -9.75 -68.91 5.77
CA PRO F 254 -9.23 -69.22 4.43
C PRO F 254 -9.49 -68.14 3.38
N ARG F 255 -10.44 -67.21 3.65
CA ARG F 255 -10.79 -66.13 2.74
C ARG F 255 -10.73 -64.78 3.48
N PRO F 256 -10.27 -63.72 2.80
CA PRO F 256 -10.15 -62.42 3.47
C PRO F 256 -11.47 -61.64 3.54
N THR F 257 -11.47 -60.50 4.26
CA THR F 257 -12.66 -59.65 4.30
C THR F 257 -12.75 -58.78 3.01
N ARG F 258 -13.89 -58.10 2.79
CA ARG F 258 -14.06 -57.22 1.62
C ARG F 258 -13.14 -55.99 1.73
N ALA F 259 -12.84 -55.53 2.96
CA ALA F 259 -11.94 -54.39 3.15
C ALA F 259 -10.50 -54.78 2.82
N GLU F 260 -10.11 -56.01 3.14
CA GLU F 260 -8.76 -56.50 2.89
C GLU F 260 -8.46 -56.64 1.41
N THR F 261 -9.38 -57.21 0.61
CA THR F 261 -9.15 -57.29 -0.85
C THR F 261 -9.07 -55.91 -1.45
N SER F 262 -9.94 -55.00 -0.99
CA SER F 262 -9.96 -53.62 -1.45
C SER F 262 -8.60 -52.94 -1.11
N ASP F 263 -8.08 -53.14 0.10
CA ASP F 263 -6.80 -52.56 0.53
C ASP F 263 -5.64 -52.98 -0.38
N VAL F 264 -5.56 -54.28 -0.72
CA VAL F 264 -4.51 -54.79 -1.60
C VAL F 264 -4.65 -54.16 -2.99
N ALA F 265 -5.87 -54.16 -3.55
CA ALA F 265 -6.09 -53.58 -4.89
C ALA F 265 -5.74 -52.10 -4.91
N ASN F 266 -6.14 -51.35 -3.86
CA ASN F 266 -5.87 -49.92 -3.81
C ASN F 266 -4.40 -49.60 -3.56
N ALA F 267 -3.64 -50.49 -2.92
CA ALA F 267 -2.19 -50.24 -2.77
C ALA F 267 -1.52 -50.30 -4.17
N VAL F 268 -1.95 -51.28 -4.99
CA VAL F 268 -1.44 -51.40 -6.36
C VAL F 268 -1.87 -50.17 -7.18
N LEU F 269 -3.16 -49.80 -7.12
CA LEU F 269 -3.65 -48.62 -7.86
C LEU F 269 -3.01 -47.32 -7.39
N ASP F 270 -2.61 -47.23 -6.12
CA ASP F 270 -1.92 -46.04 -5.60
C ASP F 270 -0.54 -45.88 -6.27
N GLY F 271 0.10 -47.02 -6.62
CA GLY F 271 1.40 -47.06 -7.26
C GLY F 271 2.46 -47.85 -6.52
N ALA F 272 2.07 -48.68 -5.53
CA ALA F 272 3.07 -49.45 -4.77
C ALA F 272 3.82 -50.45 -5.65
N ASP F 273 5.15 -50.53 -5.48
CA ASP F 273 5.96 -51.50 -6.21
C ASP F 273 5.83 -52.88 -5.59
N CYS F 274 5.73 -52.96 -4.25
CA CYS F 274 5.63 -54.22 -3.51
C CYS F 274 4.49 -54.14 -2.50
N ILE F 275 3.93 -55.31 -2.19
CA ILE F 275 2.93 -55.50 -1.14
C ILE F 275 3.47 -56.55 -0.17
N MET F 276 3.07 -56.48 1.10
CA MET F 276 3.66 -57.34 2.11
C MET F 276 2.67 -58.13 2.94
N LEU F 277 3.12 -59.29 3.45
CA LEU F 277 2.39 -60.15 4.37
C LEU F 277 3.27 -60.31 5.61
N SER F 278 2.68 -60.16 6.80
CA SER F 278 3.42 -60.30 8.04
C SER F 278 2.94 -61.54 8.79
N GLY F 279 2.02 -61.42 9.75
CA GLY F 279 1.47 -62.56 10.48
C GLY F 279 0.79 -63.56 9.56
N GLU F 280 0.23 -63.08 8.42
CA GLU F 280 -0.45 -63.94 7.46
C GLU F 280 0.44 -65.08 6.98
N THR F 281 1.75 -64.84 6.83
CA THR F 281 2.68 -65.87 6.39
C THR F 281 3.61 -66.35 7.52
N ALA F 282 3.92 -65.48 8.49
CA ALA F 282 4.81 -65.84 9.57
C ALA F 282 4.22 -66.83 10.55
N LYS F 283 2.94 -66.67 10.93
CA LYS F 283 2.34 -67.51 11.96
C LYS F 283 0.96 -68.05 11.66
N GLY F 284 0.32 -67.59 10.60
CA GLY F 284 -1.05 -67.99 10.30
C GLY F 284 -1.26 -69.40 9.80
N ASN F 285 -2.53 -69.80 9.70
CA ASN F 285 -2.91 -71.13 9.26
C ASN F 285 -3.00 -71.27 7.74
N PHE F 286 -2.90 -70.17 6.98
CA PHE F 286 -3.04 -70.22 5.52
C PHE F 286 -1.94 -69.40 4.83
N PRO F 287 -0.63 -69.63 5.11
CA PRO F 287 0.40 -68.80 4.49
C PRO F 287 0.43 -68.86 2.97
N VAL F 288 0.30 -70.06 2.39
CA VAL F 288 0.31 -70.22 0.94
C VAL F 288 -0.92 -69.54 0.31
N GLU F 289 -2.08 -69.70 0.92
CA GLU F 289 -3.33 -69.11 0.44
C GLU F 289 -3.28 -67.58 0.48
N ALA F 290 -2.60 -67.00 1.49
CA ALA F 290 -2.45 -65.54 1.60
C ALA F 290 -1.60 -65.01 0.45
N VAL F 291 -0.52 -65.74 0.09
CA VAL F 291 0.33 -65.34 -1.03
C VAL F 291 -0.50 -65.47 -2.34
N LYS F 292 -1.25 -66.55 -2.49
CA LYS F 292 -2.09 -66.75 -3.68
C LYS F 292 -3.16 -65.64 -3.83
N MET F 293 -3.72 -65.18 -2.70
CA MET F 293 -4.73 -64.12 -2.71
C MET F 293 -4.10 -62.78 -3.11
N GLN F 294 -2.90 -62.44 -2.58
CA GLN F 294 -2.23 -61.19 -3.00
C GLN F 294 -1.89 -61.25 -4.49
N HIS F 295 -1.44 -62.42 -4.97
CA HIS F 295 -1.13 -62.60 -6.39
C HIS F 295 -2.37 -62.34 -7.26
N ALA F 296 -3.50 -62.96 -6.90
CA ALA F 296 -4.75 -62.83 -7.66
C ALA F 296 -5.28 -61.40 -7.69
N ILE F 297 -5.25 -60.70 -6.54
CA ILE F 297 -5.73 -59.32 -6.50
C ILE F 297 -4.81 -58.39 -7.27
N ALA F 298 -3.47 -58.53 -7.06
CA ALA F 298 -2.51 -57.66 -7.74
C ALA F 298 -2.64 -57.74 -9.25
N ARG F 299 -2.84 -58.93 -9.82
CA ARG F 299 -3.00 -59.07 -11.27
C ARG F 299 -4.26 -58.34 -11.76
N GLU F 300 -5.38 -58.44 -11.01
CA GLU F 300 -6.60 -57.74 -11.39
C GLU F 300 -6.38 -56.22 -11.33
N ALA F 301 -5.75 -55.74 -10.26
CA ALA F 301 -5.54 -54.30 -10.06
C ALA F 301 -4.56 -53.71 -11.06
N GLU F 302 -3.52 -54.46 -11.44
CA GLU F 302 -2.55 -53.97 -12.42
C GLU F 302 -3.20 -53.72 -13.78
N ALA F 303 -4.12 -54.59 -14.18
CA ALA F 303 -4.83 -54.41 -15.45
C ALA F 303 -5.75 -53.18 -15.40
N ALA F 304 -6.27 -52.83 -14.19
CA ALA F 304 -7.18 -51.69 -13.98
C ALA F 304 -6.47 -50.34 -13.85
N VAL F 305 -5.13 -50.31 -13.92
CA VAL F 305 -4.37 -49.07 -13.86
C VAL F 305 -4.73 -48.21 -15.11
N TYR F 306 -4.94 -46.90 -14.93
CA TYR F 306 -5.27 -46.03 -16.05
C TYR F 306 -3.97 -45.49 -16.66
N HIS F 307 -3.26 -46.33 -17.45
CA HIS F 307 -1.98 -45.96 -18.03
C HIS F 307 -1.99 -44.69 -18.85
N ARG F 308 -3.09 -44.38 -19.53
CA ARG F 308 -3.17 -43.16 -20.36
C ARG F 308 -2.82 -41.90 -19.57
N GLN F 309 -3.39 -41.72 -18.37
CA GLN F 309 -3.06 -40.54 -17.58
C GLN F 309 -1.79 -40.76 -16.78
N LEU F 310 -1.59 -41.96 -16.23
CA LEU F 310 -0.39 -42.26 -15.44
C LEU F 310 0.91 -42.01 -16.24
N PHE F 311 1.00 -42.55 -17.45
CA PHE F 311 2.19 -42.37 -18.30
C PHE F 311 2.37 -40.91 -18.66
N GLU F 312 1.27 -40.21 -19.02
CA GLU F 312 1.33 -38.78 -19.34
C GLU F 312 1.89 -37.96 -18.16
N GLU F 313 1.42 -38.24 -16.94
CA GLU F 313 1.89 -37.51 -15.77
C GLU F 313 3.31 -37.85 -15.37
N LEU F 314 3.71 -39.13 -15.45
CA LEU F 314 5.08 -39.53 -15.13
C LEU F 314 6.06 -38.89 -16.12
N ARG F 315 5.68 -38.89 -17.40
CA ARG F 315 6.45 -38.31 -18.48
C ARG F 315 6.61 -36.80 -18.28
N ARG F 316 5.52 -36.09 -17.98
CA ARG F 316 5.54 -34.64 -17.77
C ARG F 316 6.29 -34.22 -16.50
N ALA F 317 6.20 -35.03 -15.43
CA ALA F 317 6.87 -34.70 -14.17
C ALA F 317 8.35 -35.02 -14.16
N ALA F 318 8.77 -36.04 -14.92
CA ALA F 318 10.18 -36.43 -14.96
C ALA F 318 10.95 -35.35 -15.69
N PRO F 319 12.02 -34.82 -15.07
CA PRO F 319 12.77 -33.74 -15.72
C PRO F 319 13.44 -34.17 -17.02
N LEU F 320 13.81 -33.19 -17.86
CA LEU F 320 14.56 -33.46 -19.08
C LEU F 320 15.90 -34.09 -18.68
N SER F 321 16.40 -35.03 -19.49
CA SER F 321 17.62 -35.71 -19.13
C SER F 321 18.56 -35.87 -20.27
N ARG F 322 19.85 -35.75 -20.00
CA ARG F 322 20.86 -36.04 -21.00
C ARG F 322 21.55 -37.40 -20.74
N ASP F 323 21.00 -38.22 -19.82
CA ASP F 323 21.54 -39.54 -19.52
C ASP F 323 20.96 -40.50 -20.57
N PRO F 324 21.82 -41.14 -21.38
CA PRO F 324 21.28 -42.02 -22.43
C PRO F 324 20.42 -43.19 -21.94
N THR F 325 20.67 -43.71 -20.72
CA THR F 325 19.83 -44.80 -20.19
C THR F 325 18.41 -44.29 -19.96
N GLU F 326 18.29 -43.10 -19.38
CA GLU F 326 17.00 -42.47 -19.10
C GLU F 326 16.27 -42.16 -20.42
N VAL F 327 16.99 -41.63 -21.41
CA VAL F 327 16.43 -41.29 -22.71
C VAL F 327 15.95 -42.55 -23.46
N THR F 328 16.75 -43.62 -23.42
CA THR F 328 16.38 -44.87 -24.06
C THR F 328 15.16 -45.49 -23.37
N ALA F 329 15.11 -45.41 -22.03
CA ALA F 329 13.99 -45.98 -21.27
C ALA F 329 12.64 -45.39 -21.65
N ILE F 330 12.54 -44.06 -21.77
CA ILE F 330 11.27 -43.43 -22.12
C ILE F 330 10.89 -43.73 -23.59
N GLY F 331 11.87 -43.79 -24.47
CA GLY F 331 11.63 -44.15 -25.87
C GLY F 331 11.12 -45.58 -25.99
N ALA F 332 11.70 -46.50 -25.20
CA ALA F 332 11.30 -47.91 -25.18
C ALA F 332 9.89 -48.11 -24.63
N VAL F 333 9.53 -47.39 -23.55
CA VAL F 333 8.18 -47.51 -22.98
C VAL F 333 7.15 -46.93 -23.96
N GLU F 334 7.48 -45.82 -24.62
CA GLU F 334 6.59 -45.21 -25.61
CA GLU F 334 6.60 -45.21 -25.61
C GLU F 334 6.37 -46.19 -26.78
N ALA F 335 7.46 -46.82 -27.26
CA ALA F 335 7.38 -47.79 -28.35
C ALA F 335 6.52 -48.99 -27.92
N ALA F 336 6.69 -49.48 -26.69
CA ALA F 336 5.92 -50.62 -26.18
C ALA F 336 4.41 -50.32 -26.18
N PHE F 337 4.03 -49.12 -25.74
CA PHE F 337 2.60 -48.73 -25.73
C PHE F 337 2.05 -48.62 -27.17
N LYS F 338 2.86 -48.13 -28.11
CA LYS F 338 2.44 -47.96 -29.51
C LYS F 338 2.03 -49.27 -30.19
N CYS F 339 2.72 -50.37 -29.87
CA CYS F 339 2.44 -51.66 -30.51
C CYS F 339 1.81 -52.70 -29.61
N CYS F 340 1.43 -52.34 -28.36
CA CYS F 340 0.93 -53.29 -27.37
C CYS F 340 1.97 -54.40 -27.15
N ALA F 341 3.25 -54.04 -27.05
CA ALA F 341 4.35 -55.02 -26.91
C ALA F 341 4.11 -55.95 -25.74
N ALA F 342 4.41 -57.22 -25.94
CA ALA F 342 4.25 -58.21 -24.90
C ALA F 342 5.31 -58.02 -23.79
N ALA F 343 6.51 -57.56 -24.16
CA ALA F 343 7.60 -57.39 -23.21
C ALA F 343 8.65 -56.40 -23.71
N ILE F 344 9.45 -55.88 -22.77
CA ILE F 344 10.62 -55.08 -23.02
C ILE F 344 11.77 -55.92 -22.45
N ILE F 345 12.69 -56.41 -23.30
CA ILE F 345 13.81 -57.21 -22.83
C ILE F 345 14.99 -56.27 -22.65
N VAL F 346 15.56 -56.23 -21.45
CA VAL F 346 16.68 -55.34 -21.17
C VAL F 346 17.88 -56.10 -20.58
N LEU F 347 19.08 -55.75 -21.03
CA LEU F 347 20.30 -56.32 -20.45
C LEU F 347 20.73 -55.37 -19.34
N THR F 348 21.06 -55.89 -18.15
CA THR F 348 21.46 -55.04 -17.03
C THR F 348 22.46 -55.72 -16.12
N THR F 349 23.43 -54.95 -15.63
CA THR F 349 24.45 -55.47 -14.72
C THR F 349 24.03 -55.23 -13.25
N THR F 350 23.57 -54.01 -12.96
CA THR F 350 23.18 -53.60 -11.61
C THR F 350 21.66 -53.58 -11.36
N GLY F 351 20.88 -53.65 -12.44
CA GLY F 351 19.43 -53.53 -12.38
C GLY F 351 18.95 -52.14 -12.78
N ARG F 352 19.85 -51.14 -12.83
CA ARG F 352 19.50 -49.74 -13.10
C ARG F 352 18.72 -49.53 -14.42
N SER F 353 19.14 -50.14 -15.54
CA SER F 353 18.40 -49.96 -16.81
C SER F 353 16.96 -50.48 -16.69
N ALA F 354 16.74 -51.57 -15.93
CA ALA F 354 15.39 -52.13 -15.72
C ALA F 354 14.58 -51.21 -14.79
N GLN F 355 15.22 -50.63 -13.76
CA GLN F 355 14.56 -49.69 -12.85
C GLN F 355 14.07 -48.44 -13.60
N LEU F 356 14.87 -47.93 -14.55
CA LEU F 356 14.49 -46.75 -15.33
C LEU F 356 13.33 -47.04 -16.30
N LEU F 357 13.16 -48.29 -16.73
CA LEU F 357 12.02 -48.65 -17.57
C LEU F 357 10.77 -48.74 -16.64
N SER F 358 10.93 -49.42 -15.48
CA SER F 358 9.87 -49.61 -14.48
C SER F 358 9.25 -48.29 -14.00
N ARG F 359 10.05 -47.22 -13.86
CA ARG F 359 9.55 -45.94 -13.36
C ARG F 359 8.46 -45.32 -14.24
N TYR F 360 8.41 -45.68 -15.53
CA TYR F 360 7.38 -45.18 -16.45
C TYR F 360 6.13 -46.05 -16.49
N ARG F 361 6.09 -47.11 -15.68
CA ARG F 361 4.96 -48.02 -15.53
C ARG F 361 4.42 -48.56 -16.87
N PRO F 362 5.27 -49.23 -17.67
CA PRO F 362 4.75 -49.84 -18.91
C PRO F 362 3.79 -50.97 -18.58
N ARG F 363 2.84 -51.21 -19.48
CA ARG F 363 1.98 -52.37 -19.35
C ARG F 363 2.81 -53.66 -19.74
N ALA F 364 3.78 -53.51 -20.67
CA ALA F 364 4.65 -54.60 -21.08
C ALA F 364 5.55 -55.04 -19.92
N ALA F 365 5.74 -56.35 -19.76
CA ALA F 365 6.63 -56.90 -18.74
C ALA F 365 8.08 -56.49 -19.05
N VAL F 366 8.87 -56.15 -18.03
CA VAL F 366 10.28 -55.81 -18.26
C VAL F 366 11.09 -57.07 -17.90
N ILE F 367 11.59 -57.77 -18.92
CA ILE F 367 12.36 -58.99 -18.72
C ILE F 367 13.84 -58.57 -18.63
N ALA F 368 14.41 -58.64 -17.44
CA ALA F 368 15.77 -58.18 -17.19
C ALA F 368 16.76 -59.35 -17.19
N VAL F 369 17.67 -59.38 -18.19
CA VAL F 369 18.66 -60.45 -18.30
C VAL F 369 19.95 -59.95 -17.64
N THR F 370 20.39 -60.65 -16.60
CA THR F 370 21.58 -60.26 -15.85
C THR F 370 22.42 -61.47 -15.45
N ARG F 371 23.73 -61.28 -15.33
CA ARG F 371 24.65 -62.29 -14.79
C ARG F 371 24.77 -62.16 -13.25
N SER F 372 24.36 -61.00 -12.67
CA SER F 372 24.46 -60.78 -11.24
C SER F 372 23.32 -61.45 -10.49
N ALA F 373 23.63 -62.48 -9.68
CA ALA F 373 22.63 -63.16 -8.88
C ALA F 373 21.99 -62.19 -7.87
N GLN F 374 22.78 -61.28 -7.28
CA GLN F 374 22.25 -60.29 -6.35
C GLN F 374 21.33 -59.28 -7.04
N ALA F 375 21.71 -58.75 -8.22
CA ALA F 375 20.85 -57.80 -8.95
C ALA F 375 19.55 -58.48 -9.35
N ALA F 376 19.60 -59.77 -9.74
CA ALA F 376 18.41 -60.54 -10.10
C ALA F 376 17.43 -60.62 -8.90
N ARG F 377 17.96 -60.78 -7.67
CA ARG F 377 17.12 -60.82 -6.48
C ARG F 377 16.59 -59.41 -6.15
N GLN F 378 17.45 -58.40 -6.19
CA GLN F 378 17.07 -57.04 -5.82
C GLN F 378 16.05 -56.35 -6.75
N VAL F 379 16.06 -56.66 -8.06
CA VAL F 379 15.13 -56.00 -8.99
C VAL F 379 13.66 -56.33 -8.72
N HIS F 380 13.39 -57.34 -7.86
CA HIS F 380 12.01 -57.63 -7.44
C HIS F 380 11.41 -56.39 -6.71
N LEU F 381 12.24 -55.45 -6.23
CA LEU F 381 11.74 -54.24 -5.59
C LEU F 381 11.04 -53.31 -6.59
N CYS F 382 11.35 -53.41 -7.90
CA CYS F 382 10.80 -52.54 -8.96
C CYS F 382 9.63 -53.18 -9.66
N ARG F 383 8.47 -52.50 -9.66
CA ARG F 383 7.29 -53.08 -10.29
C ARG F 383 7.50 -53.47 -11.76
N GLY F 384 7.07 -54.68 -12.10
CA GLY F 384 7.08 -55.13 -13.48
C GLY F 384 8.39 -55.66 -14.01
N VAL F 385 9.38 -55.84 -13.12
CA VAL F 385 10.67 -56.37 -13.56
C VAL F 385 10.74 -57.86 -13.23
N PHE F 386 11.00 -58.68 -14.26
CA PHE F 386 11.08 -60.13 -14.19
C PHE F 386 12.53 -60.55 -14.44
N PRO F 387 13.25 -60.88 -13.36
CA PRO F 387 14.68 -61.20 -13.51
C PRO F 387 14.98 -62.58 -14.11
N LEU F 388 15.90 -62.63 -15.07
CA LEU F 388 16.36 -63.89 -15.67
C LEU F 388 17.85 -63.97 -15.42
N LEU F 389 18.27 -64.95 -14.63
CA LEU F 389 19.68 -65.10 -14.31
C LEU F 389 20.38 -65.88 -15.43
N TYR F 390 21.32 -65.23 -16.12
CA TYR F 390 22.09 -65.82 -17.22
C TYR F 390 23.38 -66.41 -16.64
N ARG F 391 23.62 -67.70 -16.88
CA ARG F 391 24.78 -68.37 -16.29
C ARG F 391 25.93 -68.70 -17.25
N GLU F 392 25.73 -68.55 -18.56
CA GLU F 392 26.77 -68.90 -19.52
C GLU F 392 27.99 -67.98 -19.48
N PRO F 393 29.19 -68.58 -19.65
CA PRO F 393 30.41 -67.75 -19.66
C PRO F 393 30.46 -66.84 -20.90
N PRO F 394 31.12 -65.69 -20.79
CA PRO F 394 31.16 -64.75 -21.92
C PRO F 394 31.74 -65.27 -23.23
N GLU F 395 31.06 -64.97 -24.35
CA GLU F 395 31.49 -65.31 -25.70
C GLU F 395 32.74 -64.49 -26.02
N ALA F 396 33.57 -64.97 -26.97
CA ALA F 396 34.80 -64.27 -27.36
C ALA F 396 34.48 -62.90 -27.96
N ILE F 397 33.46 -62.82 -28.81
CA ILE F 397 33.05 -61.56 -29.41
C ILE F 397 31.91 -60.97 -28.58
N TRP F 398 32.12 -59.79 -28.00
CA TRP F 398 31.12 -59.13 -27.16
C TRP F 398 29.74 -58.99 -27.82
N ALA F 399 29.68 -58.59 -29.11
CA ALA F 399 28.41 -58.46 -29.83
C ALA F 399 27.64 -59.78 -29.87
N ASP F 400 28.34 -60.91 -29.98
CA ASP F 400 27.72 -62.22 -29.98
C ASP F 400 27.19 -62.55 -28.59
N ASP F 401 27.92 -62.16 -27.53
CA ASP F 401 27.51 -62.41 -26.15
C ASP F 401 26.21 -61.63 -25.83
N VAL F 402 26.10 -60.39 -26.35
CA VAL F 402 24.92 -59.55 -26.20
C VAL F 402 23.75 -60.23 -26.91
N ASP F 403 23.96 -60.67 -28.16
CA ASP F 403 22.92 -61.36 -28.93
C ASP F 403 22.45 -62.62 -28.27
N ARG F 404 23.36 -63.41 -27.68
CA ARG F 404 22.99 -64.65 -26.99
C ARG F 404 22.10 -64.36 -25.78
N ARG F 405 22.39 -63.27 -25.06
CA ARG F 405 21.59 -62.90 -23.89
C ARG F 405 20.19 -62.44 -24.30
N VAL F 406 20.08 -61.70 -25.41
CA VAL F 406 18.79 -61.24 -25.91
C VAL F 406 17.96 -62.45 -26.34
N GLN F 407 18.61 -63.41 -27.06
CA GLN F 407 17.94 -64.62 -27.51
C GLN F 407 17.51 -65.49 -26.34
N PHE F 408 18.30 -65.52 -25.25
CA PHE F 408 17.96 -66.24 -24.01
C PHE F 408 16.67 -65.65 -23.42
N GLY F 409 16.56 -64.31 -23.43
CA GLY F 409 15.38 -63.62 -22.93
C GLY F 409 14.15 -63.97 -23.77
N ILE F 410 14.33 -64.00 -25.12
CA ILE F 410 13.25 -64.32 -26.05
C ILE F 410 12.78 -65.75 -25.89
N GLU F 411 13.72 -66.70 -25.88
CA GLU F 411 13.39 -68.13 -25.74
C GLU F 411 12.78 -68.45 -24.39
N SER F 412 13.34 -67.90 -23.31
CA SER F 412 12.78 -68.12 -21.98
C SER F 412 11.36 -67.52 -21.88
N GLY F 413 11.15 -66.37 -22.50
CA GLY F 413 9.85 -65.70 -22.50
C GLY F 413 8.81 -66.49 -23.27
N LYS F 414 9.20 -67.06 -24.43
CA LYS F 414 8.28 -67.87 -25.24
C LYS F 414 7.86 -69.13 -24.47
N LEU F 415 8.82 -69.84 -23.87
CA LEU F 415 8.54 -71.06 -23.13
C LEU F 415 7.77 -70.83 -21.80
N ARG F 416 7.73 -69.57 -21.32
CA ARG F 416 6.99 -69.18 -20.12
C ARG F 416 5.64 -68.50 -20.43
N GLY F 417 5.28 -68.35 -21.70
CA GLY F 417 4.02 -67.71 -22.08
C GLY F 417 4.03 -66.18 -22.00
N PHE F 418 5.19 -65.58 -21.67
CA PHE F 418 5.31 -64.12 -21.67
C PHE F 418 5.27 -63.59 -23.11
N LEU F 419 5.83 -64.36 -24.05
CA LEU F 419 5.94 -64.01 -25.46
C LEU F 419 5.33 -65.11 -26.30
N ARG F 420 4.77 -64.73 -27.40
CA ARG F 420 4.14 -65.63 -28.34
C ARG F 420 4.62 -65.26 -29.76
N VAL F 421 4.73 -66.25 -30.68
CA VAL F 421 5.12 -65.99 -32.07
C VAL F 421 4.17 -64.97 -32.69
N GLY F 422 4.71 -63.93 -33.33
CA GLY F 422 3.90 -62.86 -33.87
C GLY F 422 3.90 -61.60 -33.01
N ASP F 423 4.27 -61.73 -31.74
CA ASP F 423 4.32 -60.58 -30.83
C ASP F 423 5.45 -59.64 -31.21
N LEU F 424 5.34 -58.39 -30.78
CA LEU F 424 6.44 -57.45 -30.92
C LEU F 424 7.04 -57.30 -29.53
N VAL F 425 8.37 -57.24 -29.49
CA VAL F 425 9.09 -57.01 -28.24
C VAL F 425 10.04 -55.84 -28.47
N ILE F 426 10.26 -55.06 -27.40
CA ILE F 426 11.20 -53.95 -27.47
C ILE F 426 12.47 -54.45 -26.78
N VAL F 427 13.65 -54.28 -27.38
CA VAL F 427 14.91 -54.78 -26.79
C VAL F 427 15.82 -53.61 -26.47
N VAL F 428 16.28 -53.52 -25.23
CA VAL F 428 17.11 -52.43 -24.73
C VAL F 428 18.53 -52.93 -24.36
N THR F 429 19.54 -52.41 -25.07
CA THR F 429 20.94 -52.81 -24.90
C THR F 429 21.85 -51.55 -24.88
N GLY F 430 23.17 -51.72 -24.75
CA GLY F 430 24.12 -50.62 -24.74
C GLY F 430 25.24 -50.80 -25.77
N TRP F 431 26.07 -49.78 -25.95
CA TRP F 431 27.08 -49.77 -27.01
C TRP F 431 28.44 -50.37 -26.61
N ARG F 432 28.69 -50.59 -25.32
CA ARG F 432 29.94 -51.17 -24.84
C ARG F 432 29.70 -51.95 -23.52
N PRO F 433 30.61 -52.86 -23.14
CA PRO F 433 30.43 -53.59 -21.87
C PRO F 433 30.50 -52.68 -20.65
N GLY F 434 30.00 -53.19 -19.52
CA GLY F 434 29.99 -52.45 -18.28
C GLY F 434 28.70 -51.68 -18.07
N SER F 435 28.37 -51.40 -16.81
CA SER F 435 27.17 -50.63 -16.45
C SER F 435 27.26 -49.19 -16.91
N GLY F 436 26.12 -48.59 -17.19
CA GLY F 436 26.03 -47.17 -17.51
C GLY F 436 26.02 -46.77 -18.97
N TYR F 437 26.07 -47.74 -19.90
CA TYR F 437 26.12 -47.42 -21.32
C TYR F 437 24.91 -47.85 -22.15
N THR F 438 23.75 -48.09 -21.50
CA THR F 438 22.53 -48.43 -22.25
C THR F 438 22.15 -47.25 -23.15
N ASN F 439 21.94 -47.49 -24.45
CA ASN F 439 21.64 -46.41 -25.38
C ASN F 439 20.88 -46.87 -26.64
N ILE F 440 20.45 -48.12 -26.71
CA ILE F 440 19.81 -48.64 -27.90
C ILE F 440 18.46 -49.29 -27.62
N MET F 441 17.50 -49.00 -28.47
CA MET F 441 16.19 -49.63 -28.39
CA MET F 441 16.15 -49.57 -28.42
C MET F 441 15.88 -50.20 -29.79
N ARG F 442 15.49 -51.49 -29.83
CA ARG F 442 15.17 -52.17 -31.07
C ARG F 442 13.76 -52.76 -31.03
N VAL F 443 13.06 -52.75 -32.16
CA VAL F 443 11.73 -53.33 -32.26
C VAL F 443 11.91 -54.67 -32.99
N LEU F 444 11.60 -55.77 -32.31
CA LEU F 444 11.76 -57.10 -32.88
CA LEU F 444 11.78 -57.10 -32.85
C LEU F 444 10.46 -57.89 -32.95
N SER F 445 10.25 -58.60 -34.05
CA SER F 445 9.07 -59.43 -34.23
C SER F 445 9.47 -60.85 -33.79
N ILE F 446 8.66 -61.49 -32.93
CA ILE F 446 8.98 -62.83 -32.46
CA ILE F 446 8.97 -62.83 -32.45
C ILE F 446 8.64 -63.90 -33.50
N SER F 447 9.64 -64.69 -33.91
CA SER F 447 9.42 -65.73 -34.92
C SER F 447 9.46 -67.13 -34.34
N ALA G 25 -30.48 -30.37 -36.94
CA ALA G 25 -30.14 -29.15 -37.69
C ALA G 25 -29.42 -28.15 -36.80
N PHE G 26 -29.89 -27.99 -35.55
CA PHE G 26 -29.29 -27.10 -34.57
C PHE G 26 -27.82 -27.44 -34.33
N PHE G 27 -27.53 -28.74 -34.13
CA PHE G 27 -26.18 -29.21 -33.83
C PHE G 27 -25.25 -29.28 -35.04
N GLN G 28 -25.73 -28.95 -36.24
CA GLN G 28 -24.87 -28.92 -37.43
C GLN G 28 -24.38 -27.48 -37.72
N GLN G 29 -25.12 -26.45 -37.24
CA GLN G 29 -24.81 -25.03 -37.42
C GLN G 29 -23.73 -24.55 -36.43
N GLN G 30 -23.24 -23.29 -36.62
CA GLN G 30 -22.26 -22.58 -35.79
C GLN G 30 -21.08 -23.44 -35.35
N GLN G 31 -20.59 -24.32 -36.24
CA GLN G 31 -19.47 -25.21 -35.99
C GLN G 31 -19.64 -26.04 -34.71
N LEU G 32 -20.89 -26.39 -34.37
CA LEU G 32 -21.13 -27.19 -33.16
C LEU G 32 -20.44 -28.56 -33.18
N PRO G 33 -20.34 -29.30 -34.32
CA PRO G 33 -19.55 -30.55 -34.30
C PRO G 33 -18.08 -30.30 -33.91
N ALA G 34 -17.45 -29.23 -34.45
CA ALA G 34 -16.07 -28.89 -34.10
C ALA G 34 -15.96 -28.41 -32.63
N ALA G 35 -17.02 -27.77 -32.12
CA ALA G 35 -17.06 -27.30 -30.74
C ALA G 35 -17.09 -28.46 -29.74
N MET G 36 -17.71 -29.59 -30.12
CA MET G 36 -17.80 -30.75 -29.22
C MET G 36 -16.56 -31.66 -29.23
N ALA G 37 -15.57 -31.40 -30.09
CA ALA G 37 -14.38 -32.23 -30.18
C ALA G 37 -13.57 -32.31 -28.89
N ASP G 38 -12.94 -33.46 -28.66
CA ASP G 38 -12.16 -33.72 -27.45
C ASP G 38 -10.74 -33.20 -27.50
N THR G 39 -10.21 -32.90 -28.69
CA THR G 39 -8.87 -32.32 -28.82
C THR G 39 -8.92 -31.15 -29.83
N PHE G 40 -7.91 -30.27 -29.80
CA PHE G 40 -7.86 -29.16 -30.76
C PHE G 40 -7.66 -29.72 -32.18
N LEU G 41 -6.86 -30.79 -32.33
CA LEU G 41 -6.64 -31.41 -33.65
C LEU G 41 -7.97 -31.90 -34.23
N GLU G 42 -8.78 -32.61 -33.42
CA GLU G 42 -10.10 -33.08 -33.87
CA GLU G 42 -10.10 -33.07 -33.88
C GLU G 42 -11.01 -31.90 -34.19
N HIS G 43 -10.92 -30.82 -33.39
CA HIS G 43 -11.69 -29.58 -33.60
C HIS G 43 -11.40 -29.03 -35.01
N LEU G 44 -10.11 -28.95 -35.40
CA LEU G 44 -9.73 -28.48 -36.73
C LEU G 44 -10.31 -29.39 -37.82
N CYS G 45 -10.18 -30.72 -37.65
CA CYS G 45 -10.67 -31.71 -38.61
C CYS G 45 -12.16 -31.64 -38.83
N LEU G 46 -12.93 -31.14 -37.84
CA LEU G 46 -14.38 -31.05 -37.94
C LEU G 46 -14.92 -29.71 -38.42
N LEU G 47 -14.02 -28.71 -38.69
CA LEU G 47 -14.49 -27.40 -39.18
C LEU G 47 -15.16 -27.59 -40.54
N ASP G 48 -16.32 -27.00 -40.73
CA ASP G 48 -17.15 -27.21 -41.91
C ASP G 48 -17.56 -25.91 -42.58
N ILE G 49 -17.17 -25.73 -43.86
CA ILE G 49 -17.56 -24.52 -44.61
C ILE G 49 -19.08 -24.42 -44.84
N ASP G 50 -19.81 -25.53 -44.73
CA ASP G 50 -21.28 -25.54 -44.86
C ASP G 50 -22.01 -25.30 -43.53
N SER G 51 -21.28 -25.21 -42.40
CA SER G 51 -21.88 -24.96 -41.11
C SER G 51 -22.01 -23.45 -40.95
N GLU G 52 -23.24 -22.94 -41.10
CA GLU G 52 -23.47 -21.50 -41.08
C GLU G 52 -23.48 -20.89 -39.70
N PRO G 53 -22.89 -19.68 -39.57
CA PRO G 53 -22.91 -19.01 -38.27
C PRO G 53 -24.34 -18.55 -37.95
N VAL G 54 -24.72 -18.63 -36.68
CA VAL G 54 -26.07 -18.22 -36.27
C VAL G 54 -25.98 -17.06 -35.28
N ALA G 55 -24.98 -17.08 -34.40
CA ALA G 55 -24.79 -16.04 -33.42
C ALA G 55 -24.49 -14.68 -34.04
N ALA G 56 -24.85 -13.60 -33.33
CA ALA G 56 -24.53 -12.27 -33.78
C ALA G 56 -23.00 -12.07 -33.69
N ARG G 57 -22.46 -11.22 -34.55
CA ARG G 57 -21.00 -10.96 -34.59
C ARG G 57 -20.54 -10.28 -33.31
N SER G 58 -19.60 -10.90 -32.59
CA SER G 58 -19.16 -10.42 -31.28
C SER G 58 -17.92 -9.53 -31.25
N THR G 59 -17.04 -9.63 -32.25
CA THR G 59 -15.82 -8.82 -32.28
C THR G 59 -16.18 -7.46 -32.84
N SER G 60 -16.01 -6.38 -32.06
CA SER G 60 -16.37 -5.05 -32.56
C SER G 60 -15.48 -4.57 -33.68
N ILE G 61 -16.04 -3.76 -34.56
CA ILE G 61 -15.32 -3.18 -35.68
C ILE G 61 -15.12 -1.70 -35.41
N ILE G 62 -13.86 -1.26 -35.46
CA ILE G 62 -13.51 0.14 -35.34
C ILE G 62 -13.21 0.63 -36.74
N ALA G 63 -13.92 1.67 -37.20
CA ALA G 63 -13.67 2.23 -38.53
C ALA G 63 -13.13 3.66 -38.38
N THR G 64 -12.05 3.96 -39.09
CA THR G 64 -11.46 5.29 -39.05
C THR G 64 -12.23 6.22 -39.96
N ILE G 65 -12.59 7.41 -39.44
CA ILE G 65 -13.33 8.39 -40.20
C ILE G 65 -12.41 9.32 -40.97
N GLY G 66 -12.73 9.57 -42.22
CA GLY G 66 -11.95 10.45 -43.07
C GLY G 66 -12.76 10.89 -44.27
N PRO G 67 -12.08 11.42 -45.31
CA PRO G 67 -12.81 11.88 -46.51
C PRO G 67 -13.72 10.84 -47.16
N ALA G 68 -13.34 9.55 -47.11
CA ALA G 68 -14.19 8.50 -47.71
C ALA G 68 -15.41 8.11 -46.88
N SER G 69 -15.46 8.51 -45.60
CA SER G 69 -16.51 8.03 -44.70
C SER G 69 -17.07 9.11 -43.77
N ARG G 70 -17.04 10.36 -44.18
CA ARG G 70 -17.45 11.48 -43.34
C ARG G 70 -18.88 11.96 -43.49
N SER G 71 -19.49 11.76 -44.66
CA SER G 71 -20.86 12.23 -44.88
C SER G 71 -21.88 11.47 -44.03
N VAL G 72 -22.98 12.14 -43.66
CA VAL G 72 -24.02 11.54 -42.84
C VAL G 72 -24.61 10.31 -43.52
N GLU G 73 -24.85 10.40 -44.85
CA GLU G 73 -25.41 9.26 -45.58
C GLU G 73 -24.47 8.07 -45.64
N ARG G 74 -23.17 8.33 -45.81
CA ARG G 74 -22.15 7.26 -45.85
C ARG G 74 -22.03 6.62 -44.45
N LEU G 75 -22.06 7.45 -43.40
CA LEU G 75 -21.99 6.95 -42.03
C LEU G 75 -23.20 6.07 -41.66
N LYS G 76 -24.39 6.37 -42.20
CA LYS G 76 -25.57 5.53 -41.96
C LYS G 76 -25.35 4.15 -42.56
N GLU G 77 -24.75 4.07 -43.76
CA GLU G 77 -24.44 2.80 -44.39
C GLU G 77 -23.38 2.02 -43.61
N MET G 78 -22.40 2.74 -43.03
CA MET G 78 -21.35 2.09 -42.25
CA MET G 78 -21.35 2.09 -42.25
C MET G 78 -21.89 1.53 -40.94
N ILE G 79 -22.87 2.21 -40.32
CA ILE G 79 -23.50 1.72 -39.09
C ILE G 79 -24.28 0.43 -39.43
N LYS G 80 -25.04 0.46 -40.55
CA LYS G 80 -25.79 -0.71 -40.99
C LYS G 80 -24.88 -1.87 -41.35
N ALA G 81 -23.70 -1.58 -41.89
CA ALA G 81 -22.73 -2.62 -42.26
C ALA G 81 -22.06 -3.27 -41.04
N GLY G 82 -22.02 -2.57 -39.90
CA GLY G 82 -21.46 -3.14 -38.69
C GLY G 82 -20.47 -2.32 -37.89
N MET G 83 -20.20 -1.06 -38.30
CA MET G 83 -19.28 -0.21 -37.53
C MET G 83 -19.80 0.02 -36.10
N ASN G 84 -18.96 -0.28 -35.10
CA ASN G 84 -19.36 -0.08 -33.68
C ASN G 84 -18.65 1.10 -33.04
N ILE G 85 -17.41 1.39 -33.49
CA ILE G 85 -16.61 2.48 -32.92
C ILE G 85 -16.05 3.30 -34.08
N ALA G 86 -16.21 4.62 -34.01
CA ALA G 86 -15.69 5.55 -35.02
C ALA G 86 -14.39 6.11 -34.48
N ARG G 87 -13.30 5.92 -35.21
CA ARG G 87 -11.98 6.41 -34.79
C ARG G 87 -11.65 7.73 -35.50
N LEU G 88 -11.25 8.74 -34.73
CA LEU G 88 -10.82 10.03 -35.26
C LEU G 88 -9.30 10.07 -35.11
N ASN G 89 -8.58 10.12 -36.23
CA ASN G 89 -7.11 10.13 -36.19
C ASN G 89 -6.60 11.57 -36.11
N PHE G 90 -6.17 11.98 -34.91
CA PHE G 90 -5.70 13.35 -34.71
C PHE G 90 -4.28 13.61 -35.25
N SER G 91 -3.68 12.63 -35.97
CA SER G 91 -2.40 12.88 -36.64
C SER G 91 -2.62 13.84 -37.84
N HIS G 92 -3.85 13.96 -38.35
CA HIS G 92 -4.20 14.84 -39.48
C HIS G 92 -5.53 15.54 -39.17
N GLY G 93 -5.72 16.71 -39.75
CA GLY G 93 -6.98 17.44 -39.61
C GLY G 93 -7.04 18.35 -38.41
N SER G 94 -7.77 19.46 -38.54
CA SER G 94 -7.90 20.45 -37.48
C SER G 94 -9.00 20.05 -36.48
N HIS G 95 -9.11 20.79 -35.35
CA HIS G 95 -10.18 20.57 -34.39
C HIS G 95 -11.55 20.81 -35.04
N GLU G 96 -11.64 21.81 -35.95
CA GLU G 96 -12.89 22.09 -36.65
C GLU G 96 -13.29 20.91 -37.54
N TYR G 97 -12.33 20.31 -38.23
CA TYR G 97 -12.56 19.15 -39.10
C TYR G 97 -13.09 17.97 -38.26
N HIS G 98 -12.42 17.65 -37.16
CA HIS G 98 -12.84 16.54 -36.29
C HIS G 98 -14.17 16.77 -35.59
N ALA G 99 -14.49 18.04 -35.21
CA ALA G 99 -15.77 18.36 -34.60
C ALA G 99 -16.90 18.09 -35.59
N GLU G 100 -16.68 18.38 -36.90
CA GLU G 100 -17.67 18.13 -37.95
CA GLU G 100 -17.69 18.13 -37.91
C GLU G 100 -17.86 16.63 -38.13
N SER G 101 -16.77 15.87 -38.10
CA SER G 101 -16.84 14.41 -38.23
C SER G 101 -17.68 13.83 -37.07
N ILE G 102 -17.43 14.32 -35.82
CA ILE G 102 -18.18 13.89 -34.62
C ILE G 102 -19.67 14.21 -34.78
N ALA G 103 -19.99 15.44 -35.23
CA ALA G 103 -21.38 15.85 -35.41
C ALA G 103 -22.07 14.97 -36.46
N ASN G 104 -21.37 14.64 -37.55
CA ASN G 104 -21.92 13.79 -38.61
C ASN G 104 -22.16 12.37 -38.11
N VAL G 105 -21.23 11.83 -37.29
CA VAL G 105 -21.40 10.48 -36.71
C VAL G 105 -22.63 10.49 -35.80
N ARG G 106 -22.74 11.48 -34.89
CA ARG G 106 -23.89 11.56 -34.00
C ARG G 106 -25.20 11.73 -34.73
N GLU G 107 -25.22 12.51 -35.83
CA GLU G 107 -26.45 12.69 -36.60
C GLU G 107 -26.86 11.35 -37.24
N ALA G 108 -25.89 10.61 -37.81
CA ALA G 108 -26.16 9.31 -38.42
C ALA G 108 -26.63 8.30 -37.35
N VAL G 109 -25.98 8.26 -36.18
CA VAL G 109 -26.35 7.33 -35.11
C VAL G 109 -27.76 7.62 -34.59
N GLU G 110 -28.05 8.89 -34.32
CA GLU G 110 -29.34 9.29 -33.78
C GLU G 110 -30.49 9.21 -34.78
N SER G 111 -30.19 9.07 -36.08
CA SER G 111 -31.24 8.89 -37.09
C SER G 111 -32.02 7.56 -36.88
N PHE G 112 -31.45 6.60 -36.13
CA PHE G 112 -32.09 5.32 -35.84
C PHE G 112 -32.72 5.28 -34.43
N ALA G 113 -32.64 6.37 -33.64
CA ALA G 113 -33.15 6.42 -32.26
C ALA G 113 -34.68 6.30 -32.14
N GLY G 114 -35.40 6.52 -33.24
CA GLY G 114 -36.85 6.43 -33.31
C GLY G 114 -37.39 5.03 -33.10
N SER G 115 -36.53 4.01 -33.27
CA SER G 115 -36.89 2.61 -33.02
C SER G 115 -35.98 2.11 -31.90
N PRO G 116 -36.43 2.25 -30.65
CA PRO G 116 -35.55 1.90 -29.51
C PRO G 116 -35.16 0.43 -29.41
N LEU G 117 -35.97 -0.50 -29.93
CA LEU G 117 -35.61 -1.94 -29.87
C LEU G 117 -34.49 -2.33 -30.83
N SER G 118 -34.16 -1.48 -31.82
CA SER G 118 -33.12 -1.78 -32.79
C SER G 118 -31.96 -0.74 -32.81
N TYR G 119 -32.06 0.34 -32.00
CA TYR G 119 -31.03 1.39 -31.94
C TYR G 119 -29.68 0.82 -31.58
N ARG G 120 -28.65 1.17 -32.36
CA ARG G 120 -27.29 0.74 -32.10
C ARG G 120 -26.40 1.89 -31.64
N PRO G 121 -25.93 1.85 -30.38
CA PRO G 121 -24.97 2.87 -29.94
C PRO G 121 -23.67 2.75 -30.76
N VAL G 122 -22.96 3.86 -30.96
CA VAL G 122 -21.66 3.87 -31.67
C VAL G 122 -20.70 4.73 -30.85
N ALA G 123 -19.56 4.15 -30.44
CA ALA G 123 -18.60 4.90 -29.63
C ALA G 123 -17.74 5.83 -30.49
N ILE G 124 -17.22 6.88 -29.90
CA ILE G 124 -16.31 7.78 -30.59
C ILE G 124 -14.97 7.72 -29.89
N ALA G 125 -13.92 7.36 -30.64
CA ALA G 125 -12.57 7.20 -30.11
C ALA G 125 -11.63 8.22 -30.72
N LEU G 126 -10.81 8.85 -29.89
CA LEU G 126 -9.84 9.84 -30.33
C LEU G 126 -8.47 9.19 -30.31
N ASP G 127 -7.81 9.13 -31.46
CA ASP G 127 -6.48 8.53 -31.57
C ASP G 127 -5.46 9.68 -31.63
N THR G 128 -4.59 9.77 -30.61
CA THR G 128 -3.65 10.88 -30.52
C THR G 128 -2.50 10.85 -31.55
N LYS G 129 -1.96 12.04 -31.84
CA LYS G 129 -0.82 12.18 -32.76
C LYS G 129 0.41 11.49 -32.18
N GLY G 130 0.64 11.65 -30.89
CA GLY G 130 1.76 11.01 -30.22
C GLY G 130 2.86 11.95 -29.79
N PRO G 131 3.90 11.40 -29.15
CA PRO G 131 4.98 12.25 -28.64
C PRO G 131 5.96 12.78 -29.69
N GLY G 134 9.86 13.46 -29.05
CA GLY G 134 9.84 14.16 -27.78
C GLY G 134 9.69 13.25 -26.58
N PRO G 135 9.96 13.79 -25.37
CA PRO G 135 9.83 12.96 -24.16
C PRO G 135 8.47 13.08 -23.50
N GLY G 136 7.65 12.06 -23.64
CA GLY G 136 6.33 12.05 -23.02
C GLY G 136 5.28 12.91 -23.71
N LEU G 137 4.17 13.13 -23.01
CA LEU G 137 3.00 13.86 -23.53
C LEU G 137 3.33 15.20 -24.21
N SER G 138 3.06 15.26 -25.51
CA SER G 138 3.31 16.45 -26.30
C SER G 138 2.27 17.54 -26.03
N GLU G 139 2.59 18.78 -26.39
CA GLU G 139 1.68 19.92 -26.20
C GLU G 139 0.43 19.76 -27.07
N GLN G 140 0.60 19.24 -28.31
CA GLN G 140 -0.54 19.02 -29.19
C GLN G 140 -1.48 17.97 -28.60
N ASP G 141 -0.93 16.90 -28.01
CA ASP G 141 -1.76 15.86 -27.37
C ASP G 141 -2.54 16.44 -26.20
N VAL G 142 -1.95 17.34 -25.40
CA VAL G 142 -2.67 17.97 -24.30
C VAL G 142 -3.92 18.72 -24.83
N ARG G 143 -3.74 19.46 -25.93
CA ARG G 143 -4.85 20.21 -26.52
C ARG G 143 -5.89 19.30 -27.17
N ASP G 144 -5.45 18.23 -27.82
CA ASP G 144 -6.37 17.29 -28.47
C ASP G 144 -7.16 16.49 -27.43
N LEU G 145 -6.52 16.10 -26.32
CA LEU G 145 -7.20 15.39 -25.25
C LEU G 145 -8.26 16.30 -24.61
N ARG G 146 -7.96 17.62 -24.48
CA ARG G 146 -8.90 18.62 -23.94
C ARG G 146 -10.10 18.73 -24.90
N PHE G 147 -9.84 18.73 -26.22
CA PHE G 147 -10.90 18.76 -27.22
C PHE G 147 -11.81 17.51 -27.05
N GLY G 148 -11.20 16.35 -26.85
CA GLY G 148 -11.93 15.10 -26.66
C GLY G 148 -12.87 15.16 -25.47
N VAL G 149 -12.40 15.68 -24.34
CA VAL G 149 -13.24 15.83 -23.14
C VAL G 149 -14.39 16.80 -23.42
N GLU G 150 -14.09 17.94 -24.07
CA GLU G 150 -15.13 18.93 -24.38
C GLU G 150 -16.18 18.40 -25.34
N HIS G 151 -15.78 17.51 -26.25
CA HIS G 151 -16.70 16.94 -27.24
C HIS G 151 -17.30 15.59 -26.81
N GLY G 152 -17.04 15.15 -25.58
CA GLY G 152 -17.62 13.94 -25.01
C GLY G 152 -17.23 12.63 -25.68
N VAL G 153 -15.94 12.49 -26.06
CA VAL G 153 -15.47 11.24 -26.65
C VAL G 153 -15.53 10.13 -25.58
N ASP G 154 -15.67 8.89 -26.05
CA ASP G 154 -15.77 7.76 -25.13
C ASP G 154 -14.45 7.09 -24.82
N ILE G 155 -13.52 7.11 -25.79
CA ILE G 155 -12.28 6.38 -25.69
C ILE G 155 -11.12 7.19 -26.26
N VAL G 156 -9.93 6.97 -25.72
CA VAL G 156 -8.69 7.56 -26.25
C VAL G 156 -7.79 6.39 -26.64
N PHE G 157 -7.28 6.39 -27.87
CA PHE G 157 -6.26 5.44 -28.30
C PHE G 157 -4.96 6.25 -28.19
N ALA G 158 -4.19 6.04 -27.11
CA ALA G 158 -2.98 6.83 -26.84
C ALA G 158 -1.77 6.30 -27.61
N SER G 159 -1.25 7.10 -28.55
CA SER G 159 -0.14 6.65 -29.40
C SER G 159 1.20 6.56 -28.68
N PHE G 160 2.02 5.60 -29.12
CA PHE G 160 3.38 5.36 -28.65
C PHE G 160 3.52 5.34 -27.12
N VAL G 161 2.68 4.52 -26.45
CA VAL G 161 2.82 4.36 -25.01
C VAL G 161 4.05 3.47 -24.76
N ARG G 162 5.03 3.96 -23.99
CA ARG G 162 6.27 3.23 -23.74
C ARG G 162 6.44 2.77 -22.29
N LYS G 163 5.68 3.36 -21.35
CA LYS G 163 5.82 3.07 -19.92
C LYS G 163 4.57 3.53 -19.17
N ALA G 164 4.41 3.11 -17.91
CA ALA G 164 3.26 3.46 -17.08
C ALA G 164 3.09 4.95 -16.91
N SER G 165 4.20 5.73 -16.79
CA SER G 165 4.07 7.19 -16.62
C SER G 165 3.45 7.90 -17.82
N ASP G 166 3.55 7.30 -19.01
CA ASP G 166 2.91 7.86 -20.21
C ASP G 166 1.38 7.78 -20.03
N VAL G 167 0.87 6.67 -19.45
CA VAL G 167 -0.58 6.52 -19.24
C VAL G 167 -1.04 7.47 -18.16
N ALA G 168 -0.24 7.65 -17.09
CA ALA G 168 -0.58 8.57 -16.01
C ALA G 168 -0.69 10.01 -16.54
N ALA G 169 0.17 10.39 -17.51
CA ALA G 169 0.13 11.73 -18.12
C ALA G 169 -1.15 11.89 -18.94
N VAL G 170 -1.54 10.86 -19.67
CA VAL G 170 -2.81 10.89 -20.43
C VAL G 170 -3.99 10.99 -19.46
N ARG G 171 -3.99 10.19 -18.37
CA ARG G 171 -5.06 10.25 -17.35
C ARG G 171 -5.18 11.65 -16.77
N ALA G 172 -4.04 12.26 -16.42
CA ALA G 172 -4.02 13.59 -15.83
C ALA G 172 -4.58 14.62 -16.78
N ALA G 173 -4.24 14.49 -18.08
CA ALA G 173 -4.71 15.41 -19.13
C ALA G 173 -6.20 15.28 -19.46
N LEU G 174 -6.89 14.22 -18.97
CA LEU G 174 -8.32 14.12 -19.21
C LEU G 174 -9.12 15.04 -18.21
N GLY G 175 -8.45 16.12 -17.76
CA GLY G 175 -8.95 17.22 -16.94
C GLY G 175 -9.84 16.77 -15.82
N PRO G 176 -10.64 17.68 -15.24
CA PRO G 176 -11.54 17.24 -14.18
C PRO G 176 -12.79 16.51 -14.69
N GLU G 177 -13.18 16.71 -15.96
CA GLU G 177 -14.44 16.15 -16.43
C GLU G 177 -14.34 14.87 -17.31
N GLY G 178 -13.15 14.35 -17.56
CA GLY G 178 -13.00 13.17 -18.42
C GLY G 178 -12.43 11.91 -17.81
N HIS G 179 -12.59 11.72 -16.48
CA HIS G 179 -12.09 10.50 -15.83
C HIS G 179 -12.82 9.21 -16.25
N GLY G 180 -14.02 9.33 -16.81
CA GLY G 180 -14.77 8.17 -17.28
C GLY G 180 -14.39 7.68 -18.67
N ILE G 181 -13.53 8.43 -19.37
CA ILE G 181 -13.04 8.06 -20.70
C ILE G 181 -12.09 6.87 -20.61
N LYS G 182 -12.28 5.85 -21.46
CA LYS G 182 -11.42 4.67 -21.45
C LYS G 182 -10.08 4.97 -22.15
N ILE G 183 -8.96 4.59 -21.55
CA ILE G 183 -7.64 4.79 -22.18
C ILE G 183 -7.12 3.47 -22.70
N ILE G 184 -7.01 3.35 -24.02
CA ILE G 184 -6.47 2.17 -24.68
C ILE G 184 -5.07 2.55 -25.12
N SER G 185 -4.05 1.93 -24.52
CA SER G 185 -2.67 2.24 -24.84
C SER G 185 -2.20 1.54 -26.11
N LYS G 186 -1.66 2.31 -27.06
CA LYS G 186 -1.14 1.74 -28.29
C LYS G 186 0.31 1.32 -28.09
N ILE G 187 0.62 0.03 -28.34
CA ILE G 187 1.98 -0.51 -28.22
C ILE G 187 2.55 -0.50 -29.63
N GLU G 188 3.57 0.35 -29.84
CA GLU G 188 4.10 0.58 -31.19
C GLU G 188 5.60 0.40 -31.34
N ASN G 189 6.31 0.06 -30.27
CA ASN G 189 7.77 -0.08 -30.36
C ASN G 189 8.31 -1.12 -29.38
N HIS G 190 9.64 -1.37 -29.44
CA HIS G 190 10.27 -2.36 -28.57
C HIS G 190 10.07 -2.05 -27.09
N GLU G 191 10.21 -0.79 -26.67
CA GLU G 191 10.05 -0.43 -25.26
C GLU G 191 8.62 -0.71 -24.75
N GLY G 192 7.61 -0.39 -25.55
CA GLY G 192 6.22 -0.67 -25.19
C GLY G 192 5.99 -2.15 -24.97
N VAL G 193 6.58 -3.00 -25.83
CA VAL G 193 6.45 -4.46 -25.69
C VAL G 193 7.17 -4.94 -24.41
N LYS G 194 8.39 -4.46 -24.16
CA LYS G 194 9.15 -4.89 -22.98
C LYS G 194 8.54 -4.42 -21.67
N ARG G 195 7.96 -3.23 -21.65
CA ARG G 195 7.29 -2.72 -20.46
C ARG G 195 5.76 -2.95 -20.49
N PHE G 196 5.31 -3.94 -21.28
CA PHE G 196 3.89 -4.22 -21.45
C PHE G 196 3.13 -4.41 -20.14
N ASP G 197 3.64 -5.22 -19.22
CA ASP G 197 2.93 -5.50 -17.97
C ASP G 197 2.61 -4.25 -17.16
N GLU G 198 3.58 -3.33 -17.03
CA GLU G 198 3.34 -2.10 -16.27
C GLU G 198 2.36 -1.18 -16.99
N ILE G 199 2.36 -1.20 -18.32
CA ILE G 199 1.44 -0.38 -19.12
C ILE G 199 0.01 -0.93 -18.98
N LEU G 200 -0.17 -2.25 -19.14
CA LEU G 200 -1.50 -2.86 -19.06
C LEU G 200 -2.13 -2.64 -17.68
N GLU G 201 -1.32 -2.74 -16.61
CA GLU G 201 -1.78 -2.54 -15.24
C GLU G 201 -2.52 -1.23 -15.03
N VAL G 202 -2.05 -0.14 -15.65
CA VAL G 202 -2.68 1.17 -15.48
C VAL G 202 -3.58 1.60 -16.65
N SER G 203 -3.69 0.80 -17.72
CA SER G 203 -4.53 1.13 -18.87
C SER G 203 -5.88 0.42 -18.78
N ASP G 204 -6.89 0.92 -19.51
CA ASP G 204 -8.17 0.20 -19.62
C ASP G 204 -8.07 -0.96 -20.64
N GLY G 205 -7.14 -0.87 -21.58
CA GLY G 205 -6.94 -1.88 -22.60
C GLY G 205 -5.75 -1.53 -23.49
N ILE G 206 -5.54 -2.33 -24.54
CA ILE G 206 -4.37 -2.17 -25.40
C ILE G 206 -4.74 -2.23 -26.88
N MET G 207 -3.95 -1.54 -27.72
CA MET G 207 -4.08 -1.67 -29.16
C MET G 207 -2.72 -2.17 -29.65
N VAL G 208 -2.72 -3.26 -30.44
CA VAL G 208 -1.51 -3.76 -31.10
C VAL G 208 -1.42 -2.93 -32.39
N ALA G 209 -0.63 -1.85 -32.34
CA ALA G 209 -0.52 -0.90 -33.45
C ALA G 209 0.56 -1.41 -34.38
N ARG G 210 0.18 -2.33 -35.27
CA ARG G 210 1.12 -3.07 -36.10
C ARG G 210 1.89 -2.26 -37.13
N GLY G 211 1.37 -1.12 -37.54
CA GLY G 211 2.05 -0.28 -38.54
C GLY G 211 3.41 0.18 -38.04
N ASP G 212 3.44 0.96 -36.94
CA ASP G 212 4.69 1.39 -36.36
C ASP G 212 5.46 0.24 -35.75
N LEU G 213 4.75 -0.72 -35.11
CA LEU G 213 5.43 -1.88 -34.53
C LEU G 213 6.27 -2.65 -35.58
N GLY G 214 5.74 -2.81 -36.78
CA GLY G 214 6.41 -3.50 -37.88
C GLY G 214 7.60 -2.77 -38.51
N ILE G 215 7.80 -1.52 -38.12
CA ILE G 215 8.95 -0.69 -38.55
C ILE G 215 9.95 -0.54 -37.37
N GLU G 216 9.45 -0.56 -36.12
CA GLU G 216 10.27 -0.46 -34.91
C GLU G 216 10.96 -1.76 -34.54
N ILE G 217 10.32 -2.91 -34.81
CA ILE G 217 10.90 -4.22 -34.57
C ILE G 217 10.90 -4.98 -35.92
N PRO G 218 11.66 -6.09 -36.07
CA PRO G 218 11.64 -6.83 -37.34
C PRO G 218 10.23 -7.25 -37.74
N ALA G 219 9.85 -7.06 -39.01
CA ALA G 219 8.52 -7.38 -39.50
C ALA G 219 8.10 -8.82 -39.20
N GLU G 220 9.05 -9.75 -39.23
CA GLU G 220 8.79 -11.15 -38.96
C GLU G 220 8.52 -11.46 -37.48
N LYS G 221 8.65 -10.49 -36.57
CA LYS G 221 8.40 -10.70 -35.15
C LYS G 221 7.05 -10.10 -34.68
N VAL G 222 6.38 -9.30 -35.52
CA VAL G 222 5.11 -8.66 -35.14
C VAL G 222 4.06 -9.66 -34.67
N PHE G 223 3.92 -10.81 -35.35
CA PHE G 223 2.92 -11.80 -34.94
C PHE G 223 3.15 -12.32 -33.49
N LEU G 224 4.43 -12.40 -33.04
CA LEU G 224 4.75 -12.85 -31.68
C LEU G 224 4.29 -11.78 -30.69
N ALA G 225 4.53 -10.49 -30.99
CA ALA G 225 4.09 -9.41 -30.11
C ALA G 225 2.56 -9.37 -30.08
N GLN G 226 1.91 -9.53 -31.24
CA GLN G 226 0.44 -9.52 -31.29
C GLN G 226 -0.16 -10.66 -30.44
N LYS G 227 0.33 -11.89 -30.65
CA LYS G 227 -0.20 -13.05 -29.92
C LYS G 227 0.05 -12.97 -28.42
N MET G 228 1.24 -12.47 -28.03
CA MET G 228 1.56 -12.31 -26.61
C MET G 228 0.64 -11.26 -25.95
N MET G 229 0.48 -10.10 -26.58
CA MET G 229 -0.33 -9.02 -26.01
C MET G 229 -1.79 -9.40 -25.91
N ILE G 230 -2.32 -10.09 -26.92
CA ILE G 230 -3.69 -10.55 -26.88
C ILE G 230 -3.87 -11.57 -25.74
N GLY G 231 -2.94 -12.52 -25.61
CA GLY G 231 -3.00 -13.51 -24.53
C GLY G 231 -2.96 -12.86 -23.16
N ARG G 232 -2.05 -11.88 -22.95
CA ARG G 232 -1.96 -11.19 -21.66
C ARG G 232 -3.19 -10.35 -21.35
N CYS G 233 -3.79 -9.71 -22.38
CA CYS G 233 -5.02 -8.92 -22.16
C CYS G 233 -6.19 -9.85 -21.83
N ASN G 234 -6.27 -11.00 -22.51
CA ASN G 234 -7.32 -11.99 -22.22
C ASN G 234 -7.18 -12.49 -20.77
N LEU G 235 -5.93 -12.73 -20.33
CA LEU G 235 -5.67 -13.16 -18.96
C LEU G 235 -6.12 -12.07 -17.95
N ALA G 236 -5.84 -10.81 -18.27
CA ALA G 236 -6.21 -9.69 -17.41
C ALA G 236 -7.71 -9.30 -17.49
N GLY G 237 -8.43 -9.80 -18.50
CA GLY G 237 -9.83 -9.44 -18.70
C GLY G 237 -10.01 -8.01 -19.16
N LYS G 238 -9.04 -7.50 -19.93
CA LYS G 238 -9.06 -6.12 -20.45
C LYS G 238 -9.09 -6.14 -21.97
N PRO G 239 -9.84 -5.22 -22.59
CA PRO G 239 -9.95 -5.23 -24.07
C PRO G 239 -8.64 -5.07 -24.84
N VAL G 240 -8.53 -5.79 -25.95
CA VAL G 240 -7.38 -5.69 -26.82
C VAL G 240 -7.85 -5.51 -28.28
N VAL G 241 -7.24 -4.56 -28.99
CA VAL G 241 -7.59 -4.26 -30.38
C VAL G 241 -6.48 -4.72 -31.30
N CYS G 242 -6.81 -5.38 -32.42
CA CYS G 242 -5.81 -5.69 -33.44
C CYS G 242 -5.98 -4.62 -34.52
N ALA G 243 -4.88 -3.95 -34.91
CA ALA G 243 -4.99 -2.86 -35.87
C ALA G 243 -3.96 -2.91 -36.98
N THR G 244 -4.30 -2.23 -38.10
CA THR G 244 -3.45 -1.81 -39.22
C THR G 244 -3.16 -2.85 -40.28
N GLN G 245 -3.51 -2.48 -41.53
CA GLN G 245 -3.31 -3.25 -42.76
C GLN G 245 -4.06 -4.57 -42.79
N MET G 246 -5.16 -4.69 -41.99
CA MET G 246 -5.92 -5.95 -41.96
C MET G 246 -6.55 -6.26 -43.32
N LEU G 247 -7.07 -5.23 -44.01
CA LEU G 247 -7.68 -5.40 -45.34
C LEU G 247 -7.07 -4.32 -46.28
N GLU G 248 -5.76 -4.05 -46.16
CA GLU G 248 -5.05 -3.00 -46.88
C GLU G 248 -5.36 -2.86 -48.38
N SER G 249 -5.35 -3.99 -49.12
CA SER G 249 -5.61 -3.94 -50.56
C SER G 249 -6.98 -3.35 -50.90
N MET G 250 -7.95 -3.41 -49.96
CA MET G 250 -9.28 -2.85 -50.19
C MET G 250 -9.31 -1.32 -50.19
N ILE G 251 -8.17 -0.63 -49.95
CA ILE G 251 -8.10 0.82 -50.12
C ILE G 251 -8.37 1.14 -51.63
N THR G 252 -7.91 0.28 -52.56
CA THR G 252 -8.15 0.49 -53.98
C THR G 252 -8.98 -0.64 -54.63
N LYS G 253 -8.96 -1.85 -54.05
CA LYS G 253 -9.69 -2.99 -54.64
C LYS G 253 -11.00 -3.33 -53.94
N PRO G 254 -12.03 -3.82 -54.69
CA PRO G 254 -13.31 -4.14 -54.03
C PRO G 254 -13.33 -5.45 -53.23
N ARG G 255 -12.31 -6.31 -53.41
CA ARG G 255 -12.19 -7.58 -52.67
C ARG G 255 -10.79 -7.68 -52.05
N PRO G 256 -10.67 -8.31 -50.88
CA PRO G 256 -9.35 -8.42 -50.25
C PRO G 256 -8.54 -9.61 -50.74
N THR G 257 -7.26 -9.67 -50.33
CA THR G 257 -6.42 -10.82 -50.69
C THR G 257 -6.69 -12.01 -49.73
N ARG G 258 -6.17 -13.21 -50.06
CA ARG G 258 -6.32 -14.37 -49.21
C ARG G 258 -5.57 -14.20 -47.87
N ALA G 259 -4.46 -13.45 -47.86
CA ALA G 259 -3.72 -13.19 -46.62
C ALA G 259 -4.50 -12.25 -45.69
N GLU G 260 -5.23 -11.29 -46.28
CA GLU G 260 -6.02 -10.33 -45.52
C GLU G 260 -7.21 -10.98 -44.81
N THR G 261 -7.96 -11.86 -45.51
CA THR G 261 -9.08 -12.55 -44.86
C THR G 261 -8.56 -13.47 -43.74
N SER G 262 -7.42 -14.12 -43.98
CA SER G 262 -6.77 -14.98 -43.00
C SER G 262 -6.37 -14.14 -41.76
N ASP G 263 -5.79 -12.94 -41.96
CA ASP G 263 -5.36 -12.06 -40.87
C ASP G 263 -6.53 -11.67 -39.97
N VAL G 264 -7.67 -11.30 -40.56
CA VAL G 264 -8.85 -10.93 -39.77
C VAL G 264 -9.35 -12.14 -38.97
N ALA G 265 -9.47 -13.31 -39.61
CA ALA G 265 -9.92 -14.52 -38.92
C ALA G 265 -8.98 -14.90 -37.79
N ASN G 266 -7.66 -14.83 -38.03
CA ASN G 266 -6.68 -15.19 -37.01
C ASN G 266 -6.60 -14.18 -35.87
N ALA G 267 -6.93 -12.90 -36.10
CA ALA G 267 -6.96 -11.94 -34.99
C ALA G 267 -8.11 -12.34 -34.02
N VAL G 268 -9.26 -12.75 -34.56
CA VAL G 268 -10.38 -13.20 -33.74
C VAL G 268 -10.01 -14.50 -33.00
N LEU G 269 -9.42 -15.48 -33.72
CA LEU G 269 -9.00 -16.74 -33.12
C LEU G 269 -7.89 -16.56 -32.08
N ASP G 270 -7.07 -15.51 -32.21
CA ASP G 270 -6.03 -15.18 -31.22
C ASP G 270 -6.65 -14.73 -29.90
N GLY G 271 -7.80 -14.07 -29.97
CA GLY G 271 -8.54 -13.56 -28.83
C GLY G 271 -8.79 -12.06 -28.83
N ALA G 272 -8.62 -11.38 -29.99
CA ALA G 272 -8.85 -9.93 -30.04
C ALA G 272 -10.30 -9.56 -29.74
N ASP G 273 -10.49 -8.52 -28.92
CA ASP G 273 -11.84 -8.02 -28.64
C ASP G 273 -12.37 -7.18 -29.80
N CYS G 274 -11.48 -6.40 -30.43
CA CYS G 274 -11.86 -5.51 -31.53
C CYS G 274 -10.88 -5.70 -32.70
N ILE G 275 -11.37 -5.41 -33.90
CA ILE G 275 -10.55 -5.36 -35.12
C ILE G 275 -10.75 -3.95 -35.73
N MET G 276 -9.74 -3.46 -36.45
CA MET G 276 -9.77 -2.08 -36.91
C MET G 276 -9.53 -1.93 -38.40
N LEU G 277 -10.05 -0.84 -38.94
CA LEU G 277 -9.86 -0.40 -40.33
C LEU G 277 -9.34 1.03 -40.23
N SER G 278 -8.26 1.33 -40.96
CA SER G 278 -7.67 2.66 -40.92
CA SER G 278 -7.66 2.65 -40.92
C SER G 278 -7.85 3.30 -42.32
N GLY G 279 -6.86 3.22 -43.21
CA GLY G 279 -6.98 3.79 -44.55
C GLY G 279 -8.11 3.16 -45.32
N GLU G 280 -8.45 1.87 -45.03
CA GLU G 280 -9.54 1.19 -45.73
C GLU G 280 -10.88 1.94 -45.62
N THR G 281 -11.15 2.60 -44.48
CA THR G 281 -12.40 3.37 -44.34
C THR G 281 -12.17 4.88 -44.38
N ALA G 282 -10.99 5.34 -43.96
CA ALA G 282 -10.71 6.78 -43.93
C ALA G 282 -10.54 7.39 -45.32
N LYS G 283 -9.84 6.70 -46.21
CA LYS G 283 -9.54 7.26 -47.53
C LYS G 283 -9.73 6.27 -48.68
N GLY G 284 -10.23 5.07 -48.40
CA GLY G 284 -10.39 4.05 -49.43
C GLY G 284 -11.54 4.23 -50.39
N ASN G 285 -11.52 3.47 -51.48
CA ASN G 285 -12.58 3.50 -52.49
C ASN G 285 -13.81 2.69 -52.10
N PHE G 286 -13.66 1.74 -51.13
CA PHE G 286 -14.76 0.85 -50.72
C PHE G 286 -14.93 0.76 -49.18
N PRO G 287 -15.17 1.89 -48.48
CA PRO G 287 -15.25 1.85 -47.02
C PRO G 287 -16.36 0.95 -46.48
N VAL G 288 -17.55 0.98 -47.08
CA VAL G 288 -18.67 0.15 -46.62
C VAL G 288 -18.37 -1.33 -46.83
N GLU G 289 -17.77 -1.67 -47.98
CA GLU G 289 -17.43 -3.05 -48.31
C GLU G 289 -16.36 -3.60 -47.36
N ALA G 290 -15.43 -2.75 -46.90
CA ALA G 290 -14.38 -3.16 -45.96
C ALA G 290 -15.01 -3.54 -44.60
N VAL G 291 -15.99 -2.73 -44.15
CA VAL G 291 -16.70 -3.01 -42.90
C VAL G 291 -17.49 -4.33 -43.06
N LYS G 292 -18.18 -4.50 -44.20
CA LYS G 292 -18.95 -5.73 -44.46
C LYS G 292 -18.07 -6.95 -44.47
N MET G 293 -16.86 -6.82 -45.01
CA MET G 293 -15.91 -7.95 -45.08
C MET G 293 -15.42 -8.33 -43.68
N GLN G 294 -15.06 -7.35 -42.82
CA GLN G 294 -14.65 -7.66 -41.46
C GLN G 294 -15.80 -8.33 -40.69
N HIS G 295 -17.03 -7.83 -40.89
CA HIS G 295 -18.22 -8.43 -40.27
C HIS G 295 -18.37 -9.90 -40.67
N ALA G 296 -18.31 -10.19 -41.97
CA ALA G 296 -18.49 -11.55 -42.49
C ALA G 296 -17.43 -12.53 -41.97
N ILE G 297 -16.15 -12.11 -41.99
CA ILE G 297 -15.07 -12.97 -41.51
C ILE G 297 -15.18 -13.18 -40.00
N ALA G 298 -15.41 -12.11 -39.23
CA ALA G 298 -15.47 -12.22 -37.77
C ALA G 298 -16.55 -13.21 -37.32
N ARG G 299 -17.73 -13.17 -37.96
CA ARG G 299 -18.81 -14.10 -37.63
C ARG G 299 -18.38 -15.56 -37.84
N GLU G 300 -17.71 -15.84 -38.97
CA GLU G 300 -17.23 -17.19 -39.26
C GLU G 300 -16.17 -17.64 -38.25
N ALA G 301 -15.21 -16.72 -37.92
CA ALA G 301 -14.13 -17.06 -36.99
C ALA G 301 -14.61 -17.27 -35.57
N GLU G 302 -15.60 -16.49 -35.14
CA GLU G 302 -16.14 -16.62 -33.79
C GLU G 302 -16.78 -17.98 -33.56
N ALA G 303 -17.46 -18.53 -34.58
CA ALA G 303 -18.06 -19.85 -34.47
C ALA G 303 -16.98 -20.95 -34.42
N ALA G 304 -15.80 -20.69 -35.03
CA ALA G 304 -14.67 -21.63 -35.05
C ALA G 304 -13.79 -21.58 -33.79
N VAL G 305 -14.13 -20.74 -32.81
CA VAL G 305 -13.38 -20.67 -31.55
C VAL G 305 -13.58 -22.01 -30.79
N TYR G 306 -12.51 -22.57 -30.21
CA TYR G 306 -12.58 -23.82 -29.47
C TYR G 306 -12.86 -23.51 -28.00
N HIS G 307 -14.12 -23.17 -27.70
CA HIS G 307 -14.52 -22.79 -26.35
C HIS G 307 -14.20 -23.81 -25.28
N ARG G 308 -14.24 -25.12 -25.61
CA ARG G 308 -13.96 -26.16 -24.62
C ARG G 308 -12.62 -25.96 -23.92
N GLN G 309 -11.54 -25.70 -24.68
CA GLN G 309 -10.25 -25.45 -24.07
C GLN G 309 -10.11 -24.00 -23.60
N LEU G 310 -10.60 -23.04 -24.40
CA LEU G 310 -10.50 -21.62 -24.03
C LEU G 310 -11.15 -21.33 -22.67
N PHE G 311 -12.40 -21.78 -22.46
CA PHE G 311 -13.09 -21.56 -21.18
C PHE G 311 -12.35 -22.24 -20.04
N GLU G 312 -11.89 -23.48 -20.25
CA GLU G 312 -11.13 -24.22 -19.23
C GLU G 312 -9.87 -23.47 -18.80
N GLU G 313 -9.11 -22.93 -19.78
CA GLU G 313 -7.90 -22.18 -19.46
C GLU G 313 -8.16 -20.83 -18.82
N LEU G 314 -9.19 -20.11 -19.27
CA LEU G 314 -9.52 -18.80 -18.67
C LEU G 314 -9.98 -18.99 -17.23
N ARG G 315 -10.78 -20.03 -17.00
CA ARG G 315 -11.30 -20.40 -15.69
C ARG G 315 -10.15 -20.76 -14.74
N ARG G 316 -9.22 -21.60 -15.21
CA ARG G 316 -8.07 -22.04 -14.41
C ARG G 316 -7.08 -20.93 -14.11
N ALA G 317 -6.89 -20.00 -15.06
CA ALA G 317 -5.94 -18.90 -14.87
C ALA G 317 -6.49 -17.75 -14.02
N ALA G 318 -7.80 -17.54 -14.03
CA ALA G 318 -8.40 -16.46 -13.26
C ALA G 318 -8.33 -16.82 -11.78
N PRO G 319 -7.84 -15.89 -10.96
CA PRO G 319 -7.71 -16.18 -9.53
C PRO G 319 -9.05 -16.33 -8.82
N LEU G 320 -9.03 -16.95 -7.63
CA LEU G 320 -10.22 -17.06 -6.79
C LEU G 320 -10.65 -15.63 -6.40
N SER G 321 -11.96 -15.40 -6.27
CA SER G 321 -12.44 -14.07 -5.96
C SER G 321 -13.56 -14.07 -4.98
N ARG G 322 -13.60 -13.07 -4.12
CA ARG G 322 -14.71 -12.87 -3.20
C ARG G 322 -15.63 -11.71 -3.68
N ASP G 323 -15.41 -11.18 -4.90
CA ASP G 323 -16.23 -10.11 -5.46
C ASP G 323 -17.50 -10.77 -6.03
N PRO G 324 -18.69 -10.42 -5.53
CA PRO G 324 -19.92 -11.08 -6.04
C PRO G 324 -20.15 -10.92 -7.54
N THR G 325 -19.72 -9.79 -8.15
CA THR G 325 -19.89 -9.61 -9.59
C THR G 325 -19.06 -10.66 -10.36
N GLU G 326 -17.80 -10.85 -9.95
CA GLU G 326 -16.91 -11.83 -10.61
CA GLU G 326 -16.90 -11.82 -10.58
C GLU G 326 -17.43 -13.26 -10.36
N VAL G 327 -17.91 -13.55 -9.16
CA VAL G 327 -18.42 -14.88 -8.84
C VAL G 327 -19.69 -15.18 -9.65
N THR G 328 -20.60 -14.19 -9.77
CA THR G 328 -21.82 -14.36 -10.53
C THR G 328 -21.49 -14.52 -12.01
N ALA G 329 -20.49 -13.75 -12.52
CA ALA G 329 -20.12 -13.83 -13.93
C ALA G 329 -19.69 -15.23 -14.34
N ILE G 330 -18.79 -15.89 -13.58
CA ILE G 330 -18.33 -17.23 -13.95
C ILE G 330 -19.47 -18.27 -13.85
N GLY G 331 -20.32 -18.13 -12.85
CA GLY G 331 -21.48 -19.00 -12.70
C GLY G 331 -22.44 -18.86 -13.87
N ALA G 332 -22.67 -17.61 -14.32
CA ALA G 332 -23.56 -17.32 -15.46
C ALA G 332 -23.00 -17.89 -16.77
N VAL G 333 -21.70 -17.74 -17.00
CA VAL G 333 -21.07 -18.26 -18.22
C VAL G 333 -21.12 -19.81 -18.22
N GLU G 334 -20.87 -20.42 -17.05
CA GLU G 334 -20.94 -21.90 -16.93
CA GLU G 334 -20.94 -21.89 -16.91
C GLU G 334 -22.37 -22.36 -17.22
N ALA G 335 -23.37 -21.66 -16.66
CA ALA G 335 -24.78 -22.00 -16.91
C ALA G 335 -25.13 -21.86 -18.38
N ALA G 336 -24.63 -20.79 -19.03
CA ALA G 336 -24.92 -20.55 -20.46
C ALA G 336 -24.37 -21.71 -21.33
N PHE G 337 -23.16 -22.20 -21.03
CA PHE G 337 -22.57 -23.31 -21.77
C PHE G 337 -23.39 -24.61 -21.56
N LYS G 338 -23.89 -24.82 -20.34
CA LYS G 338 -24.64 -26.02 -19.99
C LYS G 338 -25.93 -26.18 -20.82
N CYS G 339 -26.62 -25.08 -21.12
CA CYS G 339 -27.88 -25.14 -21.83
C CYS G 339 -27.82 -24.59 -23.26
N CYS G 340 -26.62 -24.24 -23.78
CA CYS G 340 -26.49 -23.61 -25.11
C CYS G 340 -27.33 -22.33 -25.14
N ALA G 341 -27.29 -21.53 -24.05
CA ALA G 341 -28.10 -20.32 -23.97
C ALA G 341 -27.90 -19.40 -25.16
N ALA G 342 -28.98 -18.86 -25.68
CA ALA G 342 -28.90 -17.94 -26.81
C ALA G 342 -28.24 -16.60 -26.37
N ALA G 343 -28.43 -16.21 -25.08
CA ALA G 343 -27.88 -14.96 -24.59
C ALA G 343 -27.77 -14.94 -23.08
N ILE G 344 -26.93 -14.03 -22.55
CA ILE G 344 -26.83 -13.68 -21.15
C ILE G 344 -27.28 -12.22 -21.12
N ILE G 345 -28.43 -11.92 -20.49
CA ILE G 345 -28.90 -10.53 -20.39
C ILE G 345 -28.41 -9.96 -19.07
N VAL G 346 -27.66 -8.86 -19.12
CA VAL G 346 -27.11 -8.27 -17.90
C VAL G 346 -27.50 -6.80 -17.77
N LEU G 347 -27.88 -6.38 -16.57
CA LEU G 347 -28.17 -4.97 -16.30
C LEU G 347 -26.85 -4.36 -15.80
N THR G 348 -26.48 -3.19 -16.33
CA THR G 348 -25.20 -2.58 -15.94
C THR G 348 -25.27 -1.06 -16.03
N THR G 349 -24.67 -0.36 -15.06
CA THR G 349 -24.65 1.10 -15.13
C THR G 349 -23.32 1.57 -15.71
N THR G 350 -22.22 0.95 -15.29
CA THR G 350 -20.89 1.34 -15.74
C THR G 350 -20.33 0.47 -16.87
N GLY G 351 -20.92 -0.70 -17.09
CA GLY G 351 -20.44 -1.69 -18.05
C GLY G 351 -19.66 -2.82 -17.41
N ARG G 352 -19.23 -2.64 -16.15
CA ARG G 352 -18.37 -3.61 -15.45
C ARG G 352 -18.94 -5.04 -15.37
N SER G 353 -20.24 -5.20 -15.07
CA SER G 353 -20.83 -6.55 -14.98
C SER G 353 -20.78 -7.25 -16.35
N ALA G 354 -20.94 -6.49 -17.45
CA ALA G 354 -20.86 -7.07 -18.81
C ALA G 354 -19.41 -7.42 -19.14
N GLN G 355 -18.45 -6.58 -18.74
CA GLN G 355 -17.03 -6.84 -18.98
C GLN G 355 -16.58 -8.13 -18.27
N LEU G 356 -17.06 -8.36 -17.03
CA LEU G 356 -16.67 -9.57 -16.30
C LEU G 356 -17.27 -10.84 -16.90
N LEU G 357 -18.41 -10.74 -17.60
CA LEU G 357 -18.97 -11.88 -18.31
C LEU G 357 -18.13 -12.13 -19.57
N SER G 358 -17.83 -11.06 -20.32
CA SER G 358 -17.04 -11.10 -21.55
C SER G 358 -15.66 -11.75 -21.37
N ARG G 359 -15.00 -11.52 -20.22
CA ARG G 359 -13.66 -12.06 -19.99
C ARG G 359 -13.59 -13.61 -20.02
N TYR G 360 -14.74 -14.29 -19.78
CA TYR G 360 -14.79 -15.75 -19.82
C TYR G 360 -15.17 -16.31 -21.20
N ARG G 361 -15.33 -15.43 -22.19
CA ARG G 361 -15.61 -15.77 -23.56
C ARG G 361 -16.77 -16.75 -23.76
N PRO G 362 -17.98 -16.38 -23.28
CA PRO G 362 -19.13 -17.24 -23.53
C PRO G 362 -19.48 -17.26 -25.01
N ARG G 363 -20.06 -18.36 -25.48
CA ARG G 363 -20.58 -18.42 -26.84
C ARG G 363 -21.89 -17.60 -26.91
N ALA G 364 -22.65 -17.57 -25.81
CA ALA G 364 -23.89 -16.80 -25.73
C ALA G 364 -23.56 -15.32 -25.81
N ALA G 365 -24.37 -14.56 -26.55
CA ALA G 365 -24.22 -13.12 -26.66
C ALA G 365 -24.48 -12.47 -25.30
N VAL G 366 -23.70 -11.47 -24.89
CA VAL G 366 -23.96 -10.75 -23.64
C VAL G 366 -24.75 -9.49 -23.99
N ILE G 367 -26.06 -9.50 -23.73
CA ILE G 367 -26.91 -8.36 -24.04
C ILE G 367 -26.90 -7.46 -22.82
N ALA G 368 -26.26 -6.30 -22.93
CA ALA G 368 -26.11 -5.39 -21.78
C ALA G 368 -27.12 -4.25 -21.84
N VAL G 369 -28.06 -4.21 -20.89
CA VAL G 369 -29.06 -3.17 -20.84
C VAL G 369 -28.59 -2.09 -19.86
N THR G 370 -28.51 -0.85 -20.33
CA THR G 370 -28.04 0.25 -19.49
C THR G 370 -28.79 1.54 -19.78
N ARG G 371 -28.90 2.40 -18.76
CA ARG G 371 -29.45 3.76 -18.93
C ARG G 371 -28.30 4.77 -19.25
N SER G 372 -27.02 4.36 -19.11
CA SER G 372 -25.88 5.24 -19.40
C SER G 372 -25.54 5.18 -20.88
N ALA G 373 -25.75 6.28 -21.59
CA ALA G 373 -25.39 6.37 -23.00
C ALA G 373 -23.87 6.14 -23.20
N GLN G 374 -23.06 6.65 -22.26
CA GLN G 374 -21.61 6.47 -22.35
C GLN G 374 -21.21 5.00 -22.15
N ALA G 375 -21.77 4.32 -21.14
CA ALA G 375 -21.42 2.92 -20.91
C ALA G 375 -21.86 2.07 -22.10
N ALA G 376 -23.02 2.40 -22.71
CA ALA G 376 -23.52 1.66 -23.88
C ALA G 376 -22.51 1.76 -25.04
N ARG G 377 -21.90 2.93 -25.22
CA ARG G 377 -20.92 3.09 -26.29
C ARG G 377 -19.60 2.38 -25.92
N GLN G 378 -19.14 2.55 -24.67
CA GLN G 378 -17.84 1.99 -24.24
C GLN G 378 -17.78 0.47 -24.19
N VAL G 379 -18.91 -0.23 -23.90
CA VAL G 379 -18.86 -1.69 -23.80
C VAL G 379 -18.58 -2.38 -25.13
N HIS G 380 -18.65 -1.64 -26.28
CA HIS G 380 -18.26 -2.21 -27.57
C HIS G 380 -16.78 -2.67 -27.54
N LEU G 381 -15.97 -2.17 -26.58
CA LEU G 381 -14.58 -2.61 -26.46
C LEU G 381 -14.47 -4.08 -26.02
N CYS G 382 -15.51 -4.63 -25.36
CA CYS G 382 -15.47 -5.98 -24.81
C CYS G 382 -16.14 -6.97 -25.75
N ARG G 383 -15.42 -8.05 -26.14
CA ARG G 383 -15.99 -9.00 -27.10
C ARG G 383 -17.31 -9.62 -26.62
N GLY G 384 -18.27 -9.66 -27.53
CA GLY G 384 -19.55 -10.30 -27.28
C GLY G 384 -20.53 -9.51 -26.47
N VAL G 385 -20.27 -8.22 -26.22
CA VAL G 385 -21.22 -7.39 -25.48
C VAL G 385 -22.01 -6.57 -26.49
N PHE G 386 -23.35 -6.71 -26.46
CA PHE G 386 -24.29 -6.02 -27.33
C PHE G 386 -25.04 -5.02 -26.49
N PRO G 387 -24.65 -3.75 -26.57
CA PRO G 387 -25.30 -2.74 -25.72
C PRO G 387 -26.67 -2.29 -26.19
N LEU G 388 -27.59 -2.16 -25.25
CA LEU G 388 -28.93 -1.66 -25.51
C LEU G 388 -29.14 -0.47 -24.59
N LEU G 389 -29.45 0.70 -25.18
CA LEU G 389 -29.66 1.91 -24.39
C LEU G 389 -31.14 2.02 -24.03
N TYR G 390 -31.45 2.00 -22.73
CA TYR G 390 -32.82 2.04 -22.26
C TYR G 390 -33.20 3.47 -21.92
N ARG G 391 -34.23 3.99 -22.58
CA ARG G 391 -34.67 5.38 -22.42
C ARG G 391 -36.09 5.54 -21.88
N GLU G 392 -36.74 4.46 -21.42
CA GLU G 392 -38.10 4.53 -20.90
C GLU G 392 -38.16 5.26 -19.54
N PRO G 393 -39.32 5.85 -19.19
CA PRO G 393 -39.45 6.48 -17.87
C PRO G 393 -39.43 5.44 -16.73
N PRO G 394 -39.03 5.88 -15.53
CA PRO G 394 -38.89 4.93 -14.43
C PRO G 394 -40.18 4.35 -13.86
N GLU G 395 -40.14 3.07 -13.45
CA GLU G 395 -41.24 2.48 -12.71
C GLU G 395 -41.07 2.86 -11.24
N ALA G 396 -42.19 3.00 -10.51
CA ALA G 396 -42.17 3.40 -9.10
C ALA G 396 -41.50 2.34 -8.24
N ILE G 397 -41.74 1.07 -8.54
CA ILE G 397 -41.16 -0.03 -7.77
C ILE G 397 -39.92 -0.55 -8.48
N TRP G 398 -38.82 -0.60 -7.74
CA TRP G 398 -37.53 -1.04 -8.27
C TRP G 398 -37.56 -2.42 -8.94
N ALA G 399 -38.11 -3.47 -8.30
CA ALA G 399 -38.17 -4.81 -8.91
C ALA G 399 -38.92 -4.79 -10.25
N ASP G 400 -39.97 -3.96 -10.36
CA ASP G 400 -40.74 -3.82 -11.61
C ASP G 400 -39.91 -3.13 -12.71
N ASP G 401 -39.11 -2.15 -12.30
CA ASP G 401 -38.21 -1.42 -13.19
C ASP G 401 -37.11 -2.35 -13.73
N VAL G 402 -36.59 -3.22 -12.86
CA VAL G 402 -35.59 -4.21 -13.24
C VAL G 402 -36.22 -5.17 -14.28
N ASP G 403 -37.46 -5.66 -14.01
CA ASP G 403 -38.15 -6.57 -14.92
C ASP G 403 -38.40 -5.95 -16.27
N ARG G 404 -38.76 -4.65 -16.29
CA ARG G 404 -38.99 -3.96 -17.56
C ARG G 404 -37.71 -3.91 -18.40
N ARG G 405 -36.55 -3.68 -17.74
CA ARG G 405 -35.29 -3.63 -18.47
C ARG G 405 -34.89 -5.01 -19.01
N VAL G 406 -35.11 -6.07 -18.23
CA VAL G 406 -34.82 -7.44 -18.68
C VAL G 406 -35.70 -7.77 -19.89
N GLN G 407 -36.98 -7.39 -19.81
CA GLN G 407 -37.90 -7.64 -20.93
C GLN G 407 -37.55 -6.81 -22.16
N PHE G 408 -37.02 -5.59 -21.97
CA PHE G 408 -36.51 -4.78 -23.07
C PHE G 408 -35.34 -5.50 -23.77
N GLY G 409 -34.48 -6.16 -23.00
CA GLY G 409 -33.41 -6.98 -23.53
C GLY G 409 -33.95 -8.15 -24.36
N ILE G 410 -34.98 -8.82 -23.84
CA ILE G 410 -35.62 -9.96 -24.53
C ILE G 410 -36.29 -9.50 -25.84
N GLU G 411 -37.10 -8.44 -25.78
CA GLU G 411 -37.80 -7.92 -26.96
C GLU G 411 -36.82 -7.42 -28.01
N SER G 412 -35.73 -6.76 -27.58
CA SER G 412 -34.71 -6.30 -28.52
C SER G 412 -33.99 -7.50 -29.18
N GLY G 413 -33.68 -8.52 -28.39
CA GLY G 413 -33.03 -9.74 -28.84
C GLY G 413 -33.90 -10.50 -29.84
N LYS G 414 -35.23 -10.54 -29.61
CA LYS G 414 -36.15 -11.21 -30.54
C LYS G 414 -36.16 -10.46 -31.86
N LEU G 415 -36.30 -9.12 -31.81
CA LEU G 415 -36.37 -8.32 -33.03
C LEU G 415 -35.10 -8.44 -33.86
N ARG G 416 -33.93 -8.45 -33.19
CA ARG G 416 -32.64 -8.49 -33.87
C ARG G 416 -32.20 -9.90 -34.32
N GLY G 417 -32.91 -10.94 -33.91
CA GLY G 417 -32.56 -12.31 -34.29
C GLY G 417 -31.67 -13.06 -33.30
N PHE G 418 -31.37 -12.46 -32.14
CA PHE G 418 -30.56 -13.12 -31.11
C PHE G 418 -31.36 -14.23 -30.42
N LEU G 419 -32.68 -14.00 -30.21
CA LEU G 419 -33.54 -14.87 -29.41
C LEU G 419 -34.80 -15.23 -30.11
N ARG G 420 -35.37 -16.38 -29.71
CA ARG G 420 -36.65 -16.90 -30.18
C ARG G 420 -37.39 -17.48 -28.98
N VAL G 421 -38.72 -17.61 -29.08
CA VAL G 421 -39.54 -18.25 -28.06
C VAL G 421 -39.07 -19.71 -27.91
N GLY G 422 -38.90 -20.16 -26.67
CA GLY G 422 -38.37 -21.49 -26.42
C GLY G 422 -36.89 -21.52 -26.09
N ASP G 423 -36.15 -20.45 -26.41
CA ASP G 423 -34.72 -20.37 -26.06
C ASP G 423 -34.55 -20.25 -24.55
N LEU G 424 -33.37 -20.62 -24.04
CA LEU G 424 -33.04 -20.36 -22.65
C LEU G 424 -32.09 -19.17 -22.63
N VAL G 425 -32.27 -18.29 -21.66
CA VAL G 425 -31.37 -17.17 -21.45
C VAL G 425 -30.95 -17.13 -19.99
N ILE G 426 -29.77 -16.62 -19.75
CA ILE G 426 -29.28 -16.42 -18.38
C ILE G 426 -29.44 -14.92 -18.10
N VAL G 427 -29.98 -14.53 -16.95
CA VAL G 427 -30.21 -13.12 -16.63
C VAL G 427 -29.39 -12.76 -15.41
N VAL G 428 -28.61 -11.71 -15.50
CA VAL G 428 -27.69 -11.27 -14.44
C VAL G 428 -28.10 -9.90 -13.92
N THR G 429 -28.36 -9.81 -12.62
CA THR G 429 -28.80 -8.57 -11.97
C THR G 429 -28.14 -8.47 -10.57
N GLY G 430 -28.43 -7.40 -9.82
CA GLY G 430 -27.97 -7.25 -8.44
C GLY G 430 -29.12 -7.17 -7.46
N TRP G 431 -28.81 -7.20 -6.15
CA TRP G 431 -29.84 -7.22 -5.09
C TRP G 431 -30.44 -5.86 -4.69
N ARG G 432 -29.81 -4.79 -5.11
CA ARG G 432 -30.27 -3.45 -4.80
C ARG G 432 -29.83 -2.48 -5.90
N PRO G 433 -30.47 -1.30 -6.00
CA PRO G 433 -30.07 -0.34 -7.04
C PRO G 433 -28.65 0.17 -6.85
N GLY G 434 -28.11 0.66 -7.94
CA GLY G 434 -26.79 1.21 -7.99
C GLY G 434 -25.74 0.22 -8.49
N SER G 435 -24.73 0.77 -9.12
CA SER G 435 -23.60 0.00 -9.61
C SER G 435 -22.85 -0.71 -8.45
N GLY G 436 -22.29 -1.88 -8.73
CA GLY G 436 -21.46 -2.59 -7.77
C GLY G 436 -22.07 -3.71 -6.93
N TYR G 437 -23.34 -4.01 -7.15
CA TYR G 437 -24.05 -5.01 -6.36
C TYR G 437 -24.52 -6.25 -7.13
N THR G 438 -24.01 -6.49 -8.35
CA THR G 438 -24.39 -7.68 -9.14
C THR G 438 -24.09 -8.95 -8.35
N ASN G 439 -25.10 -9.77 -8.13
CA ASN G 439 -24.94 -11.00 -7.33
C ASN G 439 -25.98 -12.07 -7.65
N ILE G 440 -26.79 -11.91 -8.70
CA ILE G 440 -27.85 -12.85 -9.02
C ILE G 440 -27.76 -13.34 -10.46
N MET G 441 -27.95 -14.64 -10.64
CA MET G 441 -28.04 -15.25 -11.96
C MET G 441 -29.35 -16.07 -12.01
N ARG G 442 -30.15 -15.86 -13.04
CA ARG G 442 -31.42 -16.58 -13.19
C ARG G 442 -31.48 -17.29 -14.54
N VAL G 443 -32.13 -18.45 -14.60
CA VAL G 443 -32.29 -19.20 -15.86
C VAL G 443 -33.72 -18.97 -16.29
N LEU G 444 -33.90 -18.38 -17.49
CA LEU G 444 -35.23 -18.04 -17.96
C LEU G 444 -35.55 -18.68 -19.30
N SER G 445 -36.76 -19.21 -19.44
CA SER G 445 -37.22 -19.75 -20.71
C SER G 445 -37.95 -18.59 -21.42
N ILE G 446 -37.59 -18.31 -22.68
CA ILE G 446 -38.17 -17.20 -23.41
C ILE G 446 -39.63 -17.53 -23.81
N SER G 447 -40.58 -16.70 -23.38
CA SER G 447 -41.98 -16.87 -23.74
C SER G 447 -42.43 -15.77 -24.70
N GLY H 23 -6.13 -15.25 4.43
CA GLY H 23 -5.00 -15.63 5.26
C GLY H 23 -4.29 -16.89 4.80
N THR H 24 -3.01 -17.02 5.16
CA THR H 24 -2.22 -18.19 4.79
C THR H 24 -2.69 -19.46 5.53
N ALA H 25 -3.21 -19.29 6.76
CA ALA H 25 -3.70 -20.43 7.54
C ALA H 25 -4.86 -21.11 6.83
N PHE H 26 -5.76 -20.33 6.22
CA PHE H 26 -6.90 -20.85 5.48
C PHE H 26 -6.44 -21.78 4.34
N PHE H 27 -5.45 -21.33 3.57
CA PHE H 27 -4.96 -22.09 2.42
C PHE H 27 -4.05 -23.27 2.76
N GLN H 28 -3.76 -23.49 4.05
CA GLN H 28 -2.97 -24.66 4.48
C GLN H 28 -3.89 -25.81 4.95
N GLN H 29 -5.14 -25.50 5.38
CA GLN H 29 -6.13 -26.45 5.84
C GLN H 29 -6.85 -27.16 4.68
N GLN H 30 -7.68 -28.19 5.01
CA GLN H 30 -8.52 -28.98 4.10
C GLN H 30 -7.81 -29.38 2.79
N GLN H 31 -6.52 -29.74 2.89
CA GLN H 31 -5.70 -30.16 1.77
C GLN H 31 -5.72 -29.18 0.60
N LEU H 32 -5.86 -27.86 0.89
CA LEU H 32 -5.91 -26.86 -0.18
C LEU H 32 -4.61 -26.84 -1.04
N PRO H 33 -3.38 -27.03 -0.49
CA PRO H 33 -2.21 -27.13 -1.38
C PRO H 33 -2.35 -28.30 -2.39
N ALA H 34 -2.82 -29.49 -1.94
CA ALA H 34 -3.01 -30.62 -2.85
C ALA H 34 -4.16 -30.35 -3.84
N ALA H 35 -5.17 -29.58 -3.41
CA ALA H 35 -6.31 -29.22 -4.26
C ALA H 35 -5.87 -28.33 -5.43
N MET H 36 -4.86 -27.48 -5.23
CA MET H 36 -4.40 -26.57 -6.29
C MET H 36 -3.42 -27.21 -7.30
N ALA H 37 -3.01 -28.46 -7.08
CA ALA H 37 -2.05 -29.11 -7.97
C ALA H 37 -2.52 -29.25 -9.43
N ASP H 38 -1.57 -29.18 -10.37
CA ASP H 38 -1.87 -29.26 -11.81
C ASP H 38 -1.98 -30.68 -12.33
N THR H 39 -1.48 -31.67 -11.60
CA THR H 39 -1.62 -33.07 -12.01
C THR H 39 -2.08 -33.91 -10.81
N PHE H 40 -2.67 -35.10 -11.05
CA PHE H 40 -3.05 -35.99 -9.95
C PHE H 40 -1.79 -36.46 -9.19
N LEU H 41 -0.69 -36.71 -9.91
CA LEU H 41 0.57 -37.13 -9.26
C LEU H 41 1.06 -36.03 -8.28
N GLU H 42 1.06 -34.76 -8.71
CA GLU H 42 1.47 -33.65 -7.82
C GLU H 42 0.48 -33.51 -6.66
N HIS H 43 -0.82 -33.75 -6.91
CA HIS H 43 -1.87 -33.73 -5.89
C HIS H 43 -1.52 -34.74 -4.78
N LEU H 44 -1.15 -35.99 -5.16
CA LEU H 44 -0.75 -36.99 -4.18
C LEU H 44 0.47 -36.53 -3.38
N CYS H 45 1.51 -36.01 -4.07
CA CYS H 45 2.75 -35.55 -3.45
C CYS H 45 2.53 -34.43 -2.43
N LEU H 46 1.44 -33.66 -2.57
CA LEU H 46 1.14 -32.55 -1.68
C LEU H 46 0.18 -32.88 -0.54
N LEU H 47 -0.35 -34.13 -0.47
CA LEU H 47 -1.24 -34.50 0.64
C LEU H 47 -0.48 -34.40 1.96
N ASP H 48 -1.11 -33.78 2.96
CA ASP H 48 -0.45 -33.45 4.21
C ASP H 48 -1.25 -33.93 5.43
N ILE H 49 -0.63 -34.80 6.24
CA ILE H 49 -1.28 -35.30 7.47
C ILE H 49 -1.55 -34.19 8.51
N ASP H 50 -0.83 -33.06 8.42
CA ASP H 50 -1.03 -31.92 9.32
C ASP H 50 -2.07 -30.93 8.79
N SER H 51 -2.63 -31.15 7.59
CA SER H 51 -3.65 -30.27 7.03
C SER H 51 -5.00 -30.77 7.54
N GLU H 52 -5.58 -30.05 8.49
CA GLU H 52 -6.81 -30.47 9.14
C GLU H 52 -8.07 -30.21 8.34
N PRO H 53 -9.02 -31.15 8.37
CA PRO H 53 -10.28 -30.92 7.64
C PRO H 53 -11.11 -29.83 8.33
N VAL H 54 -11.81 -29.03 7.55
CA VAL H 54 -12.61 -27.92 8.10
C VAL H 54 -14.09 -28.11 7.73
N ALA H 55 -14.36 -28.60 6.52
CA ALA H 55 -15.72 -28.83 6.04
C ALA H 55 -16.46 -29.88 6.87
N ALA H 56 -17.79 -29.80 6.88
CA ALA H 56 -18.59 -30.80 7.56
C ALA H 56 -18.49 -32.11 6.71
N ARG H 57 -18.58 -33.26 7.39
CA ARG H 57 -18.50 -34.56 6.73
C ARG H 57 -19.69 -34.78 5.80
N SER H 58 -19.41 -35.03 4.52
CA SER H 58 -20.44 -35.11 3.49
C SER H 58 -20.93 -36.52 3.12
N THR H 59 -20.13 -37.58 3.34
CA THR H 59 -20.55 -38.93 2.99
C THR H 59 -21.42 -39.44 4.11
N SER H 60 -22.70 -39.77 3.82
CA SER H 60 -23.60 -40.24 4.89
C SER H 60 -23.23 -41.61 5.42
N ILE H 61 -23.52 -41.83 6.69
CA ILE H 61 -23.29 -43.11 7.36
C ILE H 61 -24.62 -43.83 7.60
N ILE H 62 -24.68 -45.07 7.13
CA ILE H 62 -25.82 -45.94 7.33
C ILE H 62 -25.43 -46.92 8.45
N ALA H 63 -26.18 -46.95 9.53
CA ALA H 63 -25.90 -47.89 10.63
C ALA H 63 -27.03 -48.91 10.69
N THR H 64 -26.69 -50.21 10.72
CA THR H 64 -27.69 -51.26 10.85
C THR H 64 -28.12 -51.39 12.30
N ILE H 65 -29.43 -51.42 12.54
CA ILE H 65 -30.00 -51.49 13.88
C ILE H 65 -30.12 -52.95 14.32
N GLY H 66 -29.76 -53.19 15.56
CA GLY H 66 -29.82 -54.52 16.16
C GLY H 66 -29.74 -54.44 17.67
N PRO H 67 -29.48 -55.58 18.32
CA PRO H 67 -29.37 -55.58 19.80
C PRO H 67 -28.36 -54.61 20.39
N ALA H 68 -27.27 -54.30 19.67
CA ALA H 68 -26.28 -53.35 20.17
C ALA H 68 -26.69 -51.88 20.00
N SER H 69 -27.74 -51.59 19.23
CA SER H 69 -28.10 -50.22 18.87
C SER H 69 -29.61 -49.94 18.93
N ARG H 70 -30.37 -50.69 19.73
CA ARG H 70 -31.82 -50.46 19.82
C ARG H 70 -32.22 -49.55 20.96
N SER H 71 -31.37 -49.42 21.98
CA SER H 71 -31.66 -48.59 23.13
C SER H 71 -31.91 -47.13 22.69
N VAL H 72 -32.96 -46.48 23.21
CA VAL H 72 -33.24 -45.09 22.85
C VAL H 72 -32.06 -44.20 23.23
N GLU H 73 -31.46 -44.45 24.39
CA GLU H 73 -30.32 -43.67 24.86
C GLU H 73 -29.07 -43.90 24.00
N ARG H 74 -28.86 -45.15 23.58
CA ARG H 74 -27.71 -45.42 22.71
C ARG H 74 -27.96 -44.76 21.33
N LEU H 75 -29.20 -44.82 20.84
CA LEU H 75 -29.53 -44.21 19.53
C LEU H 75 -29.28 -42.71 19.53
N LYS H 76 -29.49 -42.05 20.68
CA LYS H 76 -29.18 -40.61 20.79
C LYS H 76 -27.67 -40.38 20.62
N GLU H 77 -26.84 -41.27 21.21
CA GLU H 77 -25.39 -41.17 21.04
C GLU H 77 -24.97 -41.43 19.59
N MET H 78 -25.63 -42.38 18.92
CA MET H 78 -25.31 -42.68 17.52
CA MET H 78 -25.31 -42.68 17.52
C MET H 78 -25.68 -41.52 16.59
N ILE H 79 -26.76 -40.80 16.89
CA ILE H 79 -27.18 -39.65 16.09
C ILE H 79 -26.12 -38.55 16.27
N LYS H 80 -25.71 -38.30 17.54
CA LYS H 80 -24.67 -37.31 17.82
C LYS H 80 -23.33 -37.67 17.17
N ALA H 81 -23.00 -38.98 17.11
CA ALA H 81 -21.75 -39.47 16.51
C ALA H 81 -21.72 -39.34 14.98
N GLY H 82 -22.90 -39.28 14.35
CA GLY H 82 -22.95 -39.08 12.91
C GLY H 82 -23.85 -40.00 12.08
N MET H 83 -24.63 -40.89 12.72
CA MET H 83 -25.53 -41.77 11.97
C MET H 83 -26.59 -40.95 11.23
N ASN H 84 -26.73 -41.18 9.92
CA ASN H 84 -27.71 -40.44 9.12
C ASN H 84 -28.88 -41.31 8.69
N ILE H 85 -28.64 -42.61 8.49
CA ILE H 85 -29.67 -43.53 8.04
C ILE H 85 -29.61 -44.78 8.91
N ALA H 86 -30.76 -45.22 9.42
CA ALA H 86 -30.88 -46.42 10.22
C ALA H 86 -31.39 -47.55 9.28
N ARG H 87 -30.63 -48.63 9.17
CA ARG H 87 -30.99 -49.75 8.32
C ARG H 87 -31.63 -50.88 9.15
N LEU H 88 -32.81 -51.34 8.73
CA LEU H 88 -33.52 -52.47 9.35
C LEU H 88 -33.30 -53.66 8.44
N ASN H 89 -32.57 -54.67 8.90
CA ASN H 89 -32.30 -55.85 8.08
C ASN H 89 -33.42 -56.87 8.24
N PHE H 90 -34.32 -56.97 7.25
CA PHE H 90 -35.45 -57.90 7.35
C PHE H 90 -35.06 -59.38 7.10
N SER H 91 -33.76 -59.68 6.95
CA SER H 91 -33.31 -61.09 6.88
C SER H 91 -33.44 -61.75 8.26
N HIS H 92 -33.48 -60.96 9.36
CA HIS H 92 -33.61 -61.46 10.73
C HIS H 92 -34.67 -60.64 11.47
N GLY H 93 -35.28 -61.23 12.49
CA GLY H 93 -36.27 -60.52 13.29
C GLY H 93 -37.67 -60.52 12.72
N SER H 94 -38.67 -60.44 13.58
CA SER H 94 -40.07 -60.44 13.19
C SER H 94 -40.56 -58.99 12.86
N HIS H 95 -41.80 -58.85 12.37
CA HIS H 95 -42.39 -57.52 12.16
C HIS H 95 -42.50 -56.75 13.48
N GLU H 96 -42.79 -57.46 14.59
CA GLU H 96 -42.88 -56.84 15.90
C GLU H 96 -41.53 -56.26 16.32
N TYR H 97 -40.45 -57.01 16.07
CA TYR H 97 -39.11 -56.57 16.40
C TYR H 97 -38.77 -55.28 15.61
N HIS H 98 -39.00 -55.29 14.31
CA HIS H 98 -38.70 -54.13 13.46
C HIS H 98 -39.57 -52.92 13.77
N ALA H 99 -40.84 -53.11 14.16
CA ALA H 99 -41.70 -52.00 14.55
C ALA H 99 -41.14 -51.31 15.80
N GLU H 100 -40.59 -52.10 16.75
CA GLU H 100 -39.97 -51.57 17.97
C GLU H 100 -38.72 -50.79 17.60
N SER H 101 -37.91 -51.31 16.65
CA SER H 101 -36.68 -50.63 16.21
C SER H 101 -37.08 -49.25 15.60
N ILE H 102 -38.12 -49.22 14.77
CA ILE H 102 -38.59 -47.96 14.17
C ILE H 102 -39.04 -46.97 15.23
N ALA H 103 -39.86 -47.45 16.21
CA ALA H 103 -40.35 -46.59 17.29
C ALA H 103 -39.19 -46.01 18.12
N ASN H 104 -38.19 -46.84 18.43
CA ASN H 104 -37.05 -46.40 19.21
C ASN H 104 -36.23 -45.37 18.45
N VAL H 105 -36.01 -45.60 17.13
CA VAL H 105 -35.23 -44.64 16.31
C VAL H 105 -35.97 -43.29 16.30
N ARG H 106 -37.27 -43.32 16.01
CA ARG H 106 -38.08 -42.10 16.00
C ARG H 106 -38.08 -41.37 17.33
N GLU H 107 -38.14 -42.10 18.46
CA GLU H 107 -38.12 -41.46 19.76
C GLU H 107 -36.77 -40.76 19.98
N ALA H 108 -35.66 -41.42 19.63
CA ALA H 108 -34.34 -40.79 19.78
C ALA H 108 -34.20 -39.56 18.85
N VAL H 109 -34.67 -39.65 17.60
CA VAL H 109 -34.56 -38.53 16.64
C VAL H 109 -35.39 -37.34 17.12
N GLU H 110 -36.64 -37.61 17.53
CA GLU H 110 -37.55 -36.54 17.95
C GLU H 110 -37.20 -35.93 19.30
N SER H 111 -36.31 -36.57 20.07
CA SER H 111 -35.86 -36.00 21.34
C SER H 111 -35.08 -34.69 21.14
N PHE H 112 -34.57 -34.44 19.91
CA PHE H 112 -33.84 -33.22 19.58
C PHE H 112 -34.74 -32.17 18.85
N ALA H 113 -36.00 -32.48 18.57
CA ALA H 113 -36.91 -31.58 17.83
C ALA H 113 -37.23 -30.26 18.54
N GLY H 114 -37.03 -30.21 19.85
CA GLY H 114 -37.27 -29.02 20.66
C GLY H 114 -36.30 -27.89 20.38
N SER H 115 -35.16 -28.20 19.73
CA SER H 115 -34.20 -27.20 19.28
C SER H 115 -34.09 -27.32 17.74
N PRO H 116 -34.98 -26.64 17.02
CA PRO H 116 -35.00 -26.76 15.56
C PRO H 116 -33.73 -26.40 14.80
N LEU H 117 -32.88 -25.50 15.34
CA LEU H 117 -31.66 -25.10 14.64
C LEU H 117 -30.59 -26.19 14.64
N SER H 118 -30.70 -27.20 15.51
CA SER H 118 -29.70 -28.27 15.56
C SER H 118 -30.31 -29.68 15.30
N TYR H 119 -31.63 -29.78 15.09
CA TYR H 119 -32.33 -31.05 14.84
C TYR H 119 -31.77 -31.75 13.60
N ARG H 120 -31.41 -33.03 13.74
CA ARG H 120 -30.89 -33.79 12.62
C ARG H 120 -31.88 -34.85 12.18
N PRO H 121 -32.39 -34.73 10.94
CA PRO H 121 -33.23 -35.80 10.40
C PRO H 121 -32.44 -37.12 10.28
N VAL H 122 -33.11 -38.26 10.47
CA VAL H 122 -32.49 -39.59 10.30
C VAL H 122 -33.45 -40.45 9.48
N ALA H 123 -32.99 -40.98 8.35
CA ALA H 123 -33.83 -41.80 7.49
C ALA H 123 -33.96 -43.22 8.04
N ILE H 124 -35.05 -43.91 7.67
CA ILE H 124 -35.24 -45.30 8.03
C ILE H 124 -35.31 -46.11 6.73
N ALA H 125 -34.40 -47.07 6.59
CA ALA H 125 -34.31 -47.88 5.39
C ALA H 125 -34.63 -49.34 5.70
N LEU H 126 -35.45 -49.96 4.85
CA LEU H 126 -35.84 -51.36 5.02
C LEU H 126 -35.05 -52.18 4.03
N ASP H 127 -34.23 -53.10 4.52
CA ASP H 127 -33.42 -53.95 3.67
C ASP H 127 -34.11 -55.33 3.57
N THR H 128 -34.56 -55.71 2.38
CA THR H 128 -35.34 -56.93 2.21
C THR H 128 -34.53 -58.24 2.35
N LYS H 129 -35.24 -59.32 2.71
CA LYS H 129 -34.64 -60.65 2.83
C LYS H 129 -34.16 -61.14 1.47
N GLY H 130 -34.95 -60.91 0.44
CA GLY H 130 -34.57 -61.30 -0.90
C GLY H 130 -35.36 -62.45 -1.50
N PRO H 131 -35.05 -62.79 -2.76
CA PRO H 131 -35.81 -63.83 -3.46
C PRO H 131 -35.49 -65.26 -3.09
N GLY H 132 -34.36 -65.49 -2.41
CA GLY H 132 -33.92 -66.83 -2.04
C GLY H 132 -33.67 -67.67 -3.28
N SER H 133 -34.27 -68.87 -3.33
CA SER H 133 -34.16 -69.73 -4.51
C SER H 133 -35.23 -69.45 -5.58
N GLY H 134 -36.06 -68.42 -5.38
CA GLY H 134 -37.10 -68.06 -6.33
C GLY H 134 -36.62 -67.18 -7.46
N PRO H 135 -37.42 -67.08 -8.53
CA PRO H 135 -37.00 -66.29 -9.69
C PRO H 135 -37.23 -64.78 -9.58
N GLY H 136 -38.08 -64.35 -8.66
CA GLY H 136 -38.43 -62.94 -8.49
C GLY H 136 -38.89 -62.60 -7.08
N LEU H 137 -39.83 -61.63 -6.96
CA LEU H 137 -40.31 -61.17 -5.66
C LEU H 137 -40.96 -62.26 -4.82
N SER H 138 -40.37 -62.56 -3.66
CA SER H 138 -40.87 -63.58 -2.75
C SER H 138 -42.12 -63.10 -2.00
N GLU H 139 -42.90 -64.04 -1.45
CA GLU H 139 -44.08 -63.73 -0.68
C GLU H 139 -43.73 -63.00 0.61
N GLN H 140 -42.60 -63.36 1.24
CA GLN H 140 -42.16 -62.67 2.46
C GLN H 140 -41.82 -61.22 2.14
N ASP H 141 -41.15 -60.96 1.01
CA ASP H 141 -40.81 -59.60 0.60
C ASP H 141 -42.06 -58.77 0.34
N VAL H 142 -43.12 -59.36 -0.25
CA VAL H 142 -44.40 -58.65 -0.45
C VAL H 142 -44.96 -58.18 0.90
N ARG H 143 -44.96 -59.06 1.91
CA ARG H 143 -45.45 -58.72 3.24
C ARG H 143 -44.56 -57.69 3.95
N ASP H 144 -43.23 -57.81 3.81
CA ASP H 144 -42.30 -56.89 4.45
C ASP H 144 -42.39 -55.50 3.81
N LEU H 145 -42.56 -55.43 2.48
CA LEU H 145 -42.71 -54.15 1.79
C LEU H 145 -44.02 -53.47 2.18
N ARG H 146 -45.09 -54.24 2.39
CA ARG H 146 -46.35 -53.70 2.85
C ARG H 146 -46.17 -53.12 4.27
N PHE H 147 -45.43 -53.84 5.14
CA PHE H 147 -45.11 -53.38 6.49
C PHE H 147 -44.36 -52.03 6.41
N GLY H 148 -43.39 -51.94 5.49
CA GLY H 148 -42.61 -50.73 5.29
C GLY H 148 -43.46 -49.51 4.96
N VAL H 149 -44.41 -49.68 4.03
CA VAL H 149 -45.32 -48.60 3.66
C VAL H 149 -46.18 -48.19 4.86
N GLU H 150 -46.74 -49.19 5.56
CA GLU H 150 -47.60 -48.91 6.72
C GLU H 150 -46.85 -48.22 7.85
N HIS H 151 -45.54 -48.49 7.98
CA HIS H 151 -44.76 -47.86 9.03
C HIS H 151 -43.97 -46.61 8.56
N GLY H 152 -44.19 -46.17 7.33
CA GLY H 152 -43.60 -44.95 6.80
C GLY H 152 -42.09 -44.95 6.59
N VAL H 153 -41.52 -46.08 6.15
CA VAL H 153 -40.07 -46.12 5.87
C VAL H 153 -39.75 -45.17 4.70
N ASP H 154 -38.52 -44.64 4.67
CA ASP H 154 -38.11 -43.69 3.63
C ASP H 154 -37.48 -44.33 2.43
N ILE H 155 -36.78 -45.46 2.64
CA ILE H 155 -35.99 -46.10 1.61
C ILE H 155 -36.14 -47.61 1.70
N VAL H 156 -36.04 -48.29 0.56
CA VAL H 156 -35.99 -49.73 0.52
C VAL H 156 -34.63 -50.08 -0.10
N PHE H 157 -33.85 -50.95 0.54
CA PHE H 157 -32.64 -51.51 -0.03
C PHE H 157 -33.11 -52.89 -0.51
N ALA H 158 -33.38 -53.03 -1.82
CA ALA H 158 -33.93 -54.26 -2.39
C ALA H 158 -32.82 -55.30 -2.66
N SER H 159 -32.86 -56.41 -1.96
CA SER H 159 -31.84 -57.45 -2.08
C SER H 159 -31.89 -58.23 -3.39
N PHE H 160 -30.70 -58.65 -3.85
CA PHE H 160 -30.48 -59.46 -5.04
C PHE H 160 -31.24 -59.00 -6.28
N VAL H 161 -31.12 -57.69 -6.62
CA VAL H 161 -31.76 -57.19 -7.83
C VAL H 161 -30.95 -57.69 -9.03
N ARG H 162 -31.60 -58.40 -9.95
CA ARG H 162 -30.91 -59.00 -11.11
C ARG H 162 -31.32 -58.42 -12.46
N LYS H 163 -32.43 -57.67 -12.51
CA LYS H 163 -32.96 -57.12 -13.75
C LYS H 163 -33.96 -56.00 -13.44
N ALA H 164 -34.33 -55.21 -14.46
CA ALA H 164 -35.27 -54.11 -14.31
C ALA H 164 -36.64 -54.55 -13.78
N SER H 165 -37.14 -55.75 -14.20
CA SER H 165 -38.43 -56.23 -13.73
C SER H 165 -38.47 -56.53 -12.22
N ASP H 166 -37.31 -56.79 -11.61
CA ASP H 166 -37.24 -56.98 -10.16
C ASP H 166 -37.59 -55.64 -9.46
N VAL H 167 -37.11 -54.52 -10.02
CA VAL H 167 -37.37 -53.19 -9.46
C VAL H 167 -38.84 -52.85 -9.62
N ALA H 168 -39.42 -53.15 -10.80
CA ALA H 168 -40.84 -52.90 -11.04
C ALA H 168 -41.71 -53.67 -10.04
N ALA H 169 -41.34 -54.92 -9.73
CA ALA H 169 -42.08 -55.74 -8.77
C ALA H 169 -42.03 -55.15 -7.36
N VAL H 170 -40.87 -54.60 -6.95
CA VAL H 170 -40.74 -53.96 -5.64
C VAL H 170 -41.63 -52.73 -5.58
N ARG H 171 -41.59 -51.91 -6.64
N ARG H 171 -41.59 -51.91 -6.64
CA ARG H 171 -42.38 -50.70 -6.77
CA ARG H 171 -42.40 -50.70 -6.76
C ARG H 171 -43.89 -51.04 -6.69
C ARG H 171 -43.89 -51.04 -6.68
N ALA H 172 -44.33 -52.09 -7.40
CA ALA H 172 -45.74 -52.51 -7.37
C ALA H 172 -46.15 -52.97 -5.97
N ALA H 173 -45.27 -53.71 -5.26
CA ALA H 173 -45.54 -54.18 -3.90
C ALA H 173 -45.64 -53.03 -2.88
N LEU H 174 -45.01 -51.88 -3.16
CA LEU H 174 -45.12 -50.72 -2.28
C LEU H 174 -46.52 -50.02 -2.43
N GLY H 175 -47.24 -50.32 -3.50
CA GLY H 175 -48.60 -49.82 -3.74
C GLY H 175 -48.72 -48.36 -4.06
N PRO H 176 -49.96 -47.86 -4.12
CA PRO H 176 -50.16 -46.43 -4.42
C PRO H 176 -49.73 -45.50 -3.29
N GLU H 177 -49.74 -45.97 -2.05
CA GLU H 177 -49.32 -45.15 -0.91
C GLU H 177 -47.79 -45.07 -0.71
N GLY H 178 -47.02 -45.89 -1.42
CA GLY H 178 -45.56 -45.89 -1.29
C GLY H 178 -44.81 -45.35 -2.48
N HIS H 179 -45.44 -44.47 -3.28
CA HIS H 179 -44.82 -43.87 -4.48
CA HIS H 179 -44.80 -43.89 -4.47
C HIS H 179 -43.58 -43.02 -4.16
N GLY H 180 -43.56 -42.41 -2.97
CA GLY H 180 -42.47 -41.53 -2.57
C GLY H 180 -41.27 -42.22 -1.93
N ILE H 181 -41.37 -43.52 -1.66
CA ILE H 181 -40.25 -44.29 -1.08
C ILE H 181 -39.14 -44.49 -2.13
N LYS H 182 -37.89 -44.27 -1.74
CA LYS H 182 -36.77 -44.42 -2.67
C LYS H 182 -36.37 -45.90 -2.75
N ILE H 183 -36.13 -46.41 -3.94
CA ILE H 183 -35.70 -47.81 -4.10
C ILE H 183 -34.22 -47.84 -4.48
N ILE H 184 -33.39 -48.39 -3.59
CA ILE H 184 -31.96 -48.54 -3.82
C ILE H 184 -31.76 -50.03 -4.12
N SER H 185 -31.35 -50.34 -5.35
CA SER H 185 -31.17 -51.74 -5.74
C SER H 185 -29.82 -52.28 -5.28
N LYS H 186 -29.83 -53.42 -4.57
CA LYS H 186 -28.59 -54.05 -4.13
C LYS H 186 -28.08 -54.98 -5.24
N ILE H 187 -26.83 -54.77 -5.67
CA ILE H 187 -26.18 -55.58 -6.69
C ILE H 187 -25.33 -56.57 -5.94
N GLU H 188 -25.70 -57.85 -6.01
CA GLU H 188 -25.06 -58.88 -5.19
C GLU H 188 -24.56 -60.09 -5.95
N ASN H 189 -24.72 -60.12 -7.27
CA ASN H 189 -24.28 -61.28 -8.05
C ASN H 189 -23.86 -60.91 -9.48
N HIS H 190 -23.38 -61.89 -10.25
CA HIS H 190 -22.90 -61.63 -11.60
C HIS H 190 -23.99 -61.04 -12.50
N GLU H 191 -25.22 -61.56 -12.43
CA GLU H 191 -26.31 -61.05 -13.28
C GLU H 191 -26.63 -59.58 -13.01
N GLY H 192 -26.64 -59.19 -11.74
CA GLY H 192 -26.89 -57.80 -11.35
C GLY H 192 -25.83 -56.88 -11.93
N VAL H 193 -24.55 -57.31 -11.92
CA VAL H 193 -23.46 -56.52 -12.49
C VAL H 193 -23.62 -56.41 -14.02
N LYS H 194 -23.92 -57.53 -14.70
CA LYS H 194 -24.06 -57.51 -16.15
C LYS H 194 -25.28 -56.73 -16.64
N ARG H 195 -26.39 -56.76 -15.88
CA ARG H 195 -27.57 -55.98 -16.23
C ARG H 195 -27.64 -54.65 -15.45
N PHE H 196 -26.50 -54.15 -14.98
CA PHE H 196 -26.43 -52.93 -14.19
C PHE H 196 -27.12 -51.73 -14.83
N ASP H 197 -26.86 -51.44 -16.12
CA ASP H 197 -27.43 -50.27 -16.76
C ASP H 197 -28.96 -50.25 -16.74
N GLU H 198 -29.59 -51.39 -17.03
CA GLU H 198 -31.05 -51.45 -17.01
C GLU H 198 -31.62 -51.33 -15.59
N ILE H 199 -30.87 -51.84 -14.59
CA ILE H 199 -31.30 -51.76 -13.19
C ILE H 199 -31.20 -50.30 -12.71
N LEU H 200 -30.06 -49.64 -12.97
CA LEU H 200 -29.85 -48.25 -12.53
C LEU H 200 -30.89 -47.31 -13.13
N GLU H 201 -31.23 -47.52 -14.42
CA GLU H 201 -32.21 -46.71 -15.14
C GLU H 201 -33.55 -46.60 -14.42
N VAL H 202 -34.02 -47.70 -13.81
CA VAL H 202 -35.31 -47.70 -13.12
C VAL H 202 -35.22 -47.59 -11.60
N SER H 203 -34.01 -47.55 -11.03
CA SER H 203 -33.83 -47.45 -9.57
C SER H 203 -33.54 -46.02 -9.17
N ASP H 204 -33.72 -45.69 -7.89
CA ASP H 204 -33.32 -44.37 -7.38
C ASP H 204 -31.79 -44.33 -7.09
N GLY H 205 -31.18 -45.49 -6.91
CA GLY H 205 -29.77 -45.60 -6.59
C GLY H 205 -29.36 -47.06 -6.44
N ILE H 206 -28.10 -47.27 -6.04
CA ILE H 206 -27.54 -48.62 -5.96
C ILE H 206 -26.78 -48.86 -4.66
N MET H 207 -26.76 -50.12 -4.21
CA MET H 207 -25.90 -50.51 -3.11
C MET H 207 -24.94 -51.58 -3.65
N VAL H 208 -23.64 -51.39 -3.44
CA VAL H 208 -22.63 -52.38 -3.79
C VAL H 208 -22.61 -53.32 -2.57
N ALA H 209 -23.34 -54.43 -2.65
CA ALA H 209 -23.51 -55.35 -1.52
C ALA H 209 -22.38 -56.35 -1.57
N ARG H 210 -21.22 -55.95 -1.03
CA ARG H 210 -19.98 -56.71 -1.18
C ARG H 210 -19.95 -58.09 -0.53
N GLY H 211 -20.77 -58.32 0.50
CA GLY H 211 -20.83 -59.62 1.19
C GLY H 211 -21.19 -60.74 0.23
N ASP H 212 -22.40 -60.69 -0.32
CA ASP H 212 -22.85 -61.68 -1.30
C ASP H 212 -22.08 -61.56 -2.61
N LEU H 213 -21.76 -60.33 -3.05
CA LEU H 213 -21.00 -60.16 -4.29
C LEU H 213 -19.65 -60.92 -4.25
N GLY H 214 -18.98 -60.87 -3.10
CA GLY H 214 -17.70 -61.53 -2.86
C GLY H 214 -17.74 -63.05 -2.80
N ILE H 215 -18.97 -63.63 -2.74
CA ILE H 215 -19.15 -65.06 -2.77
C ILE H 215 -19.74 -65.51 -4.14
N GLU H 216 -20.46 -64.62 -4.83
CA GLU H 216 -21.05 -64.87 -6.13
C GLU H 216 -20.05 -64.73 -7.26
N ILE H 217 -19.08 -63.81 -7.12
CA ILE H 217 -18.01 -63.62 -8.10
C ILE H 217 -16.65 -63.80 -7.34
N PRO H 218 -15.52 -64.00 -8.04
CA PRO H 218 -14.24 -64.14 -7.33
C PRO H 218 -13.97 -62.93 -6.40
N ALA H 219 -13.52 -63.18 -5.18
CA ALA H 219 -13.28 -62.14 -4.18
C ALA H 219 -12.34 -61.04 -4.70
N GLU H 220 -11.37 -61.43 -5.52
CA GLU H 220 -10.38 -60.51 -6.10
C GLU H 220 -10.97 -59.61 -7.20
N LYS H 221 -12.23 -59.81 -7.60
CA LYS H 221 -12.85 -58.96 -8.64
C LYS H 221 -13.85 -57.93 -8.05
N VAL H 222 -14.20 -58.04 -6.75
CA VAL H 222 -15.19 -57.15 -6.14
C VAL H 222 -14.81 -55.68 -6.28
N PHE H 223 -13.53 -55.33 -6.10
CA PHE H 223 -13.12 -53.93 -6.23
C PHE H 223 -13.43 -53.35 -7.63
N LEU H 224 -13.36 -54.18 -8.69
CA LEU H 224 -13.66 -53.73 -10.06
C LEU H 224 -15.15 -53.42 -10.18
N ALA H 225 -16.00 -54.29 -9.62
CA ALA H 225 -17.45 -54.09 -9.66
C ALA H 225 -17.80 -52.84 -8.84
N GLN H 226 -17.17 -52.67 -7.66
CA GLN H 226 -17.42 -51.51 -6.81
C GLN H 226 -17.06 -50.21 -7.56
N LYS H 227 -15.83 -50.13 -8.10
CA LYS H 227 -15.36 -48.93 -8.78
C LYS H 227 -16.20 -48.60 -10.03
N MET H 228 -16.60 -49.63 -10.80
CA MET H 228 -17.44 -49.44 -11.99
C MET H 228 -18.83 -48.90 -11.60
N MET H 229 -19.48 -49.53 -10.60
CA MET H 229 -20.82 -49.12 -10.20
C MET H 229 -20.83 -47.71 -9.62
N ILE H 230 -19.80 -47.37 -8.82
CA ILE H 230 -19.71 -46.02 -8.28
C ILE H 230 -19.52 -45.00 -9.41
N GLY H 231 -18.63 -45.29 -10.37
CA GLY H 231 -18.42 -44.41 -11.53
C GLY H 231 -19.69 -44.20 -12.33
N ARG H 232 -20.43 -45.30 -12.61
CA ARG H 232 -21.68 -45.18 -13.38
C ARG H 232 -22.78 -44.42 -12.62
N CYS H 233 -22.87 -44.61 -11.29
CA CYS H 233 -23.84 -43.88 -10.49
C CYS H 233 -23.48 -42.41 -10.44
N ASN H 234 -22.18 -42.08 -10.32
CA ASN H 234 -21.72 -40.68 -10.31
C ASN H 234 -22.08 -40.03 -11.66
N LEU H 235 -21.87 -40.76 -12.75
CA LEU H 235 -22.18 -40.26 -14.11
C LEU H 235 -23.70 -40.00 -14.23
N ALA H 236 -24.52 -40.91 -13.70
CA ALA H 236 -25.98 -40.77 -13.72
C ALA H 236 -26.55 -39.77 -12.70
N GLY H 237 -25.74 -39.34 -11.74
CA GLY H 237 -26.21 -38.43 -10.70
C GLY H 237 -27.17 -39.10 -9.73
N LYS H 238 -27.01 -40.42 -9.51
CA LYS H 238 -27.85 -41.18 -8.60
C LYS H 238 -27.02 -41.74 -7.43
N PRO H 239 -27.60 -41.77 -6.22
CA PRO H 239 -26.82 -42.23 -5.05
C PRO H 239 -26.29 -43.65 -5.11
N VAL H 240 -25.08 -43.85 -4.59
CA VAL H 240 -24.47 -45.17 -4.54
C VAL H 240 -23.92 -45.40 -3.12
N VAL H 241 -24.18 -46.59 -2.58
CA VAL H 241 -23.76 -46.96 -1.23
C VAL H 241 -22.67 -48.03 -1.29
N CYS H 242 -21.59 -47.88 -0.51
CA CYS H 242 -20.59 -48.95 -0.40
C CYS H 242 -20.92 -49.68 0.91
N ALA H 243 -21.04 -51.02 0.86
CA ALA H 243 -21.45 -51.77 2.03
C ALA H 243 -20.61 -53.00 2.32
N THR H 244 -20.61 -53.44 3.61
CA THR H 244 -20.18 -54.74 4.16
C THR H 244 -18.69 -54.88 4.44
N GLN H 245 -18.40 -55.20 5.73
CA GLN H 245 -17.08 -55.48 6.31
C GLN H 245 -16.12 -54.30 6.24
N MET H 246 -16.66 -53.06 6.15
CA MET H 246 -15.80 -51.88 6.07
C MET H 246 -14.95 -51.71 7.33
N LEU H 247 -15.52 -51.96 8.51
CA LEU H 247 -14.78 -51.85 9.79
C LEU H 247 -15.05 -53.14 10.59
N GLU H 248 -15.07 -54.31 9.91
CA GLU H 248 -15.41 -55.60 10.52
C GLU H 248 -14.78 -55.92 11.89
N SER H 249 -13.48 -55.71 12.03
CA SER H 249 -12.78 -56.02 13.28
C SER H 249 -13.31 -55.22 14.48
N MET H 250 -13.99 -54.06 14.24
CA MET H 250 -14.56 -53.27 15.34
C MET H 250 -15.83 -53.90 15.96
N ILE H 251 -16.27 -55.06 15.45
CA ILE H 251 -17.36 -55.80 16.12
C ILE H 251 -16.84 -56.26 17.53
N THR H 252 -15.53 -56.59 17.63
CA THR H 252 -14.91 -57.12 18.84
C THR H 252 -13.79 -56.26 19.37
N LYS H 253 -13.17 -55.42 18.53
CA LYS H 253 -12.03 -54.61 18.97
C LYS H 253 -12.28 -53.09 18.95
N PRO H 254 -11.63 -52.34 19.85
CA PRO H 254 -11.86 -50.89 19.91
C PRO H 254 -11.35 -50.07 18.71
N ARG H 255 -10.34 -50.58 17.98
CA ARG H 255 -9.74 -49.86 16.85
C ARG H 255 -9.70 -50.77 15.62
N PRO H 256 -9.88 -50.19 14.43
CA PRO H 256 -9.93 -51.02 13.22
C PRO H 256 -8.55 -51.38 12.68
N THR H 257 -8.50 -52.27 11.67
CA THR H 257 -7.21 -52.62 11.06
C THR H 257 -6.79 -51.54 10.05
N ARG H 258 -5.53 -51.59 9.57
CA ARG H 258 -5.05 -50.64 8.57
C ARG H 258 -5.78 -50.82 7.23
N ALA H 259 -6.20 -52.07 6.90
CA ALA H 259 -6.95 -52.31 5.67
C ALA H 259 -8.38 -51.72 5.74
N GLU H 260 -8.98 -51.76 6.93
CA GLU H 260 -10.32 -51.24 7.14
C GLU H 260 -10.40 -49.71 7.02
N THR H 261 -9.42 -48.99 7.60
CA THR H 261 -9.43 -47.52 7.45
C THR H 261 -9.19 -47.14 6.00
N SER H 262 -8.29 -47.87 5.32
CA SER H 262 -7.99 -47.67 3.92
C SER H 262 -9.27 -47.91 3.07
N ASP H 263 -10.02 -48.98 3.35
CA ASP H 263 -11.24 -49.31 2.62
C ASP H 263 -12.28 -48.18 2.72
N VAL H 264 -12.47 -47.62 3.92
CA VAL H 264 -13.43 -46.52 4.11
C VAL H 264 -12.95 -45.28 3.31
N ALA H 265 -11.67 -44.91 3.46
CA ALA H 265 -11.13 -43.75 2.72
C ALA H 265 -11.26 -43.93 1.20
N ASN H 266 -10.92 -45.13 0.71
CA ASN H 266 -11.01 -45.40 -0.73
C ASN H 266 -12.43 -45.47 -1.26
N ALA H 267 -13.41 -45.85 -0.43
CA ALA H 267 -14.83 -45.84 -0.89
C ALA H 267 -15.24 -44.35 -1.14
N VAL H 268 -14.82 -43.44 -0.25
CA VAL H 268 -15.10 -42.02 -0.43
C VAL H 268 -14.38 -41.48 -1.66
N LEU H 269 -13.08 -41.80 -1.81
CA LEU H 269 -12.31 -41.33 -2.96
C LEU H 269 -12.82 -41.93 -4.27
N ASP H 270 -13.42 -43.14 -4.24
CA ASP H 270 -14.01 -43.75 -5.44
C ASP H 270 -15.23 -42.90 -5.92
N GLY H 271 -15.96 -42.31 -4.97
CA GLY H 271 -17.13 -41.47 -5.24
C GLY H 271 -18.41 -41.93 -4.56
N ALA H 272 -18.32 -42.81 -3.53
CA ALA H 272 -19.52 -43.30 -2.86
C ALA H 272 -20.26 -42.15 -2.17
N ASP H 273 -21.59 -42.14 -2.31
CA ASP H 273 -22.40 -41.15 -1.60
C ASP H 273 -22.56 -41.55 -0.13
N CYS H 274 -22.70 -42.86 0.14
CA CYS H 274 -22.92 -43.38 1.50
C CYS H 274 -21.97 -44.52 1.78
N ILE H 275 -21.65 -44.69 3.06
CA ILE H 275 -20.87 -45.84 3.54
C ILE H 275 -21.73 -46.52 4.62
N MET H 276 -21.53 -47.84 4.82
CA MET H 276 -22.42 -48.58 5.70
C MET H 276 -21.69 -49.40 6.78
N LEU H 277 -22.40 -49.64 7.88
CA LEU H 277 -21.97 -50.48 8.97
C LEU H 277 -23.09 -51.52 9.17
N SER H 278 -22.71 -52.79 9.32
CA SER H 278 -23.66 -53.87 9.49
C SER H 278 -23.50 -54.44 10.89
N GLY H 279 -22.74 -55.53 11.07
CA GLY H 279 -22.51 -56.09 12.40
C GLY H 279 -21.85 -55.12 13.35
N GLU H 280 -21.05 -54.17 12.82
CA GLU H 280 -20.35 -53.15 13.61
C GLU H 280 -21.29 -52.32 14.46
N THR H 281 -22.53 -52.08 13.99
CA THR H 281 -23.51 -51.35 14.79
C THR H 281 -24.67 -52.23 15.25
N ALA H 282 -24.99 -53.31 14.51
CA ALA H 282 -26.12 -54.17 14.86
C ALA H 282 -25.84 -55.05 16.06
N LYS H 283 -24.65 -55.64 16.17
CA LYS H 283 -24.40 -56.59 17.24
C LYS H 283 -23.11 -56.46 17.99
N GLY H 284 -22.21 -55.63 17.52
CA GLY H 284 -20.88 -55.52 18.10
C GLY H 284 -20.80 -54.77 19.42
N ASN H 285 -19.60 -54.75 19.98
CA ASN H 285 -19.36 -54.08 21.24
C ASN H 285 -18.99 -52.60 21.11
N PHE H 286 -18.79 -52.08 19.88
CA PHE H 286 -18.38 -50.67 19.69
C PHE H 286 -19.26 -49.93 18.65
N PRO H 287 -20.60 -49.98 18.77
CA PRO H 287 -21.45 -49.33 17.74
C PRO H 287 -21.22 -47.84 17.59
N VAL H 288 -21.08 -47.11 18.71
CA VAL H 288 -20.86 -45.66 18.64
C VAL H 288 -19.47 -45.35 18.10
N GLU H 289 -18.45 -46.10 18.55
CA GLU H 289 -17.07 -45.89 18.11
C GLU H 289 -16.91 -46.20 16.61
N ALA H 290 -17.69 -47.16 16.07
CA ALA H 290 -17.62 -47.51 14.65
C ALA H 290 -18.17 -46.34 13.81
N VAL H 291 -19.26 -45.72 14.27
CA VAL H 291 -19.85 -44.55 13.61
C VAL H 291 -18.83 -43.39 13.67
N LYS H 292 -18.22 -43.16 14.85
CA LYS H 292 -17.20 -42.11 14.99
C LYS H 292 -16.00 -42.33 14.08
N MET H 293 -15.58 -43.58 13.89
CA MET H 293 -14.43 -43.89 13.04
C MET H 293 -14.77 -43.63 11.57
N GLN H 294 -15.98 -44.03 11.09
CA GLN H 294 -16.37 -43.75 9.70
C GLN H 294 -16.46 -42.24 9.49
N HIS H 295 -16.99 -41.51 10.49
CA HIS H 295 -17.06 -40.04 10.41
C HIS H 295 -15.65 -39.44 10.25
N ALA H 296 -14.71 -39.84 11.12
CA ALA H 296 -13.35 -39.30 11.09
C ALA H 296 -12.63 -39.58 9.77
N ILE H 297 -12.72 -40.83 9.26
CA ILE H 297 -12.05 -41.18 8.01
C ILE H 297 -12.69 -40.45 6.83
N ALA H 298 -14.03 -40.44 6.75
CA ALA H 298 -14.73 -39.78 5.65
C ALA H 298 -14.37 -38.30 5.53
N ARG H 299 -14.26 -37.58 6.66
CA ARG H 299 -13.90 -36.16 6.64
C ARG H 299 -12.50 -35.97 6.06
N GLU H 300 -11.55 -36.84 6.43
CA GLU H 300 -10.19 -36.72 5.92
C GLU H 300 -10.16 -37.01 4.42
N ALA H 301 -10.86 -38.07 3.98
CA ALA H 301 -10.88 -38.47 2.58
C ALA H 301 -11.58 -37.46 1.69
N GLU H 302 -12.65 -36.82 2.19
CA GLU H 302 -13.37 -35.80 1.42
C GLU H 302 -12.47 -34.59 1.12
N ALA H 303 -11.64 -34.19 2.07
CA ALA H 303 -10.70 -33.08 1.83
C ALA H 303 -9.63 -33.45 0.80
N ALA H 304 -9.27 -34.74 0.71
CA ALA H 304 -8.27 -35.26 -0.23
C ALA H 304 -8.80 -35.50 -1.65
N VAL H 305 -10.10 -35.25 -1.89
CA VAL H 305 -10.67 -35.42 -3.23
C VAL H 305 -10.01 -34.38 -4.18
N TYR H 306 -9.65 -34.79 -5.39
CA TYR H 306 -9.02 -33.88 -6.35
C TYR H 306 -10.11 -33.22 -7.18
N HIS H 307 -10.80 -32.21 -6.59
CA HIS H 307 -11.92 -31.54 -7.25
C HIS H 307 -11.59 -30.96 -8.60
N ARG H 308 -10.34 -30.51 -8.82
CA ARG H 308 -9.95 -29.93 -10.11
C ARG H 308 -10.26 -30.87 -11.29
N GLN H 309 -9.86 -32.15 -11.19
CA GLN H 309 -10.16 -33.10 -12.26
C GLN H 309 -11.58 -33.65 -12.14
N LEU H 310 -12.03 -33.95 -10.91
CA LEU H 310 -13.38 -34.49 -10.71
C LEU H 310 -14.48 -33.58 -11.30
N PHE H 311 -14.44 -32.28 -10.97
CA PHE H 311 -15.44 -31.34 -11.47
C PHE H 311 -15.37 -31.22 -12.99
N GLU H 312 -14.15 -31.16 -13.55
CA GLU H 312 -13.94 -31.08 -15.00
C GLU H 312 -14.55 -32.31 -15.70
N GLU H 313 -14.33 -33.52 -15.15
CA GLU H 313 -14.86 -34.73 -15.76
C GLU H 313 -16.37 -34.86 -15.61
N LEU H 314 -16.92 -34.47 -14.46
CA LEU H 314 -18.38 -34.53 -14.24
C LEU H 314 -19.07 -33.54 -15.19
N ARG H 315 -18.49 -32.33 -15.38
CA ARG H 315 -19.13 -31.36 -16.27
C ARG H 315 -19.01 -31.80 -17.72
N ARG H 316 -17.86 -32.36 -18.12
CA ARG H 316 -17.68 -32.84 -19.49
C ARG H 316 -18.55 -34.05 -19.82
N ALA H 317 -18.78 -34.94 -18.86
CA ALA H 317 -19.58 -36.13 -19.08
C ALA H 317 -21.08 -35.88 -19.02
N ALA H 318 -21.51 -34.91 -18.20
CA ALA H 318 -22.93 -34.61 -18.08
C ALA H 318 -23.41 -33.99 -19.38
N PRO H 319 -24.49 -34.53 -19.96
CA PRO H 319 -24.98 -33.97 -21.23
C PRO H 319 -25.50 -32.55 -21.09
N LEU H 320 -25.63 -31.84 -22.23
CA LEU H 320 -26.23 -30.50 -22.24
C LEU H 320 -27.67 -30.62 -21.73
N SER H 321 -28.16 -29.61 -21.01
CA SER H 321 -29.50 -29.70 -20.46
C SER H 321 -30.27 -28.43 -20.63
N ARG H 322 -31.56 -28.55 -20.87
CA ARG H 322 -32.45 -27.40 -20.94
C ARG H 322 -33.33 -27.32 -19.66
N ASP H 323 -33.05 -28.12 -18.63
CA ASP H 323 -33.81 -28.09 -17.40
C ASP H 323 -33.22 -26.97 -16.52
N PRO H 324 -34.01 -25.96 -16.16
CA PRO H 324 -33.46 -24.85 -15.36
C PRO H 324 -32.87 -25.27 -14.01
N THR H 325 -33.39 -26.33 -13.36
CA THR H 325 -32.83 -26.77 -12.08
C THR H 325 -31.39 -27.27 -12.31
N GLU H 326 -31.19 -28.07 -13.36
CA GLU H 326 -29.88 -28.62 -13.73
C GLU H 326 -28.91 -27.49 -14.10
N VAL H 327 -29.40 -26.51 -14.88
CA VAL H 327 -28.58 -25.39 -15.32
C VAL H 327 -28.17 -24.52 -14.12
N THR H 328 -29.12 -24.22 -13.23
CA THR H 328 -28.84 -23.42 -12.03
C THR H 328 -27.84 -24.17 -11.12
N ALA H 329 -28.00 -25.49 -10.98
CA ALA H 329 -27.09 -26.29 -10.15
C ALA H 329 -25.62 -26.19 -10.59
N ILE H 330 -25.33 -26.34 -11.90
CA ILE H 330 -23.93 -26.25 -12.35
C ILE H 330 -23.38 -24.82 -12.18
N GLY H 331 -24.22 -23.82 -12.40
CA GLY H 331 -23.81 -22.42 -12.20
C GLY H 331 -23.49 -22.15 -10.74
N ALA H 332 -24.31 -22.69 -9.83
CA ALA H 332 -24.12 -22.52 -8.39
C ALA H 332 -22.83 -23.22 -7.91
N VAL H 333 -22.56 -24.43 -8.42
CA VAL H 333 -21.35 -25.16 -8.01
C VAL H 333 -20.09 -24.45 -8.54
N GLU H 334 -20.16 -23.91 -9.77
CA GLU H 334 -19.06 -23.14 -10.34
C GLU H 334 -18.82 -21.88 -9.51
N ALA H 335 -19.88 -21.18 -9.14
CA ALA H 335 -19.77 -19.97 -8.31
C ALA H 335 -19.17 -20.31 -6.95
N ALA H 336 -19.62 -21.44 -6.33
CA ALA H 336 -19.10 -21.86 -5.01
C ALA H 336 -17.58 -22.11 -5.06
N PHE H 337 -17.10 -22.78 -6.11
CA PHE H 337 -15.66 -23.04 -6.27
C PHE H 337 -14.87 -21.73 -6.44
N LYS H 338 -15.44 -20.78 -7.18
CA LYS H 338 -14.77 -19.50 -7.47
C LYS H 338 -14.45 -18.68 -6.21
N CYS H 339 -15.35 -18.71 -5.24
CA CYS H 339 -15.20 -17.90 -4.03
C CYS H 339 -14.89 -18.70 -2.79
N CYS H 340 -14.65 -20.02 -2.88
CA CYS H 340 -14.44 -20.88 -1.70
C CYS H 340 -15.64 -20.77 -0.76
N ALA H 341 -16.88 -20.78 -1.33
CA ALA H 341 -18.08 -20.62 -0.53
C ALA H 341 -18.16 -21.64 0.61
N ALA H 342 -18.57 -21.20 1.81
CA ALA H 342 -18.69 -22.12 2.94
C ALA H 342 -19.87 -23.08 2.71
N ALA H 343 -20.91 -22.61 1.98
CA ALA H 343 -22.11 -23.42 1.77
C ALA H 343 -22.89 -22.98 0.54
N ILE H 344 -23.74 -23.88 0.02
CA ILE H 344 -24.73 -23.60 -0.98
C ILE H 344 -26.06 -23.87 -0.24
N ILE H 345 -26.89 -22.86 0.01
CA ILE H 345 -28.14 -23.07 0.71
C ILE H 345 -29.22 -23.21 -0.36
N VAL H 346 -29.95 -24.32 -0.34
CA VAL H 346 -30.97 -24.58 -1.37
C VAL H 346 -32.32 -24.88 -0.74
N LEU H 347 -33.40 -24.32 -1.31
CA LEU H 347 -34.75 -24.63 -0.85
C LEU H 347 -35.23 -25.78 -1.74
N THR H 348 -35.82 -26.82 -1.12
CA THR H 348 -36.28 -27.97 -1.90
C THR H 348 -37.52 -28.60 -1.29
N THR H 349 -38.45 -29.02 -2.14
CA THR H 349 -39.67 -29.68 -1.69
C THR H 349 -39.49 -31.20 -1.69
N THR H 350 -38.92 -31.74 -2.78
CA THR H 350 -38.73 -33.18 -2.99
C THR H 350 -37.30 -33.68 -2.75
N GLY H 351 -36.34 -32.76 -2.64
CA GLY H 351 -34.91 -33.02 -2.55
C GLY H 351 -34.17 -32.91 -3.89
N ARG H 352 -34.91 -32.89 -5.00
CA ARG H 352 -34.32 -32.89 -6.34
C ARG H 352 -33.30 -31.76 -6.60
N SER H 353 -33.62 -30.50 -6.18
CA SER H 353 -32.66 -29.39 -6.41
C SER H 353 -31.34 -29.63 -5.67
N ALA H 354 -31.39 -30.25 -4.47
CA ALA H 354 -30.19 -30.55 -3.71
C ALA H 354 -29.42 -31.71 -4.35
N GLN H 355 -30.15 -32.71 -4.88
CA GLN H 355 -29.50 -33.84 -5.57
C GLN H 355 -28.73 -33.37 -6.81
N LEU H 356 -29.29 -32.41 -7.56
CA LEU H 356 -28.62 -31.90 -8.76
C LEU H 356 -27.38 -31.05 -8.44
N LEU H 357 -27.33 -30.45 -7.23
CA LEU H 357 -26.12 -29.76 -6.80
C LEU H 357 -25.06 -30.81 -6.41
N SER H 358 -25.48 -31.80 -5.62
CA SER H 358 -24.63 -32.89 -5.13
C SER H 358 -23.91 -33.65 -6.26
N ARG H 359 -24.58 -33.86 -7.41
CA ARG H 359 -24.00 -34.62 -8.52
C ARG H 359 -22.70 -34.01 -9.09
N TYR H 360 -22.50 -32.68 -8.88
CA TYR H 360 -21.28 -31.99 -9.32
C TYR H 360 -20.16 -31.96 -8.28
N ARG H 361 -20.40 -32.59 -7.12
CA ARG H 361 -19.44 -32.73 -6.04
C ARG H 361 -18.77 -31.42 -5.62
N PRO H 362 -19.57 -30.43 -5.20
CA PRO H 362 -18.95 -29.19 -4.70
C PRO H 362 -18.20 -29.46 -3.41
N ARG H 363 -17.16 -28.67 -3.15
CA ARG H 363 -16.48 -28.72 -1.85
C ARG H 363 -17.40 -28.07 -0.79
N ALA H 364 -18.18 -27.02 -1.18
CA ALA H 364 -19.11 -26.34 -0.27
C ALA H 364 -20.23 -27.30 0.14
N ALA H 365 -20.61 -27.25 1.40
CA ALA H 365 -21.72 -28.05 1.93
C ALA H 365 -23.02 -27.62 1.25
N VAL H 366 -23.92 -28.55 0.92
CA VAL H 366 -25.22 -28.19 0.35
C VAL H 366 -26.23 -28.24 1.50
N ILE H 367 -26.63 -27.10 2.04
CA ILE H 367 -27.58 -27.03 3.15
C ILE H 367 -28.99 -26.97 2.53
N ALA H 368 -29.75 -28.04 2.66
CA ALA H 368 -31.07 -28.15 2.03
C ALA H 368 -32.19 -27.88 3.03
N VAL H 369 -32.93 -26.79 2.82
CA VAL H 369 -34.02 -26.43 3.70
C VAL H 369 -35.33 -26.90 3.09
N THR H 370 -36.07 -27.73 3.82
CA THR H 370 -37.33 -28.29 3.34
C THR H 370 -38.38 -28.38 4.44
N ARG H 371 -39.66 -28.33 4.06
CA ARG H 371 -40.77 -28.58 4.98
C ARG H 371 -41.14 -30.07 4.99
N SER H 372 -40.72 -30.84 3.96
CA SER H 372 -41.04 -32.25 3.89
C SER H 372 -40.12 -33.04 4.81
N ALA H 373 -40.69 -33.62 5.87
CA ALA H 373 -39.92 -34.46 6.80
C ALA H 373 -39.32 -35.66 6.04
N GLN H 374 -40.09 -36.26 5.12
CA GLN H 374 -39.58 -37.39 4.34
C GLN H 374 -38.42 -36.98 3.40
N ALA H 375 -38.56 -35.86 2.67
CA ALA H 375 -37.47 -35.42 1.78
C ALA H 375 -36.20 -35.11 2.60
N ALA H 376 -36.37 -34.52 3.79
CA ALA H 376 -35.23 -34.22 4.68
C ALA H 376 -34.48 -35.50 5.06
N ARG H 377 -35.21 -36.58 5.31
CA ARG H 377 -34.59 -37.86 5.62
C ARG H 377 -33.93 -38.47 4.38
N GLN H 378 -34.65 -38.49 3.25
CA GLN H 378 -34.14 -39.12 2.01
C GLN H 378 -32.91 -38.46 1.39
N VAL H 379 -32.75 -37.13 1.52
CA VAL H 379 -31.58 -36.47 0.89
C VAL H 379 -30.24 -36.87 1.48
N HIS H 380 -30.24 -37.57 2.64
CA HIS H 380 -29.01 -38.13 3.19
C HIS H 380 -28.37 -39.13 2.22
N LEU H 381 -29.13 -39.65 1.24
CA LEU H 381 -28.56 -40.55 0.22
C LEU H 381 -27.57 -39.83 -0.71
N CYS H 382 -27.65 -38.48 -0.83
CA CYS H 382 -26.82 -37.68 -1.73
C CYS H 382 -25.66 -37.06 -1.02
N ARG H 383 -24.44 -37.33 -1.49
CA ARG H 383 -23.26 -36.77 -0.81
C ARG H 383 -23.26 -35.26 -0.67
N GLY H 384 -22.94 -34.79 0.52
CA GLY H 384 -22.78 -33.36 0.76
C GLY H 384 -24.05 -32.60 0.99
N VAL H 385 -25.19 -33.31 1.14
CA VAL H 385 -26.45 -32.63 1.43
C VAL H 385 -26.74 -32.71 2.92
N PHE H 386 -26.90 -31.57 3.57
CA PHE H 386 -27.19 -31.44 5.00
C PHE H 386 -28.62 -30.96 5.14
N PRO H 387 -29.55 -31.87 5.45
CA PRO H 387 -30.97 -31.47 5.49
C PRO H 387 -31.39 -30.76 6.77
N LEU H 388 -32.19 -29.71 6.60
CA LEU H 388 -32.73 -28.95 7.71
C LEU H 388 -34.25 -28.97 7.58
N LEU H 389 -34.94 -29.44 8.61
CA LEU H 389 -36.39 -29.49 8.58
C LEU H 389 -36.98 -28.17 9.09
N TYR H 390 -37.69 -27.47 8.22
CA TYR H 390 -38.34 -26.20 8.55
C TYR H 390 -39.79 -26.46 8.99
N ARG H 391 -40.18 -25.99 10.16
CA ARG H 391 -41.46 -26.31 10.76
C ARG H 391 -42.51 -25.21 10.73
N GLU H 392 -42.11 -23.97 10.49
CA GLU H 392 -43.06 -22.85 10.51
C GLU H 392 -44.04 -22.89 9.35
N PRO H 393 -45.31 -22.54 9.62
CA PRO H 393 -46.29 -22.50 8.51
C PRO H 393 -45.95 -21.36 7.52
N PRO H 394 -46.41 -21.46 6.26
CA PRO H 394 -46.05 -20.44 5.26
C PRO H 394 -46.49 -19.01 5.56
N GLU H 395 -45.58 -18.06 5.33
CA GLU H 395 -45.84 -16.63 5.46
C GLU H 395 -46.85 -16.22 4.35
N ALA H 396 -47.58 -15.13 4.59
CA ALA H 396 -48.57 -14.62 3.65
C ALA H 396 -47.90 -14.15 2.35
N ILE H 397 -46.74 -13.50 2.45
CA ILE H 397 -45.99 -13.06 1.28
C ILE H 397 -44.96 -14.14 0.94
N TRP H 398 -45.06 -14.72 -0.24
CA TRP H 398 -44.17 -15.82 -0.62
C TRP H 398 -42.68 -15.46 -0.57
N ALA H 399 -42.29 -14.26 -1.04
CA ALA H 399 -40.90 -13.83 -0.95
C ALA H 399 -40.39 -13.79 0.50
N ASP H 400 -41.24 -13.43 1.46
CA ASP H 400 -40.85 -13.42 2.89
C ASP H 400 -40.69 -14.87 3.37
N ASP H 401 -41.55 -15.80 2.90
CA ASP H 401 -41.46 -17.21 3.31
C ASP H 401 -40.15 -17.84 2.80
N VAL H 402 -39.74 -17.47 1.58
CA VAL H 402 -38.47 -17.88 1.00
C VAL H 402 -37.32 -17.32 1.86
N ASP H 403 -37.34 -16.00 2.14
CA ASP H 403 -36.30 -15.34 2.95
C ASP H 403 -36.18 -15.93 4.35
N ARG H 404 -37.30 -16.24 5.02
CA ARG H 404 -37.26 -16.82 6.36
C ARG H 404 -36.59 -18.18 6.34
N ARG H 405 -36.80 -18.97 5.26
CA ARG H 405 -36.15 -20.29 5.17
C ARG H 405 -34.66 -20.18 4.88
N VAL H 406 -34.26 -19.19 4.08
CA VAL H 406 -32.83 -18.95 3.83
C VAL H 406 -32.15 -18.53 5.15
N GLN H 407 -32.81 -17.65 5.93
CA GLN H 407 -32.28 -17.21 7.24
C GLN H 407 -32.22 -18.37 8.22
N PHE H 408 -33.17 -19.29 8.15
CA PHE H 408 -33.15 -20.49 8.99
C PHE H 408 -31.93 -21.37 8.63
N GLY H 409 -31.58 -21.45 7.34
CA GLY H 409 -30.41 -22.18 6.87
C GLY H 409 -29.13 -21.53 7.40
N ILE H 410 -29.07 -20.19 7.36
CA ILE H 410 -27.93 -19.43 7.87
C ILE H 410 -27.76 -19.59 9.39
N GLU H 411 -28.85 -19.42 10.15
CA GLU H 411 -28.80 -19.53 11.60
C GLU H 411 -28.44 -20.95 12.04
N SER H 412 -28.94 -21.97 11.32
CA SER H 412 -28.62 -23.36 11.62
C SER H 412 -27.13 -23.61 11.31
N GLY H 413 -26.64 -23.08 10.18
CA GLY H 413 -25.26 -23.21 9.77
C GLY H 413 -24.31 -22.57 10.76
N LYS H 414 -24.67 -21.38 11.29
CA LYS H 414 -23.84 -20.68 12.28
C LYS H 414 -23.76 -21.49 13.58
N LEU H 415 -24.90 -21.99 14.06
CA LEU H 415 -24.95 -22.78 15.29
C LEU H 415 -24.12 -24.06 15.17
N ARG H 416 -24.20 -24.72 14.01
CA ARG H 416 -23.53 -25.99 13.77
C ARG H 416 -22.04 -25.87 13.37
N GLY H 417 -21.57 -24.66 13.10
CA GLY H 417 -20.17 -24.45 12.73
C GLY H 417 -19.90 -24.43 11.24
N PHE H 418 -20.92 -24.56 10.39
CA PHE H 418 -20.73 -24.51 8.93
C PHE H 418 -20.39 -23.09 8.47
N LEU H 419 -20.97 -22.08 9.12
CA LEU H 419 -20.87 -20.69 8.69
C LEU H 419 -20.45 -19.75 9.79
N ARG H 420 -19.82 -18.66 9.40
CA ARG H 420 -19.40 -17.60 10.29
C ARG H 420 -19.58 -16.26 9.55
N VAL H 421 -19.68 -15.16 10.30
CA VAL H 421 -19.80 -13.81 9.75
C VAL H 421 -18.61 -13.52 8.81
N GLY H 422 -18.91 -13.03 7.62
CA GLY H 422 -17.88 -12.75 6.63
C GLY H 422 -17.79 -13.82 5.55
N ASP H 423 -18.34 -15.04 5.79
CA ASP H 423 -18.31 -16.09 4.79
C ASP H 423 -19.21 -15.72 3.60
N LEU H 424 -18.94 -16.31 2.44
CA LEU H 424 -19.82 -16.16 1.28
C LEU H 424 -20.60 -17.47 1.15
N VAL H 425 -21.89 -17.38 0.84
CA VAL H 425 -22.69 -18.55 0.54
C VAL H 425 -23.38 -18.32 -0.81
N ILE H 426 -23.70 -19.40 -1.48
CA ILE H 426 -24.46 -19.35 -2.72
C ILE H 426 -25.89 -19.77 -2.30
N VAL H 427 -26.92 -19.05 -2.70
CA VAL H 427 -28.32 -19.37 -2.31
C VAL H 427 -29.10 -19.72 -3.57
N VAL H 428 -29.71 -20.92 -3.59
CA VAL H 428 -30.44 -21.46 -4.73
C VAL H 428 -31.94 -21.55 -4.43
N THR H 429 -32.74 -20.80 -5.19
CA THR H 429 -34.18 -20.74 -5.01
C THR H 429 -34.89 -20.83 -6.40
N GLY H 430 -36.22 -20.69 -6.41
CA GLY H 430 -36.98 -20.74 -7.65
C GLY H 430 -37.88 -19.52 -7.81
N TRP H 431 -38.54 -19.42 -8.96
CA TRP H 431 -39.33 -18.22 -9.28
C TRP H 431 -40.80 -18.29 -8.82
N ARG H 432 -41.26 -19.46 -8.41
CA ARG H 432 -42.66 -19.60 -7.93
C ARG H 432 -42.76 -20.76 -6.93
N PRO H 433 -43.84 -20.80 -6.12
CA PRO H 433 -44.00 -21.94 -5.18
C PRO H 433 -44.20 -23.27 -5.90
N GLY H 434 -43.96 -24.38 -5.18
CA GLY H 434 -44.11 -25.71 -5.74
C GLY H 434 -42.81 -26.25 -6.29
N SER H 435 -42.70 -27.57 -6.33
CA SER H 435 -41.52 -28.28 -6.83
C SER H 435 -41.32 -28.06 -8.34
N GLY H 436 -40.06 -28.11 -8.79
CA GLY H 436 -39.73 -28.06 -10.22
C GLY H 436 -39.39 -26.72 -10.83
N TYR H 437 -39.38 -25.65 -10.03
CA TYR H 437 -39.15 -24.31 -10.57
C TYR H 437 -37.88 -23.62 -10.08
N THR H 438 -36.88 -24.40 -9.61
CA THR H 438 -35.58 -23.78 -9.23
C THR H 438 -34.92 -23.15 -10.45
N ASN H 439 -34.51 -21.88 -10.33
CA ASN H 439 -33.89 -21.19 -11.47
C ASN H 439 -33.04 -19.99 -11.06
N ILE H 440 -32.75 -19.80 -9.77
CA ILE H 440 -32.02 -18.63 -9.32
C ILE H 440 -30.87 -19.00 -8.42
N MET H 441 -29.71 -18.39 -8.66
CA MET H 441 -28.57 -18.52 -7.78
C MET H 441 -28.12 -17.10 -7.38
N ARG H 442 -27.83 -16.89 -6.09
CA ARG H 442 -27.44 -15.59 -5.56
CA ARG H 442 -27.38 -15.59 -5.61
C ARG H 442 -26.20 -15.72 -4.69
N VAL H 443 -25.31 -14.73 -4.73
CA VAL H 443 -24.10 -14.73 -3.91
C VAL H 443 -24.36 -13.84 -2.71
N LEU H 444 -24.28 -14.40 -1.50
CA LEU H 444 -24.64 -13.66 -0.29
C LEU H 444 -23.50 -13.65 0.73
N SER H 445 -23.28 -12.49 1.36
CA SER H 445 -22.27 -12.35 2.39
C SER H 445 -22.97 -12.56 3.76
N ILE H 446 -22.42 -13.43 4.60
CA ILE H 446 -22.99 -13.72 5.90
C ILE H 446 -22.76 -12.57 6.88
N SER H 447 -23.83 -12.02 7.46
CA SER H 447 -23.74 -10.93 8.44
C SER H 447 -24.15 -11.42 9.86
#